data_8GC5
#
_entry.id   8GC5
#
_cell.length_a   1.00
_cell.length_b   1.00
_cell.length_c   1.00
_cell.angle_alpha   90.00
_cell.angle_beta   90.00
_cell.angle_gamma   90.00
#
_symmetry.space_group_name_H-M   'P 1'
#
loop_
_entity.id
_entity.type
_entity.pdbx_description
1 polymer 'Glutamate receptor ionotropic, kainate 2'
2 branched alpha-D-mannopyranose-(1-3)-[alpha-D-mannopyranose-(1-6)]beta-D-mannopyranose-(1-4)-2-acetamido-2-deoxy-beta-D-glucopyranose-(1-4)-2-acetamido-2-deoxy-beta-D-glucopyranose
3 branched 2-acetamido-2-deoxy-beta-D-glucopyranose-(1-4)-2-acetamido-2-deoxy-beta-D-glucopyranose
4 branched alpha-D-mannopyranose-(1-3)-beta-D-mannopyranose-(1-4)-2-acetamido-2-deoxy-beta-D-glucopyranose-(1-4)-2-acetamido-2-deoxy-beta-D-glucopyranose
5 non-polymer 2-acetamido-2-deoxy-beta-D-glucopyranose
6 non-polymer '(2S,3S,4S)-2-CARBOXY-4-[(1Z,3E,5R)-5-CARBOXY-1-METHYL-1,3-HEXADIENYL]-3-PYRROLIDINEACETIC ACID'
7 non-polymer alpha-D-mannopyranose
#
_entity_poly.entity_id   1
_entity_poly.type   'polypeptide(L)'
_entity_poly.pdbx_seq_one_letter_code
;HVLRFGGIFEYVESGPMGAEELAFRFAVNTINRNRTLLPNTTLTYDTQKINLYDSFEASKKACDQLSLGVAAIFGPSHSS
SANAVQSICNALGVPHIQTRWKHQVSDNKDSFYVSLYPDFSSLSRAILDLVQFFKWKTVTVVYDDSTGLIRLQELIKAPS
RYNLRLKIRQLPADTKDAKPLLKEMKRGKEFHVIFDCSHEMAAGILKQALAMGMMTEYYHYIFTTLDLFALDVEPYRYSG
VNMTGFRILNTENTQVSSIIEKWSMERLQAPPKPDSGLLDGFMTTDAALMYDAVHVVSVAVQQFPQMTVSSLQCNRHKPW
RFGTRFMSLIKEAHWEGLTGRITFNKTNGLRTDFDLDVISLKEEGLEKIGTWDPASGLNMTESQKGKPANITDSLSNRSL
IVTTILEEPYVLFKKSDKPLYGNDRFEGYCIDLLRELSTILGFTYEIRLVEDGKYGAQDDVNGQWNGMVRELIDHKADLA
VAPLAITYVREKVIDFSKPFMTLGISILYRKPNGTNPGVFSFLNPLSPDIWMYVLLAYLGVSVVLFVIARFSPYEWYNPH
PSNPDSDVVENNFTLLNSFWFGVGALMQQGSELMPKALSTRIVGGIWWFFTLIIISSYTANLAAFLTVERMESPIDSADD
LAKQTKIEYGAVEDGATMTFFKKSKISTYDKMWAFMSSRRQSVLVKSNEEGIQRVLTSDYAFLMESTTIEFVTQRNCNLT
QIGGLIDSKGYGVGTPMGSPYRDKITIAILQLQEEGKLHMMKEKWWRGNGCPEEESKEASALGVQNIGGIFIVLAAGLVL
SVFVAVGEFLYKSKKNAQLEKRSFCSAMVEELRMSLKCQRRLKHKPQAPVIVKTEEVINMHTFNDRRLPGKETMA
;
_entity_poly.pdbx_strand_id   A,B,C,D
#
# COMPACT_ATOMS: atom_id res chain seq x y z
N HIS A 1 -79.42 -37.78 -5.54
CA HIS A 1 -78.11 -38.30 -5.14
C HIS A 1 -77.58 -37.57 -3.92
N VAL A 2 -76.99 -38.33 -3.00
CA VAL A 2 -76.44 -37.79 -1.76
C VAL A 2 -74.95 -38.09 -1.75
N LEU A 3 -74.15 -37.03 -1.62
CA LEU A 3 -72.70 -37.14 -1.53
C LEU A 3 -72.25 -36.57 -0.19
N ARG A 4 -71.49 -37.35 0.57
CA ARG A 4 -71.06 -36.94 1.90
C ARG A 4 -69.61 -36.49 1.89
N PHE A 5 -69.34 -35.40 2.61
CA PHE A 5 -68.00 -34.84 2.73
C PHE A 5 -67.51 -34.99 4.16
N GLY A 6 -66.22 -35.27 4.30
CA GLY A 6 -65.60 -35.43 5.59
C GLY A 6 -64.71 -34.24 5.90
N GLY A 7 -64.66 -33.87 7.17
CA GLY A 7 -63.82 -32.77 7.61
C GLY A 7 -63.56 -32.84 9.10
N ILE A 8 -62.32 -32.61 9.49
CA ILE A 8 -61.93 -32.61 10.90
C ILE A 8 -61.46 -31.22 11.28
N PHE A 9 -61.86 -30.77 12.46
CA PHE A 9 -61.53 -29.44 12.93
C PHE A 9 -61.14 -29.49 14.39
N GLU A 10 -60.31 -28.53 14.80
CA GLU A 10 -59.97 -28.38 16.20
C GLU A 10 -61.14 -27.75 16.94
N TYR A 11 -61.58 -28.38 18.02
CA TYR A 11 -62.73 -27.87 18.73
C TYR A 11 -62.31 -26.99 19.89
N VAL A 12 -63.18 -26.05 20.21
CA VAL A 12 -63.04 -25.19 21.38
C VAL A 12 -64.18 -25.53 22.32
N GLU A 13 -63.87 -25.64 23.62
CA GLU A 13 -64.86 -25.97 24.63
C GLU A 13 -65.88 -24.86 24.87
N SER A 14 -65.65 -23.65 24.34
CA SER A 14 -66.59 -22.55 24.43
C SER A 14 -67.68 -22.70 23.38
N GLY A 15 -68.42 -21.61 23.15
CA GLY A 15 -69.57 -21.59 22.27
C GLY A 15 -69.31 -21.89 20.79
N PRO A 16 -68.62 -21.00 20.08
CA PRO A 16 -68.46 -21.18 18.63
C PRO A 16 -67.52 -22.33 18.28
N MET A 17 -67.67 -22.80 17.04
CA MET A 17 -66.91 -23.92 16.53
C MET A 17 -65.66 -23.49 15.78
N GLY A 18 -65.32 -22.20 15.82
CA GLY A 18 -64.23 -21.68 15.03
C GLY A 18 -64.69 -21.23 13.66
N ALA A 19 -63.80 -20.52 12.97
CA ALA A 19 -64.15 -19.95 11.69
C ALA A 19 -64.22 -20.99 10.58
N GLU A 20 -63.35 -22.01 10.65
CA GLU A 20 -63.21 -22.96 9.54
C GLU A 20 -64.43 -23.87 9.43
N GLU A 21 -64.88 -24.42 10.55
CA GLU A 21 -66.03 -25.34 10.54
C GLU A 21 -67.31 -24.59 10.21
N LEU A 22 -67.46 -23.37 10.75
CA LEU A 22 -68.63 -22.55 10.46
C LEU A 22 -68.68 -22.15 9.00
N ALA A 23 -67.53 -21.78 8.43
CA ALA A 23 -67.48 -21.43 7.01
C ALA A 23 -67.70 -22.64 6.13
N PHE A 24 -67.24 -23.81 6.57
CA PHE A 24 -67.45 -25.05 5.82
C PHE A 24 -68.93 -25.40 5.76
N ARG A 25 -69.63 -25.31 6.90
CA ARG A 25 -71.06 -25.59 6.92
C ARG A 25 -71.86 -24.54 6.17
N PHE A 26 -71.43 -23.27 6.24
CA PHE A 26 -72.09 -22.21 5.48
C PHE A 26 -71.89 -22.40 3.98
N ALA A 27 -70.72 -22.87 3.57
CA ALA A 27 -70.45 -23.15 2.16
C ALA A 27 -71.31 -24.31 1.65
N VAL A 28 -71.45 -25.35 2.48
CA VAL A 28 -72.29 -26.50 2.11
C VAL A 28 -73.75 -26.07 1.99
N ASN A 29 -74.20 -25.19 2.90
CA ASN A 29 -75.57 -24.69 2.85
C ASN A 29 -75.81 -23.82 1.62
N THR A 30 -74.82 -23.01 1.23
CA THR A 30 -75.01 -22.18 0.05
C THR A 30 -74.93 -22.98 -1.24
N ILE A 31 -74.18 -24.08 -1.24
CA ILE A 31 -74.23 -25.01 -2.37
C ILE A 31 -75.61 -25.66 -2.45
N ASN A 32 -76.14 -26.10 -1.31
CA ASN A 32 -77.43 -26.79 -1.32
C ASN A 32 -78.60 -25.85 -1.56
N ARG A 33 -78.42 -24.54 -1.37
CA ARG A 33 -79.50 -23.61 -1.65
C ARG A 33 -79.57 -23.26 -3.14
N ASN A 34 -78.47 -22.79 -3.70
CA ASN A 34 -78.47 -22.40 -5.11
C ASN A 34 -78.46 -23.62 -6.01
N ARG A 35 -79.18 -23.52 -7.13
CA ARG A 35 -79.21 -24.55 -8.15
C ARG A 35 -78.23 -24.28 -9.28
N THR A 36 -77.31 -23.33 -9.08
CA THR A 36 -76.30 -23.02 -10.09
C THR A 36 -75.34 -24.20 -10.27
N LEU A 37 -74.92 -24.82 -9.18
CA LEU A 37 -74.07 -25.99 -9.21
C LEU A 37 -74.81 -27.15 -8.58
N LEU A 38 -74.65 -28.35 -9.18
CA LEU A 38 -75.26 -29.62 -8.79
C LEU A 38 -76.77 -29.50 -8.67
N PRO A 39 -77.50 -29.41 -9.79
CA PRO A 39 -78.96 -29.24 -9.70
C PRO A 39 -79.70 -30.49 -9.24
N ASN A 40 -79.05 -31.65 -9.26
CA ASN A 40 -79.67 -32.90 -8.86
C ASN A 40 -79.05 -33.55 -7.63
N THR A 41 -77.88 -33.11 -7.19
CA THR A 41 -77.14 -33.75 -6.12
C THR A 41 -77.05 -32.81 -4.92
N THR A 42 -77.38 -33.32 -3.75
CA THR A 42 -77.20 -32.59 -2.50
C THR A 42 -75.92 -33.06 -1.82
N LEU A 43 -75.40 -32.21 -0.94
CA LEU A 43 -74.18 -32.50 -0.20
C LEU A 43 -74.47 -32.51 1.29
N THR A 44 -73.89 -33.47 1.99
CA THR A 44 -74.05 -33.61 3.43
C THR A 44 -72.69 -33.56 4.09
N TYR A 45 -72.56 -32.74 5.11
CA TYR A 45 -71.29 -32.70 5.82
C TYR A 45 -71.20 -33.81 6.85
N ASP A 46 -69.98 -34.09 7.27
CA ASP A 46 -69.73 -35.04 8.37
C ASP A 46 -68.50 -34.53 9.10
N THR A 47 -68.72 -33.79 10.17
CA THR A 47 -67.66 -33.06 10.85
C THR A 47 -67.22 -33.82 12.09
N GLN A 48 -65.91 -33.97 12.25
CA GLN A 48 -65.34 -34.51 13.46
C GLN A 48 -64.48 -33.45 14.11
N LYS A 49 -64.29 -33.57 15.42
CA LYS A 49 -63.57 -32.58 16.20
C LYS A 49 -62.42 -33.27 16.92
N ILE A 50 -61.20 -32.80 16.67
CA ILE A 50 -60.00 -33.40 17.21
C ILE A 50 -59.42 -32.47 18.27
N ASN A 51 -58.43 -32.98 18.99
CA ASN A 51 -57.78 -32.22 20.04
C ASN A 51 -56.65 -31.38 19.45
N LEU A 52 -55.88 -30.74 20.31
CA LEU A 52 -54.77 -29.90 19.88
C LEU A 52 -53.59 -30.78 19.52
N TYR A 53 -53.33 -30.90 18.21
CA TYR A 53 -52.11 -31.46 17.63
C TYR A 53 -51.93 -32.94 18.02
N ASP A 54 -52.94 -33.74 17.73
CA ASP A 54 -52.92 -35.17 18.01
C ASP A 54 -53.02 -35.92 16.69
N SER A 55 -51.91 -36.52 16.25
CA SER A 55 -51.91 -37.23 14.99
C SER A 55 -52.67 -38.55 15.08
N PHE A 56 -52.59 -39.21 16.23
CA PHE A 56 -53.28 -40.49 16.39
C PHE A 56 -54.78 -40.31 16.47
N GLU A 57 -55.23 -39.26 17.17
CA GLU A 57 -56.66 -38.98 17.26
C GLU A 57 -57.23 -38.56 15.90
N ALA A 58 -56.47 -37.78 15.14
CA ALA A 58 -56.89 -37.40 13.80
C ALA A 58 -56.90 -38.59 12.87
N SER A 59 -55.96 -39.51 13.05
CA SER A 59 -55.95 -40.74 12.25
C SER A 59 -57.15 -41.62 12.58
N LYS A 60 -57.52 -41.69 13.86
CA LYS A 60 -58.69 -42.47 14.26
C LYS A 60 -59.98 -41.86 13.73
N LYS A 61 -60.11 -40.53 13.77
CA LYS A 61 -61.28 -39.88 13.20
C LYS A 61 -61.32 -40.02 11.68
N ALA A 62 -60.16 -40.03 11.03
CA ALA A 62 -60.11 -40.23 9.58
C ALA A 62 -60.52 -41.65 9.21
N CYS A 63 -60.08 -42.64 10.00
CA CYS A 63 -60.51 -44.02 9.77
C CYS A 63 -62.00 -44.18 10.01
N ASP A 64 -62.56 -43.49 11.01
CA ASP A 64 -63.99 -43.55 11.25
C ASP A 64 -64.79 -42.91 10.12
N GLN A 65 -64.31 -41.77 9.61
CA GLN A 65 -64.99 -41.12 8.50
C GLN A 65 -64.88 -41.90 7.20
N LEU A 66 -63.75 -42.57 6.97
CA LEU A 66 -63.62 -43.40 5.79
C LEU A 66 -64.37 -44.72 5.93
N SER A 67 -64.59 -45.19 7.15
CA SER A 67 -65.51 -46.31 7.34
C SER A 67 -66.93 -45.87 7.05
N LEU A 68 -67.28 -44.63 7.40
CA LEU A 68 -68.55 -44.07 6.96
C LEU A 68 -68.55 -43.82 5.46
N GLY A 69 -67.42 -43.43 4.89
CA GLY A 69 -67.31 -43.24 3.47
C GLY A 69 -67.62 -41.83 3.04
N VAL A 70 -66.63 -41.09 2.54
CA VAL A 70 -66.83 -39.73 2.08
C VAL A 70 -66.15 -39.56 0.73
N ALA A 71 -66.53 -38.50 0.03
CA ALA A 71 -65.91 -38.20 -1.26
C ALA A 71 -64.51 -37.65 -1.09
N ALA A 72 -64.32 -36.76 -0.13
CA ALA A 72 -63.01 -36.18 0.13
C ALA A 72 -62.95 -35.77 1.59
N ILE A 73 -61.73 -35.56 2.07
CA ILE A 73 -61.50 -35.21 3.46
C ILE A 73 -60.86 -33.84 3.51
N PHE A 74 -61.54 -32.88 4.15
CA PHE A 74 -61.00 -31.55 4.38
C PHE A 74 -60.16 -31.60 5.64
N GLY A 75 -58.85 -31.48 5.48
CA GLY A 75 -57.93 -31.76 6.55
C GLY A 75 -57.89 -30.66 7.59
N PRO A 76 -57.14 -30.92 8.66
CA PRO A 76 -57.07 -29.97 9.77
C PRO A 76 -56.05 -28.88 9.48
N SER A 77 -55.95 -27.95 10.43
CA SER A 77 -55.06 -26.81 10.30
C SER A 77 -53.74 -27.01 11.04
N HIS A 78 -53.50 -28.21 11.56
CA HIS A 78 -52.23 -28.51 12.21
C HIS A 78 -51.17 -28.89 11.16
N SER A 79 -50.05 -29.45 11.60
CA SER A 79 -49.03 -29.91 10.67
C SER A 79 -48.87 -31.43 10.71
N SER A 80 -48.61 -32.01 11.88
CA SER A 80 -48.35 -33.44 11.95
C SER A 80 -49.61 -34.26 11.72
N SER A 81 -50.74 -33.80 12.25
CA SER A 81 -52.00 -34.47 11.99
C SER A 81 -52.41 -34.31 10.54
N ALA A 82 -52.07 -33.18 9.93
CA ALA A 82 -52.28 -33.01 8.49
C ALA A 82 -51.43 -33.98 7.69
N ASN A 83 -50.19 -34.22 8.13
CA ASN A 83 -49.33 -35.19 7.45
C ASN A 83 -49.87 -36.61 7.58
N ALA A 84 -50.38 -36.96 8.76
CA ALA A 84 -50.94 -38.30 8.96
C ALA A 84 -52.20 -38.50 8.15
N VAL A 85 -53.07 -37.48 8.10
CA VAL A 85 -54.30 -37.56 7.31
C VAL A 85 -53.98 -37.62 5.82
N GLN A 86 -52.95 -36.88 5.39
CA GLN A 86 -52.52 -36.93 3.99
C GLN A 86 -51.97 -38.29 3.61
N SER A 87 -51.20 -38.93 4.51
CA SER A 87 -50.69 -40.25 4.22
C SER A 87 -51.80 -41.29 4.19
N ILE A 88 -52.79 -41.15 5.07
CA ILE A 88 -53.95 -42.05 5.07
C ILE A 88 -54.75 -41.91 3.78
N CYS A 89 -54.98 -40.67 3.35
CA CYS A 89 -55.74 -40.42 2.13
C CYS A 89 -54.97 -40.85 0.88
N ASN A 90 -53.64 -40.74 0.90
CA ASN A 90 -52.85 -41.21 -0.23
C ASN A 90 -52.80 -42.73 -0.27
N ALA A 91 -52.84 -43.38 0.89
CA ALA A 91 -52.87 -44.84 0.91
C ALA A 91 -54.23 -45.37 0.43
N LEU A 92 -55.31 -44.76 0.89
CA LEU A 92 -56.63 -45.26 0.54
C LEU A 92 -57.22 -44.60 -0.70
N GLY A 93 -56.48 -43.71 -1.35
CA GLY A 93 -56.91 -43.16 -2.62
C GLY A 93 -58.04 -42.16 -2.55
N VAL A 94 -58.25 -41.52 -1.42
CA VAL A 94 -59.29 -40.50 -1.28
C VAL A 94 -58.61 -39.14 -1.41
N PRO A 95 -59.20 -38.17 -2.11
CA PRO A 95 -58.60 -36.84 -2.16
C PRO A 95 -58.64 -36.14 -0.82
N HIS A 96 -57.62 -35.32 -0.59
CA HIS A 96 -57.40 -34.63 0.67
C HIS A 96 -57.10 -33.17 0.37
N ILE A 97 -57.97 -32.28 0.83
CA ILE A 97 -57.87 -30.87 0.55
C ILE A 97 -57.36 -30.18 1.81
N GLN A 98 -56.24 -29.48 1.68
CA GLN A 98 -55.64 -28.76 2.79
C GLN A 98 -55.98 -27.28 2.69
N THR A 99 -56.06 -26.63 3.84
CA THR A 99 -56.35 -25.20 3.89
C THR A 99 -55.14 -24.40 4.36
N ARG A 100 -54.59 -24.73 5.52
CA ARG A 100 -53.42 -24.02 5.99
C ARG A 100 -52.16 -24.60 5.36
N TRP A 101 -51.13 -23.76 5.29
CA TRP A 101 -49.84 -24.21 4.79
C TRP A 101 -49.19 -25.15 5.79
N LYS A 102 -48.51 -26.16 5.27
CA LYS A 102 -47.72 -27.05 6.09
C LYS A 102 -46.36 -27.23 5.44
N HIS A 103 -45.38 -27.64 6.24
CA HIS A 103 -44.07 -27.93 5.72
C HIS A 103 -44.10 -29.25 4.97
N GLN A 104 -43.66 -29.23 3.72
CA GLN A 104 -43.69 -30.40 2.87
C GLN A 104 -42.29 -31.00 2.79
N VAL A 105 -42.18 -32.27 3.16
CA VAL A 105 -40.92 -32.99 2.98
C VAL A 105 -40.72 -33.24 1.49
N SER A 106 -39.50 -33.02 1.02
CA SER A 106 -39.22 -33.12 -0.41
C SER A 106 -39.25 -34.56 -0.90
N ASP A 107 -38.89 -35.51 -0.05
CA ASP A 107 -38.81 -36.90 -0.47
C ASP A 107 -40.15 -37.62 -0.42
N ASN A 108 -41.19 -36.98 0.12
CA ASN A 108 -42.52 -37.57 0.14
C ASN A 108 -43.10 -37.62 -1.26
N LYS A 109 -43.80 -38.71 -1.56
CA LYS A 109 -44.33 -38.95 -2.90
C LYS A 109 -45.81 -39.27 -2.84
N ASP A 110 -46.57 -38.46 -2.11
CA ASP A 110 -48.02 -38.55 -2.12
C ASP A 110 -48.58 -37.73 -3.27
N SER A 111 -49.67 -38.24 -3.86
CA SER A 111 -50.29 -37.57 -5.00
C SER A 111 -51.78 -37.37 -4.80
N PHE A 112 -52.31 -37.63 -3.61
CA PHE A 112 -53.74 -37.53 -3.35
C PHE A 112 -54.06 -36.40 -2.40
N TYR A 113 -53.38 -35.26 -2.58
CA TYR A 113 -53.64 -34.09 -1.77
C TYR A 113 -53.50 -32.84 -2.63
N VAL A 114 -54.29 -31.84 -2.31
CA VAL A 114 -54.14 -30.50 -2.89
C VAL A 114 -54.05 -29.51 -1.74
N SER A 115 -53.40 -28.38 -2.02
CA SER A 115 -53.26 -27.32 -1.05
C SER A 115 -53.78 -26.03 -1.65
N LEU A 116 -54.45 -25.23 -0.83
CA LEU A 116 -55.05 -24.00 -1.32
C LEU A 116 -54.47 -22.75 -0.70
N TYR A 117 -53.67 -22.87 0.34
CA TYR A 117 -52.86 -21.74 0.78
C TYR A 117 -51.82 -21.43 -0.29
N PRO A 118 -51.50 -20.17 -0.52
CA PRO A 118 -50.45 -19.83 -1.47
C PRO A 118 -49.10 -20.31 -0.97
N ASP A 119 -48.32 -20.88 -1.88
CA ASP A 119 -47.04 -21.45 -1.49
C ASP A 119 -46.06 -20.33 -1.16
N PHE A 120 -45.28 -20.56 -0.09
CA PHE A 120 -44.46 -19.50 0.45
C PHE A 120 -43.22 -19.21 -0.37
N SER A 121 -42.90 -20.03 -1.37
CA SER A 121 -41.86 -19.65 -2.33
C SER A 121 -42.29 -18.44 -3.15
N SER A 122 -43.53 -18.47 -3.65
CA SER A 122 -44.06 -17.35 -4.42
C SER A 122 -44.30 -16.14 -3.54
N LEU A 123 -44.73 -16.36 -2.29
CA LEU A 123 -44.90 -15.27 -1.34
C LEU A 123 -43.57 -14.62 -0.99
N SER A 124 -42.52 -15.44 -0.81
CA SER A 124 -41.20 -14.90 -0.52
C SER A 124 -40.64 -14.14 -1.71
N ARG A 125 -40.94 -14.61 -2.94
CA ARG A 125 -40.54 -13.85 -4.12
C ARG A 125 -41.28 -12.52 -4.22
N ALA A 126 -42.55 -12.50 -3.80
CA ALA A 126 -43.29 -11.24 -3.76
C ALA A 126 -42.70 -10.28 -2.73
N ILE A 127 -42.29 -10.80 -1.57
CA ILE A 127 -41.67 -9.92 -0.57
C ILE A 127 -40.30 -9.42 -1.04
N LEU A 128 -39.54 -10.25 -1.78
CA LEU A 128 -38.31 -9.74 -2.38
C LEU A 128 -38.56 -8.69 -3.45
N ASP A 129 -39.65 -8.84 -4.22
CA ASP A 129 -40.00 -7.80 -5.19
C ASP A 129 -40.39 -6.51 -4.49
N LEU A 130 -41.10 -6.61 -3.37
CA LEU A 130 -41.45 -5.43 -2.58
C LEU A 130 -40.22 -4.77 -1.98
N VAL A 131 -39.26 -5.57 -1.49
CA VAL A 131 -38.05 -5.02 -0.88
C VAL A 131 -37.16 -4.38 -1.94
N GLN A 132 -37.03 -5.02 -3.11
CA GLN A 132 -36.26 -4.45 -4.21
C GLN A 132 -36.93 -3.20 -4.77
N PHE A 133 -38.25 -3.11 -4.69
CA PHE A 133 -38.91 -1.87 -5.06
C PHE A 133 -38.64 -0.77 -4.04
N PHE A 134 -38.67 -1.11 -2.75
CA PHE A 134 -38.46 -0.09 -1.74
C PHE A 134 -36.99 0.27 -1.55
N LYS A 135 -36.07 -0.52 -2.12
CA LYS A 135 -34.63 -0.25 -2.18
C LYS A 135 -34.02 -0.10 -0.78
N TRP A 136 -34.07 -1.18 -0.02
CA TRP A 136 -33.56 -1.19 1.34
C TRP A 136 -32.20 -1.87 1.41
N LYS A 137 -31.50 -1.61 2.50
CA LYS A 137 -30.14 -2.10 2.69
C LYS A 137 -30.02 -3.06 3.85
N THR A 138 -30.51 -2.70 5.03
CA THR A 138 -30.40 -3.51 6.23
C THR A 138 -31.80 -3.75 6.76
N VAL A 139 -32.30 -4.98 6.60
CA VAL A 139 -33.65 -5.31 7.02
C VAL A 139 -33.56 -6.25 8.22
N THR A 140 -34.68 -6.38 8.91
CA THR A 140 -34.72 -7.14 10.15
C THR A 140 -35.97 -7.99 10.14
N VAL A 141 -35.79 -9.30 10.12
CA VAL A 141 -36.87 -10.26 10.04
C VAL A 141 -37.15 -10.78 11.43
N VAL A 142 -38.37 -10.60 11.91
CA VAL A 142 -38.80 -11.13 13.19
C VAL A 142 -39.80 -12.23 12.91
N TYR A 143 -39.47 -13.45 13.34
CA TYR A 143 -40.30 -14.61 13.07
C TYR A 143 -40.78 -15.22 14.37
N ASP A 144 -41.99 -15.78 14.35
CA ASP A 144 -42.57 -16.34 15.55
C ASP A 144 -42.27 -17.83 15.70
N ASP A 145 -42.73 -18.63 14.75
CA ASP A 145 -42.48 -20.06 14.78
C ASP A 145 -41.32 -20.40 13.86
N SER A 146 -40.63 -21.50 14.20
CA SER A 146 -39.42 -21.89 13.46
C SER A 146 -39.72 -22.30 12.03
N THR A 147 -40.92 -22.82 11.78
CA THR A 147 -41.34 -23.19 10.43
C THR A 147 -41.48 -21.97 9.52
N GLY A 148 -41.64 -20.77 10.09
CA GLY A 148 -41.59 -19.56 9.29
C GLY A 148 -40.24 -19.31 8.65
N LEU A 149 -39.18 -19.86 9.24
CA LEU A 149 -37.87 -19.84 8.58
C LEU A 149 -37.89 -20.67 7.30
N ILE A 150 -38.72 -21.72 7.25
CA ILE A 150 -38.97 -22.41 6.00
C ILE A 150 -39.75 -21.50 5.06
N ARG A 151 -40.64 -20.67 5.60
CA ARG A 151 -41.48 -19.82 4.79
C ARG A 151 -40.72 -18.66 4.16
N LEU A 152 -39.53 -18.35 4.66
CA LEU A 152 -38.76 -17.23 4.14
C LEU A 152 -37.42 -17.68 3.60
N GLN A 153 -37.43 -18.74 2.79
CA GLN A 153 -36.19 -19.29 2.24
C GLN A 153 -35.54 -18.33 1.26
N GLU A 154 -36.33 -17.80 0.33
CA GLU A 154 -35.78 -16.97 -0.75
C GLU A 154 -35.27 -15.64 -0.22
N LEU A 155 -35.95 -15.08 0.78
CA LEU A 155 -35.51 -13.82 1.35
C LEU A 155 -34.24 -14.01 2.16
N ILE A 156 -34.08 -15.16 2.79
CA ILE A 156 -32.85 -15.45 3.52
C ILE A 156 -31.70 -15.68 2.53
N LYS A 157 -31.97 -16.36 1.42
CA LYS A 157 -30.93 -16.62 0.43
C LYS A 157 -30.61 -15.41 -0.44
N ALA A 158 -31.43 -14.37 -0.40
CA ALA A 158 -31.21 -13.21 -1.26
C ALA A 158 -29.95 -12.37 -1.00
N PRO A 159 -29.34 -12.29 0.19
CA PRO A 159 -28.00 -11.67 0.28
C PRO A 159 -26.91 -12.32 -0.55
N SER A 160 -27.04 -13.61 -0.90
CA SER A 160 -26.10 -14.20 -1.84
C SER A 160 -26.27 -13.65 -3.25
N ARG A 161 -27.45 -13.13 -3.58
CA ARG A 161 -27.75 -12.64 -4.92
C ARG A 161 -27.61 -11.13 -5.06
N TYR A 162 -28.20 -10.37 -4.14
CA TYR A 162 -28.17 -8.92 -4.21
C TYR A 162 -27.43 -8.37 -3.00
N ASN A 163 -27.45 -7.05 -2.85
CA ASN A 163 -26.85 -6.39 -1.69
C ASN A 163 -27.93 -6.20 -0.64
N LEU A 164 -27.79 -6.92 0.47
CA LEU A 164 -28.73 -6.82 1.58
C LEU A 164 -28.02 -7.24 2.86
N ARG A 165 -28.61 -6.86 3.98
CA ARG A 165 -28.17 -7.33 5.28
C ARG A 165 -29.38 -7.78 6.08
N LEU A 166 -29.26 -8.92 6.73
CA LEU A 166 -30.35 -9.51 7.49
C LEU A 166 -30.01 -9.50 8.96
N LYS A 167 -30.92 -9.00 9.77
CA LYS A 167 -30.88 -9.23 11.21
C LYS A 167 -32.10 -10.05 11.55
N ILE A 168 -31.90 -11.29 11.97
CA ILE A 168 -32.99 -12.23 12.15
C ILE A 168 -33.19 -12.45 13.64
N ARG A 169 -34.41 -12.18 14.11
CA ARG A 169 -34.74 -12.31 15.52
C ARG A 169 -36.04 -13.10 15.67
N GLN A 170 -36.12 -13.81 16.79
CA GLN A 170 -37.24 -14.69 17.07
C GLN A 170 -38.01 -14.16 18.25
N LEU A 171 -39.33 -14.15 18.14
CA LEU A 171 -40.19 -13.83 19.25
C LEU A 171 -40.07 -14.92 20.33
N PRO A 172 -40.13 -14.56 21.61
CA PRO A 172 -39.98 -15.54 22.67
C PRO A 172 -41.22 -16.41 22.82
N ALA A 173 -41.14 -17.38 23.74
CA ALA A 173 -42.20 -18.36 23.92
C ALA A 173 -43.45 -17.77 24.57
N ASP A 174 -43.34 -16.62 25.22
CA ASP A 174 -44.50 -15.91 25.74
C ASP A 174 -44.92 -14.82 24.78
N THR A 175 -46.23 -14.73 24.52
CA THR A 175 -46.76 -13.81 23.54
C THR A 175 -46.75 -12.35 24.00
N LYS A 176 -46.63 -12.10 25.29
CA LYS A 176 -46.66 -10.75 25.82
C LYS A 176 -45.28 -10.14 26.00
N ASP A 177 -44.23 -10.84 25.59
CA ASP A 177 -42.85 -10.43 25.87
C ASP A 177 -42.19 -9.79 24.66
N ALA A 178 -42.92 -8.99 23.89
CA ALA A 178 -42.34 -8.29 22.76
C ALA A 178 -41.50 -7.09 23.16
N LYS A 179 -41.60 -6.65 24.41
CA LYS A 179 -40.84 -5.48 24.86
C LYS A 179 -39.32 -5.61 24.86
N PRO A 180 -38.68 -6.71 25.31
CA PRO A 180 -37.21 -6.78 25.16
C PRO A 180 -36.75 -6.87 23.71
N LEU A 181 -37.53 -7.52 22.86
CA LEU A 181 -37.19 -7.58 21.44
C LEU A 181 -37.33 -6.20 20.79
N LEU A 182 -38.34 -5.44 21.20
CA LEU A 182 -38.47 -4.07 20.71
C LEU A 182 -37.39 -3.17 21.25
N LYS A 183 -36.92 -3.42 22.47
CA LYS A 183 -35.79 -2.69 23.02
C LYS A 183 -34.51 -2.98 22.23
N GLU A 184 -34.30 -4.24 21.87
CA GLU A 184 -33.15 -4.58 21.04
C GLU A 184 -33.29 -4.05 19.63
N MET A 185 -34.53 -3.91 19.14
CA MET A 185 -34.75 -3.24 17.86
C MET A 185 -34.41 -1.77 17.94
N LYS A 186 -34.76 -1.13 19.07
CA LYS A 186 -34.50 0.30 19.25
C LYS A 186 -33.02 0.58 19.41
N ARG A 187 -32.30 -0.28 20.14
CA ARG A 187 -30.88 -0.10 20.31
C ARG A 187 -30.11 -0.41 19.02
N GLY A 188 -30.66 -1.27 18.18
CA GLY A 188 -30.00 -1.58 16.92
C GLY A 188 -30.15 -0.52 15.86
N LYS A 189 -31.08 0.43 16.05
CA LYS A 189 -31.41 1.51 15.11
C LYS A 189 -31.77 0.96 13.74
N GLU A 190 -32.75 0.06 13.73
CA GLU A 190 -33.17 -0.66 12.54
C GLU A 190 -34.62 -0.32 12.22
N PHE A 191 -34.90 -0.04 10.95
CA PHE A 191 -36.13 0.64 10.59
C PHE A 191 -36.81 0.01 9.38
N HIS A 192 -36.57 -1.27 9.13
CA HIS A 192 -37.31 -2.00 8.11
C HIS A 192 -37.51 -3.41 8.63
N VAL A 193 -38.64 -3.64 9.28
CA VAL A 193 -38.91 -4.88 9.98
C VAL A 193 -39.93 -5.67 9.17
N ILE A 194 -39.61 -6.93 8.91
CA ILE A 194 -40.50 -7.87 8.26
C ILE A 194 -41.00 -8.82 9.33
N PHE A 195 -42.30 -8.77 9.61
CA PHE A 195 -42.90 -9.57 10.66
C PHE A 195 -43.54 -10.81 10.04
N ASP A 196 -43.20 -11.97 10.58
CA ASP A 196 -43.80 -13.23 10.14
C ASP A 196 -44.47 -13.88 11.34
N CYS A 197 -45.75 -13.57 11.54
CA CYS A 197 -46.53 -14.15 12.61
C CYS A 197 -48.00 -14.10 12.22
N SER A 198 -48.86 -14.55 13.12
CA SER A 198 -50.29 -14.43 12.92
C SER A 198 -50.72 -12.97 13.10
N HIS A 199 -51.93 -12.67 12.64
CA HIS A 199 -52.43 -11.30 12.73
C HIS A 199 -52.74 -10.91 14.17
N GLU A 200 -53.07 -11.88 15.02
CA GLU A 200 -53.28 -11.59 16.44
C GLU A 200 -51.97 -11.21 17.11
N MET A 201 -50.90 -11.96 16.82
CA MET A 201 -49.57 -11.61 17.32
C MET A 201 -49.08 -10.29 16.72
N ALA A 202 -49.47 -10.02 15.48
CA ALA A 202 -49.14 -8.74 14.84
C ALA A 202 -49.83 -7.58 15.55
N ALA A 203 -51.10 -7.75 15.94
CA ALA A 203 -51.81 -6.71 16.66
C ALA A 203 -51.22 -6.51 18.05
N GLY A 204 -50.81 -7.60 18.70
CA GLY A 204 -50.18 -7.49 20.01
C GLY A 204 -48.84 -6.76 19.97
N ILE A 205 -48.00 -7.09 18.98
CA ILE A 205 -46.73 -6.39 18.89
C ILE A 205 -46.88 -4.97 18.36
N LEU A 206 -47.95 -4.67 17.60
CA LEU A 206 -48.18 -3.29 17.20
C LEU A 206 -48.63 -2.44 18.38
N LYS A 207 -49.47 -3.01 19.26
CA LYS A 207 -49.85 -2.31 20.48
C LYS A 207 -48.65 -2.08 21.39
N GLN A 208 -47.78 -3.10 21.53
CA GLN A 208 -46.60 -2.95 22.37
C GLN A 208 -45.59 -1.98 21.76
N ALA A 209 -45.49 -1.92 20.44
CA ALA A 209 -44.58 -0.97 19.81
C ALA A 209 -45.10 0.45 19.85
N LEU A 210 -46.42 0.63 19.79
CA LEU A 210 -47.00 1.96 20.00
C LEU A 210 -46.79 2.41 21.43
N ALA A 211 -46.94 1.50 22.40
CA ALA A 211 -46.69 1.84 23.79
C ALA A 211 -45.20 2.07 24.06
N MET A 212 -44.32 1.48 23.27
CA MET A 212 -42.89 1.71 23.40
C MET A 212 -42.38 2.80 22.48
N GLY A 213 -43.28 3.52 21.81
CA GLY A 213 -42.89 4.65 20.98
C GLY A 213 -42.13 4.30 19.72
N MET A 214 -42.52 3.25 19.02
CA MET A 214 -41.94 2.91 17.73
C MET A 214 -42.82 3.33 16.57
N MET A 215 -43.90 4.06 16.83
CA MET A 215 -44.84 4.47 15.79
C MET A 215 -44.51 5.86 15.27
N THR A 216 -43.30 6.02 14.78
CA THR A 216 -42.87 7.28 14.20
C THR A 216 -42.94 7.20 12.68
N GLU A 217 -42.44 8.23 12.02
CA GLU A 217 -42.28 8.18 10.58
C GLU A 217 -40.99 7.52 10.15
N TYR A 218 -40.11 7.17 11.09
CA TYR A 218 -38.87 6.51 10.77
C TYR A 218 -39.04 5.04 10.44
N TYR A 219 -40.13 4.42 10.86
CA TYR A 219 -40.26 2.97 10.84
C TYR A 219 -41.11 2.52 9.67
N HIS A 220 -40.62 1.53 8.93
CA HIS A 220 -41.34 0.90 7.84
C HIS A 220 -41.61 -0.54 8.24
N TYR A 221 -42.86 -0.99 8.08
CA TYR A 221 -43.26 -2.33 8.50
C TYR A 221 -43.82 -3.11 7.33
N ILE A 222 -43.39 -4.35 7.20
CA ILE A 222 -43.92 -5.27 6.21
C ILE A 222 -44.42 -6.51 6.92
N PHE A 223 -45.67 -6.89 6.67
CA PHE A 223 -46.27 -8.05 7.31
C PHE A 223 -46.49 -9.15 6.28
N THR A 224 -45.99 -10.33 6.57
CA THR A 224 -46.14 -11.46 5.67
C THR A 224 -47.52 -12.08 5.72
N THR A 225 -48.28 -11.82 6.77
CA THR A 225 -49.61 -12.43 6.90
C THR A 225 -50.58 -11.79 5.93
N LEU A 226 -51.63 -12.55 5.59
CA LEU A 226 -52.63 -12.09 4.65
C LEU A 226 -53.87 -11.53 5.33
N ASP A 227 -53.89 -11.47 6.66
CA ASP A 227 -55.00 -10.91 7.40
C ASP A 227 -54.70 -9.50 7.91
N LEU A 228 -53.92 -8.72 7.16
CA LEU A 228 -53.53 -7.41 7.64
C LEU A 228 -54.67 -6.42 7.59
N PHE A 229 -55.57 -6.56 6.61
CA PHE A 229 -56.69 -5.63 6.47
C PHE A 229 -57.77 -5.84 7.52
N ALA A 230 -57.70 -6.92 8.30
CA ALA A 230 -58.61 -7.13 9.41
C ALA A 230 -58.11 -6.48 10.70
N LEU A 231 -56.93 -5.86 10.69
CA LEU A 231 -56.44 -5.19 11.87
C LEU A 231 -57.16 -3.86 12.07
N ASP A 232 -57.09 -3.36 13.30
CA ASP A 232 -57.58 -2.02 13.62
C ASP A 232 -56.42 -1.05 13.47
N VAL A 233 -56.43 -0.28 12.39
CA VAL A 233 -55.36 0.67 12.10
C VAL A 233 -55.76 2.11 12.44
N GLU A 234 -56.91 2.29 13.09
CA GLU A 234 -57.37 3.63 13.44
C GLU A 234 -56.47 4.40 14.41
N PRO A 235 -55.91 3.81 15.49
CA PRO A 235 -54.88 4.58 16.23
C PRO A 235 -53.56 4.72 15.51
N TYR A 236 -53.34 4.01 14.40
CA TYR A 236 -52.07 4.10 13.70
C TYR A 236 -52.15 4.89 12.39
N ARG A 237 -53.36 5.21 11.92
CA ARG A 237 -53.50 5.85 10.62
C ARG A 237 -53.10 7.32 10.61
N TYR A 238 -52.90 7.93 11.77
CA TYR A 238 -52.48 9.32 11.85
C TYR A 238 -51.10 9.49 12.45
N SER A 239 -50.42 8.40 12.80
CA SER A 239 -49.06 8.48 13.31
C SER A 239 -48.02 8.52 12.21
N GLY A 240 -48.43 8.43 10.94
CA GLY A 240 -47.51 8.51 9.82
C GLY A 240 -46.55 7.35 9.70
N VAL A 241 -47.02 6.12 9.91
CA VAL A 241 -46.17 4.94 9.93
C VAL A 241 -46.36 4.19 8.62
N ASN A 242 -45.25 3.87 7.96
CA ASN A 242 -45.31 3.08 6.74
C ASN A 242 -45.60 1.63 7.11
N MET A 243 -46.83 1.18 6.86
CA MET A 243 -47.22 -0.21 7.04
C MET A 243 -47.64 -0.76 5.69
N THR A 244 -47.12 -1.92 5.34
CA THR A 244 -47.36 -2.50 4.02
C THR A 244 -47.58 -3.99 4.18
N GLY A 245 -48.57 -4.53 3.47
CA GLY A 245 -48.81 -5.94 3.54
C GLY A 245 -49.48 -6.45 2.28
N PHE A 246 -49.80 -7.73 2.28
CA PHE A 246 -50.43 -8.39 1.15
C PHE A 246 -51.83 -8.81 1.51
N ARG A 247 -52.74 -8.69 0.53
CA ARG A 247 -54.11 -9.13 0.67
C ARG A 247 -54.44 -10.03 -0.50
N ILE A 248 -55.09 -11.14 -0.23
CA ILE A 248 -55.55 -12.04 -1.29
C ILE A 248 -57.06 -12.21 -1.29
N LEU A 249 -57.73 -11.88 -0.19
CA LEU A 249 -59.19 -11.85 -0.13
C LEU A 249 -59.69 -10.71 -1.01
N ASN A 250 -60.22 -11.07 -2.18
CA ASN A 250 -60.54 -10.12 -3.24
C ASN A 250 -61.79 -9.36 -2.88
N THR A 251 -61.62 -8.32 -2.07
CA THR A 251 -62.73 -7.49 -1.61
C THR A 251 -63.14 -6.43 -2.63
N GLU A 252 -62.53 -6.42 -3.81
CA GLU A 252 -62.89 -5.46 -4.85
C GLU A 252 -64.27 -5.75 -5.41
N ASN A 253 -64.64 -7.02 -5.54
CA ASN A 253 -65.90 -7.38 -6.16
C ASN A 253 -67.07 -7.15 -5.22
N THR A 254 -68.23 -6.85 -5.82
CA THR A 254 -69.45 -6.68 -5.06
C THR A 254 -69.98 -8.02 -4.54
N GLN A 255 -69.80 -9.08 -5.34
CA GLN A 255 -70.25 -10.41 -4.98
C GLN A 255 -69.53 -10.93 -3.74
N VAL A 256 -68.22 -10.70 -3.67
CA VAL A 256 -67.43 -11.12 -2.52
C VAL A 256 -67.82 -10.32 -1.28
N SER A 257 -68.12 -9.03 -1.47
CA SER A 257 -68.56 -8.19 -0.35
C SER A 257 -69.91 -8.64 0.19
N SER A 258 -70.81 -9.06 -0.71
CA SER A 258 -72.11 -9.57 -0.28
C SER A 258 -71.97 -10.90 0.47
N ILE A 259 -71.06 -11.76 -0.01
CA ILE A 259 -70.81 -13.03 0.65
C ILE A 259 -70.18 -12.82 2.03
N ILE A 260 -69.26 -11.85 2.14
CA ILE A 260 -68.65 -11.49 3.42
C ILE A 260 -69.68 -10.91 4.37
N GLU A 261 -70.62 -10.11 3.84
CA GLU A 261 -71.67 -9.54 4.68
C GLU A 261 -72.64 -10.60 5.19
N LYS A 262 -73.00 -11.57 4.35
CA LYS A 262 -73.86 -12.67 4.80
C LYS A 262 -73.16 -13.57 5.81
N TRP A 263 -71.86 -13.81 5.60
CA TRP A 263 -71.09 -14.61 6.55
C TRP A 263 -70.91 -13.87 7.87
N SER A 264 -70.77 -12.54 7.82
CA SER A 264 -70.69 -11.75 9.04
C SER A 264 -72.01 -11.72 9.78
N MET A 265 -73.12 -11.72 9.04
CA MET A 265 -74.43 -11.79 9.68
C MET A 265 -74.67 -13.15 10.33
N GLU A 266 -74.16 -14.23 9.72
CA GLU A 266 -74.23 -15.52 10.39
C GLU A 266 -73.26 -15.61 11.56
N ARG A 267 -72.12 -14.92 11.47
CA ARG A 267 -71.11 -14.99 12.52
C ARG A 267 -71.53 -14.19 13.75
N LEU A 268 -72.23 -13.08 13.54
CA LEU A 268 -72.60 -12.17 14.61
C LEU A 268 -73.65 -12.73 15.56
N GLN A 269 -74.31 -13.84 15.19
CA GLN A 269 -75.15 -14.55 16.15
C GLN A 269 -74.30 -15.13 17.28
N ALA A 270 -73.13 -15.67 16.94
CA ALA A 270 -72.18 -16.07 17.97
C ALA A 270 -71.53 -14.84 18.59
N PRO A 271 -71.35 -14.82 19.91
CA PRO A 271 -70.70 -13.68 20.56
C PRO A 271 -69.20 -13.66 20.28
N PRO A 272 -68.70 -12.57 19.70
CA PRO A 272 -67.25 -12.49 19.45
C PRO A 272 -66.49 -11.89 20.61
N LYS A 273 -65.19 -11.71 20.46
CA LYS A 273 -64.35 -11.04 21.44
C LYS A 273 -63.71 -9.84 20.76
N PRO A 274 -64.35 -8.67 20.83
CA PRO A 274 -63.81 -7.49 20.13
C PRO A 274 -62.70 -6.76 20.86
N ASP A 275 -62.40 -7.14 22.11
CA ASP A 275 -61.40 -6.43 22.91
C ASP A 275 -60.02 -7.08 22.75
N SER A 276 -59.55 -7.11 21.50
CA SER A 276 -58.23 -7.66 21.21
C SER A 276 -57.48 -6.88 20.14
N GLY A 277 -57.96 -5.70 19.76
CA GLY A 277 -57.30 -4.94 18.72
C GLY A 277 -57.60 -5.39 17.30
N LEU A 278 -58.63 -6.22 17.12
CA LEU A 278 -59.02 -6.70 15.79
C LEU A 278 -60.39 -6.17 15.44
N LEU A 279 -60.61 -5.96 14.14
CA LEU A 279 -61.93 -5.56 13.67
C LEU A 279 -62.92 -6.72 13.80
N ASP A 280 -64.15 -6.38 14.11
CA ASP A 280 -65.18 -7.37 14.36
C ASP A 280 -65.93 -7.72 13.08
N GLY A 281 -66.23 -9.01 12.93
CA GLY A 281 -66.99 -9.45 11.78
C GLY A 281 -66.22 -9.49 10.48
N PHE A 282 -64.90 -9.55 10.53
CA PHE A 282 -64.08 -9.64 9.33
C PHE A 282 -63.72 -11.08 9.07
N MET A 283 -63.96 -11.55 7.84
CA MET A 283 -63.65 -12.91 7.48
C MET A 283 -62.16 -13.08 7.28
N THR A 284 -61.57 -14.07 7.93
CA THR A 284 -60.15 -14.35 7.78
C THR A 284 -59.90 -15.08 6.47
N THR A 285 -58.62 -15.29 6.16
CA THR A 285 -58.28 -16.00 4.92
C THR A 285 -58.55 -17.48 5.02
N ASP A 286 -58.55 -18.04 6.23
CA ASP A 286 -58.79 -19.48 6.39
C ASP A 286 -60.22 -19.84 6.07
N ALA A 287 -61.16 -19.01 6.52
CA ALA A 287 -62.58 -19.23 6.23
C ALA A 287 -62.87 -19.10 4.74
N ALA A 288 -62.25 -18.10 4.10
CA ALA A 288 -62.43 -17.92 2.66
C ALA A 288 -61.79 -19.06 1.88
N LEU A 289 -60.66 -19.58 2.38
CA LEU A 289 -60.00 -20.70 1.71
C LEU A 289 -60.81 -21.98 1.83
N MET A 290 -61.44 -22.20 2.99
CA MET A 290 -62.33 -23.35 3.13
C MET A 290 -63.57 -23.22 2.25
N TYR A 291 -64.09 -22.00 2.14
CA TYR A 291 -65.23 -21.70 1.27
C TYR A 291 -64.89 -21.99 -0.19
N ASP A 292 -63.73 -21.54 -0.64
CA ASP A 292 -63.31 -21.79 -2.00
C ASP A 292 -62.94 -23.25 -2.22
N ALA A 293 -62.50 -23.94 -1.16
CA ALA A 293 -62.23 -25.38 -1.26
C ALA A 293 -63.51 -26.16 -1.53
N VAL A 294 -64.59 -25.80 -0.82
CA VAL A 294 -65.89 -26.43 -1.04
C VAL A 294 -66.39 -26.14 -2.44
N HIS A 295 -66.19 -24.91 -2.93
CA HIS A 295 -66.65 -24.60 -4.28
C HIS A 295 -65.82 -25.29 -5.36
N VAL A 296 -64.51 -25.47 -5.12
CA VAL A 296 -63.66 -26.16 -6.09
C VAL A 296 -64.00 -27.64 -6.15
N VAL A 297 -64.26 -28.28 -5.00
CA VAL A 297 -64.64 -29.68 -5.07
C VAL A 297 -66.07 -29.84 -5.58
N SER A 298 -66.91 -28.80 -5.44
CA SER A 298 -68.24 -28.84 -6.04
C SER A 298 -68.18 -28.75 -7.55
N VAL A 299 -67.33 -27.87 -8.11
CA VAL A 299 -67.25 -27.79 -9.56
C VAL A 299 -66.48 -28.99 -10.10
N ALA A 300 -65.69 -29.67 -9.27
CA ALA A 300 -65.11 -30.94 -9.70
C ALA A 300 -66.14 -32.05 -9.77
N VAL A 301 -67.00 -32.17 -8.75
CA VAL A 301 -68.01 -33.23 -8.79
C VAL A 301 -69.16 -32.91 -9.73
N GLN A 302 -69.26 -31.68 -10.21
CA GLN A 302 -70.22 -31.39 -11.27
C GLN A 302 -69.85 -32.10 -12.58
N GLN A 303 -68.56 -32.21 -12.86
CA GLN A 303 -68.11 -32.84 -14.09
C GLN A 303 -68.04 -34.35 -14.02
N PHE A 304 -68.23 -34.95 -12.85
CA PHE A 304 -68.07 -36.40 -12.67
C PHE A 304 -69.31 -36.96 -12.00
N PRO A 305 -70.39 -37.18 -12.75
CA PRO A 305 -71.63 -37.65 -12.14
C PRO A 305 -71.66 -39.13 -11.84
N GLN A 306 -70.68 -39.90 -12.32
CA GLN A 306 -70.65 -41.34 -12.08
C GLN A 306 -70.17 -41.69 -10.68
N MET A 307 -69.67 -40.73 -9.92
CA MET A 307 -69.05 -41.00 -8.63
C MET A 307 -70.12 -41.27 -7.58
N THR A 308 -69.83 -42.22 -6.70
CA THR A 308 -70.69 -42.50 -5.56
C THR A 308 -69.82 -42.91 -4.37
N VAL A 309 -70.41 -42.84 -3.20
CA VAL A 309 -69.68 -43.11 -1.96
C VAL A 309 -69.53 -44.62 -1.79
N SER A 310 -68.29 -45.07 -1.62
CA SER A 310 -68.00 -46.45 -1.29
C SER A 310 -67.30 -46.50 0.05
N SER A 311 -67.83 -47.28 0.98
CA SER A 311 -67.23 -47.39 2.30
C SER A 311 -65.94 -48.20 2.23
N LEU A 312 -64.90 -47.69 2.85
CA LEU A 312 -63.59 -48.32 2.84
C LEU A 312 -63.19 -48.71 4.25
N GLN A 313 -62.11 -49.48 4.35
CA GLN A 313 -61.57 -49.92 5.63
C GLN A 313 -60.08 -49.63 5.67
N CYS A 314 -59.62 -48.98 6.73
CA CYS A 314 -58.20 -48.72 6.90
C CYS A 314 -57.50 -49.88 7.60
N ASN A 315 -58.23 -50.92 8.00
CA ASN A 315 -57.58 -52.17 8.41
C ASN A 315 -56.90 -52.83 7.22
N ARG A 316 -57.52 -52.78 6.05
CA ARG A 316 -56.90 -53.19 4.81
C ARG A 316 -56.41 -51.96 4.05
N HIS A 317 -55.91 -52.19 2.85
CA HIS A 317 -55.40 -51.13 2.00
C HIS A 317 -56.13 -51.09 0.67
N LYS A 318 -57.46 -51.20 0.72
CA LYS A 318 -58.25 -51.20 -0.50
C LYS A 318 -58.39 -49.79 -1.04
N PRO A 319 -57.88 -49.50 -2.22
CA PRO A 319 -58.01 -48.14 -2.77
C PRO A 319 -59.40 -47.90 -3.32
N TRP A 320 -59.74 -46.62 -3.44
CA TRP A 320 -61.04 -46.23 -3.96
C TRP A 320 -61.09 -46.45 -5.46
N ARG A 321 -62.29 -46.79 -5.95
CA ARG A 321 -62.44 -47.08 -7.37
C ARG A 321 -62.43 -45.80 -8.21
N PHE A 322 -63.08 -44.75 -7.73
CA PHE A 322 -63.16 -43.50 -8.47
C PHE A 322 -62.09 -42.50 -8.07
N GLY A 323 -61.09 -42.94 -7.30
CA GLY A 323 -60.15 -42.01 -6.71
C GLY A 323 -59.24 -41.33 -7.70
N THR A 324 -58.77 -42.06 -8.71
CA THR A 324 -57.81 -41.50 -9.65
C THR A 324 -58.48 -40.50 -10.60
N ARG A 325 -59.69 -40.82 -11.07
CA ARG A 325 -60.44 -39.90 -11.91
C ARG A 325 -60.83 -38.64 -11.16
N PHE A 326 -61.25 -38.79 -9.91
CA PHE A 326 -61.62 -37.64 -9.09
C PHE A 326 -60.41 -36.78 -8.76
N MET A 327 -59.25 -37.41 -8.54
CA MET A 327 -58.02 -36.65 -8.34
C MET A 327 -57.61 -35.92 -9.60
N SER A 328 -57.81 -36.54 -10.76
CA SER A 328 -57.49 -35.87 -12.02
C SER A 328 -58.42 -34.69 -12.30
N LEU A 329 -59.69 -34.80 -11.89
CA LEU A 329 -60.59 -33.66 -11.99
C LEU A 329 -60.25 -32.58 -10.97
N ILE A 330 -59.77 -32.95 -9.78
CA ILE A 330 -59.46 -31.90 -8.80
C ILE A 330 -58.11 -31.24 -9.07
N LYS A 331 -57.25 -31.83 -9.91
CA LYS A 331 -56.06 -31.11 -10.37
C LYS A 331 -56.43 -29.91 -11.23
N GLU A 332 -57.36 -30.08 -12.16
CA GLU A 332 -57.68 -29.05 -13.14
C GLU A 332 -59.06 -28.49 -12.79
N ALA A 333 -59.09 -27.29 -12.21
CA ALA A 333 -60.34 -26.63 -11.90
C ALA A 333 -60.09 -25.13 -11.84
N HIS A 334 -61.14 -24.36 -12.15
CA HIS A 334 -61.11 -22.92 -11.99
C HIS A 334 -62.48 -22.50 -11.48
N TRP A 335 -62.50 -21.61 -10.49
CA TRP A 335 -63.77 -21.11 -10.01
C TRP A 335 -63.83 -19.60 -9.85
N GLU A 336 -62.69 -18.91 -9.69
CA GLU A 336 -62.57 -17.45 -9.57
C GLU A 336 -63.40 -16.91 -8.41
N GLY A 337 -63.00 -17.30 -7.22
CA GLY A 337 -63.75 -16.99 -6.01
C GLY A 337 -63.12 -15.94 -5.14
N LEU A 338 -63.33 -16.08 -3.82
CA LEU A 338 -62.94 -15.05 -2.86
C LEU A 338 -61.45 -14.89 -2.77
N THR A 339 -60.70 -15.99 -2.91
CA THR A 339 -59.26 -15.90 -2.97
C THR A 339 -58.79 -15.31 -4.30
N GLY A 340 -59.58 -15.47 -5.35
CA GLY A 340 -59.20 -15.05 -6.68
C GLY A 340 -59.31 -16.19 -7.67
N ARG A 341 -58.46 -16.16 -8.68
CA ARG A 341 -58.36 -17.29 -9.57
C ARG A 341 -57.66 -18.44 -8.87
N ILE A 342 -58.15 -19.65 -9.10
CA ILE A 342 -57.60 -20.85 -8.48
C ILE A 342 -57.13 -21.78 -9.59
N THR A 343 -55.84 -22.08 -9.59
CA THR A 343 -55.27 -22.99 -10.59
C THR A 343 -54.16 -23.78 -9.91
N PHE A 344 -54.40 -25.06 -9.70
CA PHE A 344 -53.42 -25.91 -9.06
C PHE A 344 -52.28 -26.26 -10.00
N ASN A 345 -51.08 -26.34 -9.45
CA ASN A 345 -49.92 -26.77 -10.21
C ASN A 345 -49.94 -28.27 -10.37
N LYS A 346 -49.81 -28.75 -11.61
CA LYS A 346 -49.96 -30.17 -11.88
C LYS A 346 -48.74 -30.98 -11.44
N THR A 347 -47.59 -30.33 -11.24
CA THR A 347 -46.37 -31.08 -10.93
C THR A 347 -46.38 -31.56 -9.48
N ASN A 348 -46.82 -30.72 -8.55
CA ASN A 348 -46.74 -31.04 -7.14
C ASN A 348 -48.06 -30.91 -6.38
N GLY A 349 -49.11 -30.39 -7.01
CA GLY A 349 -50.40 -30.28 -6.37
C GLY A 349 -50.59 -29.02 -5.55
N LEU A 350 -49.56 -28.21 -5.37
CA LEU A 350 -49.70 -27.00 -4.60
C LEU A 350 -50.30 -25.89 -5.46
N ARG A 351 -50.58 -24.77 -4.82
CA ARG A 351 -51.07 -23.57 -5.50
C ARG A 351 -49.94 -22.56 -5.52
N THR A 352 -49.45 -22.24 -6.72
CA THR A 352 -48.33 -21.34 -6.87
C THR A 352 -48.59 -20.20 -7.84
N ASP A 353 -49.77 -20.12 -8.44
CA ASP A 353 -50.13 -19.02 -9.33
C ASP A 353 -51.43 -18.42 -8.85
N PHE A 354 -51.42 -17.11 -8.60
CA PHE A 354 -52.55 -16.43 -7.98
C PHE A 354 -52.40 -14.94 -8.24
N ASP A 355 -53.21 -14.14 -7.55
CA ASP A 355 -53.14 -12.70 -7.60
C ASP A 355 -52.98 -12.17 -6.18
N LEU A 356 -52.34 -11.00 -6.06
CA LEU A 356 -52.15 -10.39 -4.77
C LEU A 356 -52.33 -8.88 -4.89
N ASP A 357 -52.84 -8.27 -3.83
CA ASP A 357 -52.97 -6.82 -3.77
C ASP A 357 -52.05 -6.32 -2.66
N VAL A 358 -51.15 -5.42 -3.02
CA VAL A 358 -50.26 -4.79 -2.05
C VAL A 358 -51.03 -3.65 -1.39
N ILE A 359 -51.37 -3.81 -0.13
CA ILE A 359 -52.07 -2.78 0.59
C ILE A 359 -51.08 -2.07 1.49
N SER A 360 -51.41 -0.83 1.86
CA SER A 360 -50.54 -0.04 2.72
C SER A 360 -51.40 0.93 3.51
N LEU A 361 -50.83 1.41 4.61
CA LEU A 361 -51.53 2.30 5.52
C LEU A 361 -51.32 3.73 5.07
N LYS A 362 -52.34 4.29 4.43
CA LYS A 362 -52.35 5.70 4.08
C LYS A 362 -53.12 6.47 5.15
N GLU A 363 -53.35 7.76 4.91
CA GLU A 363 -54.12 8.55 5.85
C GLU A 363 -55.59 8.17 5.84
N GLU A 364 -56.09 7.72 4.68
CA GLU A 364 -57.47 7.25 4.60
C GLU A 364 -57.67 5.88 5.23
N GLY A 365 -56.59 5.13 5.46
CA GLY A 365 -56.72 3.79 6.00
C GLY A 365 -55.84 2.81 5.25
N LEU A 366 -56.31 1.57 5.10
CA LEU A 366 -55.60 0.56 4.34
C LEU A 366 -56.14 0.55 2.92
N GLU A 367 -55.27 0.79 1.94
CA GLU A 367 -55.69 0.96 0.57
C GLU A 367 -54.73 0.22 -0.36
N LYS A 368 -55.29 -0.41 -1.38
CA LYS A 368 -54.49 -1.13 -2.36
C LYS A 368 -53.73 -0.15 -3.24
N ILE A 369 -52.42 -0.37 -3.37
CA ILE A 369 -51.56 0.52 -4.15
C ILE A 369 -50.87 -0.21 -5.29
N GLY A 370 -51.28 -1.43 -5.59
CA GLY A 370 -50.69 -2.18 -6.69
C GLY A 370 -51.02 -3.65 -6.58
N THR A 371 -50.77 -4.35 -7.69
CA THR A 371 -51.04 -5.77 -7.78
C THR A 371 -49.73 -6.54 -7.95
N TRP A 372 -49.82 -7.84 -7.74
CA TRP A 372 -48.68 -8.73 -7.92
C TRP A 372 -49.18 -10.08 -8.41
N ASP A 373 -48.39 -10.69 -9.29
CA ASP A 373 -48.64 -12.03 -9.79
C ASP A 373 -47.29 -12.69 -9.97
N PRO A 374 -47.24 -14.04 -9.93
CA PRO A 374 -45.95 -14.71 -10.17
C PRO A 374 -45.45 -14.60 -11.60
N ALA A 375 -46.31 -14.32 -12.57
CA ALA A 375 -45.88 -14.29 -13.96
C ALA A 375 -45.22 -12.96 -14.31
N SER A 376 -45.98 -11.86 -14.21
CA SER A 376 -45.46 -10.57 -14.64
C SER A 376 -44.72 -9.83 -13.52
N GLY A 377 -44.62 -10.42 -12.34
CA GLY A 377 -43.88 -9.77 -11.27
C GLY A 377 -44.73 -8.74 -10.58
N LEU A 378 -44.16 -7.57 -10.34
CA LEU A 378 -44.79 -6.52 -9.56
C LEU A 378 -45.29 -5.43 -10.49
N ASN A 379 -46.60 -5.17 -10.46
CA ASN A 379 -47.15 -4.06 -11.23
C ASN A 379 -46.78 -2.73 -10.58
N MET A 380 -47.25 -2.52 -9.35
CA MET A 380 -46.97 -1.35 -8.50
C MET A 380 -47.40 -0.05 -9.19
N THR A 381 -48.72 0.07 -9.36
CA THR A 381 -49.30 1.25 -9.99
C THR A 381 -49.12 2.46 -9.08
N GLU A 382 -48.42 3.47 -9.58
CA GLU A 382 -48.11 4.65 -8.80
C GLU A 382 -49.32 5.57 -8.69
N SER A 383 -49.28 6.45 -7.69
CA SER A 383 -50.31 7.45 -7.49
C SER A 383 -49.69 8.80 -7.13
N GLN A 384 -48.49 9.06 -7.63
CA GLN A 384 -47.77 10.28 -7.31
C GLN A 384 -48.35 11.46 -8.10
N LYS A 385 -48.65 12.54 -7.39
CA LYS A 385 -49.15 13.77 -7.99
C LYS A 385 -48.17 14.91 -7.70
N GLY A 386 -48.59 16.13 -8.02
CA GLY A 386 -47.73 17.29 -7.82
C GLY A 386 -47.58 17.65 -6.36
N LYS A 387 -46.61 18.52 -6.11
CA LYS A 387 -46.33 18.98 -4.75
C LYS A 387 -47.44 19.89 -4.26
N PRO A 388 -47.81 19.82 -2.98
CA PRO A 388 -48.94 20.63 -2.50
C PRO A 388 -48.55 22.09 -2.33
N ALA A 389 -49.37 22.97 -2.91
CA ALA A 389 -49.19 24.40 -2.69
C ALA A 389 -49.54 24.79 -1.26
N ASN A 390 -50.46 24.07 -0.64
CA ASN A 390 -50.79 24.28 0.76
C ASN A 390 -49.75 23.54 1.60
N ILE A 391 -48.88 24.29 2.26
CA ILE A 391 -47.75 23.72 2.99
C ILE A 391 -48.03 23.81 4.48
N THR A 392 -49.30 23.75 4.85
CA THR A 392 -49.73 23.87 6.23
C THR A 392 -49.50 22.58 7.02
N ASP A 393 -50.19 22.44 8.14
CA ASP A 393 -49.79 21.56 9.24
C ASP A 393 -49.91 20.08 8.88
N SER A 394 -49.00 19.62 8.02
CA SER A 394 -48.95 18.20 7.68
C SER A 394 -48.38 17.39 8.83
N LEU A 395 -47.50 17.99 9.63
CA LEU A 395 -46.90 17.33 10.78
C LEU A 395 -47.61 17.72 12.06
N SER A 396 -48.94 17.88 12.00
CA SER A 396 -49.70 18.48 13.09
C SER A 396 -49.74 17.58 14.33
N ASN A 397 -49.95 16.29 14.14
CA ASN A 397 -50.12 15.40 15.28
C ASN A 397 -48.80 14.85 15.80
N ARG A 398 -47.68 15.15 15.15
CA ARG A 398 -46.40 14.62 15.58
C ARG A 398 -45.89 15.39 16.81
N SER A 399 -45.09 14.69 17.61
CA SER A 399 -44.40 15.30 18.75
C SER A 399 -42.92 15.02 18.61
N LEU A 400 -42.10 16.06 18.76
CA LEU A 400 -40.67 15.95 18.56
C LEU A 400 -39.93 16.40 19.81
N ILE A 401 -38.73 15.87 19.99
CA ILE A 401 -37.84 16.26 21.07
C ILE A 401 -36.68 17.06 20.48
N VAL A 402 -36.44 18.24 21.05
CA VAL A 402 -35.47 19.19 20.53
C VAL A 402 -34.42 19.45 21.60
N THR A 403 -33.15 19.29 21.24
CA THR A 403 -32.04 19.56 22.15
C THR A 403 -31.37 20.87 21.79
N THR A 404 -30.97 21.62 22.82
CA THR A 404 -30.22 22.86 22.67
C THR A 404 -29.11 22.90 23.71
N ILE A 405 -28.12 23.75 23.44
CA ILE A 405 -27.06 24.06 24.39
C ILE A 405 -27.19 25.54 24.76
N LEU A 406 -26.85 25.88 26.00
CA LEU A 406 -27.04 27.23 26.53
C LEU A 406 -26.00 28.17 25.93
N GLU A 407 -26.33 28.69 24.75
CA GLU A 407 -25.57 29.75 24.11
C GLU A 407 -26.37 31.03 24.21
N GLU A 408 -25.74 32.08 24.78
CA GLU A 408 -26.45 33.27 25.24
C GLU A 408 -27.23 34.07 24.18
N PRO A 409 -26.70 34.40 22.99
CA PRO A 409 -27.53 35.17 22.06
C PRO A 409 -28.57 34.35 21.32
N TYR A 410 -28.56 33.03 21.45
CA TYR A 410 -29.53 32.18 20.76
C TYR A 410 -30.59 31.62 21.68
N VAL A 411 -30.21 31.13 22.87
CA VAL A 411 -31.17 30.73 23.88
C VAL A 411 -30.87 31.50 25.16
N LEU A 412 -31.89 31.64 25.98
CA LEU A 412 -31.74 32.32 27.25
C LEU A 412 -32.86 31.87 28.17
N PHE A 413 -32.55 31.73 29.45
CA PHE A 413 -33.60 31.54 30.44
C PHE A 413 -34.44 32.80 30.54
N LYS A 414 -35.75 32.63 30.70
CA LYS A 414 -36.64 33.76 30.79
C LYS A 414 -36.43 34.52 32.09
N LYS A 415 -36.47 35.85 32.00
CA LYS A 415 -36.14 36.72 33.14
C LYS A 415 -37.38 36.90 34.02
N SER A 416 -37.78 35.81 34.67
CA SER A 416 -38.93 35.78 35.56
C SER A 416 -38.57 35.04 36.82
N ASP A 417 -39.13 35.50 37.94
CA ASP A 417 -38.87 34.87 39.23
C ASP A 417 -39.64 33.57 39.41
N LYS A 418 -40.72 33.37 38.66
CA LYS A 418 -41.51 32.16 38.76
C LYS A 418 -40.78 31.00 38.09
N PRO A 419 -40.76 29.81 38.71
CA PRO A 419 -40.14 28.66 38.06
C PRO A 419 -40.99 28.12 36.92
N LEU A 420 -40.57 28.39 35.68
CA LEU A 420 -41.34 27.97 34.52
C LEU A 420 -41.06 26.50 34.21
N TYR A 421 -41.84 25.96 33.27
CA TYR A 421 -41.79 24.54 32.95
C TYR A 421 -41.73 24.35 31.44
N GLY A 422 -40.79 23.51 30.99
CA GLY A 422 -40.73 23.15 29.59
C GLY A 422 -40.22 24.29 28.71
N ASN A 423 -40.91 24.49 27.60
CA ASN A 423 -40.53 25.48 26.59
C ASN A 423 -40.71 26.92 27.06
N ASP A 424 -41.42 27.15 28.16
CA ASP A 424 -41.44 28.47 28.77
C ASP A 424 -40.13 28.82 29.45
N ARG A 425 -39.29 27.83 29.74
CA ARG A 425 -38.01 28.07 30.39
C ARG A 425 -36.98 28.71 29.48
N PHE A 426 -37.22 28.75 28.17
CA PHE A 426 -36.22 29.22 27.23
C PHE A 426 -36.80 30.30 26.33
N GLU A 427 -35.93 31.22 25.93
CA GLU A 427 -36.29 32.28 24.99
C GLU A 427 -35.02 32.71 24.25
N GLY A 428 -35.21 33.28 23.08
CA GLY A 428 -34.08 33.73 22.29
C GLY A 428 -34.44 33.72 20.81
N TYR A 429 -33.38 33.69 20.00
CA TYR A 429 -33.56 33.79 18.55
C TYR A 429 -34.08 32.48 17.97
N CYS A 430 -33.37 31.37 18.23
CA CYS A 430 -33.81 30.08 17.70
C CYS A 430 -35.03 29.55 18.43
N ILE A 431 -35.33 30.05 19.63
CA ILE A 431 -36.60 29.76 20.27
C ILE A 431 -37.75 30.39 19.48
N ASP A 432 -37.54 31.62 19.00
CA ASP A 432 -38.52 32.25 18.12
C ASP A 432 -38.60 31.55 16.77
N LEU A 433 -37.47 31.01 16.30
CA LEU A 433 -37.49 30.17 15.09
C LEU A 433 -38.32 28.91 15.30
N LEU A 434 -38.19 28.28 16.47
CA LEU A 434 -38.97 27.09 16.79
C LEU A 434 -40.44 27.43 16.92
N ARG A 435 -40.77 28.59 17.49
CA ARG A 435 -42.15 29.04 17.58
C ARG A 435 -42.76 29.29 16.20
N GLU A 436 -41.98 29.92 15.31
CA GLU A 436 -42.48 30.21 13.98
C GLU A 436 -42.62 28.93 13.15
N LEU A 437 -41.69 27.99 13.32
CA LEU A 437 -41.80 26.70 12.63
C LEU A 437 -42.96 25.87 13.18
N SER A 438 -43.25 26.00 14.47
CA SER A 438 -44.42 25.32 15.02
C SER A 438 -45.72 25.95 14.54
N THR A 439 -45.72 27.26 14.29
CA THR A 439 -46.93 27.86 13.75
C THR A 439 -47.14 27.52 12.28
N ILE A 440 -46.05 27.37 11.52
CA ILE A 440 -46.21 27.08 10.09
C ILE A 440 -46.37 25.58 9.83
N LEU A 441 -45.94 24.71 10.75
CA LEU A 441 -46.00 23.28 10.51
C LEU A 441 -46.84 22.51 11.52
N GLY A 442 -47.27 23.12 12.62
CA GLY A 442 -48.24 22.52 13.51
C GLY A 442 -47.70 21.49 14.48
N PHE A 443 -46.40 21.20 14.45
CA PHE A 443 -45.87 20.15 15.29
C PHE A 443 -45.60 20.65 16.69
N THR A 444 -45.93 19.82 17.68
CA THR A 444 -45.56 20.09 19.05
C THR A 444 -44.09 19.77 19.26
N TYR A 445 -43.54 20.28 20.37
CA TYR A 445 -42.12 20.10 20.62
C TYR A 445 -41.88 20.15 22.12
N GLU A 446 -40.76 19.54 22.52
CA GLU A 446 -40.26 19.64 23.88
C GLU A 446 -38.78 20.01 23.80
N ILE A 447 -38.41 21.06 24.50
CA ILE A 447 -37.04 21.56 24.47
C ILE A 447 -36.30 21.05 25.70
N ARG A 448 -35.17 20.40 25.46
CA ARG A 448 -34.33 19.91 26.55
C ARG A 448 -32.90 20.37 26.32
N LEU A 449 -32.10 20.30 27.37
CA LEU A 449 -30.69 20.64 27.32
C LEU A 449 -29.87 19.37 27.40
N VAL A 450 -28.81 19.31 26.60
CA VAL A 450 -27.95 18.14 26.60
C VAL A 450 -27.14 18.09 27.89
N GLU A 451 -26.89 16.86 28.37
CA GLU A 451 -26.22 16.68 29.64
C GLU A 451 -24.73 16.96 29.54
N ASP A 452 -24.14 16.75 28.36
CA ASP A 452 -22.74 17.10 28.15
C ASP A 452 -22.56 18.60 28.08
N GLY A 453 -23.52 19.31 27.50
CA GLY A 453 -23.38 20.73 27.28
C GLY A 453 -22.37 21.08 26.22
N LYS A 454 -22.07 20.15 25.31
CA LYS A 454 -21.05 20.34 24.30
C LYS A 454 -21.65 20.15 22.92
N TYR A 455 -20.99 20.73 21.92
CA TYR A 455 -21.44 20.65 20.54
C TYR A 455 -20.95 19.34 19.93
N GLY A 456 -21.08 19.21 18.61
CA GLY A 456 -20.68 18.00 17.94
C GLY A 456 -19.19 17.86 17.74
N ALA A 457 -18.58 16.91 18.44
CA ALA A 457 -17.16 16.65 18.30
C ALA A 457 -16.91 15.17 18.57
N GLN A 458 -16.06 14.56 17.75
CA GLN A 458 -15.72 13.15 17.90
C GLN A 458 -14.34 13.02 18.51
N ASP A 459 -14.22 12.15 19.51
CA ASP A 459 -12.93 11.89 20.14
C ASP A 459 -12.04 11.08 19.21
N ASP A 460 -10.76 11.44 19.17
CA ASP A 460 -9.83 10.79 18.26
C ASP A 460 -9.41 9.41 18.71
N VAL A 461 -9.65 9.05 19.98
CA VAL A 461 -9.23 7.74 20.46
C VAL A 461 -10.15 6.64 19.97
N ASN A 462 -11.41 6.96 19.69
CA ASN A 462 -12.36 5.93 19.26
C ASN A 462 -13.23 6.33 18.07
N GLY A 463 -13.30 7.61 17.71
CA GLY A 463 -14.20 8.03 16.64
C GLY A 463 -15.63 8.26 17.07
N GLN A 464 -15.95 8.04 18.34
CA GLN A 464 -17.31 8.24 18.82
C GLN A 464 -17.59 9.73 18.97
N TRP A 465 -18.73 10.16 18.42
CA TRP A 465 -19.11 11.55 18.50
C TRP A 465 -19.64 11.88 19.89
N ASN A 466 -19.79 13.18 20.16
CA ASN A 466 -20.27 13.63 21.45
C ASN A 466 -21.15 14.86 21.25
N GLY A 467 -22.04 15.08 22.21
CA GLY A 467 -22.91 16.25 22.14
C GLY A 467 -24.06 16.02 21.20
N MET A 468 -24.32 17.02 20.36
CA MET A 468 -25.52 17.05 19.53
C MET A 468 -25.51 15.97 18.47
N VAL A 469 -24.33 15.69 17.90
CA VAL A 469 -24.21 14.65 16.88
C VAL A 469 -24.48 13.27 17.47
N ARG A 470 -23.96 13.02 18.67
CA ARG A 470 -24.22 11.74 19.33
C ARG A 470 -25.67 11.64 19.82
N GLU A 471 -26.31 12.77 20.13
CA GLU A 471 -27.74 12.73 20.42
C GLU A 471 -28.56 12.42 19.18
N LEU A 472 -28.18 12.99 18.03
CA LEU A 472 -28.93 12.77 16.81
C LEU A 472 -28.70 11.38 16.23
N ILE A 473 -27.53 10.79 16.50
CA ILE A 473 -27.25 9.43 16.03
C ILE A 473 -28.10 8.43 16.79
N ASP A 474 -28.18 8.58 18.11
CA ASP A 474 -28.91 7.64 18.94
C ASP A 474 -30.41 7.90 18.95
N HIS A 475 -30.87 8.94 18.25
CA HIS A 475 -32.29 9.27 18.04
C HIS A 475 -33.03 9.56 19.33
N LYS A 476 -32.31 10.01 20.36
CA LYS A 476 -32.95 10.58 21.53
C LYS A 476 -33.32 12.03 21.33
N ALA A 477 -32.87 12.64 20.24
CA ALA A 477 -33.25 13.99 19.85
C ALA A 477 -33.78 13.94 18.42
N ASP A 478 -34.91 14.59 18.19
CA ASP A 478 -35.46 14.64 16.85
C ASP A 478 -35.03 15.88 16.09
N LEU A 479 -34.63 16.94 16.78
CA LEU A 479 -34.22 18.17 16.12
C LEU A 479 -33.14 18.85 16.95
N ALA A 480 -32.39 19.71 16.29
CA ALA A 480 -31.33 20.47 16.94
C ALA A 480 -31.31 21.87 16.32
N VAL A 481 -31.86 22.85 17.03
CA VAL A 481 -31.85 24.22 16.58
C VAL A 481 -30.71 25.01 17.22
N ALA A 482 -29.73 24.32 17.80
CA ALA A 482 -28.53 24.97 18.27
C ALA A 482 -27.71 25.47 17.08
N PRO A 483 -26.94 26.56 17.26
CA PRO A 483 -26.09 27.03 16.16
C PRO A 483 -24.94 26.10 15.87
N LEU A 484 -25.05 25.37 14.77
CA LEU A 484 -24.09 24.33 14.41
C LEU A 484 -23.53 24.59 13.02
N ALA A 485 -22.28 24.21 12.84
CA ALA A 485 -21.64 24.36 11.55
C ALA A 485 -22.14 23.29 10.57
N ILE A 486 -21.84 23.50 9.30
CA ILE A 486 -22.27 22.61 8.24
C ILE A 486 -21.05 21.96 7.62
N THR A 487 -20.04 21.69 8.45
CA THR A 487 -18.78 21.13 7.99
C THR A 487 -18.95 19.70 7.47
N TYR A 488 -18.04 19.30 6.59
CA TYR A 488 -18.11 17.98 5.96
C TYR A 488 -17.80 16.86 6.95
N VAL A 489 -17.07 17.17 8.02
CA VAL A 489 -16.86 16.16 9.06
C VAL A 489 -18.16 15.89 9.81
N ARG A 490 -19.06 16.86 9.90
CA ARG A 490 -20.36 16.64 10.49
C ARG A 490 -21.42 16.26 9.46
N GLU A 491 -21.22 16.65 8.19
CA GLU A 491 -22.23 16.39 7.18
C GLU A 491 -22.24 14.93 6.74
N LYS A 492 -21.12 14.23 6.87
CA LYS A 492 -21.05 12.84 6.45
C LYS A 492 -21.53 11.88 7.53
N VAL A 493 -21.82 12.36 8.74
CA VAL A 493 -22.27 11.52 9.83
C VAL A 493 -23.75 11.72 10.11
N ILE A 494 -24.19 12.97 10.23
CA ILE A 494 -25.59 13.31 10.41
C ILE A 494 -26.01 14.22 9.28
N ASP A 495 -27.31 14.45 9.16
CA ASP A 495 -27.89 15.22 8.08
C ASP A 495 -28.26 16.61 8.54
N PHE A 496 -27.90 17.60 7.74
CA PHE A 496 -28.22 18.99 8.01
C PHE A 496 -29.24 19.49 6.99
N SER A 497 -30.00 20.50 7.40
CA SER A 497 -30.89 21.18 6.48
C SER A 497 -30.11 22.27 5.74
N LYS A 498 -30.82 23.01 4.90
CA LYS A 498 -30.25 24.21 4.32
C LYS A 498 -30.08 25.26 5.40
N PRO A 499 -29.00 26.06 5.34
CA PRO A 499 -28.76 27.04 6.41
C PRO A 499 -29.76 28.19 6.34
N PHE A 500 -30.34 28.51 7.49
CA PHE A 500 -31.28 29.64 7.53
C PHE A 500 -30.53 30.96 7.47
N MET A 501 -29.28 30.97 7.90
CA MET A 501 -28.45 32.16 7.74
C MET A 501 -26.99 31.74 7.56
N THR A 502 -26.23 32.63 6.95
CA THR A 502 -24.82 32.41 6.67
C THR A 502 -24.00 33.43 7.45
N LEU A 503 -22.73 33.10 7.64
CA LEU A 503 -21.87 33.88 8.51
C LEU A 503 -20.42 33.54 8.17
N GLY A 504 -19.50 34.18 8.89
CA GLY A 504 -18.09 33.89 8.75
C GLY A 504 -17.40 33.80 10.09
N ILE A 505 -16.07 33.74 10.06
CA ILE A 505 -15.25 33.77 11.26
C ILE A 505 -14.36 35.01 11.20
N SER A 506 -14.31 35.76 12.29
CA SER A 506 -13.58 37.01 12.32
C SER A 506 -12.95 37.18 13.69
N ILE A 507 -12.33 38.34 13.91
CA ILE A 507 -11.46 38.58 15.04
C ILE A 507 -12.07 39.67 15.92
N LEU A 508 -12.38 39.29 17.16
CA LEU A 508 -12.72 40.23 18.21
C LEU A 508 -11.44 40.77 18.84
N TYR A 509 -11.38 42.07 19.05
CA TYR A 509 -10.18 42.69 19.60
C TYR A 509 -10.58 43.95 20.36
N ARG A 510 -9.79 44.30 21.37
CA ARG A 510 -10.06 45.52 22.13
C ARG A 510 -9.81 46.74 21.26
N LYS A 511 -10.68 47.74 21.41
CA LYS A 511 -10.64 48.91 20.54
C LYS A 511 -9.41 49.76 20.86
N PRO A 512 -8.71 50.25 19.83
CA PRO A 512 -7.51 51.07 20.08
C PRO A 512 -7.79 52.43 20.70
N ASN A 513 -9.04 52.88 20.73
CA ASN A 513 -9.41 54.02 21.56
C ASN A 513 -9.21 53.66 23.02
N GLY A 514 -8.75 54.61 23.81
CA GLY A 514 -8.25 54.34 25.14
C GLY A 514 -6.74 54.30 25.16
N THR A 515 -6.20 54.37 26.38
CA THR A 515 -4.79 54.64 26.69
C THR A 515 -4.33 55.90 25.95
N ASN A 516 -4.98 57.02 26.29
CA ASN A 516 -4.75 58.28 25.62
C ASN A 516 -3.64 59.04 26.32
N PRO A 517 -2.52 59.34 25.65
CA PRO A 517 -1.43 60.04 26.32
C PRO A 517 -1.74 61.51 26.56
N GLY A 518 -1.32 61.99 27.73
CA GLY A 518 -1.52 63.38 28.10
C GLY A 518 -0.55 63.81 29.17
N VAL A 519 -0.72 65.03 29.68
CA VAL A 519 0.14 65.51 30.76
C VAL A 519 -0.25 64.94 32.12
N PHE A 520 -1.44 64.35 32.24
CA PHE A 520 -1.79 63.63 33.46
C PHE A 520 -0.95 62.36 33.61
N SER A 521 -0.72 61.66 32.50
CA SER A 521 0.14 60.48 32.51
C SER A 521 1.60 60.92 32.49
N PHE A 522 2.40 60.36 33.38
CA PHE A 522 3.78 60.79 33.53
C PHE A 522 4.68 60.05 32.55
N LEU A 523 5.84 60.67 32.28
CA LEU A 523 6.89 60.16 31.38
C LEU A 523 6.41 59.93 29.95
N ASN A 524 5.51 60.80 29.48
CA ASN A 524 5.28 60.85 28.03
C ASN A 524 6.38 61.66 27.34
N PRO A 525 6.93 62.78 27.93
CA PRO A 525 8.28 63.19 27.54
C PRO A 525 9.35 62.40 28.29
N LEU A 526 10.61 62.79 28.16
CA LEU A 526 11.74 61.98 28.60
C LEU A 526 11.92 62.05 30.12
N SER A 527 13.04 61.49 30.58
CA SER A 527 13.29 61.33 32.01
C SER A 527 13.59 62.67 32.68
N PRO A 528 13.16 62.87 33.92
CA PRO A 528 13.36 64.17 34.58
C PRO A 528 14.77 64.43 35.08
N ASP A 529 15.68 63.45 35.01
CA ASP A 529 17.05 63.65 35.44
C ASP A 529 17.77 64.64 34.53
N ILE A 530 17.47 64.58 33.23
CA ILE A 530 18.03 65.52 32.26
C ILE A 530 17.51 66.93 32.53
N TRP A 531 16.23 67.04 32.93
CA TRP A 531 15.66 68.34 33.25
C TRP A 531 16.23 68.91 34.53
N MET A 532 16.52 68.05 35.51
CA MET A 532 17.22 68.51 36.72
C MET A 532 18.64 68.96 36.39
N TYR A 533 19.30 68.25 35.47
CA TYR A 533 20.66 68.63 35.06
C TYR A 533 20.67 69.96 34.31
N VAL A 534 19.67 70.22 33.47
CA VAL A 534 19.65 71.52 32.80
C VAL A 534 19.16 72.64 33.71
N LEU A 535 18.38 72.32 34.76
CA LEU A 535 18.13 73.33 35.80
C LEU A 535 19.40 73.69 36.55
N LEU A 536 20.24 72.69 36.84
CA LEU A 536 21.56 72.96 37.43
C LEU A 536 22.45 73.73 36.47
N ALA A 537 22.33 73.47 35.17
CA ALA A 537 23.08 74.22 34.17
C ALA A 537 22.66 75.70 34.14
N TYR A 538 21.34 75.96 34.19
CA TYR A 538 20.86 77.33 34.23
C TYR A 538 21.24 78.03 35.53
N LEU A 539 21.26 77.29 36.64
CA LEU A 539 21.73 77.84 37.90
C LEU A 539 23.21 78.20 37.84
N GLY A 540 24.03 77.34 37.22
CA GLY A 540 25.43 77.66 37.03
C GLY A 540 25.65 78.84 36.09
N VAL A 541 24.80 78.98 35.07
CA VAL A 541 24.86 80.14 34.18
C VAL A 541 24.52 81.41 34.93
N SER A 542 23.52 81.35 35.81
CA SER A 542 23.16 82.51 36.63
C SER A 542 24.27 82.84 37.64
N VAL A 543 24.95 81.83 38.16
CA VAL A 543 26.11 82.02 39.05
C VAL A 543 27.25 82.71 38.30
N VAL A 544 27.51 82.27 37.07
CA VAL A 544 28.57 82.86 36.24
C VAL A 544 28.23 84.31 35.88
N LEU A 545 26.96 84.58 35.57
CA LEU A 545 26.54 85.96 35.31
C LEU A 545 26.56 86.82 36.57
N PHE A 546 26.38 86.20 37.75
CA PHE A 546 26.47 86.96 38.99
C PHE A 546 27.91 87.33 39.31
N VAL A 547 28.85 86.39 39.16
CA VAL A 547 30.24 86.67 39.53
C VAL A 547 30.98 87.47 38.47
N ILE A 548 30.42 87.65 37.29
CA ILE A 548 31.06 88.45 36.25
C ILE A 548 30.20 89.68 35.93
N LEU A 598 34.32 89.20 25.78
CA LEU A 598 35.31 88.18 25.42
C LEU A 598 35.03 86.87 26.14
N SER A 599 35.06 86.92 27.48
CA SER A 599 34.75 85.73 28.27
C SER A 599 33.27 85.41 28.21
N THR A 600 32.42 86.44 28.13
CA THR A 600 30.98 86.23 27.98
C THR A 600 30.66 85.62 26.62
N ARG A 601 31.46 85.92 25.60
CA ARG A 601 31.29 85.31 24.29
C ARG A 601 31.52 83.80 24.33
N ILE A 602 32.57 83.35 25.04
CA ILE A 602 32.80 81.91 25.11
C ILE A 602 31.85 81.23 26.10
N VAL A 603 31.34 81.97 27.10
CA VAL A 603 30.28 81.44 27.96
C VAL A 603 29.01 81.20 27.14
N GLY A 604 28.65 82.16 26.30
CA GLY A 604 27.50 81.99 25.42
C GLY A 604 27.71 80.92 24.36
N GLY A 605 28.94 80.77 23.88
CA GLY A 605 29.25 79.69 22.95
C GLY A 605 29.14 78.30 23.56
N ILE A 606 29.65 78.14 24.79
CA ILE A 606 29.55 76.87 25.49
C ILE A 606 28.09 76.54 25.83
N TRP A 607 27.34 77.55 26.29
CA TRP A 607 25.91 77.37 26.59
C TRP A 607 25.11 77.06 25.32
N TRP A 608 25.47 77.72 24.21
CA TRP A 608 24.83 77.50 22.92
C TRP A 608 25.06 76.08 22.43
N PHE A 609 26.31 75.60 22.50
CA PHE A 609 26.62 74.25 22.03
C PHE A 609 26.00 73.18 22.94
N PHE A 610 26.02 73.42 24.26
CA PHE A 610 25.43 72.48 25.21
C PHE A 610 23.92 72.34 25.02
N THR A 611 23.22 73.48 24.94
CA THR A 611 21.78 73.46 24.75
C THR A 611 21.40 72.91 23.38
N LEU A 612 22.22 73.20 22.35
CA LEU A 612 21.95 72.69 21.01
C LEU A 612 22.10 71.17 20.96
N ILE A 613 23.12 70.64 21.65
CA ILE A 613 23.32 69.19 21.73
C ILE A 613 22.17 68.52 22.50
N ILE A 614 21.73 69.14 23.61
CA ILE A 614 20.65 68.56 24.42
C ILE A 614 19.33 68.55 23.66
N ILE A 615 19.00 69.65 22.99
CA ILE A 615 17.76 69.72 22.22
C ILE A 615 17.80 68.80 21.00
N SER A 616 18.98 68.66 20.37
CA SER A 616 19.13 67.70 19.29
C SER A 616 18.97 66.26 19.77
N SER A 617 19.48 65.94 20.96
CA SER A 617 19.31 64.61 21.52
C SER A 617 17.87 64.31 21.86
N TYR A 618 17.15 65.31 22.40
CA TYR A 618 15.73 65.16 22.68
C TYR A 618 14.93 64.98 21.40
N THR A 619 15.31 65.71 20.35
CA THR A 619 14.66 65.59 19.05
C THR A 619 14.88 64.20 18.45
N ALA A 620 16.10 63.68 18.59
CA ALA A 620 16.41 62.34 18.09
C ALA A 620 15.65 61.26 18.85
N ASN A 621 15.55 61.41 20.18
CA ASN A 621 14.79 60.44 20.97
C ASN A 621 13.30 60.49 20.65
N LEU A 622 12.75 61.69 20.46
CA LEU A 622 11.35 61.83 20.08
C LEU A 622 11.08 61.26 18.70
N ALA A 623 12.01 61.47 17.76
CA ALA A 623 11.86 60.94 16.42
C ALA A 623 11.95 59.42 16.41
N ALA A 624 12.83 58.85 17.24
CA ALA A 624 12.93 57.40 17.34
C ALA A 624 11.67 56.79 17.95
N PHE A 625 11.11 57.46 18.97
CA PHE A 625 9.87 56.99 19.58
C PHE A 625 8.69 57.07 18.60
N LEU A 626 8.62 58.15 17.82
CA LEU A 626 7.55 58.27 16.84
C LEU A 626 7.73 57.29 15.69
N THR A 627 8.99 56.99 15.32
CA THR A 627 9.24 56.04 14.25
C THR A 627 8.90 54.62 14.67
N VAL A 628 9.21 54.25 15.91
CA VAL A 628 8.81 52.91 16.36
C VAL A 628 7.33 52.87 16.71
N GLU A 629 6.68 54.01 16.91
CA GLU A 629 5.23 54.00 17.04
C GLU A 629 4.56 53.78 15.70
N ARG A 630 4.94 54.56 14.68
CA ARG A 630 4.30 54.45 13.37
C ARG A 630 4.76 53.22 12.61
N MET A 631 5.89 52.63 13.00
CA MET A 631 6.34 51.38 12.39
C MET A 631 5.39 50.23 12.72
N GLU A 632 4.91 50.18 13.96
CA GLU A 632 3.85 49.25 14.31
C GLU A 632 2.50 49.80 13.88
N SER A 633 1.60 48.90 13.55
CA SER A 633 0.25 49.26 13.12
C SER A 633 -0.76 48.40 13.86
N PRO A 634 -1.99 48.87 14.01
CA PRO A 634 -3.06 47.99 14.50
C PRO A 634 -3.36 46.90 13.49
N ILE A 635 -3.85 45.77 14.01
CA ILE A 635 -4.06 44.60 13.18
C ILE A 635 -5.29 44.79 12.32
N ASP A 636 -5.12 44.61 11.00
CA ASP A 636 -6.19 44.84 10.04
C ASP A 636 -6.68 43.58 9.34
N SER A 637 -5.90 42.50 9.36
CA SER A 637 -6.30 41.26 8.71
C SER A 637 -5.65 40.09 9.43
N ALA A 638 -5.79 38.90 8.86
CA ALA A 638 -5.27 37.69 9.50
C ALA A 638 -3.76 37.60 9.42
N ASP A 639 -3.19 38.05 8.29
CA ASP A 639 -1.73 38.00 8.14
C ASP A 639 -1.04 39.03 9.02
N ASP A 640 -1.71 40.15 9.31
CA ASP A 640 -1.19 41.13 10.25
C ASP A 640 -1.09 40.54 11.66
N LEU A 641 -2.09 39.74 12.03
CA LEU A 641 -2.01 39.02 13.29
C LEU A 641 -0.99 37.89 13.23
N ALA A 642 -0.77 37.33 12.04
CA ALA A 642 0.16 36.22 11.90
C ALA A 642 1.61 36.68 12.01
N LYS A 643 1.92 37.89 11.54
CA LYS A 643 3.29 38.38 11.60
C LYS A 643 3.68 38.75 13.02
N GLN A 644 2.82 39.46 13.73
CA GLN A 644 3.13 39.95 15.07
C GLN A 644 2.66 38.93 16.09
N THR A 645 3.62 38.34 16.82
CA THR A 645 3.32 37.37 17.85
C THR A 645 3.22 37.98 19.23
N LYS A 646 3.19 39.31 19.32
CA LYS A 646 3.03 39.97 20.61
C LYS A 646 1.63 39.79 21.17
N ILE A 647 0.62 39.86 20.30
CA ILE A 647 -0.77 39.66 20.71
C ILE A 647 -1.10 38.19 20.56
N GLU A 648 -1.57 37.57 21.65
CA GLU A 648 -1.99 36.19 21.60
C GLU A 648 -3.30 36.06 20.82
N TYR A 649 -3.45 34.95 20.11
CA TYR A 649 -4.68 34.69 19.41
C TYR A 649 -4.92 33.19 19.33
N GLY A 650 -6.17 32.79 19.61
CA GLY A 650 -6.59 31.41 19.53
C GLY A 650 -8.07 31.32 19.26
N ALA A 651 -8.69 30.19 19.61
CA ALA A 651 -10.12 30.00 19.37
C ALA A 651 -10.67 29.05 20.42
N VAL A 652 -11.90 28.59 20.19
CA VAL A 652 -12.56 27.67 21.10
C VAL A 652 -11.93 26.29 20.95
N GLU A 653 -11.81 25.56 22.07
CA GLU A 653 -11.19 24.25 22.11
C GLU A 653 -11.97 23.25 21.27
N ASP A 654 -11.31 22.74 20.22
CA ASP A 654 -11.80 21.69 19.32
C ASP A 654 -13.10 22.08 18.61
N GLY A 655 -13.30 23.37 18.37
CA GLY A 655 -14.46 23.83 17.66
C GLY A 655 -14.29 23.71 16.17
N ALA A 656 -15.31 24.19 15.44
CA ALA A 656 -15.26 24.15 13.99
C ALA A 656 -14.24 25.13 13.42
N THR A 657 -13.92 26.19 14.15
CA THR A 657 -12.92 27.15 13.70
C THR A 657 -11.52 26.54 13.77
N MET A 658 -11.20 25.89 14.89
CA MET A 658 -9.90 25.24 15.04
C MET A 658 -9.80 24.01 14.13
N THR A 659 -10.92 23.34 13.88
CA THR A 659 -10.95 22.25 12.90
C THR A 659 -10.67 22.79 11.50
N PHE A 660 -11.20 23.97 11.19
CA PHE A 660 -10.93 24.62 9.90
C PHE A 660 -9.46 25.00 9.78
N PHE A 661 -8.88 25.54 10.86
CA PHE A 661 -7.49 25.98 10.78
C PHE A 661 -6.52 24.81 10.76
N LYS A 662 -6.89 23.70 11.42
CA LYS A 662 -6.10 22.47 11.33
C LYS A 662 -6.10 21.91 9.92
N LYS A 663 -7.26 21.90 9.28
CA LYS A 663 -7.38 21.48 7.88
C LYS A 663 -7.33 22.66 6.94
N SER A 664 -6.28 23.47 7.06
CA SER A 664 -6.08 24.64 6.21
C SER A 664 -4.77 24.51 5.45
N LYS A 665 -4.79 24.86 4.17
CA LYS A 665 -3.62 24.72 3.32
C LYS A 665 -2.97 26.04 2.94
N ILE A 666 -3.67 27.16 3.13
CA ILE A 666 -3.07 28.47 2.86
C ILE A 666 -2.07 28.79 3.94
N SER A 667 -0.94 29.40 3.55
CA SER A 667 0.22 29.53 4.42
C SER A 667 0.00 30.49 5.58
N THR A 668 -0.84 31.51 5.39
CA THR A 668 -1.16 32.44 6.48
C THR A 668 -1.95 31.73 7.58
N TYR A 669 -3.00 31.00 7.19
CA TYR A 669 -3.79 30.26 8.15
C TYR A 669 -3.03 29.06 8.70
N ASP A 670 -2.10 28.50 7.90
CA ASP A 670 -1.24 27.44 8.40
C ASP A 670 -0.29 27.96 9.47
N LYS A 671 0.25 29.17 9.28
CA LYS A 671 1.11 29.78 10.29
C LYS A 671 0.33 30.13 11.55
N MET A 672 -0.91 30.61 11.38
CA MET A 672 -1.75 30.91 12.54
C MET A 672 -2.13 29.64 13.31
N TRP A 673 -2.40 28.55 12.58
CA TRP A 673 -2.69 27.28 13.23
C TRP A 673 -1.46 26.69 13.90
N ALA A 674 -0.28 26.90 13.31
CA ALA A 674 0.97 26.47 13.96
C ALA A 674 1.22 27.25 15.24
N PHE A 675 0.91 28.55 15.23
CA PHE A 675 1.01 29.35 16.45
C PHE A 675 0.01 28.90 17.50
N MET A 676 -1.21 28.55 17.07
CA MET A 676 -2.23 28.08 18.01
C MET A 676 -1.87 26.73 18.60
N SER A 677 -1.31 25.83 17.79
CA SER A 677 -0.87 24.54 18.28
C SER A 677 0.39 24.64 19.13
N SER A 678 1.19 25.71 18.93
CA SER A 678 2.33 25.93 19.80
C SER A 678 1.89 26.30 21.21
N ARG A 679 0.82 27.09 21.34
CA ARG A 679 0.29 27.50 22.62
C ARG A 679 -1.04 26.81 22.90
N ARG A 680 -1.12 25.54 22.53
CA ARG A 680 -2.36 24.77 22.69
C ARG A 680 -2.65 24.46 24.15
N GLN A 681 -1.61 24.38 24.99
CA GLN A 681 -1.83 24.02 26.38
C GLN A 681 -2.40 25.17 27.19
N SER A 682 -2.00 26.40 26.87
CA SER A 682 -2.43 27.58 27.63
C SER A 682 -3.48 28.39 26.92
N VAL A 683 -3.22 28.79 25.67
CA VAL A 683 -4.14 29.66 24.93
C VAL A 683 -5.13 28.71 24.24
N LEU A 684 -6.13 28.27 25.01
CA LEU A 684 -7.15 27.38 24.49
C LEU A 684 -8.38 27.53 25.39
N VAL A 685 -9.36 28.29 24.93
CA VAL A 685 -10.55 28.53 25.74
C VAL A 685 -11.63 27.52 25.34
N LYS A 686 -12.60 27.34 26.23
CA LYS A 686 -13.65 26.34 26.02
C LYS A 686 -15.00 26.93 25.66
N SER A 687 -15.32 28.14 26.12
CA SER A 687 -16.59 28.75 25.79
C SER A 687 -16.34 30.09 25.11
N ASN A 688 -17.44 30.71 24.67
CA ASN A 688 -17.35 32.02 24.05
C ASN A 688 -17.06 33.11 25.06
N GLU A 689 -17.56 32.96 26.28
CA GLU A 689 -17.38 33.98 27.30
C GLU A 689 -15.95 34.00 27.84
N GLU A 690 -15.27 32.86 27.81
CA GLU A 690 -13.86 32.83 28.19
C GLU A 690 -13.00 33.62 27.21
N GLY A 691 -13.26 33.46 25.91
CA GLY A 691 -12.53 34.22 24.92
C GLY A 691 -12.92 35.68 24.88
N ILE A 692 -14.16 35.99 25.27
CA ILE A 692 -14.60 37.39 25.33
C ILE A 692 -13.92 38.09 26.49
N GLN A 693 -13.89 37.45 27.67
CA GLN A 693 -13.30 38.07 28.84
C GLN A 693 -11.77 38.07 28.78
N ARG A 694 -11.18 37.18 27.98
CA ARG A 694 -9.73 37.25 27.77
C ARG A 694 -9.34 38.47 26.95
N VAL A 695 -10.19 38.85 25.99
CA VAL A 695 -9.98 40.08 25.25
C VAL A 695 -10.22 41.29 26.15
N LEU A 696 -11.21 41.20 27.03
CA LEU A 696 -11.53 42.31 27.93
C LEU A 696 -10.44 42.50 28.99
N THR A 697 -9.94 41.41 29.56
CA THR A 697 -8.92 41.53 30.60
C THR A 697 -7.53 41.72 30.01
N SER A 698 -7.05 40.74 29.25
CA SER A 698 -5.70 40.74 28.73
C SER A 698 -5.68 41.28 27.30
N ASP A 699 -4.46 41.49 26.81
CA ASP A 699 -4.25 41.88 25.41
C ASP A 699 -4.41 40.63 24.56
N TYR A 700 -5.64 40.40 24.10
CA TYR A 700 -5.99 39.17 23.41
C TYR A 700 -6.79 39.49 22.16
N ALA A 701 -6.67 38.62 21.16
CA ALA A 701 -7.45 38.71 19.93
C ALA A 701 -8.17 37.39 19.73
N PHE A 702 -9.48 37.40 19.92
CA PHE A 702 -10.25 36.17 19.81
C PHE A 702 -10.72 35.96 18.39
N LEU A 703 -10.86 34.69 18.00
CA LEU A 703 -11.35 34.32 16.68
C LEU A 703 -12.62 33.52 16.85
N MET A 704 -13.73 34.02 16.31
CA MET A 704 -15.02 33.43 16.61
C MET A 704 -16.00 33.75 15.48
N GLU A 705 -17.24 33.31 15.67
CA GLU A 705 -18.28 33.43 14.67
C GLU A 705 -18.72 34.89 14.52
N SER A 706 -19.01 35.29 13.28
CA SER A 706 -19.28 36.68 12.97
C SER A 706 -20.62 37.16 13.51
N THR A 707 -21.57 36.26 13.76
CA THR A 707 -22.85 36.70 14.29
C THR A 707 -22.73 37.04 15.77
N THR A 708 -21.88 36.30 16.50
CA THR A 708 -21.54 36.67 17.86
C THR A 708 -20.75 37.97 17.92
N ILE A 709 -19.94 38.24 16.89
CA ILE A 709 -19.32 39.55 16.73
C ILE A 709 -20.37 40.65 16.59
N GLU A 710 -21.39 40.40 15.76
CA GLU A 710 -22.45 41.39 15.59
C GLU A 710 -23.29 41.54 16.85
N PHE A 711 -23.32 40.51 17.70
CA PHE A 711 -23.93 40.66 19.02
C PHE A 711 -23.07 41.53 19.94
N VAL A 712 -21.78 41.21 20.05
CA VAL A 712 -20.96 41.87 21.07
C VAL A 712 -20.51 43.27 20.66
N THR A 713 -20.61 43.62 19.38
CA THR A 713 -20.41 45.01 18.99
C THR A 713 -21.54 45.89 19.51
N GLN A 714 -22.77 45.37 19.47
CA GLN A 714 -23.89 46.10 20.06
C GLN A 714 -23.87 46.00 21.58
N ARG A 715 -23.30 44.93 22.12
CA ARG A 715 -23.28 44.75 23.56
C ARG A 715 -22.27 45.66 24.24
N ASN A 716 -21.06 45.78 23.68
CA ASN A 716 -20.02 46.59 24.28
C ASN A 716 -19.36 47.48 23.23
N CYS A 717 -19.07 48.72 23.62
CA CYS A 717 -18.36 49.66 22.76
C CYS A 717 -16.86 49.68 23.04
N ASN A 718 -16.38 48.86 23.97
CA ASN A 718 -14.95 48.78 24.23
C ASN A 718 -14.25 47.75 23.35
N LEU A 719 -15.01 46.94 22.61
CA LEU A 719 -14.47 45.91 21.73
C LEU A 719 -14.89 46.19 20.30
N THR A 720 -14.22 45.55 19.36
CA THR A 720 -14.44 45.82 17.95
C THR A 720 -14.02 44.60 17.14
N GLN A 721 -14.37 44.63 15.85
CA GLN A 721 -14.04 43.58 14.91
C GLN A 721 -12.91 44.05 14.00
N ILE A 722 -11.86 43.26 13.89
CA ILE A 722 -10.79 43.52 12.95
C ILE A 722 -10.74 42.38 11.95
N GLY A 723 -10.37 42.70 10.71
CA GLY A 723 -10.40 41.74 9.64
C GLY A 723 -11.77 41.58 9.04
N GLY A 724 -11.84 40.72 8.01
CA GLY A 724 -13.07 40.39 7.36
C GLY A 724 -13.51 38.97 7.65
N LEU A 725 -14.41 38.47 6.78
CA LEU A 725 -14.88 37.10 6.89
C LEU A 725 -13.82 36.18 6.31
N ILE A 726 -13.24 35.34 7.16
CA ILE A 726 -12.17 34.44 6.72
C ILE A 726 -12.75 33.26 5.95
N ASP A 727 -13.67 32.53 6.57
CA ASP A 727 -14.27 31.35 5.97
C ASP A 727 -15.78 31.42 6.12
N SER A 728 -16.50 31.25 5.03
CA SER A 728 -17.95 31.38 5.03
C SER A 728 -18.59 30.04 5.39
N LYS A 729 -19.46 30.07 6.39
CA LYS A 729 -20.22 28.90 6.85
C LYS A 729 -21.67 29.30 7.02
N GLY A 730 -22.48 28.36 7.46
CA GLY A 730 -23.90 28.61 7.65
C GLY A 730 -24.45 27.80 8.81
N TYR A 731 -25.53 28.31 9.40
CA TYR A 731 -26.22 27.63 10.48
C TYR A 731 -27.50 27.00 9.95
N GLY A 732 -27.51 25.66 9.86
CA GLY A 732 -28.69 24.90 9.54
C GLY A 732 -29.23 24.19 10.76
N VAL A 733 -30.38 23.54 10.58
CA VAL A 733 -31.05 22.83 11.66
C VAL A 733 -30.56 21.39 11.68
N GLY A 734 -30.14 20.93 12.86
CA GLY A 734 -29.61 19.59 13.00
C GLY A 734 -30.71 18.55 12.98
N THR A 735 -30.56 17.56 12.11
CA THR A 735 -31.49 16.46 11.95
C THR A 735 -30.75 15.14 12.05
N PRO A 736 -31.43 14.06 12.45
CA PRO A 736 -30.83 12.73 12.29
C PRO A 736 -30.74 12.36 10.83
N MET A 737 -29.82 11.45 10.53
CA MET A 737 -29.58 11.03 9.15
C MET A 737 -30.75 10.19 8.65
N GLY A 738 -31.23 10.54 7.46
CA GLY A 738 -32.37 9.85 6.89
C GLY A 738 -33.70 10.23 7.48
N SER A 739 -33.77 11.35 8.19
CA SER A 739 -35.03 11.79 8.75
C SER A 739 -35.94 12.34 7.64
N PRO A 740 -37.24 12.07 7.70
CA PRO A 740 -38.16 12.59 6.67
C PRO A 740 -38.53 14.05 6.86
N TYR A 741 -38.18 14.66 7.99
CA TYR A 741 -38.60 16.02 8.27
C TYR A 741 -37.74 17.08 7.59
N ARG A 742 -36.63 16.67 6.95
CA ARG A 742 -35.63 17.64 6.50
C ARG A 742 -36.12 18.48 5.33
N ASP A 743 -36.83 17.85 4.38
CA ASP A 743 -37.26 18.57 3.18
C ASP A 743 -38.36 19.57 3.50
N LYS A 744 -39.28 19.21 4.40
CA LYS A 744 -40.30 20.16 4.84
C LYS A 744 -39.70 21.29 5.67
N ILE A 745 -38.63 21.00 6.42
CA ILE A 745 -37.93 22.03 7.17
C ILE A 745 -37.25 23.02 6.22
N THR A 746 -36.62 22.53 5.16
CA THR A 746 -36.00 23.42 4.18
C THR A 746 -37.04 24.22 3.41
N ILE A 747 -38.20 23.61 3.13
CA ILE A 747 -39.29 24.31 2.47
C ILE A 747 -39.82 25.43 3.36
N ALA A 748 -39.98 25.16 4.65
CA ALA A 748 -40.45 26.17 5.59
C ALA A 748 -39.42 27.27 5.80
N ILE A 749 -38.13 26.90 5.77
CA ILE A 749 -37.06 27.89 5.93
C ILE A 749 -37.00 28.82 4.73
N LEU A 750 -37.14 28.27 3.52
CA LEU A 750 -37.20 29.11 2.31
C LEU A 750 -38.47 29.95 2.27
N GLN A 751 -39.57 29.43 2.84
CA GLN A 751 -40.80 30.20 2.97
C GLN A 751 -40.61 31.38 3.91
N LEU A 752 -39.89 31.17 5.01
CA LEU A 752 -39.62 32.28 5.94
C LEU A 752 -38.62 33.27 5.36
N GLN A 753 -37.67 32.79 4.56
CA GLN A 753 -36.71 33.68 3.92
C GLN A 753 -37.37 34.51 2.84
N GLU A 754 -38.38 33.97 2.16
CA GLU A 754 -39.19 34.80 1.28
C GLU A 754 -40.05 35.78 2.08
N GLU A 755 -40.53 35.35 3.25
CA GLU A 755 -41.30 36.23 4.11
C GLU A 755 -40.43 37.23 4.86
N GLY A 756 -39.14 36.94 5.00
CA GLY A 756 -38.24 37.87 5.68
C GLY A 756 -38.39 37.91 7.18
N LYS A 757 -38.98 36.87 7.78
CA LYS A 757 -39.11 36.83 9.23
C LYS A 757 -37.77 36.57 9.92
N LEU A 758 -36.81 36.01 9.19
CA LEU A 758 -35.45 35.87 9.69
C LEU A 758 -34.84 37.24 9.96
N HIS A 759 -35.02 38.18 9.04
CA HIS A 759 -34.52 39.54 9.23
C HIS A 759 -35.25 40.25 10.35
N MET A 760 -36.55 40.00 10.50
CA MET A 760 -37.33 40.61 11.58
C MET A 760 -36.88 40.09 12.94
N MET A 761 -36.61 38.79 13.05
CA MET A 761 -36.08 38.25 14.29
C MET A 761 -34.65 38.72 14.55
N LYS A 762 -33.87 38.92 13.48
CA LYS A 762 -32.52 39.46 13.63
C LYS A 762 -32.55 40.89 14.12
N GLU A 763 -33.47 41.70 13.60
CA GLU A 763 -33.62 43.07 14.08
C GLU A 763 -34.18 43.11 15.50
N LYS A 764 -34.98 42.12 15.86
CA LYS A 764 -35.50 42.04 17.23
C LYS A 764 -34.40 41.71 18.23
N TRP A 765 -33.56 40.72 17.89
CA TRP A 765 -32.61 40.19 18.87
C TRP A 765 -31.23 40.83 18.78
N TRP A 766 -30.61 40.79 17.60
CA TRP A 766 -29.20 41.18 17.48
C TRP A 766 -29.03 42.69 17.51
N ARG A 767 -29.94 43.44 16.89
CA ARG A 767 -29.82 44.89 16.81
C ARG A 767 -30.35 45.50 18.10
N GLY A 768 -29.53 45.47 19.14
CA GLY A 768 -29.89 45.99 20.44
C GLY A 768 -29.14 45.33 21.57
N VAL A 784 -2.05 64.26 19.82
CA VAL A 784 -2.53 65.62 19.61
C VAL A 784 -2.36 66.40 20.93
N GLN A 785 -2.34 65.67 22.05
CA GLN A 785 -2.15 66.27 23.36
C GLN A 785 -1.12 65.50 24.19
N ASN A 786 -0.04 65.06 23.54
CA ASN A 786 1.00 64.34 24.26
C ASN A 786 1.78 65.25 25.20
N ILE A 787 2.22 66.41 24.69
CA ILE A 787 2.89 67.42 25.51
C ILE A 787 2.24 68.77 25.24
N GLY A 788 0.99 68.75 24.78
CA GLY A 788 0.25 69.98 24.50
C GLY A 788 -0.19 70.74 25.73
N GLY A 789 -0.11 70.10 26.92
CA GLY A 789 -0.47 70.76 28.17
C GLY A 789 0.47 71.87 28.57
N ILE A 790 1.66 71.93 27.96
CA ILE A 790 2.55 73.08 28.15
C ILE A 790 1.99 74.34 27.50
N PHE A 791 0.99 74.20 26.60
CA PHE A 791 0.18 75.34 26.17
C PHE A 791 -0.49 76.04 27.34
N ILE A 792 -0.88 75.28 28.37
CA ILE A 792 -1.26 75.91 29.64
C ILE A 792 -0.04 76.54 30.30
N VAL A 793 1.05 75.78 30.40
CA VAL A 793 2.20 76.13 31.23
C VAL A 793 2.96 77.32 30.64
N LEU A 794 2.96 77.46 29.31
CA LEU A 794 3.45 78.69 28.70
C LEU A 794 2.54 79.86 29.03
N ALA A 795 1.22 79.68 28.86
CA ALA A 795 0.27 80.79 28.99
C ALA A 795 0.14 81.23 30.43
N ALA A 796 0.16 80.27 31.37
CA ALA A 796 0.23 80.60 32.79
C ALA A 796 1.53 81.31 33.13
N GLY A 797 2.61 80.98 32.42
CA GLY A 797 3.84 81.74 32.54
C GLY A 797 3.68 83.18 32.10
N LEU A 798 2.82 83.43 31.10
CA LEU A 798 2.45 84.79 30.74
C LEU A 798 1.72 85.47 31.88
N VAL A 799 0.87 84.72 32.60
CA VAL A 799 0.27 85.21 33.83
C VAL A 799 1.35 85.48 34.87
N LEU A 800 2.41 84.67 34.88
CA LEU A 800 3.55 84.92 35.73
C LEU A 800 4.29 86.20 35.34
N SER A 801 4.22 86.59 34.06
CA SER A 801 4.78 87.89 33.67
C SER A 801 3.97 89.02 34.28
N VAL A 802 2.66 88.81 34.43
CA VAL A 802 1.80 89.73 35.19
C VAL A 802 2.24 89.77 36.64
N PHE A 803 2.70 88.63 37.18
CA PHE A 803 3.26 88.59 38.52
C PHE A 803 4.55 89.39 38.64
N VAL A 804 5.25 89.64 37.54
CA VAL A 804 6.39 90.55 37.59
C VAL A 804 6.08 91.76 36.71
N ALA A 805 4.79 92.10 36.61
CA ALA A 805 4.42 93.34 35.94
C ALA A 805 4.70 94.55 36.83
N VAL A 806 4.11 94.57 38.02
CA VAL A 806 4.35 95.65 38.97
C VAL A 806 5.18 95.13 40.14
N HIS B 1 -37.07 -64.37 32.68
CA HIS B 1 -38.23 -63.68 32.15
C HIS B 1 -37.99 -63.19 30.73
N VAL B 2 -39.07 -62.80 30.06
CA VAL B 2 -38.99 -62.33 28.69
C VAL B 2 -39.30 -60.84 28.66
N LEU B 3 -38.77 -60.17 27.64
CA LEU B 3 -39.04 -58.74 27.44
C LEU B 3 -38.90 -58.46 25.96
N ARG B 4 -39.91 -57.81 25.39
CA ARG B 4 -39.97 -57.59 23.95
C ARG B 4 -39.82 -56.11 23.63
N PHE B 5 -39.03 -55.81 22.61
CA PHE B 5 -38.82 -54.45 22.14
C PHE B 5 -39.32 -54.31 20.72
N GLY B 6 -40.08 -53.26 20.47
CA GLY B 6 -40.58 -53.01 19.12
C GLY B 6 -39.56 -52.25 18.31
N GLY B 7 -39.35 -52.70 17.08
CA GLY B 7 -38.40 -52.06 16.21
C GLY B 7 -38.94 -51.83 14.82
N ILE B 8 -38.93 -50.58 14.36
CA ILE B 8 -39.39 -50.22 13.04
C ILE B 8 -38.21 -49.63 12.28
N PHE B 9 -37.91 -50.21 11.12
CA PHE B 9 -36.74 -49.81 10.34
C PHE B 9 -37.12 -49.73 8.88
N GLU B 10 -36.80 -48.61 8.24
CA GLU B 10 -37.08 -48.44 6.82
C GLU B 10 -36.07 -49.25 6.03
N TYR B 11 -36.53 -50.30 5.37
CA TYR B 11 -35.65 -51.29 4.76
C TYR B 11 -35.35 -50.95 3.31
N VAL B 12 -34.37 -51.67 2.76
CA VAL B 12 -33.69 -51.26 1.54
C VAL B 12 -34.45 -51.72 0.29
N GLU B 13 -35.31 -52.74 0.43
CA GLU B 13 -35.93 -53.48 -0.68
C GLU B 13 -34.86 -54.04 -1.61
N SER B 14 -33.78 -54.55 -1.03
CA SER B 14 -32.63 -55.04 -1.77
C SER B 14 -32.00 -56.17 -0.97
N GLY B 15 -30.75 -56.49 -1.29
CA GLY B 15 -30.04 -57.57 -0.66
C GLY B 15 -29.70 -57.39 0.80
N PRO B 16 -28.77 -56.49 1.13
CA PRO B 16 -28.32 -56.39 2.52
C PRO B 16 -29.32 -55.68 3.42
N MET B 17 -29.27 -56.03 4.70
CA MET B 17 -30.02 -55.31 5.71
C MET B 17 -29.39 -53.93 5.92
N GLY B 18 -30.24 -52.96 6.23
CA GLY B 18 -29.81 -51.58 6.30
C GLY B 18 -29.04 -51.26 7.56
N ALA B 19 -28.68 -49.98 7.68
CA ALA B 19 -28.05 -49.48 8.89
C ALA B 19 -29.05 -49.48 10.05
N GLU B 20 -28.51 -49.62 11.26
CA GLU B 20 -29.13 -49.66 12.59
C GLU B 20 -29.91 -50.95 12.86
N GLU B 21 -30.20 -51.73 11.82
CA GLU B 21 -30.84 -53.02 12.03
C GLU B 21 -29.83 -54.02 12.57
N LEU B 22 -28.64 -54.04 11.96
CA LEU B 22 -27.53 -54.85 12.45
C LEU B 22 -27.07 -54.37 13.81
N ALA B 23 -27.11 -53.05 14.04
CA ALA B 23 -26.75 -52.49 15.33
C ALA B 23 -27.72 -52.93 16.42
N PHE B 24 -29.02 -52.91 16.12
CA PHE B 24 -30.03 -53.32 17.09
C PHE B 24 -29.93 -54.82 17.40
N ARG B 25 -29.76 -55.64 16.37
CA ARG B 25 -29.66 -57.09 16.60
C ARG B 25 -28.37 -57.46 17.31
N PHE B 26 -27.26 -56.83 16.92
CA PHE B 26 -25.97 -57.06 17.56
C PHE B 26 -25.98 -56.61 19.01
N ALA B 27 -26.66 -55.49 19.29
CA ALA B 27 -26.70 -54.99 20.65
C ALA B 27 -27.60 -55.85 21.53
N VAL B 28 -28.72 -56.32 20.99
CA VAL B 28 -29.60 -57.23 21.73
C VAL B 28 -28.89 -58.55 22.02
N ASN B 29 -28.08 -59.03 21.06
CA ASN B 29 -27.29 -60.24 21.29
C ASN B 29 -26.21 -60.02 22.34
N THR B 30 -25.54 -58.87 22.32
CA THR B 30 -24.47 -58.64 23.27
C THR B 30 -24.95 -58.21 24.64
N ILE B 31 -26.23 -57.86 24.79
CA ILE B 31 -26.75 -57.63 26.14
C ILE B 31 -27.12 -58.97 26.79
N ASN B 32 -27.57 -59.95 26.00
CA ASN B 32 -27.91 -61.27 26.53
C ASN B 32 -26.68 -62.00 27.05
N ARG B 33 -25.58 -61.96 26.30
CA ARG B 33 -24.31 -62.39 26.86
C ARG B 33 -23.71 -61.27 27.69
N ASN B 34 -22.61 -61.59 28.38
CA ASN B 34 -21.96 -60.76 29.40
C ASN B 34 -22.98 -60.34 30.46
N ARG B 35 -23.46 -61.36 31.18
CA ARG B 35 -24.61 -61.23 32.07
C ARG B 35 -24.23 -60.45 33.32
N THR B 36 -24.15 -59.13 33.15
CA THR B 36 -23.99 -58.19 34.24
C THR B 36 -25.27 -57.40 34.47
N LEU B 37 -25.88 -56.92 33.40
CA LEU B 37 -27.19 -56.28 33.45
C LEU B 37 -28.25 -57.30 33.05
N LEU B 38 -29.41 -57.21 33.73
CA LEU B 38 -30.56 -58.11 33.60
C LEU B 38 -30.16 -59.57 33.80
N PRO B 39 -29.84 -59.99 35.03
CA PRO B 39 -29.32 -61.35 35.22
C PRO B 39 -30.40 -62.42 35.14
N ASN B 40 -31.67 -62.07 35.25
CA ASN B 40 -32.74 -63.05 35.26
C ASN B 40 -33.76 -62.85 34.15
N THR B 41 -33.57 -61.87 33.27
CA THR B 41 -34.52 -61.59 32.21
C THR B 41 -33.77 -61.44 30.89
N THR B 42 -34.19 -62.20 29.89
CA THR B 42 -33.65 -62.08 28.55
C THR B 42 -34.45 -61.05 27.77
N LEU B 43 -33.89 -60.64 26.63
CA LEU B 43 -34.52 -59.65 25.77
C LEU B 43 -34.83 -60.28 24.42
N THR B 44 -36.09 -60.20 24.01
CA THR B 44 -36.49 -60.55 22.66
C THR B 44 -36.79 -59.28 21.89
N TYR B 45 -36.74 -59.37 20.58
CA TYR B 45 -36.96 -58.21 19.74
C TYR B 45 -37.90 -58.58 18.59
N ASP B 46 -38.76 -57.64 18.23
CA ASP B 46 -39.62 -57.75 17.07
C ASP B 46 -39.27 -56.65 16.10
N THR B 47 -39.12 -57.00 14.83
CA THR B 47 -38.66 -56.07 13.80
C THR B 47 -39.68 -56.00 12.68
N GLN B 48 -40.16 -54.80 12.40
CA GLN B 48 -41.02 -54.54 11.26
C GLN B 48 -40.27 -53.66 10.27
N LYS B 49 -40.44 -53.94 8.98
CA LYS B 49 -39.79 -53.18 7.92
C LYS B 49 -40.86 -52.47 7.11
N ILE B 50 -40.75 -51.14 7.02
CA ILE B 50 -41.76 -50.32 6.36
C ILE B 50 -41.13 -49.65 5.14
N ASN B 51 -41.98 -49.04 4.35
CA ASN B 51 -41.53 -48.31 3.18
C ASN B 51 -40.84 -47.01 3.59
N LEU B 52 -40.11 -46.44 2.64
CA LEU B 52 -39.44 -45.18 2.88
C LEU B 52 -40.44 -44.04 2.92
N TYR B 53 -40.36 -43.22 3.97
CA TYR B 53 -40.99 -41.90 4.06
C TYR B 53 -42.50 -41.98 4.03
N ASP B 54 -43.08 -43.01 4.63
CA ASP B 54 -44.52 -43.16 4.75
C ASP B 54 -44.87 -43.31 6.22
N SER B 55 -45.97 -42.68 6.63
CA SER B 55 -46.37 -42.68 8.02
C SER B 55 -47.53 -43.60 8.34
N PHE B 56 -48.40 -43.88 7.37
CA PHE B 56 -49.54 -44.75 7.64
C PHE B 56 -49.10 -46.20 7.80
N GLU B 57 -48.13 -46.63 6.99
CA GLU B 57 -47.55 -47.96 7.14
C GLU B 57 -46.84 -48.10 8.47
N ALA B 58 -46.16 -47.03 8.91
CA ALA B 58 -45.53 -47.01 10.22
C ALA B 58 -46.56 -47.08 11.33
N SER B 59 -47.70 -46.41 11.14
CA SER B 59 -48.79 -46.46 12.12
C SER B 59 -49.38 -47.86 12.22
N LYS B 60 -49.56 -48.51 11.07
CA LYS B 60 -50.11 -49.87 11.05
C LYS B 60 -49.16 -50.87 11.68
N LYS B 61 -47.86 -50.74 11.40
CA LYS B 61 -46.89 -51.65 11.99
C LYS B 61 -46.70 -51.40 13.48
N ALA B 62 -46.81 -50.13 13.91
CA ALA B 62 -46.75 -49.84 15.34
C ALA B 62 -47.97 -50.38 16.07
N CYS B 63 -49.15 -50.30 15.43
CA CYS B 63 -50.35 -50.89 16.01
C CYS B 63 -50.25 -52.40 16.09
N ASP B 64 -49.63 -53.03 15.08
CA ASP B 64 -49.42 -54.47 15.12
C ASP B 64 -48.44 -54.87 16.23
N GLN B 65 -47.38 -54.09 16.40
CA GLN B 65 -46.41 -54.40 17.45
C GLN B 65 -46.97 -54.16 18.83
N LEU B 66 -47.86 -53.16 18.98
CA LEU B 66 -48.51 -52.98 20.28
C LEU B 66 -49.61 -54.00 20.51
N SER B 67 -50.18 -54.55 19.43
CA SER B 67 -51.08 -55.69 19.58
C SER B 67 -50.32 -56.92 20.06
N LEU B 68 -49.11 -57.13 19.53
CA LEU B 68 -48.23 -58.14 20.12
C LEU B 68 -47.79 -57.74 21.51
N GLY B 69 -47.57 -56.46 21.75
CA GLY B 69 -47.17 -55.98 23.05
C GLY B 69 -45.67 -55.95 23.22
N VAL B 70 -45.11 -54.76 23.40
CA VAL B 70 -43.69 -54.57 23.62
C VAL B 70 -43.49 -53.60 24.78
N ALA B 71 -42.30 -53.64 25.36
CA ALA B 71 -41.99 -52.70 26.43
C ALA B 71 -41.73 -51.30 25.89
N ALA B 72 -41.06 -51.19 24.74
CA ALA B 72 -40.75 -49.90 24.17
C ALA B 72 -40.64 -50.05 22.66
N ILE B 73 -40.73 -48.93 21.96
CA ILE B 73 -40.69 -48.89 20.50
C ILE B 73 -39.52 -48.01 20.08
N PHE B 74 -38.64 -48.56 19.26
CA PHE B 74 -37.53 -47.81 18.69
C PHE B 74 -37.95 -47.31 17.31
N GLY B 75 -38.17 -46.02 17.20
CA GLY B 75 -38.82 -45.44 16.05
C GLY B 75 -37.92 -45.35 14.85
N PRO B 76 -38.51 -44.94 13.73
CA PRO B 76 -37.73 -44.87 12.48
C PRO B 76 -36.95 -43.58 12.35
N SER B 77 -36.34 -43.36 11.19
CA SER B 77 -35.46 -42.22 10.96
C SER B 77 -36.20 -41.01 10.40
N HIS B 78 -37.20 -41.22 9.55
CA HIS B 78 -37.90 -40.11 8.93
C HIS B 78 -38.80 -39.42 9.95
N SER B 79 -38.92 -38.09 9.82
CA SER B 79 -39.56 -37.27 10.83
C SER B 79 -41.08 -37.49 10.89
N SER B 80 -41.72 -37.73 9.75
CA SER B 80 -43.18 -37.84 9.74
C SER B 80 -43.64 -39.15 10.37
N SER B 81 -42.96 -40.24 10.02
CA SER B 81 -43.27 -41.53 10.65
C SER B 81 -42.90 -41.52 12.13
N ALA B 82 -41.85 -40.79 12.50
CA ALA B 82 -41.50 -40.63 13.90
C ALA B 82 -42.58 -39.85 14.64
N ASN B 83 -43.17 -38.85 13.99
CA ASN B 83 -44.27 -38.10 14.60
C ASN B 83 -45.51 -38.96 14.80
N ALA B 84 -45.82 -39.81 13.81
CA ALA B 84 -46.98 -40.70 13.94
C ALA B 84 -46.76 -41.74 15.03
N VAL B 85 -45.56 -42.32 15.09
CA VAL B 85 -45.24 -43.32 16.11
C VAL B 85 -45.21 -42.68 17.49
N GLN B 86 -44.73 -41.44 17.58
CA GLN B 86 -44.72 -40.72 18.86
C GLN B 86 -46.12 -40.40 19.33
N SER B 87 -47.02 -40.03 18.40
CA SER B 87 -48.41 -39.78 18.78
C SER B 87 -49.10 -41.04 19.27
N ILE B 88 -48.84 -42.17 18.61
CA ILE B 88 -49.41 -43.45 19.04
C ILE B 88 -48.86 -43.85 20.41
N CYS B 89 -47.55 -43.70 20.60
CA CYS B 89 -46.91 -44.11 21.85
C CYS B 89 -47.31 -43.22 23.01
N ASN B 90 -47.46 -41.92 22.77
CA ASN B 90 -47.89 -41.01 23.83
C ASN B 90 -49.37 -41.17 24.13
N ALA B 91 -50.16 -41.62 23.15
CA ALA B 91 -51.54 -41.94 23.45
C ALA B 91 -51.66 -43.20 24.28
N LEU B 92 -50.91 -44.24 23.95
CA LEU B 92 -51.03 -45.52 24.63
C LEU B 92 -50.05 -45.70 25.77
N GLY B 93 -49.22 -44.70 26.07
CA GLY B 93 -48.36 -44.76 27.23
C GLY B 93 -47.13 -45.62 27.11
N VAL B 94 -46.85 -46.15 25.92
CA VAL B 94 -45.62 -46.91 25.72
C VAL B 94 -44.47 -45.94 25.51
N PRO B 95 -43.33 -46.13 26.16
CA PRO B 95 -42.19 -45.24 25.93
C PRO B 95 -41.63 -45.38 24.52
N HIS B 96 -41.16 -44.26 24.00
CA HIS B 96 -40.68 -44.17 22.63
C HIS B 96 -39.26 -43.65 22.63
N ILE B 97 -38.40 -44.28 21.84
CA ILE B 97 -37.00 -43.90 21.70
C ILE B 97 -36.78 -43.46 20.27
N GLN B 98 -36.12 -42.32 20.09
CA GLN B 98 -35.79 -41.80 18.78
C GLN B 98 -34.28 -41.72 18.67
N THR B 99 -33.74 -42.16 17.54
CA THR B 99 -32.31 -42.13 17.30
C THR B 99 -31.90 -41.10 16.28
N ARG B 100 -32.86 -40.46 15.62
CA ARG B 100 -32.57 -39.40 14.67
C ARG B 100 -33.29 -38.13 15.10
N TRP B 101 -32.67 -37.00 14.77
CA TRP B 101 -33.30 -35.71 15.02
C TRP B 101 -34.50 -35.52 14.13
N LYS B 102 -35.57 -34.96 14.69
CA LYS B 102 -36.74 -34.56 13.95
C LYS B 102 -37.11 -33.14 14.36
N HIS B 103 -38.01 -32.53 13.61
CA HIS B 103 -38.40 -31.17 13.92
C HIS B 103 -39.36 -31.17 15.09
N GLN B 104 -38.91 -30.65 16.23
CA GLN B 104 -39.75 -30.60 17.42
C GLN B 104 -40.71 -29.43 17.29
N VAL B 105 -42.00 -29.70 17.44
CA VAL B 105 -43.04 -28.69 17.34
C VAL B 105 -43.38 -28.24 18.76
N SER B 106 -43.55 -26.93 18.93
CA SER B 106 -43.56 -26.35 20.28
C SER B 106 -44.83 -26.67 21.06
N ASP B 107 -45.98 -26.71 20.39
CA ASP B 107 -47.24 -26.92 21.09
C ASP B 107 -47.56 -28.38 21.33
N ASN B 108 -46.70 -29.30 20.89
CA ASN B 108 -46.93 -30.72 21.14
C ASN B 108 -46.72 -31.04 22.60
N LYS B 109 -47.68 -31.74 23.20
CA LYS B 109 -47.68 -31.99 24.63
C LYS B 109 -47.34 -33.45 24.96
N ASP B 110 -46.49 -34.06 24.15
CA ASP B 110 -46.10 -35.44 24.41
C ASP B 110 -45.00 -35.49 25.46
N SER B 111 -45.02 -36.57 26.25
CA SER B 111 -44.02 -36.72 27.30
C SER B 111 -43.51 -38.15 27.43
N PHE B 112 -43.88 -39.05 26.52
CA PHE B 112 -43.51 -40.45 26.60
C PHE B 112 -42.45 -40.81 25.56
N TYR B 113 -41.54 -39.88 25.29
CA TYR B 113 -40.51 -40.10 24.29
C TYR B 113 -39.22 -39.46 24.73
N VAL B 114 -38.11 -40.06 24.32
CA VAL B 114 -36.79 -39.45 24.46
C VAL B 114 -36.05 -39.61 23.14
N SER B 115 -35.05 -38.76 22.94
CA SER B 115 -34.21 -38.79 21.75
C SER B 115 -32.76 -38.68 22.15
N LEU B 116 -31.93 -39.59 21.66
CA LEU B 116 -30.52 -39.57 22.02
C LEU B 116 -29.66 -38.79 21.05
N TYR B 117 -30.24 -38.26 19.97
CA TYR B 117 -29.47 -37.40 19.09
C TYR B 117 -29.17 -36.09 19.80
N PRO B 118 -27.96 -35.55 19.63
CA PRO B 118 -27.65 -34.26 20.25
C PRO B 118 -28.47 -33.14 19.63
N ASP B 119 -29.00 -32.27 20.49
CA ASP B 119 -29.87 -31.21 20.03
C ASP B 119 -29.07 -30.12 19.34
N PHE B 120 -29.56 -29.69 18.18
CA PHE B 120 -28.84 -28.72 17.36
C PHE B 120 -28.81 -27.30 17.91
N SER B 121 -29.55 -26.99 18.98
CA SER B 121 -29.25 -25.74 19.67
C SER B 121 -27.88 -25.80 20.33
N SER B 122 -27.57 -26.92 21.00
CA SER B 122 -26.26 -27.09 21.61
C SER B 122 -25.18 -27.25 20.56
N LEU B 123 -25.48 -27.96 19.46
CA LEU B 123 -24.52 -28.11 18.38
C LEU B 123 -24.25 -26.80 17.66
N SER B 124 -25.29 -25.99 17.48
CA SER B 124 -25.11 -24.68 16.88
C SER B 124 -24.34 -23.74 17.80
N ARG B 125 -24.53 -23.88 19.11
CA ARG B 125 -23.73 -23.09 20.04
C ARG B 125 -22.26 -23.53 20.03
N ALA B 126 -22.02 -24.82 19.87
CA ALA B 126 -20.65 -25.31 19.72
C ALA B 126 -20.00 -24.81 18.44
N ILE B 127 -20.76 -24.80 17.35
CA ILE B 127 -20.25 -24.30 16.08
C ILE B 127 -19.98 -22.80 16.15
N LEU B 128 -20.85 -22.06 16.84
CA LEU B 128 -20.65 -20.64 17.06
C LEU B 128 -19.42 -20.36 17.93
N ASP B 129 -19.19 -21.21 18.93
CA ASP B 129 -17.99 -21.07 19.76
C ASP B 129 -16.73 -21.35 18.95
N LEU B 130 -16.78 -22.33 18.06
CA LEU B 130 -15.65 -22.62 17.19
C LEU B 130 -15.39 -21.48 16.21
N VAL B 131 -16.45 -20.87 15.69
CA VAL B 131 -16.33 -19.73 14.78
C VAL B 131 -15.74 -18.53 15.50
N GLN B 132 -16.19 -18.27 16.73
CA GLN B 132 -15.64 -17.19 17.54
C GLN B 132 -14.19 -17.45 17.92
N PHE B 133 -13.81 -18.72 18.08
CA PHE B 133 -12.42 -19.05 18.31
C PHE B 133 -11.57 -18.82 17.07
N PHE B 134 -12.12 -19.10 15.89
CA PHE B 134 -11.33 -18.95 14.66
C PHE B 134 -11.28 -17.51 14.13
N LYS B 135 -11.93 -16.56 14.83
CA LYS B 135 -11.88 -15.13 14.53
C LYS B 135 -12.37 -14.80 13.12
N TRP B 136 -13.42 -15.48 12.70
CA TRP B 136 -13.96 -15.24 11.37
C TRP B 136 -14.79 -13.97 11.34
N LYS B 137 -15.01 -13.46 10.13
CA LYS B 137 -15.87 -12.30 9.92
C LYS B 137 -17.02 -12.59 8.97
N THR B 138 -16.76 -13.31 7.88
CA THR B 138 -17.77 -13.59 6.88
C THR B 138 -17.84 -15.09 6.68
N VAL B 139 -18.99 -15.68 7.03
CA VAL B 139 -19.18 -17.13 6.98
C VAL B 139 -20.27 -17.44 5.97
N THR B 140 -20.02 -18.40 5.10
CA THR B 140 -21.03 -18.90 4.18
C THR B 140 -21.51 -20.26 4.65
N VAL B 141 -22.78 -20.32 5.03
CA VAL B 141 -23.40 -21.57 5.45
C VAL B 141 -24.11 -22.17 4.25
N VAL B 142 -23.75 -23.40 3.90
CA VAL B 142 -24.38 -24.14 2.81
C VAL B 142 -25.17 -25.28 3.41
N TYR B 143 -26.48 -25.27 3.19
CA TYR B 143 -27.36 -26.28 3.76
C TYR B 143 -27.97 -27.12 2.65
N ASP B 144 -28.30 -28.36 2.99
CA ASP B 144 -28.82 -29.32 2.02
C ASP B 144 -30.35 -29.34 1.98
N ASP B 145 -30.97 -29.71 3.09
CA ASP B 145 -32.42 -29.76 3.18
C ASP B 145 -32.93 -28.55 3.94
N SER B 146 -34.20 -28.22 3.68
CA SER B 146 -34.82 -27.03 4.26
C SER B 146 -34.94 -27.12 5.78
N THR B 147 -35.11 -28.33 6.30
CA THR B 147 -35.17 -28.55 7.74
C THR B 147 -33.85 -28.23 8.43
N GLY B 148 -32.74 -28.20 7.69
CA GLY B 148 -31.49 -27.73 8.25
C GLY B 148 -31.51 -26.27 8.66
N LEU B 149 -32.38 -25.48 8.03
CA LEU B 149 -32.60 -24.12 8.50
C LEU B 149 -33.22 -24.10 9.90
N ILE B 150 -34.01 -25.12 10.23
CA ILE B 150 -34.40 -25.31 11.62
C ILE B 150 -33.20 -25.74 12.45
N ARG B 151 -32.34 -26.58 11.89
CA ARG B 151 -31.19 -27.12 12.61
C ARG B 151 -30.10 -26.08 12.86
N LEU B 152 -30.16 -24.92 12.22
CA LEU B 152 -29.13 -23.91 12.43
C LEU B 152 -29.75 -22.59 12.87
N GLN B 153 -30.67 -22.65 13.84
CA GLN B 153 -31.37 -21.46 14.29
C GLN B 153 -30.43 -20.51 15.04
N GLU B 154 -29.59 -21.05 15.91
CA GLU B 154 -28.68 -20.20 16.69
C GLU B 154 -27.59 -19.61 15.81
N LEU B 155 -27.13 -20.37 14.82
CA LEU B 155 -26.13 -19.87 13.89
C LEU B 155 -26.71 -18.79 12.99
N ILE B 156 -27.99 -18.90 12.63
CA ILE B 156 -28.63 -17.86 11.84
C ILE B 156 -28.87 -16.60 12.67
N LYS B 157 -29.29 -16.78 13.93
CA LYS B 157 -29.56 -15.63 14.78
C LYS B 157 -28.31 -14.99 15.36
N ALA B 158 -27.16 -15.64 15.26
CA ALA B 158 -25.92 -15.10 15.83
C ALA B 158 -25.39 -13.79 15.23
N PRO B 159 -25.64 -13.39 13.98
CA PRO B 159 -25.31 -12.01 13.57
C PRO B 159 -25.99 -10.88 14.35
N SER B 160 -27.10 -11.15 15.04
CA SER B 160 -27.72 -10.11 15.85
C SER B 160 -26.88 -9.76 17.07
N ARG B 161 -26.11 -10.70 17.60
CA ARG B 161 -25.35 -10.50 18.82
C ARG B 161 -23.84 -10.40 18.58
N TYR B 162 -23.41 -10.37 17.33
CA TYR B 162 -21.98 -10.26 17.02
C TYR B 162 -21.83 -9.39 15.79
N ASN B 163 -20.59 -9.31 15.31
CA ASN B 163 -20.27 -8.60 14.08
C ASN B 163 -20.15 -9.56 12.89
N LEU B 164 -20.57 -10.80 13.07
CA LEU B 164 -20.40 -11.81 12.03
C LEU B 164 -21.38 -11.60 10.89
N ARG B 165 -20.87 -11.60 9.66
CA ARG B 165 -21.72 -11.54 8.48
C ARG B 165 -21.92 -12.94 7.93
N LEU B 166 -23.11 -13.20 7.43
CA LEU B 166 -23.53 -14.55 7.11
C LEU B 166 -24.16 -14.59 5.73
N LYS B 167 -23.68 -15.47 4.86
CA LYS B 167 -24.27 -15.71 3.56
C LYS B 167 -24.74 -17.15 3.51
N ILE B 168 -26.01 -17.35 3.17
CA ILE B 168 -26.63 -18.67 3.24
C ILE B 168 -26.96 -19.14 1.83
N ARG B 169 -26.50 -20.34 1.48
CA ARG B 169 -26.74 -20.92 0.18
C ARG B 169 -27.25 -22.35 0.33
N GLN B 170 -28.05 -22.77 -0.63
CA GLN B 170 -28.70 -24.07 -0.63
C GLN B 170 -28.13 -24.94 -1.73
N LEU B 171 -27.85 -26.19 -1.39
CA LEU B 171 -27.48 -27.17 -2.40
C LEU B 171 -28.67 -27.47 -3.31
N PRO B 172 -28.43 -27.78 -4.58
CA PRO B 172 -29.52 -28.19 -5.45
C PRO B 172 -29.98 -29.61 -5.14
N ALA B 173 -31.06 -30.01 -5.80
CA ALA B 173 -31.62 -31.35 -5.61
C ALA B 173 -30.68 -32.41 -6.16
N ASP B 174 -30.03 -32.15 -7.29
CA ASP B 174 -29.04 -33.06 -7.83
C ASP B 174 -27.77 -33.03 -6.99
N THR B 175 -27.17 -34.21 -6.79
CA THR B 175 -25.99 -34.29 -5.94
C THR B 175 -24.76 -33.74 -6.64
N LYS B 176 -24.61 -34.01 -7.93
CA LYS B 176 -23.42 -33.64 -8.69
C LYS B 176 -23.53 -32.26 -9.30
N ASP B 177 -24.60 -31.51 -9.02
CA ASP B 177 -24.77 -30.17 -9.54
C ASP B 177 -24.21 -29.12 -8.59
N ALA B 178 -23.21 -29.47 -7.79
CA ALA B 178 -22.57 -28.52 -6.90
C ALA B 178 -21.54 -27.65 -7.61
N LYS B 179 -21.25 -27.94 -8.87
CA LYS B 179 -20.29 -27.12 -9.63
C LYS B 179 -20.72 -25.67 -9.85
N PRO B 180 -21.97 -25.33 -10.24
CA PRO B 180 -22.31 -23.90 -10.30
C PRO B 180 -22.37 -23.22 -8.94
N LEU B 181 -22.74 -23.95 -7.89
CA LEU B 181 -22.73 -23.39 -6.55
C LEU B 181 -21.30 -23.08 -6.09
N LEU B 182 -20.37 -23.98 -6.35
CA LEU B 182 -18.98 -23.73 -5.98
C LEU B 182 -18.36 -22.67 -6.86
N LYS B 183 -18.78 -22.57 -8.12
CA LYS B 183 -18.33 -21.51 -8.99
C LYS B 183 -18.80 -20.14 -8.50
N GLU B 184 -20.05 -20.07 -8.05
CA GLU B 184 -20.56 -18.83 -7.45
C GLU B 184 -19.88 -18.53 -6.13
N MET B 185 -19.48 -19.56 -5.39
CA MET B 185 -18.82 -19.34 -4.11
C MET B 185 -17.40 -18.81 -4.30
N LYS B 186 -16.65 -19.38 -5.24
CA LYS B 186 -15.31 -18.87 -5.49
C LYS B 186 -15.32 -17.58 -6.28
N ARG B 187 -16.40 -17.28 -7.00
CA ARG B 187 -16.49 -16.00 -7.67
C ARG B 187 -16.76 -14.88 -6.67
N GLY B 188 -17.49 -15.19 -5.60
CA GLY B 188 -17.73 -14.25 -4.53
C GLY B 188 -16.66 -14.17 -3.48
N LYS B 189 -15.59 -14.97 -3.62
CA LYS B 189 -14.41 -15.00 -2.76
C LYS B 189 -14.78 -15.31 -1.30
N GLU B 190 -15.43 -16.44 -1.12
CA GLU B 190 -15.81 -16.94 0.20
C GLU B 190 -14.91 -18.12 0.54
N PHE B 191 -14.23 -18.03 1.69
CA PHE B 191 -13.26 -19.03 2.07
C PHE B 191 -13.54 -19.65 3.44
N HIS B 192 -14.62 -19.27 4.09
CA HIS B 192 -14.98 -19.83 5.40
C HIS B 192 -16.40 -20.37 5.26
N VAL B 193 -16.51 -21.67 5.01
CA VAL B 193 -17.75 -22.31 4.60
C VAL B 193 -18.13 -23.35 5.64
N ILE B 194 -19.38 -23.30 6.10
CA ILE B 194 -19.94 -24.30 7.00
C ILE B 194 -20.90 -25.16 6.20
N PHE B 195 -20.59 -26.44 6.07
CA PHE B 195 -21.42 -27.37 5.34
C PHE B 195 -22.32 -28.13 6.30
N ASP B 196 -23.62 -28.12 6.03
CA ASP B 196 -24.58 -28.87 6.85
C ASP B 196 -25.31 -29.86 5.96
N CYS B 197 -24.82 -31.10 5.94
CA CYS B 197 -25.42 -32.18 5.18
C CYS B 197 -24.99 -33.50 5.80
N SER B 198 -25.34 -34.60 5.15
CA SER B 198 -24.89 -35.91 5.59
C SER B 198 -23.43 -36.13 5.19
N HIS B 199 -22.87 -37.23 5.68
CA HIS B 199 -21.47 -37.53 5.39
C HIS B 199 -21.26 -37.93 3.94
N GLU B 200 -22.25 -38.58 3.33
CA GLU B 200 -22.16 -38.95 1.92
C GLU B 200 -22.23 -37.72 1.03
N MET B 201 -23.13 -36.79 1.37
CA MET B 201 -23.18 -35.51 0.68
C MET B 201 -21.93 -34.69 0.92
N ALA B 202 -21.32 -34.83 2.10
CA ALA B 202 -20.05 -34.17 2.37
C ALA B 202 -18.93 -34.72 1.51
N ALA B 203 -18.91 -36.04 1.30
CA ALA B 203 -17.90 -36.65 0.43
C ALA B 203 -18.09 -36.23 -1.02
N GLY B 204 -19.34 -36.18 -1.49
CA GLY B 204 -19.59 -35.71 -2.84
C GLY B 204 -19.23 -34.25 -3.03
N ILE B 205 -19.51 -33.43 -2.02
CA ILE B 205 -19.14 -32.02 -2.04
C ILE B 205 -17.63 -31.84 -2.04
N LEU B 206 -16.91 -32.67 -1.28
CA LEU B 206 -15.46 -32.57 -1.26
C LEU B 206 -14.83 -33.01 -2.58
N LYS B 207 -15.42 -34.03 -3.23
CA LYS B 207 -14.96 -34.41 -4.56
C LYS B 207 -15.21 -33.31 -5.58
N GLN B 208 -16.38 -32.66 -5.51
CA GLN B 208 -16.66 -31.53 -6.38
C GLN B 208 -15.74 -30.34 -6.11
N ALA B 209 -15.38 -30.13 -4.84
CA ALA B 209 -14.53 -29.01 -4.49
C ALA B 209 -13.09 -29.25 -4.94
N LEU B 210 -12.64 -30.50 -4.87
CA LEU B 210 -11.33 -30.83 -5.41
C LEU B 210 -11.31 -30.71 -6.93
N ALA B 211 -12.42 -31.07 -7.58
CA ALA B 211 -12.49 -30.90 -9.03
C ALA B 211 -12.58 -29.43 -9.41
N MET B 212 -13.16 -28.59 -8.55
CA MET B 212 -13.31 -27.17 -8.85
C MET B 212 -12.13 -26.34 -8.35
N GLY B 213 -11.11 -26.97 -7.77
CA GLY B 213 -9.97 -26.22 -7.29
C GLY B 213 -10.22 -25.43 -6.03
N MET B 214 -11.25 -25.79 -5.27
CA MET B 214 -11.57 -25.07 -4.04
C MET B 214 -10.69 -25.49 -2.88
N MET B 215 -9.96 -26.60 -3.02
CA MET B 215 -9.28 -27.22 -1.87
C MET B 215 -7.81 -26.85 -1.90
N THR B 216 -7.49 -25.67 -1.39
CA THR B 216 -6.13 -25.21 -1.21
C THR B 216 -5.88 -24.97 0.27
N GLU B 217 -4.71 -24.43 0.58
CA GLU B 217 -4.42 -24.00 1.94
C GLU B 217 -5.09 -22.68 2.30
N TYR B 218 -5.68 -22.01 1.33
CA TYR B 218 -6.32 -20.72 1.55
C TYR B 218 -7.72 -20.84 2.13
N TYR B 219 -8.32 -22.02 2.10
CA TYR B 219 -9.73 -22.20 2.45
C TYR B 219 -9.87 -22.78 3.85
N HIS B 220 -11.12 -22.97 4.26
CA HIS B 220 -11.45 -23.56 5.55
C HIS B 220 -12.86 -24.11 5.49
N TYR B 221 -13.06 -25.29 6.07
CA TYR B 221 -14.37 -25.93 6.08
C TYR B 221 -14.72 -26.40 7.48
N ILE B 222 -15.98 -26.23 7.85
CA ILE B 222 -16.52 -26.76 9.10
C ILE B 222 -17.73 -27.60 8.76
N PHE B 223 -17.73 -28.85 9.22
CA PHE B 223 -18.81 -29.78 8.90
C PHE B 223 -19.67 -30.01 10.13
N THR B 224 -20.97 -29.80 9.99
CA THR B 224 -21.89 -29.97 11.12
C THR B 224 -22.19 -31.43 11.41
N THR B 225 -21.91 -32.33 10.47
CA THR B 225 -22.16 -33.74 10.71
C THR B 225 -21.16 -34.32 11.69
N LEU B 226 -21.55 -35.41 12.34
CA LEU B 226 -20.73 -36.04 13.36
C LEU B 226 -19.95 -37.22 12.84
N ASP B 227 -20.00 -37.49 11.53
CA ASP B 227 -19.30 -38.62 10.92
C ASP B 227 -18.17 -38.13 10.03
N LEU B 228 -17.47 -37.09 10.45
CA LEU B 228 -16.37 -36.56 9.67
C LEU B 228 -15.17 -37.51 9.69
N PHE B 229 -14.96 -38.20 10.80
CA PHE B 229 -13.85 -39.13 10.90
C PHE B 229 -14.05 -40.40 10.08
N ALA B 230 -15.26 -40.66 9.61
CA ALA B 230 -15.51 -41.77 8.70
C ALA B 230 -15.25 -41.43 7.25
N LEU B 231 -14.89 -40.19 6.95
CA LEU B 231 -14.59 -39.80 5.58
C LEU B 231 -13.21 -40.30 5.18
N ASP B 232 -12.94 -40.27 3.88
CA ASP B 232 -11.63 -40.58 3.34
C ASP B 232 -10.91 -39.27 3.06
N VAL B 233 -9.87 -38.99 3.83
CA VAL B 233 -9.10 -37.76 3.70
C VAL B 233 -7.75 -38.02 3.05
N GLU B 234 -7.55 -39.20 2.48
CA GLU B 234 -6.30 -39.50 1.80
C GLU B 234 -6.00 -38.63 0.57
N PRO B 235 -6.94 -38.29 -0.34
CA PRO B 235 -6.58 -37.31 -1.38
C PRO B 235 -6.62 -35.85 -0.95
N TYR B 236 -6.82 -35.55 0.34
CA TYR B 236 -6.82 -34.17 0.79
C TYR B 236 -5.83 -33.91 1.91
N ARG B 237 -4.93 -34.86 2.20
CA ARG B 237 -4.05 -34.71 3.35
C ARG B 237 -2.94 -33.70 3.10
N TYR B 238 -2.35 -33.72 1.91
CA TYR B 238 -1.20 -32.89 1.63
C TYR B 238 -1.57 -31.55 1.01
N SER B 239 -2.84 -31.30 0.75
CA SER B 239 -3.26 -30.06 0.12
C SER B 239 -3.36 -28.90 1.10
N GLY B 240 -3.26 -29.15 2.39
CA GLY B 240 -3.27 -28.08 3.37
C GLY B 240 -4.63 -27.50 3.69
N VAL B 241 -5.71 -28.21 3.38
CA VAL B 241 -7.05 -27.68 3.63
C VAL B 241 -7.37 -27.79 5.11
N ASN B 242 -7.81 -26.69 5.70
CA ASN B 242 -8.17 -26.63 7.10
C ASN B 242 -9.60 -27.14 7.24
N MET B 243 -9.77 -28.43 7.48
CA MET B 243 -11.09 -28.99 7.75
C MET B 243 -11.23 -29.25 9.24
N THR B 244 -12.40 -28.91 9.78
CA THR B 244 -12.67 -29.02 11.20
C THR B 244 -14.06 -29.61 11.39
N GLY B 245 -14.21 -30.47 12.39
CA GLY B 245 -15.51 -31.06 12.67
C GLY B 245 -15.64 -31.59 14.08
N PHE B 246 -16.77 -32.22 14.35
CA PHE B 246 -17.07 -32.73 15.69
C PHE B 246 -17.24 -34.24 15.63
N ARG B 247 -16.71 -34.92 16.64
CA ARG B 247 -16.86 -36.35 16.79
C ARG B 247 -17.47 -36.64 18.14
N ILE B 248 -18.48 -37.51 18.17
CA ILE B 248 -19.08 -37.93 19.42
C ILE B 248 -18.68 -39.34 19.80
N LEU B 249 -18.17 -40.15 18.86
CA LEU B 249 -17.76 -41.51 19.16
C LEU B 249 -16.44 -41.48 19.91
N ASN B 250 -16.48 -41.81 21.20
CA ASN B 250 -15.31 -41.72 22.07
C ASN B 250 -14.39 -42.90 21.77
N THR B 251 -13.62 -42.76 20.69
CA THR B 251 -12.75 -43.83 20.21
C THR B 251 -11.48 -44.00 21.04
N GLU B 252 -11.22 -43.09 21.99
CA GLU B 252 -10.04 -43.23 22.83
C GLU B 252 -10.17 -44.37 23.82
N ASN B 253 -11.40 -44.74 24.18
CA ASN B 253 -11.60 -45.82 25.12
C ASN B 253 -11.32 -47.17 24.46
N THR B 254 -10.81 -48.10 25.28
CA THR B 254 -10.55 -49.44 24.80
C THR B 254 -11.84 -50.19 24.50
N GLN B 255 -12.87 -49.97 25.32
CA GLN B 255 -14.14 -50.68 25.17
C GLN B 255 -14.85 -50.30 23.89
N VAL B 256 -14.83 -49.02 23.54
CA VAL B 256 -15.50 -48.53 22.34
C VAL B 256 -14.81 -49.06 21.09
N SER B 257 -13.48 -49.07 21.10
CA SER B 257 -12.73 -49.63 19.98
C SER B 257 -12.93 -51.13 19.86
N SER B 258 -13.07 -51.82 20.99
CA SER B 258 -13.32 -53.26 20.96
C SER B 258 -14.71 -53.58 20.41
N ILE B 259 -15.71 -52.79 20.79
CA ILE B 259 -17.06 -52.98 20.27
C ILE B 259 -17.11 -52.63 18.78
N ILE B 260 -16.34 -51.62 18.37
CA ILE B 260 -16.22 -51.25 16.96
C ILE B 260 -15.57 -52.38 16.16
N GLU B 261 -14.53 -53.00 16.72
CA GLU B 261 -13.87 -54.12 16.06
C GLU B 261 -14.77 -55.35 15.99
N LYS B 262 -15.62 -55.55 17.00
CA LYS B 262 -16.60 -56.63 16.94
C LYS B 262 -17.64 -56.36 15.87
N TRP B 263 -18.08 -55.10 15.75
CA TRP B 263 -19.08 -54.73 14.75
C TRP B 263 -18.51 -54.70 13.35
N SER B 264 -17.18 -54.59 13.22
CA SER B 264 -16.54 -54.50 11.92
C SER B 264 -16.66 -55.78 11.11
N MET B 265 -16.85 -56.93 11.75
CA MET B 265 -17.07 -58.18 11.01
C MET B 265 -18.39 -58.15 10.26
N GLU B 266 -19.46 -57.78 10.96
CA GLU B 266 -20.77 -57.68 10.33
C GLU B 266 -20.86 -56.50 9.39
N ARG B 267 -20.05 -55.46 9.62
CA ARG B 267 -19.93 -54.38 8.65
C ARG B 267 -19.23 -54.84 7.39
N LEU B 268 -18.19 -55.66 7.53
CA LEU B 268 -17.47 -56.21 6.39
C LEU B 268 -18.28 -57.27 5.64
N GLN B 269 -19.30 -57.84 6.29
CA GLN B 269 -20.26 -58.66 5.56
C GLN B 269 -21.02 -57.83 4.53
N ALA B 270 -21.37 -56.60 4.88
CA ALA B 270 -21.97 -55.70 3.91
C ALA B 270 -20.91 -55.19 2.93
N PRO B 271 -21.24 -55.06 1.64
CA PRO B 271 -20.23 -54.59 0.67
C PRO B 271 -20.08 -53.08 0.72
N PRO B 272 -18.88 -52.57 0.45
CA PRO B 272 -18.68 -51.10 0.40
C PRO B 272 -18.92 -50.52 -0.98
N LYS B 273 -18.71 -49.22 -1.12
CA LYS B 273 -18.80 -48.55 -2.40
C LYS B 273 -17.47 -47.92 -2.78
N PRO B 274 -17.03 -48.06 -4.04
CA PRO B 274 -15.69 -47.58 -4.41
C PRO B 274 -15.60 -46.09 -4.65
N ASP B 275 -16.66 -45.49 -5.21
CA ASP B 275 -16.66 -44.08 -5.56
C ASP B 275 -17.26 -43.19 -4.49
N SER B 276 -17.73 -43.77 -3.39
CA SER B 276 -18.36 -42.98 -2.33
C SER B 276 -17.34 -42.20 -1.51
N GLY B 277 -16.08 -42.63 -1.49
CA GLY B 277 -15.09 -41.98 -0.66
C GLY B 277 -15.31 -42.12 0.82
N LEU B 278 -15.83 -43.26 1.27
CA LEU B 278 -16.09 -43.53 2.67
C LEU B 278 -15.30 -44.76 3.08
N LEU B 279 -14.64 -44.68 4.24
CA LEU B 279 -13.89 -45.82 4.74
C LEU B 279 -14.85 -46.87 5.30
N ASP B 280 -14.71 -48.10 4.82
CA ASP B 280 -15.54 -49.18 5.32
C ASP B 280 -15.02 -49.63 6.68
N GLY B 281 -15.85 -50.42 7.37
CA GLY B 281 -15.48 -50.87 8.70
C GLY B 281 -15.59 -49.82 9.76
N PHE B 282 -16.37 -48.78 9.53
CA PHE B 282 -16.56 -47.71 10.50
C PHE B 282 -18.01 -47.69 10.98
N MET B 283 -18.19 -47.44 12.26
CA MET B 283 -19.53 -47.33 12.82
C MET B 283 -20.11 -45.97 12.47
N THR B 284 -21.24 -45.98 11.78
CA THR B 284 -22.04 -44.77 11.65
C THR B 284 -22.59 -44.40 13.02
N THR B 285 -22.64 -43.08 13.29
CA THR B 285 -23.10 -42.59 14.59
C THR B 285 -24.56 -42.91 14.86
N ASP B 286 -25.36 -43.13 13.82
CA ASP B 286 -26.73 -43.60 14.01
C ASP B 286 -26.76 -44.99 14.62
N ALA B 287 -25.85 -45.87 14.17
CA ALA B 287 -25.77 -47.22 14.71
C ALA B 287 -25.29 -47.21 16.16
N ALA B 288 -24.31 -46.37 16.46
CA ALA B 288 -23.84 -46.22 17.83
C ALA B 288 -24.90 -45.61 18.73
N LEU B 289 -25.74 -44.72 18.18
CA LEU B 289 -26.82 -44.14 18.96
C LEU B 289 -27.91 -45.16 19.25
N MET B 290 -28.18 -46.07 18.30
CA MET B 290 -29.13 -47.15 18.55
C MET B 290 -28.58 -48.12 19.60
N TYR B 291 -27.29 -48.40 19.54
CA TYR B 291 -26.60 -49.22 20.53
C TYR B 291 -26.72 -48.62 21.92
N ASP B 292 -26.43 -47.32 22.05
CA ASP B 292 -26.53 -46.65 23.34
C ASP B 292 -27.98 -46.50 23.79
N ALA B 293 -28.92 -46.44 22.85
CA ALA B 293 -30.33 -46.33 23.19
C ALA B 293 -30.84 -47.62 23.82
N VAL B 294 -30.49 -48.76 23.24
CA VAL B 294 -30.96 -49.99 23.84
C VAL B 294 -30.18 -50.30 25.13
N HIS B 295 -28.94 -49.79 25.28
CA HIS B 295 -28.27 -49.96 26.56
C HIS B 295 -28.84 -49.06 27.65
N VAL B 296 -29.28 -47.84 27.30
CA VAL B 296 -29.84 -47.00 28.34
C VAL B 296 -31.26 -47.47 28.69
N VAL B 297 -31.96 -48.08 27.73
CA VAL B 297 -33.23 -48.74 28.04
C VAL B 297 -33.00 -49.95 28.94
N SER B 298 -31.90 -50.68 28.70
CA SER B 298 -31.55 -51.83 29.54
C SER B 298 -31.22 -51.43 30.96
N VAL B 299 -30.45 -50.36 31.14
CA VAL B 299 -30.12 -49.94 32.51
C VAL B 299 -31.32 -49.27 33.17
N ALA B 300 -32.27 -48.76 32.38
CA ALA B 300 -33.52 -48.28 32.96
C ALA B 300 -34.38 -49.44 33.45
N VAL B 301 -34.52 -50.50 32.65
CA VAL B 301 -35.36 -51.62 33.04
C VAL B 301 -34.66 -52.58 33.99
N GLN B 302 -33.38 -52.35 34.28
CA GLN B 302 -32.74 -53.03 35.39
C GLN B 302 -33.42 -52.69 36.71
N GLN B 303 -33.84 -51.43 36.88
CA GLN B 303 -34.44 -50.99 38.13
C GLN B 303 -35.86 -51.49 38.31
N PHE B 304 -36.53 -51.91 37.24
CA PHE B 304 -37.91 -52.35 37.34
C PHE B 304 -37.96 -53.86 37.50
N PRO B 305 -38.52 -54.38 38.59
CA PRO B 305 -38.70 -55.84 38.73
C PRO B 305 -40.06 -56.37 38.30
N GLN B 306 -41.00 -55.51 37.91
CA GLN B 306 -42.38 -55.88 37.64
C GLN B 306 -42.71 -55.68 36.17
N MET B 307 -41.78 -56.10 35.30
CA MET B 307 -41.89 -55.87 33.86
C MET B 307 -42.91 -56.82 33.27
N THR B 308 -44.17 -56.42 33.35
CA THR B 308 -45.27 -57.20 32.79
C THR B 308 -45.71 -56.54 31.49
N VAL B 309 -45.34 -57.16 30.37
CA VAL B 309 -45.74 -56.65 29.06
C VAL B 309 -47.18 -57.05 28.80
N SER B 310 -48.02 -56.06 28.47
CA SER B 310 -49.43 -56.29 28.22
C SER B 310 -49.76 -55.93 26.78
N SER B 311 -50.58 -56.75 26.14
CA SER B 311 -51.05 -56.43 24.80
C SER B 311 -52.06 -55.30 24.85
N LEU B 312 -51.94 -54.37 23.92
CA LEU B 312 -52.79 -53.20 23.88
C LEU B 312 -53.41 -53.08 22.49
N GLN B 313 -54.61 -52.49 22.44
CA GLN B 313 -55.36 -52.36 21.21
C GLN B 313 -55.40 -50.90 20.78
N CYS B 314 -55.28 -50.68 19.48
CA CYS B 314 -55.30 -49.32 18.94
C CYS B 314 -56.71 -48.76 18.82
N ASN B 315 -57.74 -49.58 18.95
CA ASN B 315 -59.12 -49.11 18.89
C ASN B 315 -59.59 -48.49 20.19
N ARG B 316 -58.82 -48.60 21.26
CA ARG B 316 -59.14 -47.96 22.53
C ARG B 316 -57.91 -47.23 23.04
N HIS B 317 -58.16 -46.13 23.76
CA HIS B 317 -57.09 -45.31 24.31
C HIS B 317 -56.79 -45.67 25.76
N LYS B 318 -56.91 -46.94 26.11
CA LYS B 318 -56.60 -47.37 27.47
C LYS B 318 -55.10 -47.33 27.68
N PRO B 319 -54.60 -46.53 28.61
CA PRO B 319 -53.15 -46.38 28.77
C PRO B 319 -52.53 -47.58 29.45
N TRP B 320 -51.23 -47.72 29.25
CA TRP B 320 -50.49 -48.84 29.81
C TRP B 320 -50.26 -48.63 31.29
N ARG B 321 -50.27 -49.73 32.05
CA ARG B 321 -50.37 -49.66 33.49
C ARG B 321 -49.06 -49.26 34.18
N PHE B 322 -47.93 -49.33 33.48
CA PHE B 322 -46.64 -49.12 34.12
C PHE B 322 -45.81 -47.98 33.53
N GLY B 323 -46.31 -47.29 32.51
CA GLY B 323 -45.48 -46.44 31.67
C GLY B 323 -44.89 -45.22 32.33
N THR B 324 -45.55 -44.71 33.38
CA THR B 324 -45.04 -43.53 34.07
C THR B 324 -43.75 -43.82 34.82
N ARG B 325 -43.70 -44.98 35.49
CA ARG B 325 -42.50 -45.37 36.23
C ARG B 325 -41.34 -45.67 35.27
N PHE B 326 -41.64 -46.29 34.12
CA PHE B 326 -40.65 -46.42 33.05
C PHE B 326 -40.11 -45.07 32.60
N MET B 327 -41.00 -44.14 32.23
CA MET B 327 -40.57 -42.87 31.66
C MET B 327 -39.77 -42.03 32.65
N SER B 328 -40.09 -42.16 33.94
CA SER B 328 -39.24 -41.63 34.99
C SER B 328 -37.87 -42.33 35.00
N LEU B 329 -37.85 -43.65 34.79
CA LEU B 329 -36.58 -44.37 34.89
C LEU B 329 -35.66 -44.09 33.71
N ILE B 330 -36.21 -44.01 32.49
CA ILE B 330 -35.42 -43.56 31.34
C ILE B 330 -34.97 -42.12 31.51
N LYS B 331 -35.88 -41.22 31.94
CA LYS B 331 -35.47 -39.82 32.07
C LYS B 331 -34.56 -39.55 33.26
N GLU B 332 -34.38 -40.52 34.17
CA GLU B 332 -33.46 -40.39 35.29
C GLU B 332 -32.36 -41.44 35.19
N ALA B 333 -31.80 -41.64 34.01
CA ALA B 333 -30.77 -42.65 33.78
C ALA B 333 -29.44 -41.99 33.49
N HIS B 334 -28.37 -42.61 33.98
CA HIS B 334 -27.00 -42.12 33.80
C HIS B 334 -26.15 -43.29 33.33
N TRP B 335 -26.05 -43.44 32.02
CA TRP B 335 -25.30 -44.54 31.40
C TRP B 335 -24.25 -43.97 30.47
N GLU B 336 -23.07 -44.57 30.48
CA GLU B 336 -22.01 -44.23 29.54
C GLU B 336 -21.92 -45.32 28.50
N GLY B 337 -22.01 -44.94 27.23
CA GLY B 337 -21.94 -45.90 26.15
C GLY B 337 -20.88 -45.53 25.13
N LEU B 338 -21.17 -45.79 23.85
CA LEU B 338 -20.22 -45.46 22.79
C LEU B 338 -20.14 -43.97 22.56
N THR B 339 -21.22 -43.24 22.81
CA THR B 339 -21.27 -41.80 22.58
C THR B 339 -21.02 -41.02 23.86
N GLY B 340 -20.14 -41.52 24.72
CA GLY B 340 -19.88 -40.85 25.97
C GLY B 340 -21.00 -41.07 26.98
N ARG B 341 -21.15 -40.13 27.90
CA ARG B 341 -22.19 -40.21 28.91
C ARG B 341 -23.51 -39.75 28.32
N ILE B 342 -24.56 -40.53 28.55
CA ILE B 342 -25.90 -40.19 28.10
C ILE B 342 -26.67 -39.63 29.29
N THR B 343 -27.11 -38.38 29.18
CA THR B 343 -27.84 -37.72 30.25
C THR B 343 -29.01 -36.98 29.62
N PHE B 344 -30.22 -37.50 29.83
CA PHE B 344 -31.39 -36.84 29.30
C PHE B 344 -31.72 -35.60 30.10
N ASN B 345 -32.11 -34.54 29.38
CA ASN B 345 -32.54 -33.33 30.04
C ASN B 345 -33.93 -33.52 30.64
N LYS B 346 -34.23 -32.72 31.67
CA LYS B 346 -35.60 -32.61 32.14
C LYS B 346 -36.38 -31.70 31.21
N THR B 347 -37.71 -31.76 31.34
CA THR B 347 -38.78 -30.93 30.75
C THR B 347 -38.97 -31.26 29.26
N ASN B 348 -38.05 -32.01 28.67
CA ASN B 348 -38.16 -32.54 27.32
C ASN B 348 -37.23 -33.75 27.20
N GLY B 349 -37.65 -34.70 26.37
CA GLY B 349 -36.90 -35.93 26.28
C GLY B 349 -35.61 -35.85 25.49
N LEU B 350 -35.34 -34.72 24.85
CA LEU B 350 -34.17 -34.57 24.02
C LEU B 350 -32.93 -34.38 24.88
N ARG B 351 -31.78 -34.61 24.26
CA ARG B 351 -30.49 -34.68 24.93
C ARG B 351 -29.72 -33.38 24.70
N THR B 352 -29.26 -32.77 25.78
CA THR B 352 -28.56 -31.49 25.69
C THR B 352 -27.13 -31.52 26.21
N ASP B 353 -26.80 -32.39 27.15
CA ASP B 353 -25.47 -32.42 27.73
C ASP B 353 -24.71 -33.62 27.19
N PHE B 354 -23.53 -33.36 26.63
CA PHE B 354 -22.68 -34.39 26.05
C PHE B 354 -21.26 -33.87 26.00
N ASP B 355 -20.37 -34.66 25.43
CA ASP B 355 -18.97 -34.28 25.25
C ASP B 355 -18.60 -34.49 23.80
N LEU B 356 -17.97 -33.49 23.19
CA LEU B 356 -17.59 -33.57 21.79
C LEU B 356 -16.08 -33.43 21.66
N ASP B 357 -15.53 -34.13 20.68
CA ASP B 357 -14.12 -33.99 20.32
C ASP B 357 -14.04 -33.16 19.06
N VAL B 358 -13.43 -31.97 19.18
CA VAL B 358 -13.19 -31.12 18.02
C VAL B 358 -11.98 -31.69 17.29
N ILE B 359 -12.22 -32.24 16.11
CA ILE B 359 -11.17 -32.83 15.30
C ILE B 359 -10.89 -31.93 14.12
N SER B 360 -9.68 -32.07 13.57
CA SER B 360 -9.30 -31.28 12.41
C SER B 360 -8.35 -32.08 11.56
N LEU B 361 -8.19 -31.64 10.32
CA LEU B 361 -7.37 -32.35 9.35
C LEU B 361 -5.95 -31.81 9.39
N LYS B 362 -5.05 -32.59 9.96
CA LYS B 362 -3.62 -32.28 9.89
C LYS B 362 -3.03 -32.95 8.66
N GLU B 363 -1.71 -32.79 8.49
CA GLU B 363 -1.05 -33.45 7.37
C GLU B 363 -0.93 -34.95 7.59
N GLU B 364 -0.89 -35.38 8.86
CA GLU B 364 -0.89 -36.80 9.16
C GLU B 364 -2.25 -37.41 8.89
N GLY B 365 -3.32 -36.68 9.16
CA GLY B 365 -4.67 -37.19 9.02
C GLY B 365 -5.62 -36.39 9.88
N LEU B 366 -6.72 -37.04 10.24
CA LEU B 366 -7.71 -36.41 11.12
C LEU B 366 -7.27 -36.59 12.56
N GLU B 367 -7.13 -35.48 13.28
CA GLU B 367 -6.56 -35.48 14.61
C GLU B 367 -7.43 -34.66 15.55
N LYS B 368 -7.64 -35.19 16.76
CA LYS B 368 -8.42 -34.48 17.77
C LYS B 368 -7.59 -33.36 18.35
N ILE B 369 -8.14 -32.14 18.37
CA ILE B 369 -7.39 -31.01 18.90
C ILE B 369 -8.13 -30.36 20.08
N GLY B 370 -9.45 -30.51 20.14
CA GLY B 370 -10.21 -29.80 21.16
C GLY B 370 -11.26 -30.68 21.80
N THR B 371 -11.83 -30.16 22.89
CA THR B 371 -12.91 -30.83 23.60
C THR B 371 -13.97 -29.80 23.94
N TRP B 372 -15.22 -30.10 23.60
CA TRP B 372 -16.31 -29.17 23.85
C TRP B 372 -17.34 -29.77 24.79
N ASP B 373 -17.84 -28.93 25.68
CA ASP B 373 -18.84 -29.24 26.69
C ASP B 373 -19.80 -28.07 26.76
N PRO B 374 -21.09 -28.32 27.02
CA PRO B 374 -22.03 -27.20 27.19
C PRO B 374 -21.73 -26.29 28.35
N ALA B 375 -21.18 -26.80 29.44
CA ALA B 375 -20.87 -25.95 30.58
C ALA B 375 -19.43 -25.42 30.52
N SER B 376 -18.48 -26.29 30.20
CA SER B 376 -17.08 -25.89 30.15
C SER B 376 -16.76 -25.07 28.91
N GLY B 377 -17.59 -25.12 27.89
CA GLY B 377 -17.29 -24.40 26.67
C GLY B 377 -16.30 -25.17 25.82
N LEU B 378 -15.27 -24.47 25.35
CA LEU B 378 -14.30 -25.03 24.42
C LEU B 378 -12.94 -25.09 25.10
N ASN B 379 -12.33 -26.28 25.13
CA ASN B 379 -11.04 -26.43 25.77
C ASN B 379 -9.90 -25.99 24.86
N MET B 380 -9.75 -26.69 23.71
CA MET B 380 -8.79 -26.37 22.65
C MET B 380 -7.35 -26.40 23.17
N THR B 381 -6.89 -27.63 23.43
CA THR B 381 -5.65 -27.91 24.15
C THR B 381 -4.41 -27.27 23.52
N GLU B 382 -4.36 -27.15 22.19
CA GLU B 382 -3.21 -26.54 21.55
C GLU B 382 -3.17 -25.04 21.73
N SER B 383 -4.29 -24.40 22.07
CA SER B 383 -4.29 -23.03 22.53
C SER B 383 -4.04 -22.92 24.02
N GLN B 384 -4.12 -24.04 24.74
CA GLN B 384 -3.86 -24.07 26.18
C GLN B 384 -2.43 -24.42 26.52
N LYS B 385 -1.58 -24.67 25.51
CA LYS B 385 -0.18 -25.04 25.77
C LYS B 385 0.61 -23.86 26.31
N GLY B 386 0.29 -22.63 25.91
CA GLY B 386 0.92 -21.48 26.50
C GLY B 386 0.41 -21.23 27.91
N LYS B 387 1.23 -21.55 28.91
CA LYS B 387 0.86 -21.44 30.33
C LYS B 387 1.88 -20.57 31.04
N PRO B 388 1.75 -19.25 30.94
CA PRO B 388 2.69 -18.36 31.65
C PRO B 388 2.31 -18.25 33.12
N ALA B 389 3.08 -18.93 33.97
CA ALA B 389 2.78 -18.99 35.40
C ALA B 389 4.06 -18.88 36.20
N ASN B 390 4.04 -18.02 37.23
CA ASN B 390 5.16 -17.90 38.17
C ASN B 390 4.57 -17.40 39.48
N ILE B 391 4.52 -18.30 40.47
CA ILE B 391 3.91 -17.97 41.75
C ILE B 391 4.77 -16.98 42.54
N THR B 392 6.09 -17.07 42.41
CA THR B 392 6.99 -16.14 43.07
C THR B 392 7.14 -14.88 42.24
N ASP B 393 7.36 -13.76 42.93
CA ASP B 393 7.60 -12.47 42.27
C ASP B 393 9.04 -12.45 41.80
N SER B 394 9.25 -12.86 40.55
CA SER B 394 10.58 -12.95 39.98
C SER B 394 11.09 -11.56 39.57
N LEU B 395 12.39 -11.51 39.26
CA LEU B 395 13.12 -10.35 38.72
C LEU B 395 13.14 -9.15 39.69
N SER B 396 12.88 -9.38 40.97
CA SER B 396 12.74 -8.29 41.94
C SER B 396 13.19 -8.80 43.30
N ASN B 397 12.82 -8.07 44.36
CA ASN B 397 13.19 -8.43 45.73
C ASN B 397 12.06 -8.02 46.66
N ARG B 398 12.04 -8.64 47.84
CA ARG B 398 11.06 -8.28 48.87
C ARG B 398 11.37 -6.90 49.44
N SER B 399 12.63 -6.64 49.75
CA SER B 399 13.05 -5.29 50.13
C SER B 399 13.12 -4.43 48.87
N LEU B 400 12.32 -3.37 48.83
CA LEU B 400 12.18 -2.54 47.64
C LEU B 400 13.43 -1.69 47.48
N ILE B 401 14.32 -2.11 46.57
CA ILE B 401 15.60 -1.44 46.42
C ILE B 401 15.43 -0.19 45.57
N VAL B 402 16.30 0.79 45.81
CA VAL B 402 16.28 2.07 45.11
C VAL B 402 17.58 2.22 44.33
N THR B 403 17.47 2.39 43.02
CA THR B 403 18.62 2.55 42.14
C THR B 403 18.51 3.91 41.47
N THR B 404 19.32 4.87 41.92
CA THR B 404 19.18 6.26 41.54
C THR B 404 20.42 6.73 40.77
N ILE B 405 20.18 7.36 39.62
CA ILE B 405 21.23 7.99 38.83
C ILE B 405 21.66 9.28 39.53
N LEU B 406 22.90 9.72 39.27
CA LEU B 406 23.32 11.06 39.67
C LEU B 406 22.44 12.10 39.00
N GLU B 407 21.49 12.61 39.78
CA GLU B 407 20.38 13.42 39.32
C GLU B 407 20.77 14.87 39.14
N GLU B 408 19.76 15.74 39.10
CA GLU B 408 19.96 17.19 39.19
C GLU B 408 20.75 17.52 40.45
N PRO B 409 21.67 18.51 40.38
CA PRO B 409 22.74 18.59 41.40
C PRO B 409 22.35 19.09 42.78
N TYR B 410 21.05 19.16 43.08
CA TYR B 410 20.58 19.16 44.45
C TYR B 410 20.11 17.79 44.92
N VAL B 411 20.15 16.79 44.04
CA VAL B 411 19.99 15.39 44.42
C VAL B 411 21.29 14.69 44.06
N LEU B 412 22.22 14.63 45.01
CA LEU B 412 23.56 14.15 44.74
C LEU B 412 24.07 13.44 45.99
N PHE B 413 25.33 12.99 45.93
CA PHE B 413 26.00 12.42 47.09
C PHE B 413 26.17 13.46 48.18
N LYS B 414 25.94 13.06 49.42
CA LYS B 414 26.22 13.92 50.56
C LYS B 414 27.73 14.01 50.73
N LYS B 415 28.31 15.15 50.34
CA LYS B 415 29.75 15.32 50.28
C LYS B 415 30.29 15.49 51.70
N SER B 416 30.87 14.41 52.23
CA SER B 416 31.45 14.44 53.56
C SER B 416 32.54 13.39 53.64
N ASP B 417 33.43 13.55 54.63
CA ASP B 417 34.47 12.56 54.86
C ASP B 417 33.92 11.30 55.53
N LYS B 418 32.79 11.41 56.21
CA LYS B 418 32.17 10.25 56.86
C LYS B 418 31.51 9.37 55.80
N PRO B 419 31.86 8.08 55.72
CA PRO B 419 31.26 7.20 54.69
C PRO B 419 29.84 6.77 55.01
N LEU B 420 28.91 7.72 54.87
CA LEU B 420 27.50 7.47 55.13
C LEU B 420 26.85 7.03 53.83
N TYR B 421 26.64 5.73 53.68
CA TYR B 421 26.10 5.14 52.46
C TYR B 421 24.83 4.36 52.79
N GLY B 422 24.22 3.81 51.75
CA GLY B 422 22.98 3.05 51.91
C GLY B 422 21.77 3.96 51.78
N ASN B 423 21.00 4.08 52.87
CA ASN B 423 19.82 4.92 52.87
C ASN B 423 20.17 6.41 52.95
N ASP B 424 21.37 6.74 53.39
CA ASP B 424 21.86 8.11 53.40
C ASP B 424 23.03 8.30 52.46
N ARG B 425 23.08 7.50 51.39
CA ARG B 425 24.14 7.62 50.40
C ARG B 425 24.02 8.89 49.59
N PHE B 426 22.79 9.31 49.31
CA PHE B 426 22.53 10.49 48.49
C PHE B 426 21.81 11.55 49.32
N GLU B 427 21.90 12.78 48.86
CA GLU B 427 21.30 13.94 49.55
C GLU B 427 20.45 14.70 48.54
N GLY B 428 19.13 14.60 48.69
CA GLY B 428 18.22 15.23 47.75
C GLY B 428 16.82 15.24 48.31
N TYR B 429 15.92 15.86 47.54
CA TYR B 429 14.50 15.80 47.89
C TYR B 429 13.89 14.46 47.55
N CYS B 430 14.55 13.66 46.70
CA CYS B 430 14.13 12.28 46.49
C CYS B 430 14.38 11.42 47.73
N ILE B 431 15.37 11.79 48.53
CA ILE B 431 15.57 11.12 49.81
C ILE B 431 14.44 11.46 50.78
N ASP B 432 13.94 12.69 50.73
CA ASP B 432 12.76 13.07 51.50
C ASP B 432 11.52 12.36 50.98
N LEU B 433 11.45 12.14 49.66
CA LEU B 433 10.37 11.35 49.07
C LEU B 433 10.42 9.91 49.54
N LEU B 434 11.63 9.35 49.66
CA LEU B 434 11.77 7.99 50.18
C LEU B 434 11.47 7.93 51.67
N ARG B 435 11.72 9.02 52.40
CA ARG B 435 11.26 9.11 53.79
C ARG B 435 9.73 9.11 53.87
N GLU B 436 9.08 9.80 52.94
CA GLU B 436 7.63 9.77 52.86
C GLU B 436 7.11 8.39 52.46
N LEU B 437 7.85 7.68 51.61
CA LEU B 437 7.54 6.29 51.30
C LEU B 437 7.71 5.38 52.51
N SER B 438 8.70 5.68 53.36
CA SER B 438 8.86 4.93 54.60
C SER B 438 7.71 5.20 55.56
N THR B 439 7.20 6.43 55.59
CA THR B 439 6.02 6.71 56.40
C THR B 439 4.76 6.08 55.80
N ILE B 440 4.76 5.86 54.49
CA ILE B 440 3.64 5.17 53.84
C ILE B 440 3.65 3.69 54.22
N LEU B 441 4.80 3.03 54.10
CA LEU B 441 4.85 1.58 54.22
C LEU B 441 5.73 1.11 55.37
N GLY B 442 6.96 1.61 55.48
CA GLY B 442 7.91 1.09 56.44
C GLY B 442 8.93 0.12 55.86
N PHE B 443 9.07 0.05 54.55
CA PHE B 443 9.98 -0.88 53.91
C PHE B 443 11.43 -0.43 54.10
N THR B 444 12.34 -1.37 53.85
CA THR B 444 13.77 -1.11 53.86
C THR B 444 14.26 -0.93 52.42
N TYR B 445 15.29 -0.09 52.28
CA TYR B 445 15.80 0.25 50.95
C TYR B 445 17.28 0.58 51.04
N GLU B 446 18.02 0.17 50.03
CA GLU B 446 19.42 0.55 49.87
C GLU B 446 19.54 1.36 48.58
N ILE B 447 19.79 2.65 48.73
CA ILE B 447 19.94 3.52 47.57
C ILE B 447 21.33 3.31 46.97
N ARG B 448 21.37 2.99 45.68
CA ARG B 448 22.61 2.62 45.03
C ARG B 448 22.70 3.28 43.66
N LEU B 449 23.93 3.52 43.22
CA LEU B 449 24.17 4.00 41.87
C LEU B 449 23.89 2.90 40.84
N VAL B 450 23.48 3.32 39.67
CA VAL B 450 23.23 2.40 38.57
C VAL B 450 24.55 2.13 37.85
N GLU B 451 24.65 0.96 37.24
CA GLU B 451 25.89 0.54 36.60
C GLU B 451 26.06 1.12 35.21
N ASP B 452 25.02 1.72 34.62
CA ASP B 452 25.12 2.25 33.27
C ASP B 452 25.27 3.77 33.24
N GLY B 453 24.80 4.47 34.27
CA GLY B 453 24.87 5.91 34.30
C GLY B 453 23.94 6.62 33.34
N LYS B 454 22.88 5.95 32.89
CA LYS B 454 22.03 6.47 31.83
C LYS B 454 20.56 6.28 32.16
N TYR B 455 19.75 7.28 31.79
CA TYR B 455 18.31 7.08 31.58
C TYR B 455 18.13 6.57 30.15
N GLY B 456 18.48 5.30 29.97
CA GLY B 456 18.78 4.80 28.63
C GLY B 456 17.54 4.56 27.79
N ALA B 457 17.63 4.98 26.54
CA ALA B 457 16.64 4.66 25.53
C ALA B 457 17.05 3.37 24.83
N GLN B 458 16.41 3.06 23.71
CA GLN B 458 16.81 1.90 22.94
C GLN B 458 17.77 2.29 21.83
N ASP B 459 18.42 1.28 21.28
CA ASP B 459 19.18 1.41 20.05
C ASP B 459 18.36 0.79 18.93
N ASP B 460 18.04 1.60 17.91
CA ASP B 460 17.17 1.15 16.83
C ASP B 460 17.85 0.16 15.90
N VAL B 461 19.19 0.10 15.93
CA VAL B 461 19.90 -0.94 15.18
C VAL B 461 19.84 -2.29 15.90
N ASN B 462 19.46 -2.31 17.17
CA ASN B 462 19.36 -3.55 17.94
C ASN B 462 17.96 -3.82 18.45
N GLY B 463 17.26 -2.79 18.94
CA GLY B 463 15.92 -2.94 19.46
C GLY B 463 15.84 -3.11 20.96
N GLN B 464 16.94 -3.46 21.62
CA GLN B 464 16.92 -3.61 23.07
C GLN B 464 16.93 -2.26 23.75
N TRP B 465 16.19 -2.16 24.85
CA TRP B 465 16.11 -0.93 25.63
C TRP B 465 17.13 -1.00 26.76
N ASN B 466 17.95 0.04 26.87
CA ASN B 466 19.12 0.04 27.74
C ASN B 466 18.94 0.98 28.91
N GLY B 467 19.99 1.09 29.73
CA GLY B 467 19.99 2.05 30.82
C GLY B 467 19.13 1.59 31.98
N MET B 468 18.32 2.52 32.49
CA MET B 468 17.43 2.21 33.60
C MET B 468 16.31 1.27 33.18
N VAL B 469 15.93 1.28 31.90
CA VAL B 469 14.93 0.34 31.42
C VAL B 469 15.48 -1.08 31.42
N ARG B 470 16.75 -1.23 31.04
CA ARG B 470 17.42 -2.53 31.16
C ARG B 470 17.72 -2.90 32.60
N GLU B 471 17.82 -1.90 33.49
CA GLU B 471 18.06 -2.19 34.90
C GLU B 471 16.85 -2.86 35.55
N LEU B 472 15.65 -2.64 35.02
CA LEU B 472 14.45 -3.29 35.53
C LEU B 472 14.21 -4.65 34.91
N ILE B 473 15.09 -5.12 34.03
CA ILE B 473 14.97 -6.42 33.40
C ILE B 473 16.20 -7.29 33.63
N ASP B 474 17.29 -6.73 34.15
CA ASP B 474 18.56 -7.45 34.33
C ASP B 474 18.72 -7.99 35.75
N HIS B 475 17.62 -8.49 36.33
CA HIS B 475 17.58 -9.18 37.63
C HIS B 475 18.00 -8.25 38.78
N LYS B 476 17.50 -7.02 38.75
CA LYS B 476 17.72 -6.08 39.85
C LYS B 476 16.42 -5.75 40.57
N ALA B 477 15.42 -5.25 39.85
CA ALA B 477 14.12 -4.92 40.44
C ALA B 477 13.10 -4.88 39.32
N ASP B 478 12.17 -5.85 39.31
CA ASP B 478 11.06 -5.82 38.36
C ASP B 478 10.11 -4.66 38.63
N LEU B 479 10.08 -4.19 39.88
CA LEU B 479 9.44 -2.94 40.22
C LEU B 479 10.15 -1.78 39.53
N ALA B 480 9.36 -0.83 39.04
CA ALA B 480 9.95 0.36 38.43
C ALA B 480 10.57 1.25 39.51
N VAL B 481 11.67 1.91 39.15
CA VAL B 481 12.41 2.72 40.10
C VAL B 481 12.43 4.17 39.64
N ALA B 482 13.04 4.41 38.46
CA ALA B 482 13.27 5.73 37.87
C ALA B 482 12.14 6.12 36.93
N PRO B 483 11.79 7.42 36.87
CA PRO B 483 10.70 7.84 35.97
C PRO B 483 11.13 7.95 34.52
N LEU B 484 12.41 8.29 34.29
CA LEU B 484 12.97 8.68 32.98
C LEU B 484 12.16 9.82 32.36
N ALA B 485 11.78 10.78 33.21
CA ALA B 485 10.83 11.89 32.93
C ALA B 485 9.53 11.27 32.42
N ILE B 486 8.99 11.72 31.29
CA ILE B 486 7.84 11.10 30.66
C ILE B 486 8.21 10.73 29.23
N THR B 487 8.13 9.44 28.92
CA THR B 487 8.30 8.94 27.57
C THR B 487 7.28 7.82 27.39
N TYR B 488 6.76 7.68 26.16
CA TYR B 488 5.61 6.83 25.91
C TYR B 488 5.93 5.35 26.12
N VAL B 489 7.10 4.91 25.66
CA VAL B 489 7.46 3.51 25.89
C VAL B 489 7.98 3.34 27.32
N ARG B 490 8.56 4.39 27.90
CA ARG B 490 8.90 4.37 29.32
C ARG B 490 7.66 4.34 30.22
N GLU B 491 6.51 4.79 29.71
CA GLU B 491 5.25 4.63 30.43
C GLU B 491 4.64 3.26 30.24
N LYS B 492 5.21 2.42 29.37
CA LYS B 492 4.78 1.05 29.18
C LYS B 492 5.51 0.07 30.09
N VAL B 493 6.22 0.57 31.10
CA VAL B 493 7.00 -0.27 31.99
C VAL B 493 6.01 -0.82 33.02
N ILE B 494 6.44 -1.82 33.79
CA ILE B 494 5.58 -2.49 34.78
C ILE B 494 5.26 -1.51 35.90
N ASP B 495 4.00 -1.07 35.95
CA ASP B 495 3.43 -0.20 36.98
C ASP B 495 4.17 1.15 37.07
N PHE B 496 4.04 1.92 36.00
CA PHE B 496 4.47 3.31 36.01
C PHE B 496 3.41 4.15 36.72
N SER B 497 3.81 4.83 37.80
CA SER B 497 2.87 5.58 38.61
C SER B 497 2.58 6.93 37.98
N LYS B 498 1.64 7.67 38.58
CA LYS B 498 1.38 9.03 38.17
C LYS B 498 2.53 9.94 38.60
N PRO B 499 2.92 10.91 37.78
CA PRO B 499 3.94 11.87 38.22
C PRO B 499 3.40 12.80 39.30
N PHE B 500 4.18 12.94 40.38
CA PHE B 500 3.82 13.88 41.43
C PHE B 500 4.11 15.32 41.04
N MET B 501 5.12 15.54 40.19
CA MET B 501 5.56 16.87 39.84
C MET B 501 5.26 17.17 38.38
N THR B 502 4.79 18.38 38.11
CA THR B 502 4.43 18.81 36.76
C THR B 502 5.31 19.98 36.36
N LEU B 503 5.76 19.98 35.11
CA LEU B 503 6.67 20.99 34.61
C LEU B 503 6.55 21.04 33.10
N GLY B 504 7.38 21.90 32.49
CA GLY B 504 7.44 22.01 31.05
C GLY B 504 8.87 22.21 30.60
N ILE B 505 9.05 22.35 29.29
CA ILE B 505 10.36 22.54 28.68
C ILE B 505 10.45 23.96 28.16
N SER B 506 11.50 24.67 28.56
CA SER B 506 11.76 26.03 28.12
C SER B 506 13.23 26.15 27.77
N ILE B 507 13.68 27.38 27.53
CA ILE B 507 15.02 27.64 27.01
C ILE B 507 15.80 28.37 28.10
N LEU B 508 16.99 27.88 28.40
CA LEU B 508 17.94 28.61 29.22
C LEU B 508 18.88 29.36 28.28
N TYR B 509 19.04 30.66 28.52
CA TYR B 509 19.87 31.48 27.66
C TYR B 509 20.49 32.59 28.49
N ARG B 510 21.75 32.90 28.22
CA ARG B 510 22.41 33.97 28.93
C ARG B 510 21.91 35.32 28.43
N LYS B 511 21.93 36.31 29.32
CA LYS B 511 21.35 37.56 28.85
C LYS B 511 22.45 38.54 28.44
N PRO B 512 22.18 39.40 27.46
CA PRO B 512 23.15 40.43 27.10
C PRO B 512 22.92 41.71 27.89
N ASN B 513 24.02 42.44 28.11
CA ASN B 513 23.97 43.68 28.86
C ASN B 513 25.10 44.59 28.41
N GLY B 514 24.83 45.89 28.40
CA GLY B 514 25.84 46.87 28.02
C GLY B 514 25.41 48.26 28.42
N THR B 515 26.42 49.13 28.55
CA THR B 515 26.20 50.51 28.94
C THR B 515 27.11 51.41 28.13
N ASN B 516 26.84 52.72 28.19
CA ASN B 516 27.61 53.72 27.47
C ASN B 516 28.04 54.82 28.43
N PRO B 517 29.08 54.58 29.24
CA PRO B 517 29.50 55.58 30.21
C PRO B 517 30.41 56.63 29.57
N GLY B 518 30.67 57.68 30.33
CA GLY B 518 31.55 58.74 29.87
C GLY B 518 30.86 59.63 28.84
N VAL B 519 31.67 60.17 27.94
CA VAL B 519 31.21 61.08 26.89
C VAL B 519 31.25 60.32 25.57
N PHE B 520 30.10 60.26 24.90
CA PHE B 520 30.01 59.60 23.60
C PHE B 520 29.34 60.47 22.54
N SER B 521 29.09 61.75 22.84
CA SER B 521 28.72 62.69 21.79
C SER B 521 29.88 62.97 20.86
N PHE B 522 31.11 62.95 21.39
CA PHE B 522 32.31 63.01 20.58
C PHE B 522 32.68 61.68 19.96
N LEU B 523 31.97 60.60 20.31
CA LEU B 523 32.35 59.25 19.88
C LEU B 523 31.25 58.63 19.05
N ASN B 524 30.76 59.38 18.07
CA ASN B 524 29.78 58.89 17.12
C ASN B 524 30.42 57.87 16.17
N PRO B 525 29.62 57.08 15.45
CA PRO B 525 30.17 56.27 14.34
C PRO B 525 30.77 57.09 13.20
N LEU B 526 30.46 58.38 13.10
CA LEU B 526 31.19 59.27 12.22
C LEU B 526 32.62 59.45 12.73
N SER B 527 33.51 59.84 11.82
CA SER B 527 34.94 59.89 12.12
C SER B 527 35.27 61.08 13.01
N PRO B 528 36.35 60.98 13.80
CA PRO B 528 36.84 62.16 14.54
C PRO B 528 37.49 63.22 13.66
N ASP B 529 37.75 62.91 12.38
CA ASP B 529 38.21 63.93 11.44
C ASP B 529 37.15 64.98 11.16
N ILE B 530 35.87 64.67 11.37
CA ILE B 530 34.83 65.69 11.35
C ILE B 530 35.04 66.68 12.49
N TRP B 531 35.44 66.19 13.67
CA TRP B 531 35.77 67.09 14.78
C TRP B 531 37.06 67.85 14.51
N MET B 532 37.99 67.24 13.76
CA MET B 532 39.18 67.96 13.30
C MET B 532 38.80 69.09 12.35
N TYR B 533 37.83 68.84 11.46
CA TYR B 533 37.31 69.88 10.59
C TYR B 533 36.58 70.96 11.37
N VAL B 534 35.92 70.60 12.47
CA VAL B 534 35.28 71.57 13.36
C VAL B 534 36.33 72.47 14.01
N LEU B 535 37.44 71.87 14.46
CA LEU B 535 38.55 72.65 15.01
C LEU B 535 39.19 73.55 13.95
N LEU B 536 39.28 73.06 12.71
CA LEU B 536 39.77 73.88 11.61
C LEU B 536 38.82 75.03 11.30
N ALA B 537 37.52 74.80 11.43
CA ALA B 537 36.54 75.87 11.24
C ALA B 537 36.64 76.91 12.35
N TYR B 538 36.91 76.47 13.59
CA TYR B 538 37.14 77.42 14.68
C TYR B 538 38.42 78.22 14.48
N LEU B 539 39.44 77.58 13.90
CA LEU B 539 40.66 78.29 13.53
C LEU B 539 40.39 79.31 12.43
N GLY B 540 39.53 78.97 11.47
CA GLY B 540 39.10 79.93 10.46
C GLY B 540 38.29 81.08 11.03
N VAL B 541 37.50 80.81 12.08
CA VAL B 541 36.80 81.85 12.81
C VAL B 541 37.80 82.80 13.48
N SER B 542 38.86 82.24 14.05
CA SER B 542 39.94 83.05 14.63
C SER B 542 40.67 83.88 13.57
N VAL B 543 40.88 83.30 12.38
CA VAL B 543 41.50 84.01 11.26
C VAL B 543 40.63 85.18 10.81
N VAL B 544 39.32 84.97 10.71
CA VAL B 544 38.39 86.03 10.34
C VAL B 544 38.36 87.13 11.41
N LEU B 545 38.36 86.75 12.68
CA LEU B 545 38.38 87.74 13.76
C LEU B 545 39.71 88.46 13.88
N PHE B 546 40.80 87.91 13.33
CA PHE B 546 42.10 88.56 13.45
C PHE B 546 42.52 89.37 12.23
N VAL B 547 42.13 88.98 11.01
CA VAL B 547 42.59 89.73 9.83
C VAL B 547 41.75 90.95 9.53
N ILE B 548 40.66 91.17 10.27
CA ILE B 548 39.84 92.35 10.07
C ILE B 548 40.54 93.59 10.62
N LEU B 598 29.19 94.97 6.68
CA LEU B 598 28.25 94.37 5.73
C LEU B 598 28.66 92.94 5.41
N SER B 599 29.94 92.73 5.11
CA SER B 599 30.43 91.40 4.80
C SER B 599 30.52 90.53 6.04
N THR B 600 30.71 91.15 7.22
CA THR B 600 30.77 90.40 8.47
C THR B 600 29.44 89.78 8.83
N ARG B 601 28.34 90.42 8.45
CA ARG B 601 27.01 89.83 8.66
C ARG B 601 26.81 88.60 7.79
N ILE B 602 27.31 88.64 6.55
CA ILE B 602 27.24 87.46 5.67
C ILE B 602 28.14 86.35 6.20
N VAL B 603 29.30 86.73 6.77
CA VAL B 603 30.22 85.75 7.37
C VAL B 603 29.58 85.07 8.58
N GLY B 604 28.91 85.86 9.44
CA GLY B 604 28.22 85.29 10.58
C GLY B 604 27.03 84.43 10.19
N GLY B 605 26.30 84.83 9.15
CA GLY B 605 25.22 83.99 8.65
C GLY B 605 25.72 82.70 8.03
N ILE B 606 26.87 82.75 7.35
CA ILE B 606 27.49 81.56 6.78
C ILE B 606 27.91 80.58 7.88
N TRP B 607 28.51 81.10 8.95
CA TRP B 607 28.83 80.28 10.12
C TRP B 607 27.56 79.72 10.77
N TRP B 608 26.49 80.53 10.79
CA TRP B 608 25.23 80.14 11.40
C TRP B 608 24.58 78.95 10.69
N PHE B 609 24.41 79.05 9.36
CA PHE B 609 23.79 77.88 8.74
C PHE B 609 24.78 76.75 8.47
N PHE B 610 26.09 77.00 8.53
CA PHE B 610 27.05 75.90 8.54
C PHE B 610 26.95 75.08 9.81
N THR B 611 26.83 75.76 10.97
CA THR B 611 26.63 75.08 12.23
C THR B 611 25.27 74.39 12.26
N LEU B 612 24.27 74.99 11.61
CA LEU B 612 22.95 74.38 11.48
C LEU B 612 23.01 73.10 10.66
N ILE B 613 23.79 73.10 9.57
CA ILE B 613 23.97 71.92 8.73
C ILE B 613 24.70 70.82 9.51
N ILE B 614 25.71 71.20 10.28
CA ILE B 614 26.47 70.25 11.10
C ILE B 614 25.57 69.59 12.14
N ILE B 615 24.77 70.40 12.84
CA ILE B 615 23.91 69.83 13.88
C ILE B 615 22.71 69.09 13.28
N SER B 616 22.32 69.41 12.04
CA SER B 616 21.27 68.64 11.39
C SER B 616 21.77 67.26 11.00
N SER B 617 23.02 67.19 10.51
CA SER B 617 23.64 65.90 10.22
C SER B 617 23.84 65.07 11.49
N TYR B 618 24.23 65.74 12.58
CA TYR B 618 24.39 65.05 13.86
C TYR B 618 23.06 64.55 14.39
N THR B 619 22.00 65.34 14.23
CA THR B 619 20.66 64.94 14.65
C THR B 619 20.16 63.75 13.84
N ALA B 620 20.43 63.75 12.53
CA ALA B 620 20.04 62.64 11.67
C ALA B 620 20.77 61.35 12.05
N ASN B 621 22.08 61.45 12.31
CA ASN B 621 22.84 60.27 12.71
C ASN B 621 22.42 59.74 14.07
N LEU B 622 22.14 60.65 15.02
CA LEU B 622 21.68 60.24 16.35
C LEU B 622 20.30 59.61 16.29
N ALA B 623 19.42 60.15 15.45
CA ALA B 623 18.09 59.58 15.27
C ALA B 623 18.15 58.21 14.63
N ALA B 624 19.05 58.03 13.65
CA ALA B 624 19.22 56.72 13.02
C ALA B 624 19.76 55.69 14.00
N PHE B 625 20.71 56.10 14.86
CA PHE B 625 21.27 55.18 15.85
C PHE B 625 20.24 54.78 16.91
N LEU B 626 19.46 55.75 17.41
CA LEU B 626 18.40 55.42 18.36
C LEU B 626 17.29 54.59 17.73
N THR B 627 16.99 54.81 16.45
CA THR B 627 15.96 54.02 15.79
C THR B 627 16.42 52.58 15.56
N VAL B 628 17.67 52.37 15.16
CA VAL B 628 18.13 51.00 14.97
C VAL B 628 18.36 50.30 16.31
N GLU B 629 18.64 51.07 17.38
CA GLU B 629 18.73 50.45 18.71
C GLU B 629 17.35 50.05 19.23
N ARG B 630 16.36 50.92 19.08
CA ARG B 630 15.02 50.62 19.56
C ARG B 630 14.31 49.58 18.69
N MET B 631 14.71 49.44 17.43
CA MET B 631 14.06 48.46 16.56
C MET B 631 14.49 47.03 16.85
N GLU B 632 15.62 46.84 17.54
CA GLU B 632 16.12 45.50 17.82
C GLU B 632 15.30 44.83 18.92
N SER B 633 15.10 43.53 18.76
CA SER B 633 14.33 42.73 19.70
C SER B 633 15.09 41.48 20.08
N PRO B 634 15.01 41.04 21.34
CA PRO B 634 15.69 39.81 21.74
C PRO B 634 14.83 38.57 21.51
N ILE B 635 15.34 37.41 21.92
CA ILE B 635 14.57 36.17 21.81
C ILE B 635 13.51 36.16 22.89
N ASP B 636 12.27 35.90 22.48
CA ASP B 636 11.18 35.80 23.46
C ASP B 636 10.21 34.67 23.15
N SER B 637 10.54 33.77 22.22
CA SER B 637 9.66 32.66 21.89
C SER B 637 10.49 31.53 21.31
N ALA B 638 9.88 30.34 21.28
CA ALA B 638 10.53 29.18 20.67
C ALA B 638 10.57 29.28 19.15
N ASP B 639 9.68 30.07 18.55
CA ASP B 639 9.72 30.28 17.11
C ASP B 639 10.92 31.11 16.68
N ASP B 640 11.50 31.89 17.58
CA ASP B 640 12.76 32.58 17.29
C ASP B 640 13.88 31.57 17.08
N LEU B 641 13.95 30.54 17.91
CA LEU B 641 14.92 29.48 17.69
C LEU B 641 14.53 28.59 16.51
N ALA B 642 13.22 28.49 16.23
CA ALA B 642 12.77 27.69 15.10
C ALA B 642 13.09 28.35 13.77
N LYS B 643 13.18 29.68 13.74
CA LYS B 643 13.48 30.41 12.52
C LYS B 643 14.94 30.81 12.41
N GLN B 644 15.46 31.51 13.41
CA GLN B 644 16.82 32.04 13.34
C GLN B 644 17.83 30.93 13.60
N THR B 645 18.81 30.81 12.70
CA THR B 645 19.82 29.77 12.76
C THR B 645 21.20 30.32 13.09
N LYS B 646 21.30 31.61 13.45
CA LYS B 646 22.60 32.16 13.84
C LYS B 646 23.05 31.64 15.20
N ILE B 647 22.12 31.51 16.13
CA ILE B 647 22.43 31.03 17.48
C ILE B 647 22.14 29.53 17.50
N GLU B 648 23.20 28.73 17.61
CA GLU B 648 23.06 27.29 17.66
C GLU B 648 22.50 26.86 19.01
N TYR B 649 21.66 25.83 18.98
CA TYR B 649 21.00 25.35 20.19
C TYR B 649 21.09 23.84 20.31
N GLY B 650 20.45 23.27 21.30
CA GLY B 650 20.49 21.83 21.51
C GLY B 650 20.01 21.47 22.89
N ALA B 651 20.16 20.18 23.20
CA ALA B 651 19.57 19.58 24.39
C ALA B 651 20.49 18.46 24.88
N VAL B 652 19.94 17.56 25.69
CA VAL B 652 20.65 16.37 26.10
C VAL B 652 20.51 15.29 25.03
N GLU B 653 21.34 14.26 25.10
CA GLU B 653 21.25 13.15 24.17
C GLU B 653 20.38 12.04 24.76
N ASP B 654 20.29 10.94 24.00
CA ASP B 654 19.72 9.66 24.45
C ASP B 654 18.25 9.76 24.85
N GLY B 655 17.48 10.54 24.10
CA GLY B 655 16.05 10.58 24.29
C GLY B 655 15.55 11.71 25.16
N ALA B 656 14.58 11.39 26.04
CA ALA B 656 13.82 12.32 26.88
C ALA B 656 13.20 13.42 26.06
N THR B 657 13.86 14.57 26.01
CA THR B 657 13.40 15.68 25.16
C THR B 657 13.55 15.34 23.68
N MET B 658 14.61 14.60 23.34
CA MET B 658 14.86 14.22 21.95
C MET B 658 13.81 13.27 21.40
N THR B 659 13.18 12.47 22.27
CA THR B 659 12.05 11.64 21.82
C THR B 659 10.85 12.51 21.45
N PHE B 660 10.59 13.57 22.22
CA PHE B 660 9.55 14.52 21.88
C PHE B 660 9.89 15.28 20.61
N PHE B 661 11.18 15.51 20.36
CA PHE B 661 11.59 16.04 19.07
C PHE B 661 11.34 15.04 17.94
N LYS B 662 11.52 13.75 18.23
CA LYS B 662 11.36 12.71 17.21
C LYS B 662 9.90 12.55 16.80
N LYS B 663 8.98 12.48 17.76
CA LYS B 663 7.57 12.33 17.45
C LYS B 663 6.83 13.67 17.46
N SER B 664 7.53 14.76 17.13
CA SER B 664 6.92 16.08 17.12
C SER B 664 5.98 16.24 15.93
N LYS B 665 4.84 16.91 16.19
CA LYS B 665 3.89 17.24 15.14
C LYS B 665 3.55 18.73 15.12
N ILE B 666 4.34 19.55 15.80
CA ILE B 666 4.04 20.98 15.92
C ILE B 666 4.37 21.73 14.62
N SER B 667 5.27 21.17 13.82
CA SER B 667 5.83 21.65 12.54
C SER B 667 6.70 22.89 12.68
N THR B 668 6.94 23.38 13.90
CA THR B 668 8.06 24.24 14.22
C THR B 668 9.06 23.54 15.12
N TYR B 669 8.54 22.75 16.07
CA TYR B 669 9.34 21.80 16.82
C TYR B 669 9.95 20.74 15.91
N ASP B 670 9.25 20.41 14.81
CA ASP B 670 9.83 19.55 13.78
C ASP B 670 11.03 20.20 13.12
N LYS B 671 10.97 21.51 12.87
CA LYS B 671 12.11 22.23 12.29
C LYS B 671 13.26 22.30 13.28
N MET B 672 12.95 22.47 14.56
CA MET B 672 13.97 22.42 15.61
C MET B 672 14.62 21.05 15.69
N TRP B 673 13.82 19.98 15.53
CA TRP B 673 14.34 18.62 15.51
C TRP B 673 15.21 18.38 14.29
N ALA B 674 14.82 18.94 13.13
CA ALA B 674 15.62 18.81 11.92
C ALA B 674 16.97 19.50 12.05
N PHE B 675 16.98 20.72 12.62
CA PHE B 675 18.24 21.42 12.86
C PHE B 675 19.10 20.71 13.90
N MET B 676 18.47 20.15 14.93
CA MET B 676 19.23 19.46 15.97
C MET B 676 19.78 18.12 15.46
N SER B 677 19.06 17.45 14.57
CA SER B 677 19.57 16.23 13.97
C SER B 677 20.65 16.52 12.93
N SER B 678 20.58 17.69 12.29
CA SER B 678 21.67 18.11 11.41
C SER B 678 22.92 18.45 12.22
N ARG B 679 22.74 19.03 13.40
CA ARG B 679 23.85 19.38 14.27
C ARG B 679 23.95 18.43 15.47
N ARG B 680 23.65 17.15 15.24
CA ARG B 680 23.75 16.17 16.31
C ARG B 680 25.19 15.87 16.67
N GLN B 681 26.04 15.69 15.67
CA GLN B 681 27.44 15.37 15.91
C GLN B 681 28.26 16.60 16.26
N SER B 682 27.81 17.78 15.85
CA SER B 682 28.62 18.99 16.01
C SER B 682 28.28 19.74 17.29
N VAL B 683 27.05 20.22 17.41
CA VAL B 683 26.66 21.07 18.54
C VAL B 683 25.54 20.33 19.28
N LEU B 684 25.92 19.49 20.24
CA LEU B 684 25.00 18.78 21.11
C LEU B 684 25.82 18.25 22.27
N VAL B 685 25.22 18.23 23.46
CA VAL B 685 25.90 17.76 24.66
C VAL B 685 25.10 16.64 25.30
N LYS B 686 25.77 15.92 26.20
CA LYS B 686 25.19 14.77 26.89
C LYS B 686 24.57 15.14 28.22
N SER B 687 25.32 15.80 29.10
CA SER B 687 24.84 16.16 30.42
C SER B 687 24.40 17.62 30.43
N ASN B 688 23.76 18.01 31.54
CA ASN B 688 23.21 19.36 31.65
C ASN B 688 24.30 20.40 31.88
N GLU B 689 25.36 20.03 32.61
CA GLU B 689 26.41 20.99 32.94
C GLU B 689 27.26 21.35 31.72
N GLU B 690 27.39 20.43 30.77
CA GLU B 690 28.12 20.70 29.54
C GLU B 690 27.43 21.77 28.71
N GLY B 691 26.10 21.71 28.61
CA GLY B 691 25.37 22.73 27.89
C GLY B 691 25.25 24.03 28.63
N ILE B 692 25.25 24.00 29.97
CA ILE B 692 25.12 25.20 30.77
C ILE B 692 26.36 26.08 30.63
N GLN B 693 27.55 25.47 30.68
CA GLN B 693 28.78 26.22 30.45
C GLN B 693 28.92 26.63 28.99
N ARG B 694 28.30 25.88 28.08
CA ARG B 694 28.30 26.27 26.68
C ARG B 694 27.43 27.50 26.43
N VAL B 695 26.40 27.70 27.25
CA VAL B 695 25.61 28.92 27.20
C VAL B 695 26.45 30.12 27.62
N LEU B 696 27.22 29.96 28.71
CA LEU B 696 28.02 31.06 29.21
C LEU B 696 29.21 31.38 28.31
N THR B 697 29.82 30.36 27.72
CA THR B 697 30.99 30.60 26.88
C THR B 697 30.59 31.02 25.48
N SER B 698 29.88 30.15 24.76
CA SER B 698 29.52 30.41 23.37
C SER B 698 28.09 30.93 23.28
N ASP B 699 27.73 31.41 22.09
CA ASP B 699 26.38 31.89 21.82
C ASP B 699 25.48 30.67 21.61
N TYR B 700 25.00 30.13 22.73
CA TYR B 700 24.30 28.86 22.74
C TYR B 700 23.08 28.97 23.65
N ALA B 701 22.01 28.29 23.26
CA ALA B 701 20.78 28.22 24.03
C ALA B 701 20.49 26.75 24.33
N PHE B 702 20.05 26.47 25.55
CA PHE B 702 19.98 25.08 26.02
C PHE B 702 18.57 24.78 26.48
N LEU B 703 17.96 23.76 25.91
CA LEU B 703 16.56 23.45 26.15
C LEU B 703 16.44 22.49 27.32
N MET B 704 15.81 22.92 28.41
CA MET B 704 15.69 22.07 29.58
C MET B 704 14.32 22.23 30.22
N GLU B 705 14.11 21.39 31.24
CA GLU B 705 12.97 21.52 32.13
C GLU B 705 13.07 22.80 32.95
N SER B 706 11.92 23.26 33.45
CA SER B 706 11.86 24.51 34.20
C SER B 706 12.50 24.41 35.57
N THR B 707 12.64 23.20 36.11
CA THR B 707 13.23 23.03 37.44
C THR B 707 14.72 23.35 37.43
N THR B 708 15.45 22.79 36.47
CA THR B 708 16.90 23.03 36.38
C THR B 708 17.19 24.46 35.94
N ILE B 709 16.35 25.02 35.08
CA ILE B 709 16.50 26.41 34.66
C ILE B 709 16.24 27.36 35.81
N GLU B 710 15.24 27.04 36.65
CA GLU B 710 14.97 27.82 37.86
C GLU B 710 16.13 27.69 38.85
N PHE B 711 16.72 26.50 38.94
CA PHE B 711 17.88 26.28 39.80
C PHE B 711 19.08 27.11 39.36
N VAL B 712 19.37 27.15 38.06
CA VAL B 712 20.56 27.88 37.64
C VAL B 712 20.30 29.39 37.61
N THR B 713 19.05 29.83 37.43
CA THR B 713 18.78 31.26 37.50
C THR B 713 18.76 31.76 38.94
N GLN B 714 18.43 30.89 39.89
CA GLN B 714 18.68 31.23 41.29
C GLN B 714 20.17 31.16 41.60
N ARG B 715 20.89 30.25 40.93
CA ARG B 715 22.31 30.10 41.17
C ARG B 715 23.10 31.25 40.57
N ASN B 716 22.79 31.64 39.34
CA ASN B 716 23.50 32.69 38.63
C ASN B 716 22.51 33.74 38.12
N CYS B 717 22.88 35.00 38.28
CA CYS B 717 22.06 36.10 37.80
C CYS B 717 22.31 36.43 36.34
N ASN B 718 23.25 35.77 35.69
CA ASN B 718 23.56 36.00 34.29
C ASN B 718 22.72 35.15 33.35
N LEU B 719 21.78 34.37 33.88
CA LEU B 719 21.01 33.43 33.08
C LEU B 719 19.54 33.83 33.09
N THR B 720 18.84 33.51 32.02
CA THR B 720 17.44 33.87 31.85
C THR B 720 16.68 32.70 31.22
N GLN B 721 15.37 32.70 31.45
CA GLN B 721 14.47 31.69 30.91
C GLN B 721 13.62 32.30 29.81
N ILE B 722 13.56 31.62 28.67
CA ILE B 722 12.79 32.04 27.51
C ILE B 722 11.72 30.99 27.24
N GLY B 723 10.49 31.44 27.07
CA GLY B 723 9.39 30.57 26.70
C GLY B 723 8.71 29.94 27.89
N GLY B 724 7.49 29.50 27.67
CA GLY B 724 6.71 28.81 28.67
C GLY B 724 6.89 27.31 28.58
N LEU B 725 5.84 26.59 28.98
CA LEU B 725 5.87 25.13 28.94
C LEU B 725 5.55 24.69 27.51
N ILE B 726 6.60 24.31 26.77
CA ILE B 726 6.39 23.87 25.39
C ILE B 726 5.79 22.47 25.36
N ASP B 727 6.44 21.52 26.03
CA ASP B 727 5.92 20.17 26.16
C ASP B 727 5.64 19.92 27.64
N SER B 728 4.40 19.53 27.95
CA SER B 728 4.01 19.26 29.32
C SER B 728 4.62 17.94 29.78
N LYS B 729 5.48 18.00 30.79
CA LYS B 729 6.27 16.86 31.22
C LYS B 729 6.09 16.64 32.71
N GLY B 730 5.86 15.37 33.08
CA GLY B 730 5.75 15.00 34.47
C GLY B 730 7.00 14.32 35.00
N TYR B 731 7.14 14.34 36.31
CA TYR B 731 8.20 13.64 37.00
C TYR B 731 7.60 12.92 38.19
N GLY B 732 7.92 11.64 38.35
CA GLY B 732 7.36 10.84 39.40
C GLY B 732 8.29 9.76 39.91
N VAL B 733 7.75 8.73 40.54
CA VAL B 733 8.51 7.58 41.03
C VAL B 733 7.76 6.32 40.63
N GLY B 734 8.46 5.40 39.95
CA GLY B 734 7.86 4.13 39.60
C GLY B 734 7.63 3.25 40.81
N THR B 735 6.68 2.34 40.69
CA THR B 735 6.18 1.65 41.87
C THR B 735 6.04 0.16 41.64
N PRO B 736 6.17 -0.66 42.70
CA PRO B 736 5.90 -2.09 42.57
C PRO B 736 4.42 -2.38 42.35
N MET B 737 4.17 -3.59 41.84
CA MET B 737 2.82 -4.11 41.77
C MET B 737 2.31 -4.44 43.17
N GLY B 738 1.13 -3.93 43.51
CA GLY B 738 0.59 -4.12 44.83
C GLY B 738 1.21 -3.27 45.91
N SER B 739 2.04 -2.30 45.55
CA SER B 739 2.64 -1.41 46.51
C SER B 739 1.59 -0.44 47.06
N PRO B 740 1.72 -0.02 48.33
CA PRO B 740 0.79 0.99 48.85
C PRO B 740 0.94 2.35 48.18
N TYR B 741 2.16 2.74 47.81
CA TYR B 741 2.31 4.05 47.18
C TYR B 741 2.00 4.04 45.69
N ARG B 742 1.75 2.85 45.11
CA ARG B 742 1.17 2.75 43.78
C ARG B 742 -0.18 3.44 43.70
N ASP B 743 -1.00 3.29 44.73
CA ASP B 743 -2.24 4.03 44.85
C ASP B 743 -2.08 5.31 45.63
N LYS B 744 -1.10 5.37 46.54
CA LYS B 744 -0.95 6.52 47.42
C LYS B 744 -0.12 7.64 46.80
N ILE B 745 0.34 7.47 45.55
CA ILE B 745 0.86 8.60 44.80
C ILE B 745 -0.24 9.63 44.53
N THR B 746 -1.49 9.17 44.36
CA THR B 746 -2.64 10.03 44.21
C THR B 746 -3.41 10.23 45.51
N ILE B 747 -2.96 9.61 46.61
CA ILE B 747 -3.70 9.67 47.86
C ILE B 747 -2.84 10.30 48.95
N ALA B 748 -1.72 9.66 49.27
CA ALA B 748 -0.90 10.13 50.38
C ALA B 748 0.14 11.15 49.94
N ILE B 749 0.86 10.88 48.85
CA ILE B 749 1.83 11.84 48.34
C ILE B 749 1.13 13.05 47.74
N LEU B 750 -0.07 12.84 47.19
CA LEU B 750 -0.90 13.98 46.80
C LEU B 750 -1.35 14.79 48.01
N GLN B 751 -1.55 14.13 49.17
CA GLN B 751 -1.88 14.87 50.38
C GLN B 751 -0.66 15.62 50.92
N LEU B 752 0.54 15.08 50.76
CA LEU B 752 1.75 15.81 51.12
C LEU B 752 1.99 16.98 50.18
N GLN B 753 1.61 16.84 48.91
CA GLN B 753 1.67 17.97 47.98
C GLN B 753 0.61 19.02 48.32
N GLU B 754 -0.56 18.58 48.80
CA GLU B 754 -1.60 19.50 49.24
C GLU B 754 -1.19 20.24 50.50
N GLU B 755 -0.47 19.58 51.39
CA GLU B 755 0.12 20.25 52.54
C GLU B 755 1.39 21.02 52.19
N GLY B 756 1.91 20.84 50.98
CA GLY B 756 3.06 21.59 50.54
C GLY B 756 4.38 21.14 51.10
N LYS B 757 4.46 19.90 51.60
CA LYS B 757 5.74 19.38 52.10
C LYS B 757 6.70 19.11 50.94
N LEU B 758 6.18 18.63 49.81
CA LEU B 758 6.99 18.57 48.60
C LEU B 758 7.30 19.97 48.10
N HIS B 759 6.35 20.90 48.25
CA HIS B 759 6.64 22.31 47.98
C HIS B 759 7.59 22.89 49.01
N MET B 760 7.60 22.35 50.24
CA MET B 760 8.59 22.78 51.22
C MET B 760 9.98 22.31 50.84
N MET B 761 10.10 21.09 50.29
CA MET B 761 11.38 20.62 49.77
C MET B 761 11.81 21.45 48.55
N LYS B 762 10.85 21.81 47.69
CA LYS B 762 11.12 22.63 46.51
C LYS B 762 11.60 24.02 46.89
N GLU B 763 10.96 24.66 47.87
CA GLU B 763 11.38 25.96 48.36
C GLU B 763 12.52 25.89 49.36
N LYS B 764 12.91 24.69 49.77
CA LYS B 764 14.06 24.50 50.64
C LYS B 764 15.34 24.33 49.84
N TRP B 765 15.28 23.57 48.74
CA TRP B 765 16.52 23.24 48.02
C TRP B 765 17.03 24.42 47.20
N TRP B 766 16.26 24.86 46.20
CA TRP B 766 16.71 25.95 45.36
C TRP B 766 16.12 27.30 45.76
N ARG B 767 15.06 27.30 46.58
CA ARG B 767 14.44 28.49 47.19
C ARG B 767 13.98 29.51 46.15
N GLY B 768 14.62 30.67 46.12
CA GLY B 768 14.26 31.72 45.19
C GLY B 768 15.12 32.97 45.32
N VAL B 784 21.43 61.24 31.89
CA VAL B 784 22.04 59.97 32.26
C VAL B 784 23.18 59.64 31.27
N GLN B 785 24.29 59.14 31.82
CA GLN B 785 25.45 58.63 31.09
C GLN B 785 26.13 59.69 30.22
N ASN B 786 25.75 59.72 28.93
CA ASN B 786 26.31 60.69 28.00
C ASN B 786 25.89 62.10 28.35
N ILE B 787 24.66 62.27 28.87
CA ILE B 787 24.20 63.58 29.33
C ILE B 787 25.01 64.05 30.53
N GLY B 788 25.34 63.13 31.43
CA GLY B 788 26.21 63.48 32.55
C GLY B 788 27.62 63.83 32.12
N GLY B 789 28.13 63.13 31.10
CA GLY B 789 29.42 63.49 30.55
C GLY B 789 29.42 64.84 29.87
N ILE B 790 28.31 65.18 29.19
CA ILE B 790 28.16 66.48 28.57
C ILE B 790 28.06 67.58 29.63
N PHE B 791 27.38 67.28 30.75
CA PHE B 791 27.35 68.23 31.87
C PHE B 791 28.71 68.40 32.53
N ILE B 792 29.51 67.33 32.57
CA ILE B 792 30.89 67.41 33.07
C ILE B 792 31.74 68.28 32.15
N VAL B 793 31.55 68.13 30.83
CA VAL B 793 32.25 68.98 29.85
C VAL B 793 31.81 70.44 29.99
N LEU B 794 30.52 70.66 30.29
CA LEU B 794 30.01 72.01 30.53
C LEU B 794 30.61 72.64 31.78
N ALA B 795 30.77 71.84 32.85
CA ALA B 795 31.41 72.34 34.07
C ALA B 795 32.89 72.64 33.84
N ALA B 796 33.56 71.83 33.03
CA ALA B 796 34.95 72.10 32.66
C ALA B 796 35.06 73.37 31.81
N GLY B 797 34.09 73.61 30.94
CA GLY B 797 34.05 74.85 30.20
C GLY B 797 33.79 76.06 31.08
N LEU B 798 32.97 75.88 32.13
CA LEU B 798 32.79 76.94 33.12
C LEU B 798 34.10 77.23 33.87
N VAL B 799 34.86 76.18 34.20
CA VAL B 799 36.16 76.34 34.84
C VAL B 799 37.13 77.09 33.92
N LEU B 800 37.12 76.75 32.62
CA LEU B 800 37.94 77.45 31.63
C LEU B 800 37.53 78.90 31.47
N SER B 801 36.23 79.19 31.54
CA SER B 801 35.75 80.56 31.45
C SER B 801 36.14 81.40 32.66
N VAL B 802 36.12 80.79 33.86
CA VAL B 802 36.60 81.49 35.05
C VAL B 802 38.11 81.73 34.96
N PHE B 803 38.86 80.76 34.44
CA PHE B 803 40.30 80.92 34.25
C PHE B 803 40.64 81.99 33.20
N VAL B 804 39.80 82.13 32.17
CA VAL B 804 39.96 83.24 31.23
C VAL B 804 39.62 84.57 31.91
N ALA B 805 38.59 84.57 32.76
CA ALA B 805 38.10 85.80 33.39
C ALA B 805 39.06 86.39 34.42
N VAL B 806 40.04 85.63 34.87
CA VAL B 806 41.05 86.16 35.80
C VAL B 806 41.98 87.11 35.05
N HIS C 1 54.20 -66.91 -15.61
CA HIS C 1 53.13 -67.06 -16.58
C HIS C 1 53.06 -65.84 -17.50
N VAL C 2 52.22 -65.95 -18.52
CA VAL C 2 52.05 -64.89 -19.51
C VAL C 2 50.61 -64.42 -19.45
N LEU C 3 50.41 -63.14 -19.17
CA LEU C 3 49.10 -62.53 -19.15
C LEU C 3 49.05 -61.42 -20.20
N ARG C 4 47.94 -61.34 -20.91
CA ARG C 4 47.83 -60.52 -22.10
C ARG C 4 46.79 -59.43 -21.87
N PHE C 5 47.23 -58.18 -21.81
CA PHE C 5 46.34 -57.05 -21.76
C PHE C 5 46.14 -56.48 -23.15
N GLY C 6 45.16 -55.59 -23.27
CA GLY C 6 44.85 -54.99 -24.55
C GLY C 6 44.10 -53.69 -24.35
N GLY C 7 44.25 -52.80 -25.32
CA GLY C 7 43.60 -51.50 -25.20
C GLY C 7 43.38 -50.88 -26.56
N ILE C 8 42.53 -49.86 -26.55
CA ILE C 8 42.19 -49.09 -27.74
C ILE C 8 42.47 -47.62 -27.42
N PHE C 9 43.32 -46.98 -28.21
CA PHE C 9 43.81 -45.66 -27.87
C PHE C 9 43.72 -44.64 -29.00
N GLU C 10 43.13 -45.00 -30.15
CA GLU C 10 43.10 -44.25 -31.40
C GLU C 10 44.50 -43.92 -31.94
N TYR C 11 44.58 -43.15 -33.02
CA TYR C 11 45.88 -42.80 -33.56
C TYR C 11 45.79 -41.50 -34.32
N VAL C 12 46.93 -40.79 -34.34
CA VAL C 12 47.11 -39.56 -35.10
C VAL C 12 48.17 -39.85 -36.15
N GLU C 13 47.98 -39.29 -37.35
CA GLU C 13 48.93 -39.47 -38.44
C GLU C 13 50.23 -38.71 -38.26
N SER C 14 50.35 -37.87 -37.22
CA SER C 14 51.57 -37.10 -36.99
C SER C 14 52.73 -38.00 -36.58
N GLY C 15 52.47 -39.07 -35.84
CA GLY C 15 53.53 -39.96 -35.42
C GLY C 15 53.66 -40.21 -33.92
N PRO C 16 53.55 -39.18 -33.08
CA PRO C 16 53.39 -39.44 -31.64
C PRO C 16 52.09 -40.16 -31.32
N MET C 17 52.12 -40.93 -30.24
CA MET C 17 51.01 -41.81 -29.87
C MET C 17 49.93 -41.12 -29.06
N GLY C 18 50.06 -39.83 -28.78
CA GLY C 18 49.06 -39.14 -28.00
C GLY C 18 49.14 -39.40 -26.50
N ALA C 19 50.22 -40.04 -26.05
CA ALA C 19 50.68 -40.19 -24.67
C ALA C 19 49.83 -41.12 -23.81
N GLU C 20 48.65 -41.54 -24.28
CA GLU C 20 47.90 -42.52 -23.53
C GLU C 20 48.42 -43.92 -23.79
N GLU C 21 48.68 -44.23 -25.05
CA GLU C 21 49.36 -45.48 -25.40
C GLU C 21 50.78 -45.50 -24.85
N LEU C 22 51.44 -44.33 -24.85
CA LEU C 22 52.78 -44.22 -24.28
C LEU C 22 52.76 -44.46 -22.78
N ALA C 23 51.75 -43.94 -22.08
CA ALA C 23 51.60 -44.21 -20.66
C ALA C 23 51.27 -45.66 -20.38
N PHE C 24 50.49 -46.28 -21.28
CA PHE C 24 50.15 -47.69 -21.13
C PHE C 24 51.39 -48.57 -21.27
N ARG C 25 52.21 -48.31 -22.29
CA ARG C 25 53.44 -49.07 -22.49
C ARG C 25 54.45 -48.81 -21.38
N PHE C 26 54.50 -47.56 -20.89
CA PHE C 26 55.38 -47.21 -19.79
C PHE C 26 54.98 -47.91 -18.51
N ALA C 27 53.68 -48.02 -18.25
CA ALA C 27 53.19 -48.73 -17.07
C ALA C 27 53.45 -50.22 -17.17
N VAL C 28 53.29 -50.79 -18.36
CA VAL C 28 53.56 -52.21 -18.58
C VAL C 28 55.04 -52.53 -18.36
N ASN C 29 55.93 -51.68 -18.92
CA ASN C 29 57.36 -51.89 -18.73
C ASN C 29 57.80 -51.65 -17.30
N THR C 30 57.17 -50.69 -16.61
CA THR C 30 57.51 -50.43 -15.21
C THR C 30 57.08 -51.58 -14.31
N ILE C 31 55.89 -52.15 -14.56
CA ILE C 31 55.44 -53.29 -13.77
C ILE C 31 56.27 -54.53 -14.08
N ASN C 32 56.64 -54.71 -15.35
CA ASN C 32 57.47 -55.85 -15.71
C ASN C 32 58.90 -55.73 -15.19
N ARG C 33 59.38 -54.50 -14.99
CA ARG C 33 60.73 -54.34 -14.47
C ARG C 33 60.80 -54.67 -12.99
N ASN C 34 59.86 -54.17 -12.21
CA ASN C 34 59.86 -54.40 -10.76
C ASN C 34 59.34 -55.79 -10.43
N ARG C 35 60.04 -56.47 -9.54
CA ARG C 35 59.60 -57.76 -9.05
C ARG C 35 58.69 -57.64 -7.83
N THR C 36 58.46 -56.42 -7.35
CA THR C 36 57.56 -56.22 -6.22
C THR C 36 56.11 -56.49 -6.61
N LEU C 37 55.72 -56.08 -7.80
CA LEU C 37 54.37 -56.27 -8.30
C LEU C 37 54.41 -57.34 -9.39
N LEU C 38 53.62 -58.40 -9.20
CA LEU C 38 53.48 -59.58 -10.05
C LEU C 38 54.84 -60.23 -10.35
N PRO C 39 55.45 -60.91 -9.38
CA PRO C 39 56.79 -61.46 -9.63
C PRO C 39 56.80 -62.71 -10.49
N ASN C 40 55.66 -63.40 -10.62
CA ASN C 40 55.63 -64.66 -11.34
C ASN C 40 54.97 -64.59 -12.70
N THR C 41 54.23 -63.52 -12.99
CA THR C 41 53.48 -63.40 -14.24
C THR C 41 53.99 -62.22 -15.03
N THR C 42 54.31 -62.44 -16.30
CA THR C 42 54.78 -61.40 -17.19
C THR C 42 53.60 -60.85 -18.00
N LEU C 43 53.46 -59.53 -17.98
CA LEU C 43 52.36 -58.87 -18.69
C LEU C 43 52.76 -58.57 -20.13
N THR C 44 51.84 -58.83 -21.05
CA THR C 44 52.01 -58.48 -22.45
C THR C 44 50.82 -57.64 -22.89
N TYR C 45 51.04 -56.83 -23.92
CA TYR C 45 50.03 -55.87 -24.37
C TYR C 45 49.83 -55.99 -25.87
N ASP C 46 48.58 -55.84 -26.29
CA ASP C 46 48.20 -55.81 -27.70
C ASP C 46 47.43 -54.52 -27.95
N THR C 47 48.04 -53.61 -28.70
CA THR C 47 47.48 -52.28 -28.91
C THR C 47 46.76 -52.24 -30.25
N GLN C 48 45.54 -51.72 -30.24
CA GLN C 48 44.78 -51.48 -31.45
C GLN C 48 44.47 -49.99 -31.54
N LYS C 49 44.59 -49.43 -32.74
CA LYS C 49 44.37 -48.02 -32.96
C LYS C 49 43.23 -47.84 -33.95
N ILE C 50 42.24 -47.03 -33.56
CA ILE C 50 41.04 -46.82 -34.36
C ILE C 50 40.94 -45.37 -34.76
N ASN C 51 39.88 -45.02 -35.49
CA ASN C 51 39.64 -43.64 -35.87
C ASN C 51 38.92 -42.91 -34.74
N LEU C 52 38.48 -41.69 -35.01
CA LEU C 52 37.76 -40.90 -34.03
C LEU C 52 36.27 -41.08 -34.26
N TYR C 53 35.55 -41.38 -33.16
CA TYR C 53 34.08 -41.48 -33.11
C TYR C 53 33.53 -42.55 -34.06
N ASP C 54 34.28 -43.64 -34.24
CA ASP C 54 33.86 -44.74 -35.09
C ASP C 54 33.63 -45.94 -34.18
N SER C 55 32.42 -46.03 -33.62
CA SER C 55 32.14 -47.06 -32.63
C SER C 55 31.98 -48.43 -33.27
N PHE C 56 31.61 -48.49 -34.55
CA PHE C 56 31.59 -49.78 -35.23
C PHE C 56 33.02 -50.30 -35.44
N GLU C 57 33.94 -49.42 -35.80
CA GLU C 57 35.33 -49.82 -35.96
C GLU C 57 35.94 -50.21 -34.61
N ALA C 58 35.55 -49.51 -33.55
CA ALA C 58 35.97 -49.87 -32.20
C ALA C 58 35.41 -51.22 -31.80
N SER C 59 34.16 -51.51 -32.18
CA SER C 59 33.56 -52.80 -31.88
C SER C 59 34.25 -53.93 -32.65
N LYS C 60 34.60 -53.68 -33.90
CA LYS C 60 35.29 -54.68 -34.70
C LYS C 60 36.69 -54.95 -34.17
N LYS C 61 37.40 -53.89 -33.76
CA LYS C 61 38.73 -54.05 -33.19
C LYS C 61 38.66 -54.73 -31.83
N ALA C 62 37.63 -54.46 -31.04
CA ALA C 62 37.45 -55.13 -29.76
C ALA C 62 37.14 -56.61 -29.96
N CYS C 63 36.35 -56.94 -30.98
CA CYS C 63 36.08 -58.35 -31.30
C CYS C 63 37.33 -59.06 -31.76
N ASP C 64 38.15 -58.40 -32.58
CA ASP C 64 39.38 -59.01 -33.07
C ASP C 64 40.39 -59.18 -31.96
N GLN C 65 40.43 -58.24 -31.01
CA GLN C 65 41.32 -58.37 -29.85
C GLN C 65 40.82 -59.45 -28.90
N LEU C 66 39.50 -59.58 -28.77
CA LEU C 66 38.94 -60.62 -27.91
C LEU C 66 39.08 -62.01 -28.52
N SER C 67 39.19 -62.08 -29.85
CA SER C 67 39.46 -63.36 -30.49
C SER C 67 40.88 -63.84 -30.18
N LEU C 68 41.82 -62.92 -30.03
CA LEU C 68 43.19 -63.28 -29.70
C LEU C 68 43.40 -63.60 -28.24
N GLY C 69 42.39 -63.39 -27.40
CA GLY C 69 42.54 -63.65 -25.99
C GLY C 69 43.12 -62.46 -25.25
N VAL C 70 42.43 -62.01 -24.21
CA VAL C 70 42.85 -60.83 -23.47
C VAL C 70 42.27 -60.94 -22.06
N ALA C 71 42.97 -60.35 -21.09
CA ALA C 71 42.48 -60.37 -19.72
C ALA C 71 41.49 -59.24 -19.47
N ALA C 72 41.82 -58.03 -19.91
CA ALA C 72 40.94 -56.89 -19.74
C ALA C 72 41.18 -55.92 -20.88
N ILE C 73 40.18 -55.06 -21.12
CA ILE C 73 40.22 -54.12 -22.22
C ILE C 73 40.24 -52.71 -21.64
N PHE C 74 41.29 -51.96 -21.94
CA PHE C 74 41.38 -50.55 -21.57
C PHE C 74 40.71 -49.76 -22.69
N GLY C 75 39.52 -49.26 -22.40
CA GLY C 75 38.64 -48.77 -23.44
C GLY C 75 39.07 -47.44 -24.01
N PRO C 76 38.35 -46.99 -25.02
CA PRO C 76 38.68 -45.74 -25.70
C PRO C 76 38.23 -44.54 -24.88
N SER C 77 38.41 -43.36 -25.47
CA SER C 77 38.16 -42.10 -24.80
C SER C 77 36.76 -41.55 -25.01
N HIS C 78 36.31 -41.45 -26.27
CA HIS C 78 35.06 -40.79 -26.56
C HIS C 78 33.87 -41.68 -26.18
N SER C 79 32.70 -41.04 -26.08
CA SER C 79 31.58 -41.64 -25.34
C SER C 79 30.93 -42.79 -26.10
N SER C 80 30.76 -42.65 -27.42
CA SER C 80 30.00 -43.64 -28.17
C SER C 80 30.78 -44.94 -28.31
N SER C 81 32.08 -44.84 -28.60
CA SER C 81 32.92 -46.02 -28.67
C SER C 81 33.08 -46.67 -27.30
N ALA C 82 33.12 -45.86 -26.23
CA ALA C 82 33.17 -46.41 -24.88
C ALA C 82 31.89 -47.17 -24.55
N ASN C 83 30.74 -46.66 -24.99
CA ASN C 83 29.47 -47.36 -24.78
C ASN C 83 29.42 -48.67 -25.55
N ALA C 84 29.95 -48.68 -26.78
CA ALA C 84 29.98 -49.91 -27.57
C ALA C 84 30.89 -50.97 -26.96
N VAL C 85 32.09 -50.56 -26.52
CA VAL C 85 33.02 -51.49 -25.90
C VAL C 85 32.50 -51.95 -24.54
N GLN C 86 31.77 -51.08 -23.83
CA GLN C 86 31.15 -51.46 -22.57
C GLN C 86 30.06 -52.50 -22.76
N SER C 87 29.25 -52.35 -23.83
CA SER C 87 28.24 -53.35 -24.12
C SER C 87 28.85 -54.68 -24.51
N ILE C 88 29.94 -54.65 -25.29
CA ILE C 88 30.64 -55.87 -25.66
C ILE C 88 31.24 -56.58 -24.44
N CYS C 89 31.88 -55.80 -23.57
CA CYS C 89 32.52 -56.39 -22.39
C CYS C 89 31.50 -56.86 -21.36
N ASN C 90 30.33 -56.22 -21.29
CA ASN C 90 29.28 -56.72 -20.42
C ASN C 90 28.63 -57.96 -21.00
N ALA C 91 28.61 -58.08 -22.34
CA ALA C 91 28.06 -59.28 -22.94
C ALA C 91 28.99 -60.48 -22.76
N LEU C 92 30.29 -60.28 -22.96
CA LEU C 92 31.22 -61.40 -22.97
C LEU C 92 31.85 -61.68 -21.61
N GLY C 93 31.48 -60.95 -20.57
CA GLY C 93 32.05 -61.17 -19.26
C GLY C 93 33.51 -60.80 -19.12
N VAL C 94 33.92 -59.70 -19.74
CA VAL C 94 35.32 -59.29 -19.78
C VAL C 94 35.42 -57.97 -19.01
N PRO C 95 36.43 -57.78 -18.16
CA PRO C 95 36.52 -56.53 -17.40
C PRO C 95 36.89 -55.36 -18.29
N HIS C 96 36.07 -54.31 -18.23
CA HIS C 96 36.30 -53.09 -18.96
C HIS C 96 36.79 -52.02 -17.99
N ILE C 97 37.86 -51.33 -18.38
CA ILE C 97 38.44 -50.27 -17.57
C ILE C 97 38.37 -49.00 -18.38
N GLN C 98 37.70 -47.99 -17.84
CA GLN C 98 37.49 -46.72 -18.51
C GLN C 98 38.26 -45.64 -17.77
N THR C 99 39.00 -44.83 -18.53
CA THR C 99 39.83 -43.81 -17.91
C THR C 99 39.20 -42.42 -17.97
N ARG C 100 38.76 -41.99 -19.14
CA ARG C 100 38.11 -40.68 -19.24
C ARG C 100 36.62 -40.81 -18.96
N TRP C 101 36.03 -39.72 -18.51
CA TRP C 101 34.63 -39.71 -18.14
C TRP C 101 33.74 -39.79 -19.38
N LYS C 102 32.65 -40.52 -19.26
CA LYS C 102 31.62 -40.60 -20.28
C LYS C 102 30.27 -40.37 -19.63
N HIS C 103 29.29 -40.00 -20.43
CA HIS C 103 27.95 -39.79 -19.90
C HIS C 103 27.28 -41.12 -19.61
N GLN C 104 26.85 -41.30 -18.37
CA GLN C 104 26.26 -42.56 -17.93
C GLN C 104 24.75 -42.50 -18.11
N VAL C 105 24.22 -43.43 -18.90
CA VAL C 105 22.78 -43.59 -19.01
C VAL C 105 22.27 -44.27 -17.76
N SER C 106 21.22 -43.70 -17.15
CA SER C 106 20.72 -44.21 -15.88
C SER C 106 19.96 -45.53 -16.06
N ASP C 107 19.41 -45.78 -17.25
CA ASP C 107 18.67 -47.01 -17.47
C ASP C 107 19.57 -48.22 -17.62
N ASN C 108 20.85 -48.02 -17.94
CA ASN C 108 21.76 -49.12 -18.23
C ASN C 108 22.10 -49.89 -16.98
N LYS C 109 21.98 -51.22 -17.05
CA LYS C 109 22.23 -52.10 -15.93
C LYS C 109 23.48 -52.95 -16.14
N ASP C 110 24.42 -52.46 -16.94
CA ASP C 110 25.71 -53.13 -17.06
C ASP C 110 26.53 -52.90 -15.80
N SER C 111 27.15 -53.97 -15.32
CA SER C 111 27.96 -53.91 -14.12
C SER C 111 29.39 -54.33 -14.35
N PHE C 112 29.76 -54.66 -15.57
CA PHE C 112 31.07 -55.24 -15.86
C PHE C 112 32.07 -54.18 -16.31
N TYR C 113 32.22 -53.13 -15.53
CA TYR C 113 33.13 -52.05 -15.88
C TYR C 113 33.53 -51.29 -14.63
N VAL C 114 34.69 -50.64 -14.70
CA VAL C 114 35.10 -49.66 -13.71
C VAL C 114 35.51 -48.39 -14.45
N SER C 115 35.42 -47.27 -13.76
CA SER C 115 35.79 -45.98 -14.33
C SER C 115 36.61 -45.21 -13.30
N LEU C 116 37.86 -44.92 -13.64
CA LEU C 116 38.75 -44.32 -12.66
C LEU C 116 38.79 -42.80 -12.74
N TYR C 117 38.02 -42.19 -13.63
CA TYR C 117 37.86 -40.74 -13.56
C TYR C 117 37.06 -40.40 -12.31
N PRO C 118 37.39 -39.30 -11.63
CA PRO C 118 36.53 -38.83 -10.55
C PRO C 118 35.20 -38.38 -11.10
N ASP C 119 34.14 -38.79 -10.41
CA ASP C 119 32.79 -38.52 -10.89
C ASP C 119 32.47 -37.04 -10.77
N PHE C 120 31.81 -36.51 -11.80
CA PHE C 120 31.56 -35.08 -11.85
C PHE C 120 30.44 -34.62 -10.91
N SER C 121 29.70 -35.55 -10.30
CA SER C 121 28.83 -35.17 -9.20
C SER C 121 29.65 -34.69 -8.01
N SER C 122 30.68 -35.46 -7.64
CA SER C 122 31.53 -35.06 -6.53
C SER C 122 32.39 -33.85 -6.88
N LEU C 123 32.83 -33.77 -8.13
CA LEU C 123 33.59 -32.61 -8.60
C LEU C 123 32.74 -31.35 -8.58
N SER C 124 31.48 -31.45 -9.00
CA SER C 124 30.60 -30.29 -8.98
C SER C 124 30.22 -29.92 -7.57
N ARG C 125 30.12 -30.89 -6.66
CA ARG C 125 29.91 -30.59 -5.25
C ARG C 125 31.11 -29.85 -4.67
N ALA C 126 32.32 -30.23 -5.07
CA ALA C 126 33.52 -29.53 -4.64
C ALA C 126 33.57 -28.10 -5.18
N ILE C 127 33.15 -27.92 -6.43
CA ILE C 127 33.12 -26.59 -7.03
C ILE C 127 32.09 -25.71 -6.34
N LEU C 128 30.92 -26.29 -6.01
CA LEU C 128 29.90 -25.56 -5.27
C LEU C 128 30.36 -25.19 -3.87
N ASP C 129 31.11 -26.09 -3.22
CA ASP C 129 31.66 -25.79 -1.91
C ASP C 129 32.71 -24.70 -1.97
N LEU C 130 33.51 -24.69 -3.05
CA LEU C 130 34.49 -23.62 -3.24
C LEU C 130 33.82 -22.27 -3.49
N VAL C 131 32.73 -22.29 -4.26
CA VAL C 131 31.97 -21.06 -4.53
C VAL C 131 31.32 -20.54 -3.25
N GLN C 132 30.76 -21.44 -2.44
CA GLN C 132 30.18 -21.04 -1.16
C GLN C 132 31.23 -20.60 -0.16
N PHE C 133 32.47 -21.09 -0.29
CA PHE C 133 33.56 -20.53 0.51
C PHE C 133 33.89 -19.12 0.05
N PHE C 134 33.94 -18.89 -1.26
CA PHE C 134 34.28 -17.57 -1.76
C PHE C 134 33.16 -16.55 -1.63
N LYS C 135 31.94 -17.00 -1.29
CA LYS C 135 30.76 -16.16 -1.05
C LYS C 135 30.42 -15.29 -2.27
N TRP C 136 30.10 -15.98 -3.36
CA TRP C 136 29.74 -15.30 -4.60
C TRP C 136 28.25 -15.12 -4.70
N LYS C 137 27.84 -14.23 -5.57
CA LYS C 137 26.43 -14.06 -5.86
C LYS C 137 26.12 -14.12 -7.35
N THR C 138 26.99 -13.58 -8.19
CA THR C 138 26.79 -13.58 -9.64
C THR C 138 27.89 -14.44 -10.26
N VAL C 139 27.50 -15.57 -10.84
CA VAL C 139 28.43 -16.53 -11.41
C VAL C 139 28.13 -16.65 -12.90
N THR C 140 29.17 -16.59 -13.73
CA THR C 140 29.03 -16.85 -15.15
C THR C 140 29.74 -18.17 -15.45
N VAL C 141 28.97 -19.17 -15.87
CA VAL C 141 29.50 -20.48 -16.20
C VAL C 141 29.61 -20.58 -17.70
N VAL C 142 30.84 -20.76 -18.19
CA VAL C 142 31.10 -20.88 -19.62
C VAL C 142 31.56 -22.30 -19.88
N TYR C 143 30.85 -22.99 -20.77
CA TYR C 143 31.18 -24.37 -21.11
C TYR C 143 31.45 -24.47 -22.60
N ASP C 144 32.06 -25.58 -23.01
CA ASP C 144 32.42 -25.80 -24.39
C ASP C 144 31.59 -26.90 -25.05
N ASP C 145 31.61 -28.11 -24.49
CA ASP C 145 30.83 -29.21 -25.00
C ASP C 145 29.54 -29.33 -24.20
N SER C 146 28.46 -29.70 -24.89
CA SER C 146 27.13 -29.74 -24.28
C SER C 146 27.02 -30.76 -23.18
N THR C 147 27.82 -31.83 -23.24
CA THR C 147 27.88 -32.81 -22.17
C THR C 147 28.48 -32.25 -20.89
N GLY C 148 29.19 -31.12 -20.97
CA GLY C 148 29.59 -30.38 -19.79
C GLY C 148 28.42 -29.89 -18.95
N LEU C 149 27.25 -29.67 -19.56
CA LEU C 149 26.06 -29.38 -18.78
C LEU C 149 25.63 -30.57 -17.94
N ILE C 150 25.95 -31.79 -18.38
CA ILE C 150 25.81 -32.95 -17.50
C ILE C 150 26.83 -32.87 -16.38
N ARG C 151 28.03 -32.38 -16.68
CA ARG C 151 29.13 -32.40 -15.73
C ARG C 151 29.04 -31.31 -14.69
N LEU C 152 28.13 -30.35 -14.85
CA LEU C 152 28.02 -29.23 -13.91
C LEU C 152 26.59 -29.08 -13.43
N GLN C 153 25.84 -30.16 -13.35
CA GLN C 153 24.41 -30.07 -13.05
C GLN C 153 24.15 -29.69 -11.60
N GLU C 154 25.09 -29.94 -10.69
CA GLU C 154 24.91 -29.51 -9.31
C GLU C 154 24.99 -28.00 -9.18
N LEU C 155 25.86 -27.36 -9.96
CA LEU C 155 25.92 -25.89 -10.00
C LEU C 155 24.64 -25.31 -10.57
N ILE C 156 24.07 -25.97 -11.57
CA ILE C 156 22.83 -25.49 -12.17
C ILE C 156 21.66 -25.68 -11.22
N LYS C 157 21.65 -26.76 -10.43
CA LYS C 157 20.60 -26.95 -9.45
C LYS C 157 20.82 -26.15 -8.17
N ALA C 158 21.99 -25.58 -7.98
CA ALA C 158 22.27 -24.79 -6.79
C ALA C 158 21.44 -23.51 -6.58
N PRO C 159 20.97 -22.76 -7.60
CA PRO C 159 20.05 -21.65 -7.31
C PRO C 159 18.71 -22.05 -6.69
N SER C 160 18.30 -23.31 -6.79
CA SER C 160 17.15 -23.75 -6.01
C SER C 160 17.47 -23.79 -4.53
N ARG C 161 18.73 -24.03 -4.17
CA ARG C 161 19.13 -24.16 -2.77
C ARG C 161 19.54 -22.83 -2.17
N TYR C 162 20.57 -22.19 -2.74
CA TYR C 162 21.17 -21.01 -2.15
C TYR C 162 20.79 -19.78 -2.96
N ASN C 163 21.38 -18.65 -2.59
CA ASN C 163 21.12 -17.36 -3.23
C ASN C 163 22.08 -17.04 -4.37
N LEU C 164 22.26 -17.98 -5.28
CA LEU C 164 23.19 -17.82 -6.39
C LEU C 164 22.42 -17.45 -7.65
N ARG C 165 22.89 -16.42 -8.34
CA ARG C 165 22.37 -16.06 -9.65
C ARG C 165 23.48 -16.30 -10.68
N LEU C 166 23.15 -17.06 -11.71
CA LEU C 166 24.18 -17.50 -12.65
C LEU C 166 23.69 -17.39 -14.08
N LYS C 167 24.61 -17.00 -14.96
CA LYS C 167 24.38 -16.95 -16.40
C LYS C 167 25.26 -18.01 -17.05
N ILE C 168 24.68 -18.77 -17.96
CA ILE C 168 25.36 -19.88 -18.61
C ILE C 168 25.59 -19.54 -20.07
N ARG C 169 26.84 -19.62 -20.51
CA ARG C 169 27.22 -19.30 -21.88
C ARG C 169 28.06 -20.42 -22.46
N GLN C 170 27.99 -20.55 -23.78
CA GLN C 170 28.63 -21.63 -24.51
C GLN C 170 29.59 -21.04 -25.54
N LEU C 171 30.79 -21.60 -25.59
CA LEU C 171 31.75 -21.24 -26.63
C LEU C 171 31.25 -21.76 -27.98
N PRO C 172 31.52 -21.04 -29.07
CA PRO C 172 31.06 -21.50 -30.39
C PRO C 172 31.88 -22.63 -30.97
N ALA C 173 31.58 -23.00 -32.22
CA ALA C 173 32.31 -24.07 -32.89
C ALA C 173 33.75 -23.68 -33.20
N ASP C 174 33.99 -22.41 -33.49
CA ASP C 174 35.35 -21.92 -33.68
C ASP C 174 36.03 -21.76 -32.32
N THR C 175 37.27 -22.24 -32.24
CA THR C 175 38.03 -22.15 -30.99
C THR C 175 38.53 -20.74 -30.72
N LYS C 176 38.84 -19.98 -31.76
CA LYS C 176 39.42 -18.66 -31.62
C LYS C 176 38.39 -17.57 -31.45
N ASP C 177 37.10 -17.91 -31.42
CA ASP C 177 36.03 -16.93 -31.34
C ASP C 177 35.56 -16.72 -29.90
N ALA C 178 36.47 -16.82 -28.94
CA ALA C 178 36.13 -16.45 -27.57
C ALA C 178 36.05 -14.95 -27.40
N LYS C 179 36.69 -14.19 -28.28
CA LYS C 179 36.67 -12.74 -28.19
C LYS C 179 35.32 -12.06 -28.36
N PRO C 180 34.33 -12.60 -29.11
CA PRO C 180 32.96 -12.06 -28.96
C PRO C 180 32.40 -12.20 -27.56
N LEU C 181 32.44 -13.40 -26.98
CA LEU C 181 31.76 -13.69 -25.71
C LEU C 181 32.35 -12.87 -24.56
N LEU C 182 33.68 -12.72 -24.54
CA LEU C 182 34.33 -11.88 -23.55
C LEU C 182 33.88 -10.43 -23.68
N LYS C 183 33.65 -9.97 -24.92
CA LYS C 183 33.06 -8.65 -25.14
C LYS C 183 31.67 -8.57 -24.54
N GLU C 184 30.88 -9.64 -24.69
CA GLU C 184 29.60 -9.71 -24.02
C GLU C 184 29.80 -9.78 -22.51
N MET C 185 30.85 -10.48 -22.08
CA MET C 185 31.22 -10.47 -20.68
C MET C 185 31.73 -9.09 -20.26
N LYS C 186 32.35 -8.37 -21.21
CA LYS C 186 32.70 -6.97 -20.98
C LYS C 186 31.45 -6.12 -20.83
N ARG C 187 30.37 -6.48 -21.51
CA ARG C 187 29.10 -5.83 -21.27
C ARG C 187 28.34 -6.44 -20.11
N GLY C 188 28.81 -7.58 -19.59
CA GLY C 188 28.06 -8.25 -18.56
C GLY C 188 28.39 -7.79 -17.16
N LYS C 189 29.56 -7.13 -17.03
CA LYS C 189 30.18 -6.78 -15.74
C LYS C 189 30.30 -8.01 -14.84
N GLU C 190 30.73 -9.11 -15.44
CA GLU C 190 30.82 -10.40 -14.77
C GLU C 190 32.28 -10.71 -14.51
N PHE C 191 32.61 -10.99 -13.25
CA PHE C 191 34.00 -11.18 -12.86
C PHE C 191 34.21 -12.48 -12.09
N HIS C 192 33.21 -13.35 -12.05
CA HIS C 192 33.30 -14.64 -11.36
C HIS C 192 32.91 -15.71 -12.36
N VAL C 193 33.91 -16.21 -13.08
CA VAL C 193 33.69 -17.08 -14.23
C VAL C 193 34.16 -18.48 -13.88
N ILE C 194 33.32 -19.48 -14.17
CA ILE C 194 33.67 -20.88 -14.05
C ILE C 194 33.79 -21.46 -15.45
N PHE C 195 34.97 -21.94 -15.80
CA PHE C 195 35.24 -22.43 -17.14
C PHE C 195 35.23 -23.95 -17.15
N ASP C 196 34.52 -24.54 -18.10
CA ASP C 196 34.49 -25.98 -18.30
C ASP C 196 34.88 -26.26 -19.75
N CYS C 197 36.14 -26.61 -19.96
CA CYS C 197 36.66 -26.90 -21.29
C CYS C 197 37.88 -27.79 -21.12
N SER C 198 38.66 -27.93 -22.20
CA SER C 198 39.96 -28.57 -22.08
C SER C 198 40.99 -27.56 -21.59
N HIS C 199 42.17 -28.06 -21.23
CA HIS C 199 43.23 -27.17 -20.79
C HIS C 199 43.81 -26.39 -21.97
N GLU C 200 43.80 -26.98 -23.16
CA GLU C 200 44.22 -26.25 -24.36
C GLU C 200 43.26 -25.13 -24.70
N MET C 201 41.96 -25.39 -24.58
CA MET C 201 40.95 -24.35 -24.73
C MET C 201 41.07 -23.29 -23.65
N ALA C 202 41.45 -23.70 -22.44
CA ALA C 202 41.70 -22.76 -21.35
C ALA C 202 42.88 -21.86 -21.66
N ALA C 203 43.93 -22.43 -22.28
CA ALA C 203 45.10 -21.63 -22.67
C ALA C 203 44.74 -20.62 -23.75
N GLY C 204 43.95 -21.04 -24.74
CA GLY C 204 43.53 -20.12 -25.79
C GLY C 204 42.63 -19.00 -25.26
N ILE C 205 41.72 -19.34 -24.35
CA ILE C 205 40.84 -18.36 -23.74
C ILE C 205 41.63 -17.39 -22.87
N LEU C 206 42.63 -17.89 -22.14
CA LEU C 206 43.43 -17.01 -21.29
C LEU C 206 44.31 -16.08 -22.11
N LYS C 207 44.85 -16.55 -23.24
CA LYS C 207 45.62 -15.68 -24.12
C LYS C 207 44.74 -14.61 -24.75
N GLN C 208 43.53 -14.98 -25.18
CA GLN C 208 42.63 -13.99 -25.76
C GLN C 208 42.12 -13.00 -24.72
N ALA C 209 41.96 -13.44 -23.47
CA ALA C 209 41.51 -12.52 -22.43
C ALA C 209 42.63 -11.60 -21.97
N LEU C 210 43.88 -12.07 -22.02
CA LEU C 210 45.01 -11.18 -21.79
C LEU C 210 45.13 -10.15 -22.91
N ALA C 211 44.87 -10.58 -24.15
CA ALA C 211 44.89 -9.63 -25.27
C ALA C 211 43.72 -8.66 -25.20
N MET C 212 42.61 -9.04 -24.58
CA MET C 212 41.48 -8.15 -24.41
C MET C 212 41.48 -7.43 -23.06
N GLY C 213 42.53 -7.61 -22.26
CA GLY C 213 42.63 -6.86 -21.03
C GLY C 213 41.71 -7.32 -19.92
N MET C 214 41.40 -8.61 -19.86
CA MET C 214 40.65 -9.16 -18.75
C MET C 214 41.55 -9.68 -17.64
N MET C 215 42.85 -9.51 -17.76
CA MET C 215 43.79 -9.99 -16.75
C MET C 215 44.10 -8.91 -15.72
N THR C 216 43.07 -8.47 -15.02
CA THR C 216 43.19 -7.46 -14.00
C THR C 216 43.01 -8.08 -12.64
N GLU C 217 42.96 -7.23 -11.62
CA GLU C 217 42.62 -7.69 -10.28
C GLU C 217 41.12 -7.77 -10.05
N TYR C 218 40.32 -7.35 -11.03
CA TYR C 218 38.87 -7.42 -10.89
C TYR C 218 38.33 -8.82 -11.08
N TYR C 219 38.98 -9.64 -11.89
CA TYR C 219 38.41 -10.89 -12.37
C TYR C 219 38.82 -12.07 -11.50
N HIS C 220 37.91 -13.02 -11.36
CA HIS C 220 38.16 -14.27 -10.66
C HIS C 220 37.81 -15.41 -11.59
N TYR C 221 38.70 -16.39 -11.71
CA TYR C 221 38.50 -17.50 -12.62
C TYR C 221 38.62 -18.82 -11.87
N ILE C 222 37.69 -19.72 -12.11
CA ILE C 222 37.72 -21.06 -11.56
C ILE C 222 37.69 -22.03 -12.73
N PHE C 223 38.69 -22.90 -12.81
CA PHE C 223 38.79 -23.87 -13.89
C PHE C 223 38.42 -25.26 -13.37
N THR C 224 37.55 -25.94 -14.09
CA THR C 224 37.10 -27.27 -13.70
C THR C 224 38.04 -28.37 -14.19
N THR C 225 39.08 -28.02 -14.94
CA THR C 225 40.02 -29.03 -15.41
C THR C 225 40.85 -29.55 -14.25
N LEU C 226 41.26 -30.79 -14.37
CA LEU C 226 42.24 -31.35 -13.45
C LEU C 226 43.65 -31.18 -13.97
N ASP C 227 43.81 -30.50 -15.12
CA ASP C 227 45.09 -30.35 -15.78
C ASP C 227 45.57 -28.90 -15.74
N LEU C 228 45.17 -28.15 -14.70
CA LEU C 228 45.52 -26.73 -14.63
C LEU C 228 46.98 -26.52 -14.27
N PHE C 229 47.61 -27.51 -13.62
CA PHE C 229 48.98 -27.35 -13.19
C PHE C 229 49.95 -27.38 -14.37
N ALA C 230 49.59 -28.07 -15.44
CA ALA C 230 50.42 -28.08 -16.64
C ALA C 230 50.34 -26.79 -17.44
N LEU C 231 49.35 -25.94 -17.16
CA LEU C 231 49.21 -24.69 -17.89
C LEU C 231 50.26 -23.69 -17.44
N ASP C 232 50.84 -22.98 -18.41
CA ASP C 232 51.81 -21.94 -18.10
C ASP C 232 51.11 -20.72 -17.50
N VAL C 233 51.74 -20.14 -16.49
CA VAL C 233 51.15 -19.02 -15.76
C VAL C 233 52.13 -17.85 -15.74
N GLU C 234 53.19 -17.94 -16.53
CA GLU C 234 54.26 -16.94 -16.52
C GLU C 234 53.85 -15.53 -16.98
N PRO C 235 53.08 -15.32 -18.07
CA PRO C 235 52.62 -13.94 -18.33
C PRO C 235 51.52 -13.48 -17.38
N TYR C 236 50.85 -14.39 -16.67
CA TYR C 236 49.81 -14.03 -15.74
C TYR C 236 50.27 -14.02 -14.29
N ARG C 237 51.57 -14.21 -14.06
CA ARG C 237 52.07 -14.36 -12.69
C ARG C 237 52.07 -13.04 -11.94
N TYR C 238 52.27 -11.93 -12.63
CA TYR C 238 52.37 -10.63 -11.98
C TYR C 238 51.27 -9.70 -12.46
N SER C 239 50.04 -10.20 -12.51
CA SER C 239 48.91 -9.39 -12.92
C SER C 239 47.74 -9.44 -11.95
N GLY C 240 47.88 -10.14 -10.83
CA GLY C 240 46.88 -10.09 -9.77
C GLY C 240 45.57 -10.77 -10.07
N VAL C 241 45.57 -11.77 -10.94
CA VAL C 241 44.35 -12.45 -11.35
C VAL C 241 44.13 -13.64 -10.45
N ASN C 242 42.91 -13.81 -9.96
CA ASN C 242 42.56 -14.94 -9.11
C ASN C 242 42.20 -16.13 -10.00
N MET C 243 43.14 -17.05 -10.18
CA MET C 243 42.88 -18.32 -10.83
C MET C 243 42.86 -19.40 -9.77
N THR C 244 41.83 -20.22 -9.77
CA THR C 244 41.69 -21.30 -8.80
C THR C 244 41.29 -22.57 -9.52
N GLY C 245 41.90 -23.69 -9.14
CA GLY C 245 41.60 -24.94 -9.78
C GLY C 245 41.85 -26.10 -8.85
N PHE C 246 41.60 -27.29 -9.36
CA PHE C 246 41.79 -28.53 -8.61
C PHE C 246 42.90 -29.35 -9.25
N ARG C 247 43.71 -29.98 -8.40
CA ARG C 247 44.76 -30.87 -8.86
C ARG C 247 44.57 -32.22 -8.20
N ILE C 248 44.61 -33.28 -9.01
CA ILE C 248 44.47 -34.63 -8.50
C ILE C 248 45.81 -35.35 -8.43
N LEU C 249 46.83 -34.83 -9.09
CA LEU C 249 48.15 -35.44 -9.05
C LEU C 249 48.80 -35.21 -7.69
N ASN C 250 49.29 -36.29 -7.09
CA ASN C 250 49.95 -36.21 -5.79
C ASN C 250 51.44 -35.93 -6.00
N THR C 251 51.72 -34.69 -6.40
CA THR C 251 53.08 -34.27 -6.72
C THR C 251 53.92 -33.99 -5.49
N GLU C 252 53.35 -34.08 -4.29
CA GLU C 252 54.12 -33.84 -3.07
C GLU C 252 55.12 -34.96 -2.83
N ASN C 253 54.76 -36.20 -3.17
CA ASN C 253 55.66 -37.32 -2.97
C ASN C 253 56.81 -37.29 -3.97
N THR C 254 58.00 -37.68 -3.49
CA THR C 254 59.18 -37.65 -4.34
C THR C 254 59.17 -38.78 -5.36
N GLN C 255 58.54 -39.90 -5.03
CA GLN C 255 58.46 -41.02 -5.95
C GLN C 255 57.59 -40.67 -7.16
N VAL C 256 56.51 -39.93 -6.91
CA VAL C 256 55.67 -39.43 -8.00
C VAL C 256 56.44 -38.45 -8.88
N SER C 257 57.30 -37.63 -8.27
CA SER C 257 58.12 -36.71 -9.04
C SER C 257 59.15 -37.45 -9.88
N SER C 258 59.71 -38.53 -9.35
CA SER C 258 60.67 -39.33 -10.12
C SER C 258 59.98 -40.06 -11.28
N ILE C 259 58.76 -40.54 -11.05
CA ILE C 259 57.97 -41.16 -12.11
C ILE C 259 57.61 -40.14 -13.18
N ILE C 260 57.31 -38.92 -12.76
CA ILE C 260 57.02 -37.82 -13.69
C ILE C 260 58.26 -37.47 -14.51
N GLU C 261 59.44 -37.50 -13.88
CA GLU C 261 60.69 -37.21 -14.59
C GLU C 261 61.02 -38.30 -15.60
N LYS C 262 60.78 -39.57 -15.24
CA LYS C 262 60.99 -40.66 -16.19
C LYS C 262 59.99 -40.58 -17.35
N TRP C 263 58.76 -40.16 -17.05
CA TRP C 263 57.76 -39.96 -18.09
C TRP C 263 58.16 -38.82 -19.02
N SER C 264 58.76 -37.76 -18.47
CA SER C 264 59.25 -36.67 -19.30
C SER C 264 60.43 -37.10 -20.15
N MET C 265 61.27 -37.99 -19.62
CA MET C 265 62.36 -38.57 -20.41
C MET C 265 61.82 -39.41 -21.56
N GLU C 266 60.73 -40.13 -21.32
CA GLU C 266 60.07 -40.85 -22.43
C GLU C 266 59.40 -39.89 -23.39
N ARG C 267 58.85 -38.78 -22.88
CA ARG C 267 58.11 -37.82 -23.69
C ARG C 267 59.05 -36.95 -24.53
N LEU C 268 60.32 -36.88 -24.18
CA LEU C 268 61.30 -36.13 -24.97
C LEU C 268 61.53 -36.72 -26.35
N GLN C 269 61.20 -37.99 -26.56
CA GLN C 269 61.15 -38.56 -27.91
C GLN C 269 60.05 -37.90 -28.74
N ALA C 270 58.90 -37.61 -28.12
CA ALA C 270 57.84 -36.91 -28.81
C ALA C 270 58.21 -35.44 -28.99
N PRO C 271 57.85 -34.81 -30.12
CA PRO C 271 58.20 -33.42 -30.33
C PRO C 271 57.32 -32.51 -29.49
N PRO C 272 57.82 -31.33 -29.12
CA PRO C 272 57.02 -30.38 -28.34
C PRO C 272 56.28 -29.38 -29.22
N LYS C 273 55.39 -28.63 -28.59
CA LYS C 273 54.68 -27.51 -29.22
C LYS C 273 54.84 -26.30 -28.31
N PRO C 274 55.91 -25.53 -28.48
CA PRO C 274 56.22 -24.46 -27.51
C PRO C 274 55.34 -23.23 -27.61
N ASP C 275 54.59 -23.05 -28.70
CA ASP C 275 53.74 -21.89 -28.87
C ASP C 275 52.33 -22.10 -28.35
N SER C 276 52.04 -23.24 -27.74
CA SER C 276 50.70 -23.56 -27.28
C SER C 276 50.37 -22.96 -25.92
N GLY C 277 51.33 -22.33 -25.26
CA GLY C 277 51.08 -21.79 -23.94
C GLY C 277 51.01 -22.83 -22.84
N LEU C 278 51.56 -24.01 -23.07
CA LEU C 278 51.56 -25.09 -22.09
C LEU C 278 52.99 -25.46 -21.74
N LEU C 279 53.22 -25.82 -20.48
CA LEU C 279 54.53 -26.27 -20.05
C LEU C 279 54.76 -27.68 -20.56
N ASP C 280 55.75 -27.84 -21.43
CA ASP C 280 56.03 -29.14 -22.00
C ASP C 280 56.73 -30.04 -20.99
N GLY C 281 56.62 -31.34 -21.22
CA GLY C 281 57.23 -32.31 -20.34
C GLY C 281 56.47 -32.59 -19.07
N PHE C 282 55.16 -32.43 -19.08
CA PHE C 282 54.33 -32.70 -17.92
C PHE C 282 53.23 -33.69 -18.27
N MET C 283 52.84 -34.47 -17.26
CA MET C 283 51.77 -35.44 -17.45
C MET C 283 50.44 -34.73 -17.60
N THR C 284 49.58 -35.29 -18.44
CA THR C 284 48.18 -34.96 -18.37
C THR C 284 47.53 -35.81 -17.28
N THR C 285 46.25 -35.55 -17.03
CA THR C 285 45.53 -36.36 -16.06
C THR C 285 45.25 -37.76 -16.62
N ASP C 286 45.02 -37.85 -17.93
CA ASP C 286 44.61 -39.12 -18.53
C ASP C 286 45.75 -40.13 -18.56
N ALA C 287 46.98 -39.66 -18.76
CA ALA C 287 48.13 -40.57 -18.77
C ALA C 287 48.38 -41.15 -17.39
N ALA C 288 48.30 -40.32 -16.35
CA ALA C 288 48.44 -40.81 -14.99
C ALA C 288 47.27 -41.71 -14.59
N LEU C 289 46.08 -41.44 -15.13
CA LEU C 289 44.94 -42.30 -14.84
C LEU C 289 45.09 -43.66 -15.49
N MET C 290 45.65 -43.71 -16.71
CA MET C 290 45.94 -44.99 -17.35
C MET C 290 47.02 -45.76 -16.59
N TYR C 291 48.04 -45.04 -16.11
CA TYR C 291 49.10 -45.64 -15.31
C TYR C 291 48.55 -46.26 -14.02
N ASP C 292 47.69 -45.51 -13.33
CA ASP C 292 47.07 -46.02 -12.12
C ASP C 292 46.09 -47.16 -12.40
N ALA C 293 45.42 -47.13 -13.56
CA ALA C 293 44.50 -48.20 -13.93
C ALA C 293 45.24 -49.51 -14.17
N VAL C 294 46.41 -49.43 -14.82
CA VAL C 294 47.24 -50.60 -15.03
C VAL C 294 47.73 -51.15 -13.71
N HIS C 295 48.11 -50.27 -12.77
CA HIS C 295 48.55 -50.75 -11.47
C HIS C 295 47.43 -51.37 -10.64
N VAL C 296 46.21 -50.81 -10.70
CA VAL C 296 45.07 -51.38 -9.98
C VAL C 296 44.69 -52.74 -10.53
N VAL C 297 44.63 -52.88 -11.86
CA VAL C 297 44.30 -54.18 -12.42
C VAL C 297 45.43 -55.18 -12.24
N SER C 298 46.69 -54.73 -12.12
CA SER C 298 47.77 -55.66 -11.82
C SER C 298 47.70 -56.15 -10.38
N VAL C 299 47.27 -55.28 -9.46
CA VAL C 299 47.06 -55.69 -8.08
C VAL C 299 45.93 -56.71 -7.99
N ALA C 300 44.85 -56.47 -8.73
CA ALA C 300 43.74 -57.42 -8.75
C ALA C 300 44.11 -58.73 -9.41
N VAL C 301 45.05 -58.70 -10.37
CA VAL C 301 45.58 -59.94 -10.93
C VAL C 301 46.41 -60.68 -9.88
N GLN C 302 47.25 -59.94 -9.13
CA GLN C 302 48.12 -60.55 -8.12
C GLN C 302 47.34 -61.13 -6.95
N GLN C 303 46.13 -60.65 -6.72
CA GLN C 303 45.28 -61.31 -5.73
C GLN C 303 44.59 -62.55 -6.27
N PHE C 304 44.66 -62.82 -7.57
CA PHE C 304 43.99 -63.96 -8.20
C PHE C 304 44.99 -64.73 -9.05
N PRO C 305 45.75 -65.65 -8.44
CA PRO C 305 46.79 -66.35 -9.18
C PRO C 305 46.29 -67.52 -10.04
N GLN C 306 44.98 -67.77 -10.06
CA GLN C 306 44.42 -68.82 -10.89
C GLN C 306 44.03 -68.33 -12.28
N MET C 307 44.40 -67.10 -12.62
CA MET C 307 43.92 -66.47 -13.84
C MET C 307 44.59 -67.06 -15.07
N THR C 308 43.78 -67.41 -16.06
CA THR C 308 44.27 -67.83 -17.36
C THR C 308 43.48 -67.08 -18.44
N VAL C 309 44.06 -67.01 -19.63
CA VAL C 309 43.48 -66.29 -20.74
C VAL C 309 42.73 -67.28 -21.63
N SER C 310 41.47 -66.98 -21.91
CA SER C 310 40.64 -67.82 -22.76
C SER C 310 40.15 -67.00 -23.95
N SER C 311 40.37 -67.53 -25.15
CA SER C 311 39.91 -66.86 -26.35
C SER C 311 38.40 -66.97 -26.49
N LEU C 312 37.76 -65.83 -26.75
CA LEU C 312 36.31 -65.77 -26.87
C LEU C 312 35.92 -65.26 -28.24
N GLN C 313 34.68 -65.51 -28.62
CA GLN C 313 34.15 -65.12 -29.91
C GLN C 313 33.00 -64.13 -29.72
N CYS C 314 32.71 -63.38 -30.77
CA CYS C 314 31.64 -62.40 -30.71
C CYS C 314 30.31 -62.94 -31.23
N ASN C 315 30.35 -63.89 -32.18
CA ASN C 315 29.12 -64.53 -32.60
C ASN C 315 28.62 -65.53 -31.57
N ARG C 316 29.52 -66.05 -30.75
CA ARG C 316 29.19 -67.01 -29.71
C ARG C 316 29.12 -66.24 -28.39
N HIS C 317 27.94 -66.19 -27.79
CA HIS C 317 27.67 -65.29 -26.67
C HIS C 317 27.87 -65.93 -25.31
N LYS C 318 28.60 -67.04 -25.23
CA LYS C 318 28.83 -67.65 -23.93
C LYS C 318 29.89 -66.86 -23.17
N PRO C 319 29.62 -66.44 -21.94
CA PRO C 319 30.52 -65.52 -21.24
C PRO C 319 31.75 -66.23 -20.71
N TRP C 320 32.68 -65.42 -20.21
CA TRP C 320 33.92 -65.92 -19.65
C TRP C 320 33.69 -66.58 -18.30
N ARG C 321 34.44 -67.65 -18.04
CA ARG C 321 34.30 -68.35 -16.76
C ARG C 321 34.98 -67.58 -15.64
N PHE C 322 36.09 -66.92 -15.93
CA PHE C 322 36.90 -66.27 -14.90
C PHE C 322 36.52 -64.82 -14.68
N GLY C 323 35.46 -64.34 -15.32
CA GLY C 323 35.18 -62.91 -15.30
C GLY C 323 34.65 -62.42 -13.97
N THR C 324 33.76 -63.19 -13.34
CA THR C 324 32.97 -62.67 -12.23
C THR C 324 33.82 -62.52 -10.96
N ARG C 325 34.63 -63.53 -10.66
CA ARG C 325 35.52 -63.46 -9.49
C ARG C 325 36.57 -62.37 -9.67
N PHE C 326 37.09 -62.23 -10.89
CA PHE C 326 38.09 -61.20 -11.17
C PHE C 326 37.51 -59.80 -11.06
N MET C 327 36.30 -59.58 -11.56
CA MET C 327 35.69 -58.27 -11.45
C MET C 327 35.18 -57.98 -10.05
N SER C 328 34.89 -59.01 -9.25
CA SER C 328 34.66 -58.78 -7.84
C SER C 328 35.94 -58.36 -7.14
N LEU C 329 37.07 -58.94 -7.56
CA LEU C 329 38.35 -58.56 -6.96
C LEU C 329 38.83 -57.19 -7.43
N ILE C 330 38.37 -56.74 -8.60
CA ILE C 330 38.80 -55.44 -9.12
C ILE C 330 38.21 -54.31 -8.29
N LYS C 331 36.91 -54.40 -7.99
CA LYS C 331 36.22 -53.34 -7.26
C LYS C 331 36.58 -53.29 -5.78
N GLU C 332 37.29 -54.28 -5.27
CA GLU C 332 37.71 -54.31 -3.88
C GLU C 332 39.08 -53.69 -3.67
N ALA C 333 39.87 -53.55 -4.74
CA ALA C 333 41.30 -53.25 -4.62
C ALA C 333 41.55 -51.82 -4.16
N HIS C 334 42.53 -51.69 -3.27
CA HIS C 334 42.98 -50.40 -2.77
C HIS C 334 44.40 -50.12 -3.25
N TRP C 335 44.66 -48.88 -3.61
CA TRP C 335 45.96 -48.51 -4.18
C TRP C 335 46.18 -47.03 -3.94
N GLU C 336 47.44 -46.66 -3.79
CA GLU C 336 47.84 -45.26 -3.74
C GLU C 336 48.76 -45.00 -4.93
N GLY C 337 48.18 -44.54 -6.02
CA GLY C 337 48.92 -44.21 -7.22
C GLY C 337 49.11 -42.72 -7.38
N LEU C 338 49.33 -42.31 -8.64
CA LEU C 338 49.62 -40.92 -8.94
C LEU C 338 48.44 -40.00 -8.69
N THR C 339 47.22 -40.53 -8.70
CA THR C 339 46.03 -39.76 -8.34
C THR C 339 45.64 -40.00 -6.89
N GLY C 340 46.58 -40.40 -6.05
CA GLY C 340 46.27 -40.62 -4.65
C GLY C 340 45.60 -41.94 -4.41
N ARG C 341 44.59 -41.97 -3.54
CA ARG C 341 43.86 -43.21 -3.28
C ARG C 341 42.95 -43.55 -4.45
N ILE C 342 42.87 -44.83 -4.77
CA ILE C 342 41.95 -45.33 -5.78
C ILE C 342 41.03 -46.32 -5.09
N THR C 343 39.73 -46.05 -5.17
CA THR C 343 38.72 -46.96 -4.67
C THR C 343 37.48 -46.83 -5.55
N PHE C 344 36.51 -47.70 -5.31
CA PHE C 344 35.31 -47.72 -6.13
C PHE C 344 34.10 -47.82 -5.21
N ASN C 345 32.95 -47.42 -5.74
CA ASN C 345 31.78 -47.26 -4.89
C ASN C 345 31.00 -48.54 -4.68
N LYS C 346 31.30 -49.61 -5.43
CA LYS C 346 30.69 -50.94 -5.34
C LYS C 346 29.19 -50.94 -5.60
N THR C 347 28.66 -49.88 -6.20
CA THR C 347 27.24 -49.77 -6.51
C THR C 347 27.10 -49.48 -8.00
N ASN C 348 28.06 -48.74 -8.53
CA ASN C 348 28.07 -48.36 -9.92
C ASN C 348 29.42 -48.52 -10.60
N GLY C 349 30.49 -48.79 -9.85
CA GLY C 349 31.80 -48.92 -10.41
C GLY C 349 32.53 -47.62 -10.63
N LEU C 350 31.94 -46.50 -10.28
CA LEU C 350 32.59 -45.21 -10.47
C LEU C 350 33.56 -44.94 -9.32
N ARG C 351 34.15 -43.74 -9.34
CA ARG C 351 35.10 -43.33 -8.32
C ARG C 351 34.57 -42.06 -7.67
N THR C 352 34.06 -42.19 -6.45
CA THR C 352 33.46 -41.07 -5.74
C THR C 352 34.15 -40.80 -4.40
N ASP C 353 35.38 -41.29 -4.22
CA ASP C 353 36.13 -41.04 -3.00
C ASP C 353 37.58 -40.81 -3.38
N PHE C 354 38.07 -39.60 -3.17
CA PHE C 354 39.41 -39.21 -3.60
C PHE C 354 39.84 -38.02 -2.75
N ASP C 355 40.88 -37.32 -3.19
CA ASP C 355 41.29 -36.08 -2.56
C ASP C 355 41.85 -35.14 -3.60
N LEU C 356 41.38 -33.90 -3.59
CA LEU C 356 41.80 -32.88 -4.54
C LEU C 356 42.52 -31.76 -3.81
N ASP C 357 43.69 -31.38 -4.31
CA ASP C 357 44.39 -30.22 -3.80
C ASP C 357 43.87 -28.99 -4.53
N VAL C 358 43.21 -28.10 -3.80
CA VAL C 358 42.76 -26.84 -4.36
C VAL C 358 43.98 -25.93 -4.47
N ILE C 359 44.33 -25.57 -5.71
CA ILE C 359 45.48 -24.71 -5.97
C ILE C 359 44.97 -23.40 -6.53
N SER C 360 45.84 -22.39 -6.47
CA SER C 360 45.49 -21.06 -6.93
C SER C 360 46.75 -20.36 -7.40
N LEU C 361 46.54 -19.27 -8.14
CA LEU C 361 47.64 -18.52 -8.72
C LEU C 361 48.14 -17.47 -7.73
N LYS C 362 49.44 -17.51 -7.46
CA LYS C 362 50.10 -16.55 -6.59
C LYS C 362 51.28 -15.94 -7.35
N GLU C 363 52.04 -15.10 -6.64
CA GLU C 363 53.23 -14.51 -7.25
C GLU C 363 54.35 -15.53 -7.40
N GLU C 364 54.36 -16.59 -6.60
CA GLU C 364 55.34 -17.64 -6.73
C GLU C 364 54.95 -18.70 -7.76
N GLY C 365 53.78 -18.55 -8.38
CA GLY C 365 53.28 -19.53 -9.34
C GLY C 365 51.96 -20.12 -8.86
N LEU C 366 51.86 -21.44 -8.97
CA LEU C 366 50.68 -22.16 -8.52
C LEU C 366 51.02 -22.92 -7.24
N GLU C 367 50.22 -22.71 -6.21
CA GLU C 367 50.49 -23.30 -4.91
C GLU C 367 49.21 -23.87 -4.32
N LYS C 368 49.35 -24.97 -3.60
CA LYS C 368 48.21 -25.66 -3.02
C LYS C 368 47.74 -24.93 -1.76
N ILE C 369 46.43 -24.68 -1.67
CA ILE C 369 45.89 -23.99 -0.51
C ILE C 369 44.74 -24.78 0.11
N GLY C 370 44.29 -25.84 -0.55
CA GLY C 370 43.16 -26.60 -0.06
C GLY C 370 43.33 -28.09 -0.24
N THR C 371 42.62 -28.84 0.59
CA THR C 371 42.74 -30.29 0.67
C THR C 371 41.34 -30.90 0.69
N TRP C 372 40.54 -30.59 -0.32
CA TRP C 372 39.16 -31.05 -0.34
C TRP C 372 39.08 -32.56 -0.57
N ASP C 373 38.08 -33.17 0.05
CA ASP C 373 37.78 -34.58 -0.12
C ASP C 373 36.28 -34.76 0.11
N PRO C 374 35.66 -35.76 -0.51
CA PRO C 374 34.25 -36.03 -0.22
C PRO C 374 34.08 -36.64 1.16
N ALA C 375 32.83 -36.58 1.64
CA ALA C 375 32.40 -36.99 2.99
C ALA C 375 33.18 -36.25 4.08
N SER C 376 33.57 -35.02 3.80
CA SER C 376 34.28 -34.15 4.73
C SER C 376 34.18 -32.74 4.19
N GLY C 377 34.62 -31.78 4.98
CA GLY C 377 34.53 -30.39 4.62
C GLY C 377 35.63 -29.95 3.67
N LEU C 378 35.51 -28.71 3.22
CA LEU C 378 36.54 -28.07 2.42
C LEU C 378 37.56 -27.44 3.36
N ASN C 379 38.84 -27.68 3.09
CA ASN C 379 39.86 -27.56 4.12
C ASN C 379 40.30 -26.12 4.39
N MET C 380 40.96 -25.50 3.40
CA MET C 380 41.52 -24.13 3.47
C MET C 380 42.44 -23.92 4.68
N THR C 381 43.62 -24.56 4.64
CA THR C 381 44.72 -24.17 5.51
C THR C 381 45.46 -23.01 4.85
N GLU C 382 44.85 -21.83 4.91
CA GLU C 382 45.45 -20.58 4.42
C GLU C 382 45.24 -19.54 5.52
N SER C 383 46.19 -19.50 6.46
CA SER C 383 46.18 -18.51 7.53
C SER C 383 47.60 -18.03 7.74
N GLN C 384 47.84 -16.73 7.54
CA GLN C 384 49.19 -16.20 7.57
C GLN C 384 49.30 -15.02 8.53
N LYS C 385 50.44 -14.34 8.49
CA LYS C 385 50.69 -13.21 9.36
C LYS C 385 49.93 -11.97 8.89
N GLY C 386 49.57 -11.12 9.84
CA GLY C 386 48.87 -9.89 9.53
C GLY C 386 49.78 -8.68 9.47
N LYS C 387 50.15 -8.27 8.26
CA LYS C 387 50.96 -7.08 8.05
C LYS C 387 50.66 -6.54 6.66
N PRO C 388 50.71 -5.22 6.47
CA PRO C 388 50.44 -4.65 5.14
C PRO C 388 51.63 -4.66 4.19
N ALA C 389 52.81 -5.08 4.67
CA ALA C 389 54.10 -4.99 3.97
C ALA C 389 54.38 -3.56 3.50
N ASN C 390 54.07 -2.60 4.39
CA ASN C 390 54.35 -1.16 4.32
C ASN C 390 53.59 -0.40 3.22
N ILE C 391 52.84 -1.13 2.38
CA ILE C 391 52.20 -0.65 1.15
C ILE C 391 53.24 0.12 0.32
N THR C 392 54.23 -0.60 -0.18
CA THR C 392 55.33 0.01 -0.92
C THR C 392 55.46 -0.71 -2.25
N ASP C 393 55.13 0.01 -3.33
CA ASP C 393 55.16 -0.50 -4.71
C ASP C 393 54.31 -1.75 -4.89
N SER C 394 53.16 -1.78 -4.21
CA SER C 394 52.30 -2.96 -4.24
C SER C 394 51.55 -3.10 -5.55
N LEU C 395 51.44 -2.02 -6.32
CA LEU C 395 50.73 -2.07 -7.59
C LEU C 395 51.67 -1.68 -8.73
N SER C 396 52.87 -2.27 -8.74
CA SER C 396 53.94 -1.80 -9.63
C SER C 396 53.64 -2.07 -11.08
N ASN C 397 53.05 -3.22 -11.40
CA ASN C 397 52.77 -3.59 -12.77
C ASN C 397 51.32 -3.32 -13.18
N ARG C 398 50.56 -2.64 -12.33
CA ARG C 398 49.14 -2.41 -12.57
C ARG C 398 48.97 -1.00 -13.14
N SER C 399 48.87 -0.91 -14.46
CA SER C 399 48.58 0.36 -15.10
C SER C 399 47.12 0.73 -14.89
N LEU C 400 46.85 2.02 -14.69
CA LEU C 400 45.51 2.49 -14.38
C LEU C 400 45.13 3.62 -15.33
N ILE C 401 43.81 3.81 -15.48
CA ILE C 401 43.24 4.91 -16.22
C ILE C 401 42.52 5.82 -15.23
N VAL C 402 42.84 7.11 -15.25
CA VAL C 402 42.26 8.10 -14.35
C VAL C 402 41.59 9.16 -15.20
N THR C 403 40.31 9.42 -14.93
CA THR C 403 39.56 10.42 -15.68
C THR C 403 39.49 11.75 -14.93
N THR C 404 39.31 12.81 -15.71
CA THR C 404 39.14 14.15 -15.16
C THR C 404 38.29 14.96 -16.15
N ILE C 405 37.89 16.16 -15.72
CA ILE C 405 37.03 17.01 -16.52
C ILE C 405 37.56 18.43 -16.67
N LEU C 406 38.76 18.71 -16.16
CA LEU C 406 39.41 20.04 -16.07
C LEU C 406 38.45 20.97 -15.29
N GLU C 407 38.28 22.22 -15.75
CA GLU C 407 37.37 23.22 -15.17
C GLU C 407 37.64 23.51 -13.70
N GLU C 408 38.89 23.40 -13.27
CA GLU C 408 39.24 23.42 -11.87
C GLU C 408 40.53 24.18 -11.66
N PRO C 409 40.77 24.69 -10.45
CA PRO C 409 42.14 24.94 -10.00
C PRO C 409 42.84 23.68 -9.53
N TYR C 410 42.09 22.59 -9.36
CA TYR C 410 42.67 21.31 -8.98
C TYR C 410 43.51 20.72 -10.10
N VAL C 411 42.99 20.72 -11.32
CA VAL C 411 43.70 20.25 -12.51
C VAL C 411 43.66 21.33 -13.57
N LEU C 412 44.79 21.54 -14.24
CA LEU C 412 44.92 22.61 -15.22
C LEU C 412 45.85 22.16 -16.32
N PHE C 413 45.69 22.79 -17.49
CA PHE C 413 46.60 22.53 -18.60
C PHE C 413 47.96 23.13 -18.35
N LYS C 414 48.99 22.54 -18.96
CA LYS C 414 50.32 23.11 -18.89
C LYS C 414 50.39 24.34 -19.81
N LYS C 415 50.96 25.42 -19.28
CA LYS C 415 51.05 26.69 -20.00
C LYS C 415 52.39 26.89 -20.70
N SER C 416 53.10 25.80 -20.98
CA SER C 416 54.34 25.91 -21.75
C SER C 416 54.03 26.15 -23.22
N ASP C 417 54.98 26.77 -23.92
CA ASP C 417 54.79 27.04 -25.33
C ASP C 417 54.91 25.77 -26.17
N LYS C 418 55.73 24.82 -25.75
CA LYS C 418 55.81 23.54 -26.44
C LYS C 418 54.58 22.70 -26.10
N PRO C 419 53.88 22.18 -27.11
CA PRO C 419 52.67 21.38 -26.84
C PRO C 419 53.02 19.99 -26.32
N LEU C 420 52.78 19.78 -25.03
CA LEU C 420 52.97 18.46 -24.45
C LEU C 420 51.84 17.53 -24.88
N TYR C 421 52.10 16.23 -24.81
CA TYR C 421 51.12 15.23 -25.20
C TYR C 421 51.14 14.07 -24.21
N GLY C 422 49.96 13.57 -23.88
CA GLY C 422 49.84 12.46 -22.95
C GLY C 422 49.45 12.88 -21.54
N ASN C 423 50.13 12.34 -20.55
CA ASN C 423 49.86 12.67 -19.16
C ASN C 423 50.59 13.94 -18.71
N ASP C 424 51.47 14.48 -19.54
CA ASP C 424 52.19 15.70 -19.20
C ASP C 424 51.40 16.96 -19.54
N ARG C 425 50.21 16.82 -20.12
CA ARG C 425 49.39 17.97 -20.46
C ARG C 425 48.69 18.57 -19.24
N PHE C 426 48.66 17.86 -18.13
CA PHE C 426 47.87 18.25 -16.98
C PHE C 426 48.77 18.58 -15.79
N GLU C 427 48.34 19.55 -15.00
CA GLU C 427 49.06 19.97 -13.81
C GLU C 427 48.06 20.55 -12.82
N GLY C 428 48.48 20.65 -11.57
CA GLY C 428 47.65 21.21 -10.54
C GLY C 428 47.84 20.48 -9.23
N TYR C 429 46.87 20.67 -8.33
CA TYR C 429 46.94 20.04 -7.02
C TYR C 429 46.66 18.55 -7.10
N CYS C 430 45.62 18.17 -7.83
CA CYS C 430 45.25 16.76 -7.94
C CYS C 430 46.25 15.98 -8.78
N ILE C 431 46.89 16.65 -9.75
CA ILE C 431 47.91 15.98 -10.56
C ILE C 431 49.15 15.68 -9.72
N ASP C 432 49.53 16.60 -8.84
CA ASP C 432 50.63 16.32 -7.94
C ASP C 432 50.25 15.30 -6.87
N LEU C 433 48.97 15.27 -6.49
CA LEU C 433 48.48 14.21 -5.59
C LEU C 433 48.58 12.84 -6.25
N LEU C 434 48.22 12.76 -7.54
CA LEU C 434 48.36 11.53 -8.29
C LEU C 434 49.83 11.16 -8.50
N ARG C 435 50.69 12.17 -8.64
CA ARG C 435 52.14 11.92 -8.74
C ARG C 435 52.69 11.34 -7.45
N GLU C 436 52.24 11.86 -6.30
CA GLU C 436 52.68 11.30 -5.02
C GLU C 436 52.12 9.90 -4.80
N LEU C 437 50.88 9.66 -5.24
CA LEU C 437 50.29 8.33 -5.13
C LEU C 437 50.99 7.33 -6.03
N SER C 438 51.40 7.76 -7.23
CA SER C 438 52.16 6.89 -8.11
C SER C 438 53.60 6.73 -7.65
N THR C 439 54.10 7.67 -6.84
CA THR C 439 55.42 7.49 -6.24
C THR C 439 55.37 6.46 -5.13
N ILE C 440 54.31 6.50 -4.32
CA ILE C 440 54.20 5.56 -3.19
C ILE C 440 53.80 4.17 -3.68
N LEU C 441 52.70 4.08 -4.44
CA LEU C 441 52.18 2.79 -4.87
C LEU C 441 52.89 2.22 -6.08
N GLY C 442 53.68 3.03 -6.79
CA GLY C 442 54.45 2.52 -7.90
C GLY C 442 53.69 2.27 -9.18
N PHE C 443 52.43 2.65 -9.25
CA PHE C 443 51.66 2.33 -10.44
C PHE C 443 51.86 3.39 -11.53
N THR C 444 51.31 3.11 -12.70
CA THR C 444 51.36 3.99 -13.84
C THR C 444 49.95 4.42 -14.19
N TYR C 445 49.77 5.72 -14.42
CA TYR C 445 48.46 6.29 -14.67
C TYR C 445 48.42 6.90 -16.07
N GLU C 446 47.29 6.74 -16.74
CA GLU C 446 46.99 7.46 -17.97
C GLU C 446 45.81 8.38 -17.70
N ILE C 447 45.99 9.67 -17.94
CA ILE C 447 44.97 10.66 -17.66
C ILE C 447 44.11 10.85 -18.90
N ARG C 448 42.79 10.73 -18.72
CA ARG C 448 41.85 10.86 -19.82
C ARG C 448 40.77 11.86 -19.43
N LEU C 449 40.38 12.68 -20.39
CA LEU C 449 39.32 13.65 -20.18
C LEU C 449 37.98 13.03 -20.52
N VAL C 450 36.99 13.29 -19.67
CA VAL C 450 35.65 12.78 -19.92
C VAL C 450 35.01 13.57 -21.05
N GLU C 451 34.49 12.86 -22.05
CA GLU C 451 33.85 13.51 -23.18
C GLU C 451 32.53 14.17 -22.80
N ASP C 452 31.86 13.69 -21.75
CA ASP C 452 30.66 14.36 -21.27
C ASP C 452 30.98 15.63 -20.51
N GLY C 453 32.07 15.61 -19.73
CA GLY C 453 32.47 16.75 -18.94
C GLY C 453 31.73 16.93 -17.64
N LYS C 454 30.81 16.03 -17.30
CA LYS C 454 29.98 16.13 -16.11
C LYS C 454 30.38 15.07 -15.10
N TYR C 455 29.67 15.04 -13.98
CA TYR C 455 29.93 14.09 -12.91
C TYR C 455 28.99 12.90 -12.95
N GLY C 456 27.69 13.17 -12.82
CA GLY C 456 26.69 12.12 -12.81
C GLY C 456 25.30 12.68 -12.59
N ALA C 457 24.33 12.23 -13.38
CA ALA C 457 22.98 12.76 -13.35
C ALA C 457 22.04 11.77 -12.68
N GLN C 458 20.87 12.27 -12.32
CA GLN C 458 19.81 11.46 -11.73
C GLN C 458 18.48 11.80 -12.40
N ASP C 459 18.49 11.80 -13.73
CA ASP C 459 17.30 12.02 -14.54
C ASP C 459 16.28 10.90 -14.31
N ASP C 460 15.13 11.26 -13.73
CA ASP C 460 14.15 10.28 -13.28
C ASP C 460 13.42 9.58 -14.43
N VAL C 461 13.53 10.08 -15.65
CA VAL C 461 12.99 9.37 -16.79
C VAL C 461 13.82 8.11 -17.07
N ASN C 462 15.14 8.21 -16.94
CA ASN C 462 16.02 7.09 -17.21
C ASN C 462 16.67 6.50 -15.96
N GLY C 463 16.99 7.32 -14.96
CA GLY C 463 17.77 6.82 -13.84
C GLY C 463 19.22 6.59 -14.17
N GLN C 464 19.72 7.22 -15.22
CA GLN C 464 21.07 6.97 -15.73
C GLN C 464 21.99 8.09 -15.31
N TRP C 465 23.18 7.74 -14.84
CA TRP C 465 24.19 8.73 -14.52
C TRP C 465 24.82 9.26 -15.81
N ASN C 466 25.50 10.38 -15.70
CA ASN C 466 26.03 11.07 -16.88
C ASN C 466 27.38 11.69 -16.54
N GLY C 467 28.45 11.01 -16.91
CA GLY C 467 29.77 11.55 -16.73
C GLY C 467 30.72 10.63 -15.99
N MET C 468 31.31 11.15 -14.90
CA MET C 468 32.32 10.42 -14.15
C MET C 468 31.73 9.20 -13.44
N VAL C 469 30.55 9.35 -12.86
CA VAL C 469 29.88 8.24 -12.19
C VAL C 469 29.47 7.17 -13.21
N ARG C 470 29.00 7.59 -14.37
CA ARG C 470 28.58 6.64 -15.41
C ARG C 470 29.76 5.90 -16.00
N GLU C 471 30.90 6.56 -16.18
CA GLU C 471 32.06 5.84 -16.68
C GLU C 471 32.72 4.98 -15.60
N LEU C 472 32.56 5.33 -14.32
CA LEU C 472 33.03 4.42 -13.28
C LEU C 472 32.11 3.23 -13.11
N ILE C 473 30.85 3.35 -13.52
CA ILE C 473 29.95 2.19 -13.53
C ILE C 473 30.41 1.19 -14.59
N ASP C 474 30.72 1.68 -15.78
CA ASP C 474 31.02 0.82 -16.92
C ASP C 474 32.47 0.37 -16.98
N HIS C 475 33.28 0.75 -15.98
CA HIS C 475 34.70 0.43 -15.88
C HIS C 475 35.49 0.91 -17.10
N LYS C 476 35.12 2.09 -17.61
CA LYS C 476 35.89 2.72 -18.66
C LYS C 476 37.25 3.17 -18.14
N ALA C 477 37.29 3.63 -16.89
CA ALA C 477 38.55 3.91 -16.21
C ALA C 477 38.55 3.25 -14.85
N ASP C 478 39.58 3.52 -14.06
CA ASP C 478 39.75 2.87 -12.77
C ASP C 478 39.72 3.82 -11.59
N LEU C 479 40.14 5.06 -11.76
CA LEU C 479 40.16 6.05 -10.70
C LEU C 479 39.57 7.35 -11.21
N ALA C 480 39.06 8.15 -10.27
CA ALA C 480 38.52 9.47 -10.58
C ALA C 480 39.16 10.45 -9.61
N VAL C 481 40.35 10.93 -9.95
CA VAL C 481 41.02 11.96 -9.16
C VAL C 481 40.43 13.30 -9.60
N ALA C 482 39.45 13.76 -8.85
CA ALA C 482 38.67 14.95 -9.18
C ALA C 482 38.00 15.43 -7.91
N PRO C 483 37.59 16.71 -7.84
CA PRO C 483 36.82 17.16 -6.68
C PRO C 483 35.41 16.59 -6.64
N LEU C 484 35.28 15.35 -6.18
CA LEU C 484 34.00 14.67 -6.08
C LEU C 484 33.47 14.82 -4.67
N ALA C 485 32.25 15.33 -4.54
CA ALA C 485 31.60 15.37 -3.24
C ALA C 485 31.09 13.98 -2.90
N ILE C 486 31.43 13.50 -1.70
CA ILE C 486 30.99 12.18 -1.26
C ILE C 486 29.53 12.32 -0.83
N THR C 487 28.63 11.96 -1.73
CA THR C 487 27.20 12.11 -1.53
C THR C 487 26.58 10.72 -1.42
N TYR C 488 25.54 10.60 -0.58
CA TYR C 488 24.90 9.31 -0.33
C TYR C 488 24.22 8.75 -1.57
N VAL C 489 23.74 9.61 -2.46
CA VAL C 489 23.19 9.12 -3.72
C VAL C 489 24.31 8.69 -4.67
N ARG C 490 25.53 9.19 -4.46
CA ARG C 490 26.68 8.73 -5.22
C ARG C 490 27.47 7.66 -4.51
N GLU C 491 27.33 7.55 -3.18
CA GLU C 491 28.04 6.51 -2.44
C GLU C 491 27.41 5.14 -2.63
N LYS C 492 26.10 5.10 -2.87
CA LYS C 492 25.42 3.82 -3.01
C LYS C 492 25.55 3.23 -4.41
N VAL C 493 26.13 3.96 -5.35
CA VAL C 493 26.31 3.50 -6.72
C VAL C 493 27.77 3.20 -7.01
N ILE C 494 28.67 4.09 -6.61
CA ILE C 494 30.10 3.86 -6.72
C ILE C 494 30.74 4.14 -5.36
N ASP C 495 31.94 3.61 -5.18
CA ASP C 495 32.63 3.71 -3.90
C ASP C 495 33.60 4.89 -3.89
N PHE C 496 33.94 5.31 -2.68
CA PHE C 496 34.87 6.41 -2.48
C PHE C 496 35.88 6.04 -1.41
N SER C 497 37.03 6.69 -1.46
CA SER C 497 38.10 6.43 -0.52
C SER C 497 37.91 7.29 0.73
N LYS C 498 38.94 7.34 1.57
CA LYS C 498 38.96 8.24 2.71
C LYS C 498 39.05 9.69 2.20
N PRO C 499 38.29 10.61 2.79
CA PRO C 499 38.34 12.01 2.33
C PRO C 499 39.66 12.66 2.73
N PHE C 500 40.30 13.32 1.76
CA PHE C 500 41.53 14.05 2.03
C PHE C 500 41.31 15.53 2.29
N MET C 501 40.15 16.07 1.91
CA MET C 501 39.84 17.48 2.12
C MET C 501 38.44 17.58 2.71
N THR C 502 38.35 18.04 3.95
CA THR C 502 37.07 18.35 4.58
C THR C 502 36.64 19.73 4.14
N LEU C 503 35.34 19.91 3.89
CA LEU C 503 34.89 21.07 3.17
C LEU C 503 33.43 21.35 3.49
N GLY C 504 33.05 22.62 3.36
CA GLY C 504 31.67 23.02 3.50
C GLY C 504 31.27 23.98 2.40
N ILE C 505 30.00 24.38 2.43
CA ILE C 505 29.45 25.28 1.42
C ILE C 505 29.33 26.67 2.02
N SER C 506 29.76 27.68 1.25
CA SER C 506 29.72 29.05 1.73
C SER C 506 29.24 29.93 0.58
N ILE C 507 29.23 31.24 0.81
CA ILE C 507 28.62 32.20 -0.12
C ILE C 507 29.70 33.12 -0.68
N LEU C 508 29.98 32.97 -1.96
CA LEU C 508 30.70 33.98 -2.73
C LEU C 508 29.83 35.21 -2.90
N TYR C 509 30.40 36.37 -2.58
CA TYR C 509 29.71 37.62 -2.82
C TYR C 509 30.72 38.71 -3.18
N ARG C 510 30.27 39.65 -4.01
CA ARG C 510 31.11 40.80 -4.36
C ARG C 510 31.29 41.70 -3.15
N LYS C 511 32.51 42.20 -2.97
CA LYS C 511 32.82 43.07 -1.84
C LYS C 511 32.13 44.42 -2.03
N PRO C 512 31.24 44.84 -1.13
CA PRO C 512 30.53 46.10 -1.30
C PRO C 512 31.22 47.31 -0.69
N ASN C 513 32.51 47.21 -0.36
CA ASN C 513 33.20 48.30 0.34
C ASN C 513 33.52 49.47 -0.58
N GLY C 514 33.50 49.28 -1.90
CA GLY C 514 33.76 50.37 -2.81
C GLY C 514 32.56 51.28 -2.98
N THR C 515 32.62 52.46 -2.36
CA THR C 515 31.53 53.44 -2.42
C THR C 515 32.13 54.83 -2.52
N ASN C 516 31.61 55.64 -3.43
CA ASN C 516 32.08 57.00 -3.64
C ASN C 516 31.06 57.98 -3.09
N PRO C 517 31.41 58.81 -2.10
CA PRO C 517 30.49 59.86 -1.68
C PRO C 517 30.37 60.96 -2.73
N GLY C 518 29.17 61.45 -2.92
CA GLY C 518 28.88 62.46 -3.93
C GLY C 518 28.45 63.77 -3.29
N VAL C 519 28.86 64.88 -3.91
CA VAL C 519 28.50 66.20 -3.40
C VAL C 519 27.02 66.49 -3.63
N PHE C 520 26.50 66.10 -4.80
CA PHE C 520 25.15 66.51 -5.19
C PHE C 520 24.07 65.79 -4.39
N SER C 521 24.24 64.48 -4.15
CA SER C 521 23.24 63.75 -3.38
C SER C 521 23.30 64.10 -1.90
N PHE C 522 24.50 64.41 -1.39
CA PHE C 522 24.64 64.83 -0.01
C PHE C 522 24.08 66.23 0.22
N LEU C 523 24.24 67.11 -0.78
CA LEU C 523 23.66 68.46 -0.67
C LEU C 523 22.14 68.41 -0.68
N ASN C 524 21.56 67.57 -1.52
CA ASN C 524 20.11 67.43 -1.54
C ASN C 524 19.74 65.96 -1.69
N PRO C 525 19.15 65.35 -0.65
CA PRO C 525 18.64 63.99 -0.81
C PRO C 525 17.41 63.92 -1.70
N LEU C 526 16.66 65.01 -1.82
CA LEU C 526 15.62 65.14 -2.81
C LEU C 526 16.23 65.71 -4.10
N SER C 527 15.38 66.17 -5.02
CA SER C 527 15.86 66.77 -6.26
C SER C 527 16.51 68.11 -5.97
N PRO C 528 17.72 68.36 -6.49
CA PRO C 528 18.46 69.58 -6.08
C PRO C 528 18.00 70.85 -6.77
N ASP C 529 17.13 70.76 -7.78
CA ASP C 529 16.67 71.95 -8.49
C ASP C 529 15.75 72.82 -7.63
N ILE C 530 15.17 72.27 -6.56
CA ILE C 530 14.45 73.07 -5.57
C ILE C 530 15.37 73.80 -4.62
N TRP C 531 16.68 73.53 -4.66
CA TRP C 531 17.62 74.12 -3.73
C TRP C 531 17.85 75.60 -4.06
N MET C 532 18.44 75.85 -5.24
CA MET C 532 18.68 77.22 -5.70
C MET C 532 17.38 77.97 -5.95
N TYR C 533 16.30 77.23 -6.24
CA TYR C 533 14.96 77.78 -6.40
C TYR C 533 14.49 78.53 -5.15
N VAL C 534 14.94 78.14 -3.96
CA VAL C 534 14.62 78.95 -2.79
C VAL C 534 15.76 79.90 -2.42
N LEU C 535 16.98 79.64 -2.92
CA LEU C 535 18.15 80.39 -2.46
C LEU C 535 18.10 81.84 -2.93
N LEU C 536 17.77 82.04 -4.21
CA LEU C 536 17.51 83.38 -4.73
C LEU C 536 16.28 84.02 -4.09
N ALA C 537 15.36 83.21 -3.55
CA ALA C 537 14.25 83.73 -2.75
C ALA C 537 14.75 84.45 -1.51
N TYR C 538 15.85 83.96 -0.91
CA TYR C 538 16.48 84.70 0.18
C TYR C 538 17.08 86.00 -0.32
N LEU C 539 17.53 86.03 -1.58
CA LEU C 539 17.94 87.28 -2.20
C LEU C 539 16.77 88.23 -2.40
N GLY C 540 15.55 87.69 -2.49
CA GLY C 540 14.36 88.55 -2.45
C GLY C 540 14.25 89.32 -1.13
N VAL C 541 14.67 88.68 -0.03
CA VAL C 541 14.76 89.36 1.26
C VAL C 541 15.80 90.47 1.22
N SER C 542 16.82 90.32 0.37
CA SER C 542 17.80 91.39 0.20
C SER C 542 17.27 92.55 -0.63
N VAL C 543 16.19 92.36 -1.41
CA VAL C 543 15.76 93.40 -2.32
C VAL C 543 14.40 94.01 -1.98
N VAL C 544 13.63 93.40 -1.09
CA VAL C 544 12.31 93.93 -0.75
C VAL C 544 12.37 94.90 0.42
N LEU C 545 13.04 94.49 1.51
CA LEU C 545 13.09 95.32 2.70
C LEU C 545 14.06 96.49 2.53
N PHE C 546 15.20 96.26 1.87
CA PHE C 546 16.24 97.27 1.75
C PHE C 546 15.98 98.16 0.53
N VAL C 547 14.93 98.98 0.66
CA VAL C 547 14.55 99.92 -0.38
C VAL C 547 14.55 101.33 0.19
N ILE C 548 13.72 101.55 1.21
CA ILE C 548 13.60 102.87 1.84
C ILE C 548 14.19 102.83 3.24
N LEU C 598 8.67 98.16 12.04
CA LEU C 598 7.55 97.31 12.42
C LEU C 598 7.40 96.14 11.45
N SER C 599 7.27 96.46 10.16
CA SER C 599 7.11 95.44 9.14
C SER C 599 8.39 94.65 8.89
N THR C 600 9.55 95.26 9.20
CA THR C 600 10.84 94.59 9.03
C THR C 600 10.95 93.37 9.93
N ARG C 601 10.48 93.50 11.18
CA ARG C 601 10.47 92.36 12.10
C ARG C 601 9.48 91.30 11.65
N ILE C 602 8.38 91.69 11.01
CA ILE C 602 7.40 90.72 10.51
C ILE C 602 7.99 89.92 9.36
N VAL C 603 8.65 90.60 8.41
CA VAL C 603 9.27 89.90 7.28
C VAL C 603 10.44 89.04 7.76
N GLY C 604 11.20 89.52 8.75
CA GLY C 604 12.27 88.73 9.32
C GLY C 604 11.78 87.49 10.06
N GLY C 605 10.66 87.61 10.78
CA GLY C 605 10.07 86.46 11.43
C GLY C 605 9.50 85.46 10.45
N ILE C 606 8.90 85.94 9.35
CA ILE C 606 8.37 85.06 8.32
C ILE C 606 9.50 84.31 7.61
N TRP C 607 10.59 85.02 7.29
CA TRP C 607 11.75 84.39 6.66
C TRP C 607 12.45 83.43 7.62
N TRP C 608 12.47 83.76 8.92
CA TRP C 608 13.02 82.87 9.94
C TRP C 608 12.19 81.59 10.07
N PHE C 609 10.86 81.73 10.01
CA PHE C 609 9.97 80.57 10.02
C PHE C 609 10.15 79.71 8.78
N PHE C 610 10.36 80.36 7.63
CA PHE C 610 10.65 79.65 6.38
C PHE C 610 11.96 78.89 6.46
N THR C 611 12.98 79.51 7.07
CA THR C 611 14.28 78.86 7.24
C THR C 611 14.18 77.66 8.19
N LEU C 612 13.38 77.80 9.26
CA LEU C 612 13.19 76.68 10.18
C LEU C 612 12.44 75.53 9.52
N ILE C 613 11.45 75.85 8.68
CA ILE C 613 10.71 74.82 7.94
C ILE C 613 11.63 74.11 6.95
N ILE C 614 12.51 74.87 6.27
CA ILE C 614 13.45 74.29 5.32
C ILE C 614 14.45 73.37 6.01
N ILE C 615 14.99 73.82 7.16
CA ILE C 615 16.00 73.01 7.84
C ILE C 615 15.35 71.81 8.53
N SER C 616 14.08 71.91 8.91
CA SER C 616 13.37 70.76 9.48
C SER C 616 13.08 69.74 8.40
N SER C 617 12.71 70.19 7.20
CA SER C 617 12.48 69.28 6.09
C SER C 617 13.77 68.58 5.66
N TYR C 618 14.88 69.32 5.63
CA TYR C 618 16.15 68.72 5.26
C TYR C 618 16.63 67.73 6.31
N THR C 619 16.45 68.05 7.59
CA THR C 619 16.82 67.14 8.66
C THR C 619 15.96 65.90 8.65
N ALA C 620 14.66 66.05 8.34
CA ALA C 620 13.78 64.89 8.26
C ALA C 620 14.13 63.98 7.08
N ASN C 621 14.47 64.58 5.93
CA ASN C 621 14.90 63.80 4.77
C ASN C 621 16.21 63.06 5.05
N LEU C 622 17.17 63.74 5.68
CA LEU C 622 18.45 63.11 5.99
C LEU C 622 18.29 62.03 7.05
N ALA C 623 17.40 62.23 8.02
CA ALA C 623 17.17 61.23 9.05
C ALA C 623 16.47 60.01 8.48
N ALA C 624 15.50 60.20 7.58
CA ALA C 624 14.83 59.06 6.96
C ALA C 624 15.78 58.28 6.06
N PHE C 625 16.63 59.00 5.30
CA PHE C 625 17.60 58.33 4.44
C PHE C 625 18.64 57.57 5.25
N LEU C 626 19.10 58.17 6.35
CA LEU C 626 20.09 57.50 7.20
C LEU C 626 19.48 56.34 7.95
N THR C 627 18.19 56.41 8.30
CA THR C 627 17.55 55.29 8.99
C THR C 627 17.31 54.14 8.03
N VAL C 628 16.97 54.45 6.78
CA VAL C 628 16.83 53.41 5.76
C VAL C 628 18.17 52.74 5.47
N GLU C 629 19.24 53.53 5.38
CA GLU C 629 20.57 52.94 5.19
C GLU C 629 21.07 52.22 6.44
N ARG C 630 20.60 52.63 7.62
CA ARG C 630 20.93 51.94 8.85
C ARG C 630 20.18 50.63 8.99
N MET C 631 19.03 50.50 8.34
CA MET C 631 18.39 49.22 8.15
C MET C 631 19.05 48.52 6.97
N GLU C 632 18.45 47.39 6.53
CA GLU C 632 18.98 46.40 5.57
C GLU C 632 20.47 46.13 5.77
N SER C 633 20.81 45.55 6.92
CA SER C 633 22.17 45.43 7.41
C SER C 633 23.03 44.54 6.51
N PRO C 634 24.36 44.65 6.62
CA PRO C 634 25.25 43.70 5.93
C PRO C 634 24.98 42.25 6.35
N ILE C 635 25.13 41.35 5.38
CA ILE C 635 24.39 40.10 5.38
C ILE C 635 25.01 39.06 6.34
N ASP C 636 26.29 38.73 6.16
CA ASP C 636 27.13 37.97 7.09
C ASP C 636 26.66 36.54 7.43
N SER C 637 25.57 36.06 6.84
CA SER C 637 25.04 34.74 7.13
C SER C 637 24.12 34.31 6.01
N ALA C 638 23.89 33.00 5.91
CA ALA C 638 22.89 32.47 5.00
C ALA C 638 21.47 32.68 5.52
N ASP C 639 21.32 32.91 6.83
CA ASP C 639 20.02 33.21 7.40
C ASP C 639 19.48 34.54 6.88
N ASP C 640 20.34 35.56 6.80
CA ASP C 640 19.93 36.83 6.23
C ASP C 640 19.82 36.75 4.71
N LEU C 641 20.51 35.78 4.09
CA LEU C 641 20.28 35.49 2.67
C LEU C 641 18.88 34.92 2.47
N ALA C 642 18.42 34.09 3.41
CA ALA C 642 17.05 33.60 3.35
C ALA C 642 16.05 34.71 3.68
N LYS C 643 16.44 35.66 4.53
CA LYS C 643 15.54 36.75 4.89
C LYS C 643 15.40 37.77 3.77
N GLN C 644 16.51 38.10 3.11
CA GLN C 644 16.53 39.16 2.11
C GLN C 644 16.45 38.55 0.71
N THR C 645 15.39 38.91 -0.02
CA THR C 645 15.20 38.44 -1.38
C THR C 645 15.56 39.50 -2.41
N LYS C 646 16.07 40.66 -1.99
CA LYS C 646 16.50 41.68 -2.93
C LYS C 646 17.78 41.27 -3.65
N ILE C 647 18.73 40.70 -2.92
CA ILE C 647 19.93 40.14 -3.53
C ILE C 647 19.58 38.74 -4.02
N GLU C 648 19.70 38.52 -5.32
CA GLU C 648 19.44 37.20 -5.87
C GLU C 648 20.57 36.25 -5.51
N TYR C 649 20.21 34.98 -5.32
CA TYR C 649 21.20 33.99 -4.91
C TYR C 649 20.83 32.64 -5.48
N GLY C 650 21.86 31.87 -5.79
CA GLY C 650 21.67 30.54 -6.32
C GLY C 650 22.96 29.76 -6.26
N ALA C 651 22.98 28.65 -6.98
CA ALA C 651 24.14 27.75 -6.93
C ALA C 651 24.25 27.01 -8.25
N VAL C 652 25.11 26.01 -8.27
CA VAL C 652 25.24 25.14 -9.44
C VAL C 652 24.04 24.20 -9.46
N GLU C 653 23.55 23.90 -10.66
CA GLU C 653 22.31 23.11 -10.80
C GLU C 653 22.52 21.66 -10.37
N ASP C 654 23.58 21.02 -10.84
CA ASP C 654 23.82 19.61 -10.58
C ASP C 654 25.04 19.44 -9.70
N GLY C 655 24.98 18.43 -8.81
CA GLY C 655 26.08 18.11 -7.93
C GLY C 655 25.67 18.17 -6.47
N ALA C 656 26.63 18.54 -5.62
CA ALA C 656 26.37 18.67 -4.20
C ALA C 656 25.41 19.82 -3.91
N THR C 657 25.58 20.93 -4.61
CA THR C 657 24.63 22.02 -4.52
C THR C 657 23.33 21.64 -5.22
N MET C 658 22.24 22.30 -4.78
CA MET C 658 20.84 22.05 -5.17
C MET C 658 20.36 20.65 -4.81
N THR C 659 21.08 19.93 -3.95
CA THR C 659 20.68 18.61 -3.49
C THR C 659 20.80 18.55 -1.98
N PHE C 660 21.70 19.35 -1.43
CA PHE C 660 21.90 19.37 0.02
C PHE C 660 20.73 20.01 0.73
N PHE C 661 20.31 21.18 0.27
CA PHE C 661 19.16 21.86 0.85
C PHE C 661 17.85 21.49 0.17
N LYS C 662 17.88 20.71 -0.90
CA LYS C 662 16.64 20.16 -1.44
C LYS C 662 16.06 19.12 -0.50
N LYS C 663 16.90 18.25 0.04
CA LYS C 663 16.46 17.22 0.99
C LYS C 663 16.44 17.71 2.43
N SER C 664 17.01 18.88 2.71
CA SER C 664 17.08 19.37 4.07
C SER C 664 15.74 19.90 4.54
N LYS C 665 15.45 19.70 5.82
CA LYS C 665 14.21 20.15 6.43
C LYS C 665 14.41 21.35 7.35
N ILE C 666 15.61 21.93 7.37
CA ILE C 666 15.83 23.16 8.11
C ILE C 666 15.17 24.31 7.36
N SER C 667 14.50 25.19 8.11
CA SER C 667 13.57 26.17 7.52
C SER C 667 14.29 27.22 6.70
N THR C 668 15.49 27.62 7.13
CA THR C 668 16.29 28.58 6.37
C THR C 668 16.70 28.00 5.02
N TYR C 669 17.23 26.78 5.02
CA TYR C 669 17.64 26.14 3.79
C TYR C 669 16.44 25.72 2.95
N ASP C 670 15.30 25.41 3.59
CA ASP C 670 14.10 25.09 2.82
C ASP C 670 13.54 26.32 2.13
N LYS C 671 13.58 27.48 2.79
CA LYS C 671 13.16 28.72 2.16
C LYS C 671 14.11 29.14 1.04
N MET C 672 15.41 28.90 1.24
CA MET C 672 16.39 29.17 0.18
C MET C 672 16.19 28.23 -1.00
N TRP C 673 15.82 26.97 -0.74
CA TRP C 673 15.52 26.02 -1.80
C TRP C 673 14.25 26.42 -2.55
N ALA C 674 13.24 26.92 -1.84
CA ALA C 674 12.02 27.40 -2.48
C ALA C 674 12.30 28.62 -3.36
N PHE C 675 13.15 29.53 -2.88
CA PHE C 675 13.53 30.69 -3.68
C PHE C 675 14.35 30.30 -4.90
N MET C 676 15.23 29.32 -4.76
CA MET C 676 16.07 28.93 -5.89
C MET C 676 15.28 28.11 -6.90
N SER C 677 14.34 27.30 -6.45
CA SER C 677 13.48 26.57 -7.37
C SER C 677 12.43 27.47 -7.99
N SER C 678 12.13 28.61 -7.37
CA SER C 678 11.29 29.60 -8.04
C SER C 678 12.04 30.30 -9.16
N ARG C 679 13.37 30.37 -9.06
CA ARG C 679 14.17 31.01 -10.09
C ARG C 679 15.15 30.02 -10.70
N ARG C 680 14.64 28.83 -11.02
CA ARG C 680 15.44 27.73 -11.57
C ARG C 680 15.97 27.99 -12.97
N GLN C 681 15.44 28.99 -13.68
CA GLN C 681 15.94 29.35 -14.99
C GLN C 681 16.62 30.70 -15.02
N SER C 682 16.69 31.39 -13.89
CA SER C 682 17.26 32.74 -13.83
C SER C 682 18.54 32.82 -13.01
N VAL C 683 18.50 32.36 -11.76
CA VAL C 683 19.67 32.46 -10.89
C VAL C 683 20.51 31.19 -10.88
N LEU C 684 20.07 30.15 -11.59
CA LEU C 684 20.75 28.86 -11.56
C LEU C 684 21.86 28.85 -12.60
N VAL C 685 23.08 28.59 -12.16
CA VAL C 685 24.29 28.75 -12.96
C VAL C 685 24.83 27.37 -13.31
N LYS C 686 25.25 27.19 -14.56
CA LYS C 686 25.72 25.89 -15.01
C LYS C 686 27.10 25.56 -14.45
N SER C 687 28.03 26.50 -14.49
CA SER C 687 29.41 26.23 -14.13
C SER C 687 29.89 27.20 -13.05
N ASN C 688 31.06 26.87 -12.49
CA ASN C 688 31.62 27.69 -11.41
C ASN C 688 32.14 29.02 -11.93
N GLU C 689 32.87 28.99 -13.03
CA GLU C 689 33.48 30.22 -13.56
C GLU C 689 32.45 31.14 -14.19
N GLU C 690 31.28 30.62 -14.58
CA GLU C 690 30.19 31.48 -15.00
C GLU C 690 29.60 32.23 -13.81
N GLY C 691 29.49 31.55 -12.67
CA GLY C 691 29.00 32.20 -11.46
C GLY C 691 29.99 33.15 -10.84
N ILE C 692 31.28 33.00 -11.15
CA ILE C 692 32.28 33.95 -10.68
C ILE C 692 32.09 35.30 -11.36
N GLN C 693 31.91 35.28 -12.68
CA GLN C 693 31.65 36.52 -13.40
C GLN C 693 30.23 37.02 -13.21
N ARG C 694 29.31 36.17 -12.74
CA ARG C 694 27.95 36.62 -12.49
C ARG C 694 27.88 37.51 -11.25
N VAL C 695 28.65 37.19 -10.21
CA VAL C 695 28.64 38.04 -9.03
C VAL C 695 29.49 39.30 -9.23
N LEU C 696 30.34 39.32 -10.25
CA LEU C 696 31.16 40.49 -10.54
C LEU C 696 30.43 41.50 -11.40
N THR C 697 29.31 41.11 -12.03
CA THR C 697 28.59 41.98 -12.93
C THR C 697 27.18 42.33 -12.45
N SER C 698 26.63 41.58 -11.50
CA SER C 698 25.28 41.83 -11.01
C SER C 698 25.24 41.59 -9.51
N ASP C 699 24.18 42.09 -8.87
CA ASP C 699 23.96 41.86 -7.45
C ASP C 699 23.49 40.42 -7.27
N TYR C 700 24.46 39.52 -7.14
CA TYR C 700 24.19 38.10 -7.09
C TYR C 700 25.11 37.44 -6.07
N ALA C 701 24.59 36.45 -5.38
CA ALA C 701 25.36 35.64 -4.44
C ALA C 701 25.43 34.23 -4.98
N PHE C 702 26.58 33.57 -4.78
CA PHE C 702 26.80 32.26 -5.38
C PHE C 702 27.27 31.28 -4.31
N LEU C 703 26.60 30.13 -4.22
CA LEU C 703 27.01 29.13 -3.24
C LEU C 703 28.14 28.29 -3.82
N MET C 704 29.27 28.27 -3.13
CA MET C 704 30.48 27.60 -3.61
C MET C 704 31.03 26.67 -2.55
N GLU C 705 32.01 25.88 -2.98
CA GLU C 705 32.81 25.03 -2.13
C GLU C 705 33.89 25.84 -1.44
N SER C 706 34.40 25.29 -0.33
CA SER C 706 35.29 26.05 0.56
C SER C 706 36.65 26.27 -0.07
N THR C 707 37.19 25.26 -0.76
CA THR C 707 38.48 25.42 -1.40
C THR C 707 38.39 26.37 -2.59
N THR C 708 37.27 26.34 -3.31
CA THR C 708 37.09 27.23 -4.45
C THR C 708 36.91 28.68 -4.01
N ILE C 709 36.13 28.90 -2.95
CA ILE C 709 35.95 30.25 -2.45
C ILE C 709 37.22 30.77 -1.80
N GLU C 710 38.03 29.90 -1.21
CA GLU C 710 39.31 30.34 -0.67
C GLU C 710 40.30 30.65 -1.77
N PHE C 711 40.26 29.88 -2.86
CA PHE C 711 41.12 30.13 -4.03
C PHE C 711 40.79 31.45 -4.69
N VAL C 712 39.49 31.75 -4.87
CA VAL C 712 39.15 33.03 -5.50
C VAL C 712 39.21 34.19 -4.52
N THR C 713 39.20 33.93 -3.21
CA THR C 713 39.48 34.98 -2.25
C THR C 713 40.95 35.37 -2.28
N GLN C 714 41.83 34.38 -2.34
CA GLN C 714 43.25 34.66 -2.50
C GLN C 714 43.60 35.15 -3.89
N ARG C 715 42.72 34.94 -4.87
CA ARG C 715 42.95 35.39 -6.23
C ARG C 715 42.54 36.85 -6.44
N ASN C 716 41.27 37.17 -6.18
CA ASN C 716 40.74 38.50 -6.40
C ASN C 716 40.33 39.14 -5.10
N CYS C 717 40.58 40.44 -4.99
CA CYS C 717 40.28 41.19 -3.78
C CYS C 717 38.86 41.76 -3.77
N ASN C 718 38.18 41.77 -4.92
CA ASN C 718 36.85 42.35 -5.00
C ASN C 718 35.76 41.36 -4.62
N LEU C 719 36.11 40.14 -4.24
CA LEU C 719 35.16 39.11 -3.86
C LEU C 719 35.50 38.61 -2.46
N THR C 720 34.50 38.00 -1.81
CA THR C 720 34.68 37.58 -0.44
C THR C 720 33.75 36.42 -0.10
N GLN C 721 34.09 35.73 0.99
CA GLN C 721 33.26 34.67 1.54
C GLN C 721 32.42 35.24 2.67
N ILE C 722 31.12 35.00 2.61
CA ILE C 722 30.17 35.57 3.56
C ILE C 722 29.44 34.42 4.25
N GLY C 723 29.49 34.42 5.58
CA GLY C 723 28.89 33.36 6.36
C GLY C 723 29.83 32.19 6.58
N GLY C 724 29.46 31.36 7.55
CA GLY C 724 30.24 30.19 7.88
C GLY C 724 29.92 28.99 7.01
N LEU C 725 30.58 27.89 7.31
CA LEU C 725 30.34 26.65 6.58
C LEU C 725 29.02 26.03 7.02
N ILE C 726 28.25 25.55 6.04
CA ILE C 726 26.96 24.93 6.32
C ILE C 726 26.98 23.43 6.03
N ASP C 727 28.16 22.86 5.80
CA ASP C 727 28.26 21.46 5.45
C ASP C 727 29.61 20.92 5.90
N SER C 728 29.76 19.60 5.85
CA SER C 728 31.00 18.92 6.20
C SER C 728 31.29 17.79 5.22
N LYS C 729 31.09 18.05 3.93
CA LYS C 729 31.35 17.06 2.90
C LYS C 729 32.85 16.92 2.66
N GLY C 730 33.26 15.71 2.27
CA GLY C 730 34.67 15.47 2.01
C GLY C 730 34.96 15.22 0.55
N TYR C 731 36.22 15.36 0.16
CA TYR C 731 36.68 15.00 -1.18
C TYR C 731 37.49 13.72 -1.11
N GLY C 732 36.99 12.67 -1.73
CA GLY C 732 37.74 11.44 -1.91
C GLY C 732 37.78 11.07 -3.37
N VAL C 733 38.76 10.24 -3.71
CA VAL C 733 38.91 9.80 -5.09
C VAL C 733 37.85 8.75 -5.40
N GLY C 734 37.49 8.65 -6.68
CA GLY C 734 36.40 7.79 -7.10
C GLY C 734 36.89 6.41 -7.48
N THR C 735 36.19 5.39 -7.00
CA THR C 735 36.46 4.01 -7.33
C THR C 735 35.17 3.34 -7.78
N PRO C 736 35.25 2.36 -8.68
CA PRO C 736 34.09 1.51 -8.93
C PRO C 736 33.84 0.60 -7.73
N MET C 737 32.61 0.10 -7.65
CA MET C 737 32.24 -0.76 -6.54
C MET C 737 32.91 -2.11 -6.67
N GLY C 738 33.50 -2.58 -5.57
CA GLY C 738 34.26 -3.80 -5.59
C GLY C 738 35.66 -3.68 -6.12
N SER C 739 36.17 -2.48 -6.28
CA SER C 739 37.54 -2.30 -6.74
C SER C 739 38.51 -2.62 -5.61
N PRO C 740 39.52 -3.48 -5.85
CA PRO C 740 40.44 -3.85 -4.78
C PRO C 740 41.50 -2.81 -4.46
N TYR C 741 41.63 -1.76 -5.27
CA TYR C 741 42.64 -0.75 -5.02
C TYR C 741 42.26 0.23 -3.93
N ARG C 742 41.00 0.22 -3.48
CA ARG C 742 40.47 1.32 -2.68
C ARG C 742 41.05 1.35 -1.27
N ASP C 743 41.31 0.17 -0.69
CA ASP C 743 41.84 0.13 0.67
C ASP C 743 43.30 0.59 0.72
N LYS C 744 44.09 0.20 -0.29
CA LYS C 744 45.47 0.65 -0.36
C LYS C 744 45.57 2.14 -0.64
N ILE C 745 44.63 2.68 -1.43
CA ILE C 745 44.58 4.11 -1.68
C ILE C 745 44.17 4.86 -0.43
N THR C 746 43.26 4.29 0.36
CA THR C 746 42.88 4.86 1.65
C THR C 746 44.07 4.89 2.62
N ILE C 747 44.84 3.81 2.65
CA ILE C 747 46.03 3.72 3.50
C ILE C 747 47.09 4.73 3.04
N ALA C 748 47.27 4.88 1.73
CA ALA C 748 48.25 5.82 1.21
C ALA C 748 47.85 7.27 1.46
N ILE C 749 46.54 7.56 1.39
CA ILE C 749 46.04 8.89 1.70
C ILE C 749 46.23 9.20 3.18
N LEU C 750 46.00 8.20 4.04
CA LEU C 750 46.25 8.36 5.47
C LEU C 750 47.73 8.59 5.77
N GLN C 751 48.61 7.88 5.07
CA GLN C 751 50.05 8.09 5.25
C GLN C 751 50.49 9.45 4.72
N LEU C 752 49.86 9.93 3.66
CA LEU C 752 50.20 11.25 3.14
C LEU C 752 49.75 12.36 4.08
N GLN C 753 48.53 12.26 4.62
CA GLN C 753 48.05 13.30 5.51
C GLN C 753 48.66 13.19 6.91
N GLU C 754 49.21 12.03 7.26
CA GLU C 754 49.94 11.93 8.52
C GLU C 754 51.31 12.60 8.42
N GLU C 755 51.92 12.57 7.23
CA GLU C 755 53.17 13.27 7.00
C GLU C 755 52.97 14.75 6.72
N GLY C 756 51.73 15.18 6.49
CA GLY C 756 51.47 16.59 6.26
C GLY C 756 51.87 17.10 4.89
N LYS C 757 52.05 16.19 3.93
CA LYS C 757 52.40 16.61 2.57
C LYS C 757 51.22 17.23 1.84
N LEU C 758 50.00 16.99 2.32
CA LEU C 758 48.81 17.54 1.67
C LEU C 758 48.74 19.05 1.85
N HIS C 759 49.18 19.56 3.01
CA HIS C 759 49.20 21.00 3.26
C HIS C 759 50.20 21.71 2.35
N MET C 760 51.40 21.14 2.19
CA MET C 760 52.40 21.72 1.32
C MET C 760 51.98 21.62 -0.14
N MET C 761 51.34 20.51 -0.51
CA MET C 761 50.86 20.35 -1.88
C MET C 761 49.70 21.29 -2.18
N LYS C 762 48.88 21.59 -1.18
CA LYS C 762 47.83 22.60 -1.35
C LYS C 762 48.44 23.99 -1.52
N GLU C 763 49.34 24.37 -0.60
CA GLU C 763 49.93 25.69 -0.60
C GLU C 763 50.85 25.94 -1.80
N LYS C 764 51.31 24.87 -2.45
CA LYS C 764 52.00 25.02 -3.73
C LYS C 764 51.06 25.55 -4.81
N TRP C 765 49.80 25.11 -4.80
CA TRP C 765 48.89 25.41 -5.88
C TRP C 765 47.75 26.35 -5.51
N TRP C 766 47.30 26.34 -4.26
CA TRP C 766 46.12 27.10 -3.89
C TRP C 766 46.42 28.57 -3.59
N ARG C 767 47.52 28.86 -2.91
CA ARG C 767 47.81 30.24 -2.53
C ARG C 767 48.29 31.03 -3.74
N GLY C 768 47.68 32.20 -3.95
CA GLY C 768 48.04 33.05 -5.07
C GLY C 768 46.84 33.58 -5.83
N VAL C 784 31.66 60.50 3.19
CA VAL C 784 32.07 61.36 4.29
C VAL C 784 33.09 62.36 3.77
N GLN C 785 33.62 62.08 2.58
CA GLN C 785 34.57 63.00 1.95
C GLN C 785 33.88 64.22 1.36
N ASN C 786 32.62 64.08 0.94
CA ASN C 786 31.85 65.21 0.43
C ASN C 786 31.47 66.21 1.52
N ILE C 787 31.39 65.76 2.77
CA ILE C 787 31.16 66.67 3.89
C ILE C 787 32.34 67.61 4.07
N GLY C 788 33.56 67.07 4.04
CA GLY C 788 34.74 67.91 4.06
C GLY C 788 34.93 68.69 2.77
N GLY C 789 34.40 68.16 1.66
CA GLY C 789 34.43 68.91 0.41
C GLY C 789 33.60 70.17 0.46
N ILE C 790 32.36 70.07 0.96
CA ILE C 790 31.56 71.28 1.12
C ILE C 790 32.06 72.13 2.27
N PHE C 791 32.76 71.54 3.24
CA PHE C 791 33.41 72.32 4.30
C PHE C 791 34.51 73.21 3.75
N ILE C 792 35.37 72.66 2.88
CA ILE C 792 36.42 73.50 2.30
C ILE C 792 35.90 74.40 1.19
N VAL C 793 34.77 74.05 0.56
CA VAL C 793 34.10 74.99 -0.35
C VAL C 793 33.56 76.19 0.43
N LEU C 794 32.97 75.96 1.60
CA LEU C 794 32.51 77.08 2.43
C LEU C 794 33.68 77.87 3.02
N ALA C 795 34.80 77.20 3.30
CA ALA C 795 36.01 77.92 3.75
C ALA C 795 36.58 78.82 2.65
N ALA C 796 36.60 78.32 1.40
CA ALA C 796 37.03 79.14 0.28
C ALA C 796 36.04 80.27 -0.01
N GLY C 797 34.75 80.02 0.22
CA GLY C 797 33.75 81.08 0.09
C GLY C 797 33.92 82.16 1.15
N LEU C 798 34.30 81.77 2.37
CA LEU C 798 34.61 82.76 3.40
C LEU C 798 35.89 83.53 3.08
N VAL C 799 36.86 82.85 2.46
CA VAL C 799 38.07 83.52 1.98
C VAL C 799 37.73 84.56 0.91
N LEU C 800 36.83 84.21 -0.01
CA LEU C 800 36.37 85.16 -1.01
C LEU C 800 35.58 86.31 -0.39
N SER C 801 34.75 86.01 0.62
CA SER C 801 33.92 87.02 1.25
C SER C 801 34.72 88.00 2.08
N VAL C 802 35.85 87.56 2.67
CA VAL C 802 36.76 88.51 3.30
C VAL C 802 37.73 89.11 2.29
N PHE C 803 37.83 88.56 1.09
CA PHE C 803 38.55 89.21 0.00
C PHE C 803 37.74 90.32 -0.66
N VAL C 804 36.41 90.31 -0.49
CA VAL C 804 35.58 91.41 -0.99
C VAL C 804 35.91 92.71 -0.26
N ALA C 805 36.12 92.65 1.05
CA ALA C 805 36.27 93.83 1.89
C ALA C 805 37.70 94.34 1.98
N VAL C 806 38.53 94.08 0.96
CA VAL C 806 39.89 94.61 0.95
C VAL C 806 39.91 96.00 0.35
N HIS D 1 9.65 -55.76 -58.59
CA HIS D 1 10.59 -56.25 -57.57
C HIS D 1 10.12 -55.86 -56.16
N VAL D 2 10.76 -56.47 -55.16
CA VAL D 2 10.35 -56.36 -53.77
C VAL D 2 11.51 -55.81 -52.95
N LEU D 3 11.24 -54.76 -52.18
CA LEU D 3 12.20 -54.21 -51.23
C LEU D 3 11.93 -54.72 -49.82
N ARG D 4 12.97 -54.66 -48.99
CA ARG D 4 12.90 -55.08 -47.60
C ARG D 4 13.37 -53.94 -46.71
N PHE D 5 12.69 -53.74 -45.60
CA PHE D 5 13.07 -52.75 -44.60
C PHE D 5 13.40 -53.44 -43.30
N GLY D 6 14.55 -53.07 -42.72
CA GLY D 6 14.94 -53.65 -41.45
C GLY D 6 14.35 -52.87 -40.30
N GLY D 7 13.74 -53.59 -39.37
CA GLY D 7 13.15 -52.95 -38.21
C GLY D 7 13.73 -53.44 -36.92
N ILE D 8 14.20 -52.54 -36.08
CA ILE D 8 14.73 -52.87 -34.76
C ILE D 8 13.78 -52.28 -33.73
N PHE D 9 13.22 -53.12 -32.88
CA PHE D 9 12.27 -52.68 -31.88
C PHE D 9 12.57 -53.40 -30.57
N GLU D 10 11.94 -52.93 -29.50
CA GLU D 10 12.21 -53.50 -28.20
C GLU D 10 11.48 -54.83 -28.04
N TYR D 11 11.92 -55.61 -27.04
CA TYR D 11 11.44 -56.97 -26.87
C TYR D 11 10.00 -56.98 -26.37
N VAL D 12 9.25 -57.99 -26.79
CA VAL D 12 7.82 -58.05 -26.51
C VAL D 12 7.57 -58.33 -25.03
N GLU D 13 8.49 -59.06 -24.39
CA GLU D 13 8.51 -59.46 -22.95
C GLU D 13 7.17 -60.01 -22.47
N SER D 14 6.49 -60.77 -23.35
CA SER D 14 5.13 -61.30 -23.16
C SER D 14 4.15 -60.20 -22.76
N GLY D 15 4.24 -59.08 -23.46
CA GLY D 15 3.42 -57.93 -23.15
C GLY D 15 2.46 -57.58 -24.26
N PRO D 16 1.91 -56.36 -24.21
CA PRO D 16 0.97 -55.94 -25.26
C PRO D 16 1.63 -55.57 -26.57
N MET D 17 2.97 -55.51 -26.63
CA MET D 17 3.87 -55.00 -27.70
C MET D 17 3.29 -53.69 -28.25
N GLY D 18 3.22 -53.50 -29.57
CA GLY D 18 2.57 -52.31 -30.06
C GLY D 18 3.49 -51.11 -30.15
N ALA D 19 2.86 -49.94 -30.25
CA ALA D 19 3.47 -48.62 -30.45
C ALA D 19 4.27 -48.65 -31.76
N GLU D 20 5.59 -48.66 -31.72
CA GLU D 20 6.43 -48.45 -32.90
C GLU D 20 6.36 -49.58 -33.92
N GLU D 21 6.46 -50.83 -33.49
CA GLU D 21 6.43 -51.91 -34.46
C GLU D 21 5.03 -52.14 -35.02
N LEU D 22 3.99 -51.84 -34.22
CA LEU D 22 2.63 -51.86 -34.74
C LEU D 22 2.43 -50.75 -35.75
N ALA D 23 3.08 -49.61 -35.53
CA ALA D 23 3.05 -48.52 -36.52
C ALA D 23 3.76 -48.94 -37.79
N PHE D 24 4.85 -49.69 -37.67
CA PHE D 24 5.59 -50.19 -38.82
C PHE D 24 4.73 -51.15 -39.64
N ARG D 25 4.04 -52.08 -38.96
CA ARG D 25 3.16 -53.04 -39.63
C ARG D 25 1.99 -52.34 -40.31
N PHE D 26 1.39 -51.37 -39.63
CA PHE D 26 0.25 -50.65 -40.19
C PHE D 26 0.66 -49.80 -41.37
N ALA D 27 1.84 -49.17 -41.31
CA ALA D 27 2.33 -48.36 -42.41
C ALA D 27 2.63 -49.20 -43.64
N VAL D 28 3.24 -50.38 -43.44
CA VAL D 28 3.52 -51.28 -44.54
C VAL D 28 2.23 -51.78 -45.18
N ASN D 29 1.23 -52.12 -44.35
CA ASN D 29 -0.04 -52.61 -44.88
C ASN D 29 -0.81 -51.53 -45.64
N THR D 30 -0.83 -50.30 -45.13
CA THR D 30 -1.58 -49.25 -45.83
C THR D 30 -0.86 -48.76 -47.07
N ILE D 31 0.48 -48.82 -47.10
CA ILE D 31 1.17 -48.47 -48.33
C ILE D 31 0.99 -49.56 -49.39
N ASN D 32 1.04 -50.83 -48.96
CA ASN D 32 0.89 -51.92 -49.92
C ASN D 32 -0.55 -52.04 -50.43
N ARG D 33 -1.54 -51.64 -49.63
CA ARG D 33 -2.93 -51.70 -50.10
C ARG D 33 -3.22 -50.61 -51.13
N ASN D 34 -2.76 -49.39 -50.88
CA ASN D 34 -3.06 -48.27 -51.76
C ASN D 34 -2.16 -48.37 -52.99
N ARG D 35 -2.78 -48.40 -54.18
CA ARG D 35 -2.04 -48.47 -55.42
C ARG D 35 -1.58 -47.11 -55.92
N THR D 36 -2.01 -46.03 -55.27
CA THR D 36 -1.53 -44.70 -55.62
C THR D 36 -0.06 -44.53 -55.24
N LEU D 37 0.37 -45.19 -54.19
CA LEU D 37 1.73 -45.11 -53.70
C LEU D 37 2.42 -46.44 -53.96
N LEU D 38 3.54 -46.39 -54.71
CA LEU D 38 4.35 -47.50 -55.19
C LEU D 38 3.52 -48.56 -55.92
N PRO D 39 3.08 -48.27 -57.15
CA PRO D 39 2.22 -49.25 -57.85
C PRO D 39 2.97 -50.44 -58.39
N ASN D 40 4.20 -50.25 -58.86
CA ASN D 40 4.98 -51.31 -59.47
C ASN D 40 5.88 -52.04 -58.47
N THR D 41 5.86 -51.65 -57.21
CA THR D 41 6.78 -52.20 -56.23
C THR D 41 6.06 -52.45 -54.92
N THR D 42 6.21 -53.65 -54.38
CA THR D 42 5.70 -53.99 -53.06
C THR D 42 6.86 -54.00 -52.06
N LEU D 43 6.50 -53.81 -50.78
CA LEU D 43 7.47 -53.67 -49.71
C LEU D 43 7.25 -54.78 -48.70
N THR D 44 8.33 -55.42 -48.28
CA THR D 44 8.33 -56.35 -47.17
C THR D 44 9.14 -55.78 -46.02
N TYR D 45 9.25 -56.55 -44.96
CA TYR D 45 9.91 -56.07 -43.75
C TYR D 45 10.48 -57.25 -42.99
N ASP D 46 11.47 -56.97 -42.15
CA ASP D 46 11.95 -57.91 -41.16
C ASP D 46 12.11 -57.17 -39.85
N THR D 47 11.54 -57.72 -38.78
CA THR D 47 11.54 -57.06 -37.49
C THR D 47 12.27 -57.93 -36.47
N GLN D 48 13.17 -57.32 -35.73
CA GLN D 48 13.90 -57.98 -34.67
C GLN D 48 13.55 -57.33 -33.34
N LYS D 49 13.58 -58.13 -32.28
CA LYS D 49 13.25 -57.67 -30.94
C LYS D 49 14.53 -57.70 -30.11
N ILE D 50 14.90 -56.56 -29.54
CA ILE D 50 16.09 -56.45 -28.74
C ILE D 50 15.70 -56.02 -27.33
N ASN D 51 16.65 -56.17 -26.40
CA ASN D 51 16.45 -55.67 -25.07
C ASN D 51 16.71 -54.16 -25.03
N LEU D 52 16.30 -53.54 -23.93
CA LEU D 52 16.65 -52.15 -23.70
C LEU D 52 18.14 -52.03 -23.37
N TYR D 53 18.67 -50.83 -23.65
CA TYR D 53 20.02 -50.34 -23.27
C TYR D 53 21.16 -51.30 -23.64
N ASP D 54 20.99 -52.08 -24.69
CA ASP D 54 22.00 -53.05 -25.10
C ASP D 54 22.37 -52.77 -26.55
N SER D 55 23.48 -52.06 -26.76
CA SER D 55 23.92 -51.76 -28.11
C SER D 55 24.53 -52.98 -28.80
N PHE D 56 25.00 -53.97 -28.04
CA PHE D 56 25.59 -55.15 -28.65
C PHE D 56 24.54 -56.02 -29.31
N GLU D 57 23.37 -56.17 -28.66
CA GLU D 57 22.27 -56.90 -29.27
C GLU D 57 21.74 -56.19 -30.50
N ALA D 58 21.71 -54.86 -30.46
CA ALA D 58 21.30 -54.07 -31.61
C ALA D 58 22.32 -54.22 -32.74
N SER D 59 23.60 -54.30 -32.41
CA SER D 59 24.63 -54.50 -33.42
C SER D 59 24.52 -55.88 -34.06
N LYS D 60 24.23 -56.90 -33.25
CA LYS D 60 24.05 -58.25 -33.76
C LYS D 60 22.82 -58.35 -34.67
N LYS D 61 21.72 -57.73 -34.26
CA LYS D 61 20.51 -57.77 -35.08
C LYS D 61 20.67 -56.94 -36.35
N ALA D 62 21.39 -55.83 -36.29
CA ALA D 62 21.65 -55.04 -37.48
C ALA D 62 22.56 -55.78 -38.45
N CYS D 63 23.54 -56.52 -37.93
CA CYS D 63 24.40 -57.33 -38.78
C CYS D 63 23.61 -58.47 -39.42
N ASP D 64 22.67 -59.06 -38.68
CA ASP D 64 21.82 -60.10 -39.25
C ASP D 64 20.90 -59.54 -40.34
N GLN D 65 20.36 -58.34 -40.12
CA GLN D 65 19.49 -57.74 -41.12
C GLN D 65 20.26 -57.28 -42.35
N LEU D 66 21.52 -56.88 -42.18
CA LEU D 66 22.33 -56.56 -43.34
C LEU D 66 22.82 -57.82 -44.06
N SER D 67 22.96 -58.93 -43.33
CA SER D 67 23.22 -60.21 -43.99
C SER D 67 22.03 -60.66 -44.81
N LEU D 68 20.82 -60.44 -44.29
CA LEU D 68 19.62 -60.69 -45.08
C LEU D 68 19.47 -59.71 -46.22
N GLY D 69 19.93 -58.47 -46.02
CA GLY D 69 19.86 -57.47 -47.07
C GLY D 69 18.59 -56.66 -46.99
N VAL D 70 18.72 -55.38 -46.66
CA VAL D 70 17.58 -54.47 -46.55
C VAL D 70 17.92 -53.17 -47.27
N ALA D 71 16.92 -52.31 -47.40
CA ALA D 71 17.10 -51.01 -47.99
C ALA D 71 17.44 -49.96 -46.95
N ALA D 72 16.64 -49.87 -45.89
CA ALA D 72 16.88 -48.94 -44.80
C ALA D 72 16.59 -49.64 -43.49
N ILE D 73 17.18 -49.11 -42.42
CA ILE D 73 17.02 -49.68 -41.09
C ILE D 73 16.35 -48.64 -40.22
N PHE D 74 15.21 -49.00 -39.62
CA PHE D 74 14.50 -48.13 -38.70
C PHE D 74 15.00 -48.45 -37.29
N GLY D 75 15.71 -47.49 -36.69
CA GLY D 75 16.49 -47.76 -35.52
C GLY D 75 15.68 -47.78 -34.25
N PRO D 76 16.35 -48.10 -33.14
CA PRO D 76 15.67 -48.19 -31.84
C PRO D 76 15.52 -46.85 -31.16
N SER D 77 15.06 -46.86 -29.91
CA SER D 77 14.73 -45.64 -29.19
C SER D 77 15.77 -45.22 -28.16
N HIS D 78 16.56 -46.15 -27.64
CA HIS D 78 17.65 -45.78 -26.73
C HIS D 78 18.74 -45.04 -27.49
N SER D 79 19.49 -44.22 -26.76
CA SER D 79 20.51 -43.39 -27.39
C SER D 79 21.73 -44.20 -27.81
N SER D 80 22.18 -45.12 -26.95
CA SER D 80 23.41 -45.86 -27.23
C SER D 80 23.20 -46.88 -28.34
N SER D 81 22.05 -47.56 -28.33
CA SER D 81 21.75 -48.53 -29.37
C SER D 81 21.56 -47.84 -30.73
N ALA D 82 20.94 -46.67 -30.74
CA ALA D 82 20.82 -45.90 -31.97
C ALA D 82 22.16 -45.38 -32.44
N ASN D 83 23.06 -45.06 -31.51
CA ASN D 83 24.41 -44.65 -31.89
C ASN D 83 25.18 -45.78 -32.55
N ALA D 84 25.07 -46.99 -32.00
CA ALA D 84 25.74 -48.15 -32.60
C ALA D 84 25.15 -48.50 -33.96
N VAL D 85 23.82 -48.44 -34.07
CA VAL D 85 23.15 -48.75 -35.33
C VAL D 85 23.48 -47.71 -36.39
N GLN D 86 23.54 -46.43 -35.99
CA GLN D 86 23.91 -45.36 -36.91
C GLN D 86 25.35 -45.49 -37.39
N SER D 87 26.25 -45.88 -36.49
CA SER D 87 27.64 -46.09 -36.88
C SER D 87 27.78 -47.25 -37.86
N ILE D 88 27.04 -48.34 -37.62
CA ILE D 88 27.06 -49.49 -38.52
C ILE D 88 26.50 -49.13 -39.89
N CYS D 89 25.39 -48.38 -39.90
CA CYS D 89 24.77 -47.98 -41.17
C CYS D 89 25.61 -46.98 -41.92
N ASN D 90 26.32 -46.09 -41.20
CA ASN D 90 27.21 -45.14 -41.85
C ASN D 90 28.43 -45.82 -42.42
N ALA D 91 28.93 -46.87 -41.75
CA ALA D 91 30.07 -47.58 -42.29
C ALA D 91 29.69 -48.45 -43.48
N LEU D 92 28.53 -49.08 -43.44
CA LEU D 92 28.15 -50.03 -44.48
C LEU D 92 27.36 -49.39 -45.60
N GLY D 93 27.10 -48.10 -45.54
CA GLY D 93 26.45 -47.42 -46.65
C GLY D 93 24.95 -47.57 -46.72
N VAL D 94 24.31 -48.01 -45.65
CA VAL D 94 22.86 -48.22 -45.64
C VAL D 94 22.21 -47.01 -44.98
N PRO D 95 21.10 -46.50 -45.51
CA PRO D 95 20.39 -45.43 -44.81
C PRO D 95 19.78 -45.90 -43.50
N HIS D 96 19.77 -45.00 -42.54
CA HIS D 96 19.25 -45.29 -41.20
C HIS D 96 18.26 -44.20 -40.84
N ILE D 97 17.11 -44.60 -40.34
CA ILE D 97 16.02 -43.68 -40.02
C ILE D 97 15.86 -43.66 -38.51
N GLN D 98 15.87 -42.47 -37.94
CA GLN D 98 15.69 -42.30 -36.50
C GLN D 98 14.37 -41.60 -36.22
N THR D 99 13.61 -42.13 -35.27
CA THR D 99 12.33 -41.56 -34.90
C THR D 99 12.32 -40.97 -33.51
N ARG D 100 13.34 -41.22 -32.71
CA ARG D 100 13.43 -40.67 -31.36
C ARG D 100 14.65 -39.77 -31.27
N TRP D 101 14.55 -38.76 -30.41
CA TRP D 101 15.65 -37.82 -30.26
C TRP D 101 16.80 -38.46 -29.50
N LYS D 102 18.02 -38.12 -29.92
CA LYS D 102 19.22 -38.43 -29.17
C LYS D 102 20.14 -37.23 -29.24
N HIS D 103 21.03 -37.12 -28.27
CA HIS D 103 22.04 -36.09 -28.33
C HIS D 103 23.13 -36.51 -29.30
N GLN D 104 23.65 -35.54 -30.05
CA GLN D 104 24.63 -35.82 -31.08
C GLN D 104 25.94 -35.13 -30.72
N VAL D 105 27.03 -35.89 -30.76
CA VAL D 105 28.35 -35.30 -30.57
C VAL D 105 28.69 -34.45 -31.78
N SER D 106 29.12 -33.22 -31.54
CA SER D 106 29.37 -32.28 -32.63
C SER D 106 30.58 -32.66 -33.46
N ASP D 107 31.52 -33.42 -32.89
CA ASP D 107 32.70 -33.84 -33.61
C ASP D 107 32.49 -35.15 -34.36
N ASN D 108 31.30 -35.72 -34.30
CA ASN D 108 30.98 -36.88 -35.12
C ASN D 108 30.81 -36.46 -36.57
N LYS D 109 31.27 -37.30 -37.49
CA LYS D 109 31.21 -36.96 -38.91
C LYS D 109 30.49 -38.03 -39.71
N ASP D 110 29.33 -38.47 -39.23
CA ASP D 110 28.49 -39.41 -39.94
C ASP D 110 27.39 -38.66 -40.66
N SER D 111 27.23 -38.94 -41.96
CA SER D 111 26.23 -38.26 -42.76
C SER D 111 25.15 -39.21 -43.28
N PHE D 112 25.25 -40.49 -42.99
CA PHE D 112 24.35 -41.48 -43.59
C PHE D 112 23.16 -41.79 -42.72
N TYR D 113 22.44 -40.74 -42.29
CA TYR D 113 21.30 -40.90 -41.41
C TYR D 113 20.46 -39.64 -41.48
N VAL D 114 19.17 -39.79 -41.13
CA VAL D 114 18.29 -38.66 -40.91
C VAL D 114 17.51 -38.92 -39.63
N SER D 115 16.92 -37.85 -39.10
CA SER D 115 16.07 -37.94 -37.92
C SER D 115 14.77 -37.22 -38.18
N LEU D 116 13.68 -37.75 -37.65
CA LEU D 116 12.37 -37.17 -37.88
C LEU D 116 11.68 -36.66 -36.63
N TYR D 117 12.21 -36.93 -35.46
CA TYR D 117 11.82 -36.17 -34.29
C TYR D 117 12.26 -34.74 -34.49
N PRO D 118 11.40 -33.76 -34.20
CA PRO D 118 11.81 -32.36 -34.36
C PRO D 118 12.90 -31.99 -33.36
N ASP D 119 13.85 -31.19 -33.83
CA ASP D 119 15.03 -30.89 -33.02
C ASP D 119 14.68 -29.96 -31.89
N PHE D 120 15.31 -30.19 -30.74
CA PHE D 120 14.96 -29.46 -29.52
C PHE D 120 15.51 -28.04 -29.49
N SER D 121 16.37 -27.66 -30.43
CA SER D 121 16.75 -26.26 -30.56
C SER D 121 15.54 -25.43 -31.00
N SER D 122 14.82 -25.90 -32.02
CA SER D 122 13.62 -25.22 -32.48
C SER D 122 12.50 -25.32 -31.46
N LEU D 123 12.41 -26.44 -30.74
CA LEU D 123 11.41 -26.59 -29.69
C LEU D 123 11.67 -25.63 -28.55
N SER D 124 12.93 -25.46 -28.16
CA SER D 124 13.27 -24.53 -27.09
C SER D 124 13.07 -23.09 -27.54
N ARG D 125 13.29 -22.79 -28.82
CA ARG D 125 12.99 -21.46 -29.34
C ARG D 125 11.48 -21.19 -29.32
N ALA D 126 10.68 -22.22 -29.62
CA ALA D 126 9.23 -22.09 -29.54
C ALA D 126 8.77 -21.87 -28.10
N ILE D 127 9.39 -22.57 -27.16
CA ILE D 127 9.06 -22.39 -25.74
C ILE D 127 9.48 -21.00 -25.26
N LEU D 128 10.61 -20.50 -25.77
CA LEU D 128 11.04 -19.14 -25.45
C LEU D 128 10.08 -18.09 -25.99
N ASP D 129 9.57 -18.31 -27.20
CA ASP D 129 8.57 -17.40 -27.75
C ASP D 129 7.27 -17.46 -26.96
N LEU D 130 6.92 -18.64 -26.46
CA LEU D 130 5.72 -18.78 -25.66
C LEU D 130 5.88 -18.11 -24.30
N VAL D 131 7.07 -18.18 -23.71
CA VAL D 131 7.33 -17.51 -22.43
C VAL D 131 7.35 -16.00 -22.61
N GLN D 132 8.01 -15.52 -23.66
CA GLN D 132 8.08 -14.08 -23.91
C GLN D 132 6.74 -13.50 -24.37
N PHE D 133 5.83 -14.34 -24.87
CA PHE D 133 4.46 -13.87 -25.06
C PHE D 133 3.77 -13.67 -23.72
N PHE D 134 4.01 -14.55 -22.76
CA PHE D 134 3.29 -14.53 -21.49
C PHE D 134 3.88 -13.55 -20.49
N LYS D 135 4.98 -12.87 -20.84
CA LYS D 135 5.62 -11.82 -20.04
C LYS D 135 6.04 -12.30 -18.66
N TRP D 136 6.58 -13.52 -18.60
CA TRP D 136 7.01 -14.05 -17.33
C TRP D 136 8.38 -13.51 -16.95
N LYS D 137 8.71 -13.63 -15.68
CA LYS D 137 10.01 -13.18 -15.21
C LYS D 137 10.76 -14.23 -14.42
N THR D 138 10.07 -15.03 -13.63
CA THR D 138 10.70 -16.05 -12.79
C THR D 138 10.03 -17.39 -13.10
N VAL D 139 10.76 -18.27 -13.77
CA VAL D 139 10.22 -19.57 -14.14
C VAL D 139 11.02 -20.66 -13.43
N THR D 140 10.42 -21.85 -13.40
CA THR D 140 11.04 -23.01 -12.79
C THR D 140 10.97 -24.15 -13.79
N VAL D 141 12.12 -24.67 -14.18
CA VAL D 141 12.21 -25.75 -15.16
C VAL D 141 12.47 -27.03 -14.40
N VAL D 142 11.58 -28.00 -14.56
CA VAL D 142 11.70 -29.29 -13.90
C VAL D 142 11.95 -30.33 -14.97
N TYR D 143 13.09 -31.00 -14.89
CA TYR D 143 13.46 -32.02 -15.86
C TYR D 143 13.52 -33.38 -15.20
N ASP D 144 13.41 -34.42 -16.01
CA ASP D 144 13.35 -35.79 -15.51
C ASP D 144 14.70 -36.50 -15.60
N ASP D 145 15.23 -36.65 -16.80
CA ASP D 145 16.53 -37.26 -17.00
C ASP D 145 17.55 -36.18 -17.33
N SER D 146 18.82 -36.49 -17.02
CA SER D 146 19.90 -35.51 -17.13
C SER D 146 20.13 -35.06 -18.57
N THR D 147 19.84 -35.93 -19.54
CA THR D 147 19.93 -35.58 -20.96
C THR D 147 18.91 -34.52 -21.35
N GLY D 148 17.85 -34.32 -20.56
CA GLY D 148 16.95 -33.20 -20.76
C GLY D 148 17.62 -31.85 -20.59
N LEU D 149 18.69 -31.79 -19.80
CA LEU D 149 19.52 -30.59 -19.75
C LEU D 149 20.18 -30.30 -21.09
N ILE D 150 20.50 -31.34 -21.85
CA ILE D 150 20.92 -31.13 -23.23
C ILE D 150 19.72 -30.68 -24.07
N ARG D 151 18.52 -31.19 -23.77
CA ARG D 151 17.35 -30.91 -24.57
C ARG D 151 16.84 -29.48 -24.43
N LEU D 152 17.23 -28.79 -23.36
CA LEU D 152 16.74 -27.44 -23.12
C LEU D 152 17.87 -26.43 -23.00
N GLN D 153 19.02 -26.71 -23.60
CA GLN D 153 20.21 -25.89 -23.37
C GLN D 153 20.09 -24.51 -23.99
N GLU D 154 19.24 -24.35 -25.01
CA GLU D 154 18.93 -23.01 -25.50
C GLU D 154 18.18 -22.20 -24.46
N LEU D 155 17.29 -22.86 -23.71
CA LEU D 155 16.52 -22.16 -22.69
C LEU D 155 17.39 -21.81 -21.48
N ILE D 156 18.40 -22.61 -21.18
CA ILE D 156 19.30 -22.25 -20.10
C ILE D 156 20.32 -21.21 -20.56
N LYS D 157 20.63 -21.16 -21.86
CA LYS D 157 21.43 -20.06 -22.37
C LYS D 157 20.65 -18.76 -22.46
N ALA D 158 19.33 -18.84 -22.56
CA ALA D 158 18.42 -17.70 -22.69
C ALA D 158 18.38 -16.61 -21.61
N PRO D 159 18.76 -16.83 -20.33
CA PRO D 159 18.96 -15.67 -19.44
C PRO D 159 20.02 -14.70 -19.90
N SER D 160 21.05 -15.17 -20.58
CA SER D 160 21.93 -14.26 -21.32
C SER D 160 21.16 -13.67 -22.48
N ARG D 161 21.41 -12.39 -22.76
CA ARG D 161 20.83 -11.56 -23.82
C ARG D 161 19.32 -11.38 -23.68
N TYR D 162 18.74 -11.67 -22.52
CA TYR D 162 17.33 -11.41 -22.26
C TYR D 162 17.19 -11.04 -20.78
N ASN D 163 15.95 -10.98 -20.32
CA ASN D 163 15.64 -10.69 -18.92
C ASN D 163 14.72 -11.80 -18.41
N LEU D 164 15.31 -12.81 -17.79
CA LEU D 164 14.54 -13.96 -17.30
C LEU D 164 15.34 -14.66 -16.22
N ARG D 165 14.73 -14.86 -15.06
CA ARG D 165 15.33 -15.64 -13.99
C ARG D 165 14.65 -17.00 -13.91
N LEU D 166 15.44 -18.03 -13.67
CA LEU D 166 14.90 -19.39 -13.64
C LEU D 166 15.58 -20.19 -12.55
N LYS D 167 14.83 -21.12 -11.99
CA LYS D 167 15.35 -22.13 -11.08
C LYS D 167 15.11 -23.50 -11.69
N ILE D 168 16.10 -24.36 -11.62
CA ILE D 168 16.07 -25.64 -12.32
C ILE D 168 16.10 -26.77 -11.31
N ARG D 169 15.10 -27.65 -11.38
CA ARG D 169 14.96 -28.75 -10.44
C ARG D 169 14.82 -30.07 -11.19
N GLN D 170 15.23 -31.14 -10.52
CA GLN D 170 15.25 -32.47 -11.09
C GLN D 170 14.29 -33.37 -10.33
N LEU D 171 13.50 -34.15 -11.06
CA LEU D 171 12.65 -35.15 -10.45
C LEU D 171 13.50 -36.27 -9.86
N PRO D 172 13.01 -36.93 -8.80
CA PRO D 172 13.73 -38.10 -8.28
C PRO D 172 13.61 -39.32 -9.16
N ALA D 173 14.31 -40.40 -8.80
CA ALA D 173 14.29 -41.61 -9.60
C ALA D 173 12.93 -42.31 -9.54
N ASP D 174 12.23 -42.22 -8.40
CA ASP D 174 10.88 -42.72 -8.32
C ASP D 174 9.92 -41.81 -9.07
N THR D 175 8.91 -42.41 -9.69
CA THR D 175 7.96 -41.65 -10.47
C THR D 175 6.96 -40.91 -9.59
N LYS D 176 6.58 -41.49 -8.46
CA LYS D 176 5.54 -40.91 -7.61
C LYS D 176 6.10 -40.20 -6.39
N ASP D 177 7.41 -39.93 -6.35
CA ASP D 177 8.03 -39.25 -5.23
C ASP D 177 8.14 -37.75 -5.45
N ALA D 178 7.22 -37.16 -6.19
CA ALA D 178 7.25 -35.72 -6.42
C ALA D 178 6.61 -34.93 -5.28
N LYS D 179 6.05 -35.63 -4.29
CA LYS D 179 5.44 -34.95 -3.14
C LYS D 179 6.38 -34.06 -2.32
N PRO D 180 7.65 -34.41 -2.02
CA PRO D 180 8.49 -33.41 -1.36
C PRO D 180 8.87 -32.26 -2.28
N LEU D 181 9.26 -32.58 -3.52
CA LEU D 181 9.80 -31.58 -4.45
C LEU D 181 8.78 -30.51 -4.78
N LEU D 182 7.55 -30.92 -5.08
CA LEU D 182 6.46 -29.98 -5.33
C LEU D 182 6.15 -29.15 -4.09
N LYS D 183 6.35 -29.72 -2.89
CA LYS D 183 6.22 -28.96 -1.66
C LYS D 183 7.27 -27.85 -1.62
N GLU D 184 8.49 -28.17 -2.03
CA GLU D 184 9.52 -27.15 -2.18
C GLU D 184 9.20 -26.19 -3.32
N MET D 185 8.39 -26.62 -4.28
CA MET D 185 7.94 -25.69 -5.31
C MET D 185 6.88 -24.74 -4.78
N LYS D 186 6.17 -25.12 -3.72
CA LYS D 186 5.09 -24.26 -3.24
C LYS D 186 5.49 -23.40 -2.06
N ARG D 187 6.54 -23.76 -1.32
CA ARG D 187 7.07 -22.84 -0.33
C ARG D 187 7.94 -21.77 -0.97
N GLY D 188 8.54 -22.08 -2.12
CA GLY D 188 9.37 -21.14 -2.83
C GLY D 188 8.63 -20.18 -3.73
N LYS D 189 7.29 -20.28 -3.76
CA LYS D 189 6.40 -19.40 -4.54
C LYS D 189 6.71 -19.41 -6.03
N GLU D 190 6.81 -20.61 -6.59
CA GLU D 190 7.05 -20.80 -8.01
C GLU D 190 5.72 -21.11 -8.69
N PHE D 191 5.32 -20.26 -9.62
CA PHE D 191 4.01 -20.38 -10.25
C PHE D 191 4.07 -20.39 -11.76
N HIS D 192 5.25 -20.60 -12.34
CA HIS D 192 5.40 -20.70 -13.80
C HIS D 192 6.37 -21.83 -14.06
N VAL D 193 5.83 -23.02 -14.32
CA VAL D 193 6.60 -24.26 -14.34
C VAL D 193 6.68 -24.77 -15.77
N ILE D 194 7.88 -25.14 -16.18
CA ILE D 194 8.11 -25.80 -17.46
C ILE D 194 8.53 -27.23 -17.18
N PHE D 195 7.69 -28.19 -17.58
CA PHE D 195 7.94 -29.60 -17.33
C PHE D 195 8.53 -30.24 -18.57
N ASP D 196 9.68 -30.89 -18.42
CA ASP D 196 10.29 -31.61 -19.53
C ASP D 196 10.41 -33.07 -19.15
N CYS D 197 9.41 -33.86 -19.53
CA CYS D 197 9.38 -35.28 -19.26
C CYS D 197 8.47 -35.94 -20.28
N SER D 198 8.29 -37.25 -20.15
CA SER D 198 7.36 -37.97 -20.99
C SER D 198 5.92 -37.67 -20.55
N HIS D 199 4.97 -38.12 -21.36
CA HIS D 199 3.57 -37.88 -21.05
C HIS D 199 3.09 -38.73 -19.88
N GLU D 200 3.69 -39.90 -19.67
CA GLU D 200 3.35 -40.72 -18.52
C GLU D 200 3.83 -40.07 -17.22
N MET D 201 5.06 -39.54 -17.25
CA MET D 201 5.55 -38.76 -16.12
C MET D 201 4.75 -37.49 -15.94
N ALA D 202 4.26 -36.90 -17.03
CA ALA D 202 3.40 -35.73 -16.94
C ALA D 202 2.08 -36.06 -16.25
N ALA D 203 1.50 -37.22 -16.55
CA ALA D 203 0.27 -37.65 -15.90
C ALA D 203 0.48 -37.92 -14.42
N GLY D 204 1.59 -38.57 -14.08
CA GLY D 204 1.90 -38.81 -12.67
C GLY D 204 2.15 -37.53 -11.89
N ILE D 205 2.86 -36.58 -12.51
CA ILE D 205 3.14 -35.30 -11.90
C ILE D 205 1.86 -34.48 -11.72
N LEU D 206 0.96 -34.55 -12.70
CA LEU D 206 -0.30 -33.82 -12.59
C LEU D 206 -1.21 -34.42 -11.52
N LYS D 207 -1.18 -35.74 -11.36
CA LYS D 207 -1.92 -36.36 -10.25
C LYS D 207 -1.34 -35.96 -8.90
N GLN D 208 0.00 -35.90 -8.80
CA GLN D 208 0.62 -35.46 -7.56
C GLN D 208 0.33 -33.99 -7.28
N ALA D 209 0.27 -33.16 -8.32
CA ALA D 209 0.00 -31.74 -8.14
C ALA D 209 -1.45 -31.49 -7.77
N LEU D 210 -2.37 -32.31 -8.27
CA LEU D 210 -3.75 -32.26 -7.81
C LEU D 210 -3.85 -32.67 -6.35
N ALA D 211 -3.09 -33.70 -5.96
CA ALA D 211 -3.10 -34.11 -4.56
C ALA D 211 -2.42 -33.09 -3.66
N MET D 212 -1.41 -32.40 -4.17
CA MET D 212 -0.69 -31.42 -3.36
C MET D 212 -1.36 -30.06 -3.35
N GLY D 213 -2.47 -29.89 -4.07
CA GLY D 213 -3.18 -28.64 -4.02
C GLY D 213 -2.55 -27.51 -4.79
N MET D 214 -1.66 -27.82 -5.72
CA MET D 214 -1.03 -26.80 -6.55
C MET D 214 -1.77 -26.56 -7.86
N MET D 215 -2.93 -27.18 -8.02
CA MET D 215 -3.72 -27.03 -9.24
C MET D 215 -4.85 -26.05 -8.96
N THR D 216 -4.62 -24.80 -9.31
CA THR D 216 -5.65 -23.77 -9.21
C THR D 216 -5.44 -22.75 -10.31
N GLU D 217 -6.25 -21.69 -10.29
CA GLU D 217 -6.15 -20.63 -11.28
C GLU D 217 -4.91 -19.77 -11.11
N TYR D 218 -4.19 -19.91 -10.02
CA TYR D 218 -3.08 -19.06 -9.67
C TYR D 218 -1.76 -19.60 -10.22
N TYR D 219 -1.79 -20.71 -10.95
CA TYR D 219 -0.61 -21.38 -11.47
C TYR D 219 -0.59 -21.40 -12.99
N HIS D 220 0.55 -21.83 -13.53
CA HIS D 220 0.75 -22.07 -14.96
C HIS D 220 1.58 -23.33 -15.14
N TYR D 221 1.38 -24.01 -16.26
CA TYR D 221 2.15 -25.19 -16.60
C TYR D 221 2.40 -25.23 -18.09
N ILE D 222 3.66 -25.39 -18.47
CA ILE D 222 4.05 -25.55 -19.86
C ILE D 222 4.74 -26.90 -19.99
N PHE D 223 4.26 -27.73 -20.89
CA PHE D 223 4.82 -29.06 -21.10
C PHE D 223 5.57 -29.10 -22.41
N THR D 224 6.83 -29.55 -22.35
CA THR D 224 7.62 -29.68 -23.57
C THR D 224 7.30 -30.93 -24.35
N THR D 225 6.53 -31.85 -23.78
CA THR D 225 6.17 -33.06 -24.50
C THR D 225 5.15 -32.75 -25.59
N LEU D 226 5.12 -33.63 -26.59
CA LEU D 226 4.25 -33.46 -27.74
C LEU D 226 3.00 -34.32 -27.65
N ASP D 227 2.76 -34.93 -26.50
CA ASP D 227 1.59 -35.79 -26.29
C ASP D 227 0.67 -35.21 -25.23
N LEU D 228 0.53 -33.88 -25.23
CA LEU D 228 -0.37 -33.26 -24.27
C LEU D 228 -1.83 -33.51 -24.63
N PHE D 229 -2.13 -33.75 -25.89
CA PHE D 229 -3.49 -34.04 -26.29
C PHE D 229 -3.91 -35.44 -25.87
N ALA D 230 -2.97 -36.33 -25.59
CA ALA D 230 -3.27 -37.67 -25.10
C ALA D 230 -3.60 -37.69 -23.61
N LEU D 231 -3.38 -36.58 -22.91
CA LEU D 231 -3.66 -36.55 -21.49
C LEU D 231 -5.16 -36.47 -21.23
N ASP D 232 -5.58 -37.00 -20.09
CA ASP D 232 -6.97 -36.89 -19.64
C ASP D 232 -7.06 -35.65 -18.77
N VAL D 233 -7.58 -34.57 -19.34
CA VAL D 233 -7.69 -33.31 -18.64
C VAL D 233 -9.08 -33.12 -18.04
N GLU D 234 -9.86 -34.20 -17.94
CA GLU D 234 -11.18 -34.12 -17.31
C GLU D 234 -11.15 -33.77 -15.81
N PRO D 235 -10.32 -34.35 -14.94
CA PRO D 235 -10.34 -33.90 -13.55
C PRO D 235 -9.53 -32.63 -13.27
N TYR D 236 -9.12 -31.88 -14.29
CA TYR D 236 -8.39 -30.64 -14.06
C TYR D 236 -8.99 -29.43 -14.74
N ARG D 237 -9.93 -29.61 -15.67
CA ARG D 237 -10.36 -28.50 -16.51
C ARG D 237 -11.28 -27.52 -15.80
N TYR D 238 -11.89 -27.92 -14.68
CA TYR D 238 -12.73 -27.01 -13.94
C TYR D 238 -11.96 -26.24 -12.87
N SER D 239 -10.72 -26.62 -12.61
CA SER D 239 -9.92 -25.93 -11.60
C SER D 239 -9.37 -24.60 -12.08
N GLY D 240 -9.44 -24.33 -13.37
CA GLY D 240 -8.96 -23.06 -13.88
C GLY D 240 -7.46 -22.97 -14.07
N VAL D 241 -6.74 -24.10 -14.06
CA VAL D 241 -5.31 -24.07 -14.30
C VAL D 241 -5.04 -23.70 -15.75
N ASN D 242 -3.82 -23.23 -16.01
CA ASN D 242 -3.45 -22.78 -17.34
C ASN D 242 -2.36 -23.70 -17.85
N MET D 243 -2.79 -24.78 -18.47
CA MET D 243 -1.90 -25.76 -19.07
C MET D 243 -1.71 -25.43 -20.54
N THR D 244 -0.46 -25.39 -20.98
CA THR D 244 -0.15 -24.99 -22.34
C THR D 244 0.88 -25.96 -22.91
N GLY D 245 0.72 -26.32 -24.17
CA GLY D 245 1.65 -27.24 -24.79
C GLY D 245 1.66 -27.19 -26.30
N PHE D 246 2.44 -28.05 -26.93
CA PHE D 246 2.59 -28.07 -28.37
C PHE D 246 2.08 -29.39 -28.93
N ARG D 247 1.60 -29.34 -30.16
CA ARG D 247 1.12 -30.52 -30.86
C ARG D 247 1.61 -30.50 -32.29
N ILE D 248 2.03 -31.66 -32.79
CA ILE D 248 2.38 -31.82 -34.19
C ILE D 248 1.36 -32.66 -34.93
N LEU D 249 0.68 -33.57 -34.24
CA LEU D 249 -0.26 -34.50 -34.84
C LEU D 249 -1.49 -33.71 -35.29
N ASN D 250 -1.54 -33.41 -36.58
CA ASN D 250 -2.52 -32.49 -37.14
C ASN D 250 -3.88 -33.19 -37.22
N THR D 251 -4.62 -33.13 -36.11
CA THR D 251 -5.96 -33.72 -36.07
C THR D 251 -7.00 -32.87 -36.79
N GLU D 252 -6.64 -31.66 -37.22
CA GLU D 252 -7.59 -30.79 -37.91
C GLU D 252 -7.89 -31.29 -39.32
N ASN D 253 -6.96 -32.02 -39.94
CA ASN D 253 -7.20 -32.56 -41.26
C ASN D 253 -8.14 -33.76 -41.19
N THR D 254 -8.91 -33.93 -42.27
CA THR D 254 -9.87 -35.01 -42.33
C THR D 254 -9.18 -36.35 -42.55
N GLN D 255 -8.17 -36.37 -43.41
CA GLN D 255 -7.47 -37.61 -43.76
C GLN D 255 -6.70 -38.18 -42.57
N VAL D 256 -6.06 -37.30 -41.79
CA VAL D 256 -5.34 -37.71 -40.60
C VAL D 256 -6.31 -38.24 -39.54
N SER D 257 -7.49 -37.62 -39.44
CA SER D 257 -8.52 -38.10 -38.52
C SER D 257 -9.05 -39.46 -38.93
N SER D 258 -9.18 -39.70 -40.25
CA SER D 258 -9.59 -41.01 -40.73
C SER D 258 -8.53 -42.07 -40.47
N ILE D 259 -7.26 -41.70 -40.59
CA ILE D 259 -6.16 -42.62 -40.28
C ILE D 259 -6.15 -42.94 -38.78
N ILE D 260 -6.43 -41.93 -37.93
CA ILE D 260 -6.53 -42.14 -36.49
C ILE D 260 -7.71 -43.05 -36.15
N GLU D 261 -8.81 -42.90 -36.89
CA GLU D 261 -9.94 -43.82 -36.75
C GLU D 261 -9.57 -45.23 -37.18
N LYS D 262 -8.67 -45.37 -38.17
CA LYS D 262 -8.16 -46.70 -38.51
C LYS D 262 -7.23 -47.24 -37.43
N TRP D 263 -6.53 -46.37 -36.71
CA TRP D 263 -5.75 -46.81 -35.55
C TRP D 263 -6.64 -47.34 -34.45
N SER D 264 -7.79 -46.68 -34.24
CA SER D 264 -8.67 -47.01 -33.13
C SER D 264 -9.26 -48.41 -33.22
N MET D 265 -9.37 -48.98 -34.43
CA MET D 265 -9.82 -50.35 -34.56
C MET D 265 -8.76 -51.37 -34.18
N GLU D 266 -7.48 -50.97 -34.16
CA GLU D 266 -6.40 -51.91 -33.92
C GLU D 266 -5.60 -51.62 -32.67
N ARG D 267 -5.55 -50.37 -32.20
CA ARG D 267 -4.74 -50.04 -31.04
C ARG D 267 -5.40 -50.47 -29.74
N LEU D 268 -6.70 -50.74 -29.74
CA LEU D 268 -7.46 -50.99 -28.53
C LEU D 268 -7.35 -52.44 -28.05
N GLN D 269 -6.60 -53.29 -28.75
CA GLN D 269 -6.35 -54.64 -28.24
C GLN D 269 -5.45 -54.61 -27.01
N ALA D 270 -4.56 -53.63 -26.92
CA ALA D 270 -3.76 -53.46 -25.71
C ALA D 270 -4.64 -52.93 -24.58
N PRO D 271 -4.50 -53.49 -23.37
CA PRO D 271 -5.36 -53.07 -22.26
C PRO D 271 -4.95 -51.71 -21.72
N PRO D 272 -5.88 -50.76 -21.63
CA PRO D 272 -5.55 -49.45 -21.05
C PRO D 272 -5.48 -49.53 -19.53
N LYS D 273 -4.52 -48.82 -18.97
CA LYS D 273 -4.41 -48.73 -17.51
C LYS D 273 -5.44 -47.75 -16.97
N PRO D 274 -6.26 -48.14 -16.00
CA PRO D 274 -7.32 -47.25 -15.52
C PRO D 274 -6.83 -46.13 -14.61
N ASP D 275 -5.71 -46.30 -13.92
CA ASP D 275 -5.20 -45.31 -12.99
C ASP D 275 -4.03 -44.52 -13.56
N SER D 276 -3.70 -44.71 -14.84
CA SER D 276 -2.59 -43.99 -15.43
C SER D 276 -2.92 -42.54 -15.73
N GLY D 277 -4.20 -42.20 -15.84
CA GLY D 277 -4.57 -40.85 -16.20
C GLY D 277 -4.36 -40.51 -17.66
N LEU D 278 -4.13 -41.50 -18.50
CA LEU D 278 -3.90 -41.29 -19.93
C LEU D 278 -5.17 -41.66 -20.68
N LEU D 279 -5.60 -40.78 -21.59
CA LEU D 279 -6.75 -41.06 -22.42
C LEU D 279 -6.38 -42.10 -23.46
N ASP D 280 -7.05 -43.25 -23.42
CA ASP D 280 -6.74 -44.32 -24.37
C ASP D 280 -7.42 -44.07 -25.70
N GLY D 281 -7.09 -44.91 -26.69
CA GLY D 281 -7.63 -44.76 -28.01
C GLY D 281 -7.05 -43.63 -28.81
N PHE D 282 -5.88 -43.12 -28.41
CA PHE D 282 -5.22 -42.02 -29.10
C PHE D 282 -3.82 -42.44 -29.49
N MET D 283 -3.40 -42.06 -30.69
CA MET D 283 -2.09 -42.43 -31.19
C MET D 283 -1.05 -41.46 -30.65
N THR D 284 0.07 -42.00 -30.16
CA THR D 284 1.15 -41.18 -29.65
C THR D 284 1.94 -40.57 -30.79
N THR D 285 2.92 -39.74 -30.44
CA THR D 285 3.72 -39.04 -31.44
C THR D 285 4.67 -39.99 -32.14
N ASP D 286 5.20 -40.99 -31.43
CA ASP D 286 6.23 -41.87 -31.97
C ASP D 286 5.68 -42.77 -33.07
N ALA D 287 4.44 -43.25 -32.90
CA ALA D 287 3.83 -44.08 -33.93
C ALA D 287 3.55 -43.29 -35.20
N ALA D 288 3.10 -42.04 -35.05
CA ALA D 288 2.88 -41.17 -36.21
C ALA D 288 4.19 -40.83 -36.89
N LEU D 289 5.25 -40.66 -36.10
CA LEU D 289 6.57 -40.39 -36.67
C LEU D 289 7.10 -41.58 -37.45
N MET D 290 6.88 -42.80 -36.95
CA MET D 290 7.28 -43.99 -37.68
C MET D 290 6.48 -44.16 -38.96
N TYR D 291 5.17 -43.86 -38.91
CA TYR D 291 4.31 -43.93 -40.08
C TYR D 291 4.77 -42.96 -41.16
N ASP D 292 5.06 -41.72 -40.76
CA ASP D 292 5.53 -40.72 -41.71
C ASP D 292 6.94 -41.03 -42.18
N ALA D 293 7.75 -41.72 -41.37
CA ALA D 293 9.07 -42.14 -41.79
C ALA D 293 9.00 -43.16 -42.91
N VAL D 294 8.09 -44.13 -42.77
CA VAL D 294 7.92 -45.14 -43.83
C VAL D 294 7.35 -44.49 -45.09
N HIS D 295 6.49 -43.49 -44.93
CA HIS D 295 5.98 -42.77 -46.11
C HIS D 295 7.07 -41.95 -46.81
N VAL D 296 7.97 -41.32 -46.05
CA VAL D 296 9.07 -40.55 -46.64
C VAL D 296 10.04 -41.46 -47.37
N VAL D 297 10.37 -42.61 -46.77
CA VAL D 297 11.22 -43.59 -47.44
C VAL D 297 10.53 -44.14 -48.69
N SER D 298 9.20 -44.30 -48.65
CA SER D 298 8.46 -44.79 -49.81
C SER D 298 8.46 -43.78 -50.96
N VAL D 299 8.32 -42.48 -50.68
CA VAL D 299 8.33 -41.53 -51.78
C VAL D 299 9.75 -41.34 -52.31
N ALA D 300 10.76 -41.54 -51.45
CA ALA D 300 12.13 -41.57 -51.95
C ALA D 300 12.39 -42.81 -52.81
N VAL D 301 11.71 -43.91 -52.52
CA VAL D 301 11.81 -45.10 -53.37
C VAL D 301 11.13 -44.85 -54.71
N GLN D 302 9.99 -44.14 -54.70
CA GLN D 302 9.34 -43.73 -55.96
C GLN D 302 10.21 -42.82 -56.80
N GLN D 303 11.03 -41.97 -56.17
CA GLN D 303 11.93 -41.17 -56.97
C GLN D 303 13.13 -41.95 -57.51
N PHE D 304 13.38 -43.17 -57.01
CA PHE D 304 14.52 -43.98 -57.43
C PHE D 304 14.04 -45.36 -57.87
N PRO D 305 13.65 -45.51 -59.14
CA PRO D 305 13.13 -46.80 -59.61
C PRO D 305 14.20 -47.86 -59.87
N GLN D 306 15.49 -47.50 -59.80
CA GLN D 306 16.58 -48.43 -60.08
C GLN D 306 17.08 -49.14 -58.83
N MET D 307 16.22 -49.32 -57.83
CA MET D 307 16.66 -49.86 -56.55
C MET D 307 16.84 -51.37 -56.62
N THR D 308 17.97 -51.84 -56.12
CA THR D 308 18.25 -53.26 -56.00
C THR D 308 18.83 -53.53 -54.62
N VAL D 309 18.23 -54.48 -53.91
CA VAL D 309 18.67 -54.83 -52.57
C VAL D 309 19.81 -55.84 -52.67
N SER D 310 20.94 -55.53 -52.03
CA SER D 310 22.09 -56.41 -52.03
C SER D 310 22.42 -56.84 -50.61
N SER D 311 22.76 -58.11 -50.44
CA SER D 311 23.21 -58.60 -49.15
C SER D 311 24.60 -58.09 -48.85
N LEU D 312 24.84 -57.74 -47.58
CA LEU D 312 26.11 -57.17 -47.16
C LEU D 312 26.65 -57.94 -45.97
N GLN D 313 27.94 -57.76 -45.72
CA GLN D 313 28.65 -58.46 -44.65
C GLN D 313 29.24 -57.45 -43.68
N CYS D 314 29.09 -57.73 -42.38
CA CYS D 314 29.67 -56.87 -41.37
C CYS D 314 31.18 -57.04 -41.23
N ASN D 315 31.71 -58.19 -41.65
CA ASN D 315 33.14 -58.44 -41.52
C ASN D 315 33.97 -57.73 -42.58
N ARG D 316 33.34 -57.15 -43.59
CA ARG D 316 34.03 -56.36 -44.60
C ARG D 316 33.43 -54.98 -44.66
N HIS D 317 34.27 -53.99 -44.94
CA HIS D 317 33.84 -52.60 -45.04
C HIS D 317 33.51 -52.19 -46.47
N LYS D 318 33.05 -53.13 -47.28
CA LYS D 318 32.64 -52.79 -48.64
C LYS D 318 31.33 -52.01 -48.58
N PRO D 319 31.29 -50.78 -49.07
CA PRO D 319 30.08 -49.96 -48.95
C PRO D 319 29.02 -50.41 -49.94
N TRP D 320 27.82 -49.89 -49.74
CA TRP D 320 26.71 -50.20 -50.63
C TRP D 320 26.87 -49.49 -51.95
N ARG D 321 26.45 -50.17 -53.02
CA ARG D 321 26.56 -49.61 -54.36
C ARG D 321 25.56 -48.49 -54.57
N PHE D 322 24.35 -48.64 -54.03
CA PHE D 322 23.27 -47.69 -54.24
C PHE D 322 23.02 -46.84 -52.99
N GLY D 323 24.09 -46.48 -52.28
CA GLY D 323 23.91 -45.75 -51.05
C GLY D 323 23.71 -44.26 -51.22
N THR D 324 24.69 -43.61 -51.85
CA THR D 324 24.80 -42.15 -51.82
C THR D 324 23.68 -41.48 -52.60
N ARG D 325 23.33 -42.05 -53.77
CA ARG D 325 22.24 -41.51 -54.58
C ARG D 325 20.90 -41.64 -53.86
N PHE D 326 20.68 -42.78 -53.21
CA PHE D 326 19.45 -43.02 -52.46
C PHE D 326 19.34 -42.08 -51.27
N MET D 327 20.43 -41.84 -50.56
CA MET D 327 20.34 -40.95 -49.41
C MET D 327 20.27 -39.48 -49.81
N SER D 328 20.85 -39.14 -50.97
CA SER D 328 20.66 -37.79 -51.50
C SER D 328 19.21 -37.56 -51.92
N LEU D 329 18.55 -38.61 -52.42
CA LEU D 329 17.12 -38.49 -52.70
C LEU D 329 16.30 -38.49 -51.43
N ILE D 330 16.78 -39.14 -50.38
CA ILE D 330 16.06 -39.17 -49.10
C ILE D 330 16.10 -37.79 -48.45
N LYS D 331 17.27 -37.15 -48.44
CA LYS D 331 17.50 -35.95 -47.65
C LYS D 331 16.85 -34.69 -48.21
N GLU D 332 16.10 -34.77 -49.31
CA GLU D 332 15.46 -33.60 -49.86
C GLU D 332 14.00 -33.82 -50.20
N ALA D 333 13.41 -34.93 -49.77
CA ALA D 333 12.01 -35.20 -50.06
C ALA D 333 11.12 -34.37 -49.14
N HIS D 334 10.09 -33.78 -49.73
CA HIS D 334 9.08 -33.03 -48.98
C HIS D 334 7.78 -33.82 -49.01
N TRP D 335 7.25 -34.13 -47.84
CA TRP D 335 6.06 -34.98 -47.79
C TRP D 335 5.12 -34.49 -46.69
N GLU D 336 3.83 -34.48 -46.98
CA GLU D 336 2.83 -34.16 -45.97
C GLU D 336 2.30 -35.46 -45.39
N GLY D 337 2.52 -35.65 -44.09
CA GLY D 337 2.04 -36.80 -43.37
C GLY D 337 1.24 -36.37 -42.15
N LEU D 338 1.18 -37.29 -41.17
CA LEU D 338 0.43 -37.04 -39.95
C LEU D 338 1.04 -35.92 -39.12
N THR D 339 2.34 -35.73 -39.23
CA THR D 339 3.02 -34.60 -38.60
C THR D 339 3.09 -33.39 -39.52
N GLY D 340 2.23 -33.31 -40.52
CA GLY D 340 2.19 -32.16 -41.39
C GLY D 340 3.28 -32.16 -42.43
N ARG D 341 3.85 -30.99 -42.69
CA ARG D 341 4.91 -30.86 -43.67
C ARG D 341 6.21 -31.45 -43.13
N ILE D 342 6.90 -32.21 -43.97
CA ILE D 342 8.17 -32.82 -43.61
C ILE D 342 9.19 -32.43 -44.66
N THR D 343 10.24 -31.75 -44.22
CA THR D 343 11.42 -31.44 -45.02
C THR D 343 12.64 -31.94 -44.27
N PHE D 344 13.82 -31.56 -44.71
CA PHE D 344 15.04 -31.94 -44.01
C PHE D 344 16.06 -30.82 -44.14
N ASN D 345 16.76 -30.54 -43.05
CA ASN D 345 17.89 -29.62 -43.08
C ASN D 345 19.08 -30.39 -43.60
N LYS D 346 19.51 -30.07 -44.83
CA LYS D 346 20.56 -30.83 -45.50
C LYS D 346 21.94 -30.58 -44.93
N THR D 347 22.10 -29.55 -44.09
CA THR D 347 23.40 -29.31 -43.45
C THR D 347 23.74 -30.37 -42.42
N ASN D 348 22.73 -30.92 -41.75
CA ASN D 348 22.97 -31.88 -40.69
C ASN D 348 22.02 -33.07 -40.69
N GLY D 349 21.07 -33.13 -41.61
CA GLY D 349 20.18 -34.27 -41.69
C GLY D 349 19.05 -34.27 -40.67
N LEU D 350 18.95 -33.24 -39.85
CA LEU D 350 17.91 -33.19 -38.83
C LEU D 350 16.65 -32.54 -39.39
N ARG D 351 15.61 -32.49 -38.57
CA ARG D 351 14.36 -31.83 -38.90
C ARG D 351 14.29 -30.53 -38.13
N THR D 352 14.17 -29.43 -38.84
CA THR D 352 14.15 -28.12 -38.20
C THR D 352 12.95 -27.28 -38.62
N ASP D 353 12.54 -27.36 -39.88
CA ASP D 353 11.36 -26.63 -40.34
C ASP D 353 10.14 -27.53 -40.21
N PHE D 354 9.20 -27.11 -39.37
CA PHE D 354 7.96 -27.86 -39.18
C PHE D 354 6.88 -26.87 -38.79
N ASP D 355 5.76 -27.38 -38.29
CA ASP D 355 4.64 -26.55 -37.89
C ASP D 355 4.09 -27.06 -36.57
N LEU D 356 3.89 -26.16 -35.62
CA LEU D 356 3.41 -26.52 -34.30
C LEU D 356 2.06 -25.88 -34.05
N ASP D 357 1.19 -26.60 -33.35
CA ASP D 357 -0.07 -26.06 -32.87
C ASP D 357 0.05 -25.86 -31.37
N VAL D 358 -0.09 -24.61 -30.93
CA VAL D 358 -0.04 -24.29 -29.51
C VAL D 358 -1.43 -24.51 -28.94
N ILE D 359 -1.56 -25.50 -28.07
CA ILE D 359 -2.83 -25.83 -27.45
C ILE D 359 -2.78 -25.43 -25.99
N SER D 360 -3.97 -25.21 -25.42
CA SER D 360 -4.08 -24.83 -24.03
C SER D 360 -5.36 -25.42 -23.47
N LEU D 361 -5.41 -25.50 -22.15
CA LEU D 361 -6.53 -26.10 -21.45
C LEU D 361 -7.52 -25.01 -21.06
N LYS D 362 -8.74 -25.12 -21.56
CA LYS D 362 -9.85 -24.27 -21.15
C LYS D 362 -10.92 -25.16 -20.54
N GLU D 363 -12.07 -24.55 -20.22
CA GLU D 363 -13.15 -25.28 -19.56
C GLU D 363 -13.82 -26.30 -20.49
N GLU D 364 -13.66 -26.15 -21.79
CA GLU D 364 -14.16 -27.13 -22.75
C GLU D 364 -13.17 -28.25 -23.01
N GLY D 365 -11.98 -28.19 -22.41
CA GLY D 365 -10.94 -29.17 -22.65
C GLY D 365 -9.72 -28.51 -23.29
N LEU D 366 -9.06 -29.25 -24.17
CA LEU D 366 -7.86 -28.78 -24.86
C LEU D 366 -8.24 -28.29 -26.25
N GLU D 367 -7.88 -27.05 -26.54
CA GLU D 367 -8.23 -26.44 -27.82
C GLU D 367 -7.00 -25.72 -28.38
N LYS D 368 -6.95 -25.63 -29.71
CA LYS D 368 -5.84 -24.99 -30.38
C LYS D 368 -6.00 -23.47 -30.29
N ILE D 369 -4.99 -22.80 -29.76
CA ILE D 369 -5.01 -21.34 -29.66
C ILE D 369 -3.89 -20.68 -30.43
N GLY D 370 -2.91 -21.43 -30.94
CA GLY D 370 -1.79 -20.79 -31.61
C GLY D 370 -1.16 -21.65 -32.69
N THR D 371 -0.36 -21.00 -33.52
CA THR D 371 0.40 -21.68 -34.55
C THR D 371 1.83 -21.14 -34.55
N TRP D 372 2.80 -22.04 -34.50
CA TRP D 372 4.21 -21.66 -34.45
C TRP D 372 4.96 -22.24 -35.64
N ASP D 373 5.81 -21.42 -36.22
CA ASP D 373 6.67 -21.76 -37.34
C ASP D 373 8.04 -21.21 -37.01
N PRO D 374 9.12 -21.90 -37.41
CA PRO D 374 10.47 -21.37 -37.18
C PRO D 374 10.78 -20.10 -37.96
N ALA D 375 10.08 -19.84 -39.06
CA ALA D 375 10.34 -18.62 -39.82
C ALA D 375 9.57 -17.44 -39.25
N SER D 376 8.28 -17.62 -39.01
CA SER D 376 7.40 -16.52 -38.62
C SER D 376 7.22 -16.39 -37.12
N GLY D 377 7.84 -17.26 -36.32
CA GLY D 377 7.59 -17.21 -34.89
C GLY D 377 6.23 -17.78 -34.56
N LEU D 378 5.56 -17.19 -33.58
CA LEU D 378 4.23 -17.62 -33.18
C LEU D 378 3.20 -16.58 -33.64
N ASN D 379 2.10 -17.06 -34.20
CA ASN D 379 1.07 -16.21 -34.77
C ASN D 379 -0.13 -16.04 -33.85
N MET D 380 -0.52 -17.12 -33.16
CA MET D 380 -1.61 -17.18 -32.18
C MET D 380 -2.96 -16.78 -32.75
N THR D 381 -3.95 -16.63 -31.89
CA THR D 381 -5.27 -16.17 -32.29
C THR D 381 -5.66 -14.87 -31.61
N GLU D 382 -5.58 -14.82 -30.27
CA GLU D 382 -5.95 -13.62 -29.54
C GLU D 382 -4.90 -12.53 -29.69
N SER D 383 -3.65 -12.91 -29.97
CA SER D 383 -2.61 -11.91 -30.19
C SER D 383 -2.81 -11.17 -31.51
N GLN D 384 -3.31 -11.86 -32.53
CA GLN D 384 -3.57 -11.25 -33.83
C GLN D 384 -5.02 -10.81 -33.99
N LYS D 385 -5.78 -10.78 -32.90
CA LYS D 385 -7.14 -10.22 -32.97
C LYS D 385 -7.10 -8.72 -33.22
N GLY D 386 -6.09 -8.03 -32.70
CA GLY D 386 -5.93 -6.62 -32.99
C GLY D 386 -5.45 -6.40 -34.41
N LYS D 387 -6.34 -5.91 -35.26
CA LYS D 387 -6.02 -5.63 -36.66
C LYS D 387 -6.50 -4.22 -36.97
N PRO D 388 -5.61 -3.27 -37.27
CA PRO D 388 -6.04 -1.90 -37.51
C PRO D 388 -6.65 -1.76 -38.91
N ALA D 389 -7.93 -1.39 -38.94
CA ALA D 389 -8.58 -1.10 -40.21
C ALA D 389 -8.05 0.20 -40.81
N ASN D 390 -7.76 1.19 -39.95
CA ASN D 390 -7.17 2.49 -40.30
C ASN D 390 -8.00 3.25 -41.33
N ILE D 391 -9.33 3.21 -41.16
CA ILE D 391 -10.22 3.92 -42.08
C ILE D 391 -10.21 5.42 -41.85
N THR D 392 -9.76 5.89 -40.68
CA THR D 392 -9.63 7.32 -40.45
C THR D 392 -8.48 7.92 -41.24
N ASP D 393 -7.47 7.13 -41.60
CA ASP D 393 -6.39 7.60 -42.46
C ASP D 393 -6.80 7.70 -43.92
N SER D 394 -7.89 7.05 -44.31
CA SER D 394 -8.39 7.18 -45.67
C SER D 394 -8.99 8.55 -45.93
N LEU D 395 -9.63 9.15 -44.93
CA LEU D 395 -10.16 10.50 -45.03
C LEU D 395 -9.00 11.47 -44.80
N SER D 396 -8.37 11.89 -45.89
CA SER D 396 -7.21 12.77 -45.78
C SER D 396 -7.60 14.18 -45.38
N ASN D 397 -8.66 14.72 -46.00
CA ASN D 397 -9.21 16.06 -45.77
C ASN D 397 -8.15 17.15 -46.02
N ARG D 398 -7.77 17.24 -47.30
CA ARG D 398 -6.75 18.20 -47.72
C ARG D 398 -7.20 19.65 -47.52
N SER D 399 -8.49 19.93 -47.71
CA SER D 399 -9.06 21.23 -47.36
C SER D 399 -9.08 21.36 -45.84
N LEU D 400 -8.15 22.13 -45.29
CA LEU D 400 -7.94 22.19 -43.84
C LEU D 400 -8.94 23.17 -43.23
N ILE D 401 -9.97 22.63 -42.59
CA ILE D 401 -10.98 23.46 -41.94
C ILE D 401 -10.42 23.99 -40.63
N VAL D 402 -10.51 25.31 -40.43
CA VAL D 402 -9.87 25.99 -39.32
C VAL D 402 -10.96 26.38 -38.32
N THR D 403 -10.83 25.91 -37.10
CA THR D 403 -11.77 26.21 -36.02
C THR D 403 -11.01 26.95 -34.92
N THR D 404 -11.43 28.18 -34.64
CA THR D 404 -10.71 29.07 -33.73
C THR D 404 -11.68 29.74 -32.77
N ILE D 405 -11.10 30.36 -31.73
CA ILE D 405 -11.87 31.14 -30.77
C ILE D 405 -11.62 32.62 -31.03
N LEU D 406 -12.44 33.46 -30.40
CA LEU D 406 -12.25 34.91 -30.51
C LEU D 406 -11.10 35.34 -29.59
N GLU D 407 -10.19 36.14 -30.13
CA GLU D 407 -9.01 36.57 -29.40
C GLU D 407 -8.56 37.92 -29.93
N GLU D 408 -8.26 38.86 -29.01
CA GLU D 408 -8.03 40.25 -29.40
C GLU D 408 -6.79 40.49 -30.27
N PRO D 409 -5.59 39.97 -29.98
CA PRO D 409 -4.48 40.22 -30.92
C PRO D 409 -4.29 39.15 -31.99
N TYR D 410 -5.06 38.07 -31.98
CA TYR D 410 -4.77 36.95 -32.87
C TYR D 410 -5.89 36.62 -33.85
N VAL D 411 -7.12 36.40 -33.38
CA VAL D 411 -8.19 35.94 -34.26
C VAL D 411 -9.27 37.03 -34.09
N LEU D 412 -8.82 38.28 -34.07
CA LEU D 412 -9.74 39.40 -33.96
C LEU D 412 -10.63 39.52 -35.20
N PHE D 413 -11.90 39.84 -34.98
CA PHE D 413 -12.80 40.12 -36.07
C PHE D 413 -12.51 41.48 -36.70
N LYS D 414 -12.83 41.61 -37.98
CA LYS D 414 -12.64 42.84 -38.72
C LYS D 414 -13.96 43.62 -38.71
N LYS D 415 -13.88 44.90 -38.37
CA LYS D 415 -15.06 45.75 -38.24
C LYS D 415 -15.18 46.65 -39.47
N SER D 416 -16.38 46.68 -40.05
CA SER D 416 -16.67 47.55 -41.18
C SER D 416 -18.15 47.90 -41.15
N ASP D 417 -18.56 48.76 -42.09
CA ASP D 417 -19.97 49.15 -42.17
C ASP D 417 -20.84 48.00 -42.64
N LYS D 418 -20.33 47.18 -43.53
CA LYS D 418 -21.01 46.01 -44.04
C LYS D 418 -20.41 44.74 -43.43
N PRO D 419 -21.23 43.72 -43.17
CA PRO D 419 -20.68 42.45 -42.68
C PRO D 419 -19.86 41.74 -43.74
N LEU D 420 -18.83 41.03 -43.29
CA LEU D 420 -17.91 40.31 -44.15
C LEU D 420 -18.00 38.82 -43.87
N TYR D 421 -17.85 38.02 -44.91
CA TYR D 421 -18.03 36.58 -44.82
C TYR D 421 -16.80 35.87 -45.37
N GLY D 422 -16.73 34.57 -45.12
CA GLY D 422 -15.58 33.80 -45.54
C GLY D 422 -14.38 34.06 -44.65
N ASN D 423 -13.20 34.10 -45.28
CA ASN D 423 -11.96 34.43 -44.59
C ASN D 423 -11.61 35.91 -44.70
N ASP D 424 -12.61 36.77 -44.85
CA ASP D 424 -12.41 38.21 -45.04
C ASP D 424 -12.66 39.00 -43.76
N ARG D 425 -13.35 38.43 -42.78
CA ARG D 425 -13.77 39.15 -41.59
C ARG D 425 -12.81 39.01 -40.43
N PHE D 426 -11.64 38.42 -40.64
CA PHE D 426 -10.69 38.12 -39.57
C PHE D 426 -9.42 38.94 -39.72
N GLU D 427 -8.75 39.15 -38.59
CA GLU D 427 -7.55 39.97 -38.54
C GLU D 427 -6.74 39.59 -37.31
N GLY D 428 -5.42 39.58 -37.44
CA GLY D 428 -4.54 39.34 -36.32
C GLY D 428 -3.34 38.52 -36.75
N TYR D 429 -2.52 38.16 -35.76
CA TYR D 429 -1.30 37.41 -36.05
C TYR D 429 -1.61 35.98 -36.47
N CYS D 430 -2.61 35.34 -35.86
CA CYS D 430 -2.93 33.96 -36.19
C CYS D 430 -3.52 33.85 -37.59
N ILE D 431 -4.25 34.87 -38.03
CA ILE D 431 -4.77 34.89 -39.40
C ILE D 431 -3.64 35.08 -40.40
N ASP D 432 -2.67 35.93 -40.07
CA ASP D 432 -1.49 36.12 -40.93
C ASP D 432 -0.65 34.86 -40.98
N LEU D 433 -0.53 34.15 -39.86
CA LEU D 433 0.21 32.90 -39.82
C LEU D 433 -0.49 31.80 -40.60
N LEU D 434 -1.83 31.80 -40.54
CA LEU D 434 -2.62 30.87 -41.36
C LEU D 434 -2.48 31.17 -42.84
N ARG D 435 -2.42 32.46 -43.20
CA ARG D 435 -2.17 32.84 -44.59
C ARG D 435 -0.77 32.44 -45.03
N GLU D 436 0.21 32.56 -44.13
CA GLU D 436 1.59 32.14 -44.43
C GLU D 436 1.67 30.63 -44.63
N LEU D 437 0.97 29.86 -43.79
CA LEU D 437 0.94 28.42 -43.94
C LEU D 437 0.18 27.98 -45.19
N SER D 438 -0.86 28.73 -45.57
CA SER D 438 -1.59 28.42 -46.80
C SER D 438 -0.77 28.78 -48.04
N THR D 439 0.09 29.79 -47.96
CA THR D 439 0.98 30.07 -49.08
C THR D 439 2.13 29.09 -49.17
N ILE D 440 2.64 28.62 -48.02
CA ILE D 440 3.74 27.67 -48.04
C ILE D 440 3.25 26.28 -48.48
N LEU D 441 2.16 25.80 -47.87
CA LEU D 441 1.71 24.44 -48.10
C LEU D 441 0.75 24.30 -49.27
N GLY D 442 -0.08 25.30 -49.53
CA GLY D 442 -1.01 25.22 -50.65
C GLY D 442 -2.20 24.33 -50.40
N PHE D 443 -3.06 24.71 -49.46
CA PHE D 443 -4.29 24.00 -49.15
C PHE D 443 -5.48 24.94 -49.25
N THR D 444 -6.64 24.42 -48.91
CA THR D 444 -7.87 25.19 -48.82
C THR D 444 -8.25 25.36 -47.36
N TYR D 445 -8.54 26.58 -46.95
CA TYR D 445 -8.86 26.86 -45.56
C TYR D 445 -10.08 27.75 -45.47
N GLU D 446 -10.95 27.44 -44.50
CA GLU D 446 -12.05 28.31 -44.12
C GLU D 446 -12.03 28.45 -42.61
N ILE D 447 -11.99 29.69 -42.14
CA ILE D 447 -11.89 29.97 -40.71
C ILE D 447 -13.31 29.98 -40.14
N ARG D 448 -13.60 29.02 -39.28
CA ARG D 448 -14.88 28.94 -38.60
C ARG D 448 -14.66 29.13 -37.10
N LEU D 449 -15.74 29.40 -36.39
CA LEU D 449 -15.68 29.60 -34.95
C LEU D 449 -15.89 28.29 -34.23
N VAL D 450 -15.48 28.28 -32.95
CA VAL D 450 -15.74 27.11 -32.11
C VAL D 450 -17.21 27.07 -31.73
N GLU D 451 -17.71 25.87 -31.47
CA GLU D 451 -19.12 25.69 -31.13
C GLU D 451 -19.38 25.78 -29.64
N ASP D 452 -18.40 25.42 -28.81
CA ASP D 452 -18.56 25.53 -27.38
C ASP D 452 -18.18 26.91 -26.84
N GLY D 453 -17.62 27.78 -27.68
CA GLY D 453 -17.21 29.10 -27.25
C GLY D 453 -15.88 29.15 -26.54
N LYS D 454 -15.18 28.02 -26.43
CA LYS D 454 -13.96 27.94 -25.64
C LYS D 454 -13.16 26.74 -26.14
N TYR D 455 -12.06 26.45 -25.45
CA TYR D 455 -11.26 25.26 -25.76
C TYR D 455 -11.85 24.00 -25.16
N GLY D 456 -12.84 24.10 -24.29
CA GLY D 456 -13.43 22.96 -23.62
C GLY D 456 -12.78 22.71 -22.28
N ALA D 457 -13.26 21.66 -21.61
CA ALA D 457 -12.77 21.30 -20.29
C ALA D 457 -13.01 19.82 -20.05
N GLN D 458 -12.34 19.30 -19.04
CA GLN D 458 -12.52 17.92 -18.58
C GLN D 458 -13.47 17.88 -17.40
N ASP D 459 -14.23 16.80 -17.30
CA ASP D 459 -15.18 16.60 -16.21
C ASP D 459 -14.57 15.68 -15.16
N ASP D 460 -15.11 15.75 -13.95
CA ASP D 460 -14.60 14.93 -12.85
C ASP D 460 -15.02 13.48 -12.96
N VAL D 461 -16.00 13.17 -13.81
CA VAL D 461 -16.43 11.80 -14.03
C VAL D 461 -15.54 11.14 -15.06
N ASN D 462 -15.51 11.70 -16.28
CA ASN D 462 -14.81 11.09 -17.40
C ASN D 462 -13.41 11.62 -17.62
N GLY D 463 -13.19 12.93 -17.47
CA GLY D 463 -11.93 13.52 -17.87
C GLY D 463 -11.82 13.83 -19.34
N GLN D 464 -12.90 13.66 -20.10
CA GLN D 464 -12.88 13.93 -21.53
C GLN D 464 -12.89 15.44 -21.77
N TRP D 465 -11.95 15.90 -22.57
CA TRP D 465 -11.84 17.32 -22.90
C TRP D 465 -12.64 17.56 -24.17
N ASN D 466 -13.71 18.34 -24.06
CA ASN D 466 -14.53 18.67 -25.22
C ASN D 466 -13.99 19.93 -25.89
N GLY D 467 -14.76 20.52 -26.78
CA GLY D 467 -14.32 21.73 -27.45
C GLY D 467 -13.40 21.40 -28.61
N MET D 468 -12.28 22.11 -28.67
CA MET D 468 -11.31 21.92 -29.75
C MET D 468 -10.63 20.56 -29.69
N VAL D 469 -10.46 20.02 -28.47
CA VAL D 469 -9.87 18.69 -28.31
C VAL D 469 -10.79 17.62 -28.88
N ARG D 470 -12.09 17.71 -28.60
CA ARG D 470 -13.03 16.75 -29.18
C ARG D 470 -13.26 17.00 -30.67
N GLU D 471 -13.05 18.24 -31.13
CA GLU D 471 -13.09 18.51 -32.57
C GLU D 471 -11.93 17.85 -33.30
N LEU D 472 -10.74 17.89 -32.71
CA LEU D 472 -9.57 17.34 -33.38
C LEU D 472 -9.41 15.83 -33.16
N ILE D 473 -9.97 15.30 -32.07
CA ILE D 473 -9.97 13.85 -31.87
C ILE D 473 -10.90 13.18 -32.85
N ASP D 474 -12.10 13.72 -33.03
CA ASP D 474 -13.08 13.19 -33.97
C ASP D 474 -12.88 13.70 -35.38
N HIS D 475 -11.80 14.45 -35.62
CA HIS D 475 -11.35 14.93 -36.94
C HIS D 475 -12.36 15.86 -37.59
N LYS D 476 -13.18 16.55 -36.78
CA LYS D 476 -14.09 17.54 -37.32
C LYS D 476 -13.35 18.81 -37.71
N ALA D 477 -12.34 19.19 -36.94
CA ALA D 477 -11.44 20.28 -37.29
C ALA D 477 -10.14 19.70 -37.84
N ASP D 478 -9.57 20.38 -38.83
CA ASP D 478 -8.34 19.93 -39.44
C ASP D 478 -7.14 20.83 -39.15
N LEU D 479 -7.37 22.06 -38.70
CA LEU D 479 -6.30 22.96 -38.34
C LEU D 479 -6.65 23.67 -37.04
N ALA D 480 -5.64 23.91 -36.22
CA ALA D 480 -5.80 24.49 -34.89
C ALA D 480 -4.77 25.59 -34.64
N VAL D 481 -4.66 26.53 -35.58
CA VAL D 481 -3.82 27.70 -35.38
C VAL D 481 -4.46 28.58 -34.32
N ALA D 482 -3.92 28.54 -33.11
CA ALA D 482 -4.60 29.06 -31.94
C ALA D 482 -3.56 29.65 -31.00
N PRO D 483 -3.97 30.56 -30.07
CA PRO D 483 -3.03 31.03 -29.05
C PRO D 483 -2.89 30.10 -27.84
N LEU D 484 -3.33 28.85 -27.96
CA LEU D 484 -3.18 27.89 -26.89
C LEU D 484 -1.72 27.45 -26.73
N ALA D 485 -1.36 27.06 -25.51
CA ALA D 485 -0.04 26.54 -25.20
C ALA D 485 -0.08 25.01 -25.21
N ILE D 486 1.03 24.40 -24.81
CA ILE D 486 1.15 22.94 -24.76
C ILE D 486 1.26 22.54 -23.29
N THR D 487 0.22 21.89 -22.78
CA THR D 487 0.28 21.23 -21.49
C THR D 487 0.48 19.74 -21.70
N TYR D 488 0.94 19.06 -20.65
CA TYR D 488 1.31 17.66 -20.75
C TYR D 488 0.09 16.76 -20.92
N VAL D 489 -1.04 17.13 -20.32
CA VAL D 489 -2.29 16.39 -20.56
C VAL D 489 -2.75 16.55 -21.99
N ARG D 490 -2.68 17.78 -22.52
CA ARG D 490 -3.01 18.01 -23.92
C ARG D 490 -1.99 17.39 -24.86
N GLU D 491 -0.71 17.32 -24.43
CA GLU D 491 0.31 16.65 -25.22
C GLU D 491 0.05 15.14 -25.30
N LYS D 492 -0.37 14.54 -24.18
CA LYS D 492 -0.70 13.12 -24.17
C LYS D 492 -1.95 12.84 -24.98
N VAL D 493 -2.94 13.73 -24.90
CA VAL D 493 -4.17 13.54 -25.66
C VAL D 493 -3.96 13.83 -27.14
N ILE D 494 -3.33 14.96 -27.45
CA ILE D 494 -3.23 15.46 -28.82
C ILE D 494 -1.75 15.64 -29.16
N ASP D 495 -1.33 15.06 -30.28
CA ASP D 495 0.04 15.25 -30.74
C ASP D 495 0.23 16.68 -31.24
N PHE D 496 1.29 17.33 -30.79
CA PHE D 496 1.51 18.74 -31.03
C PHE D 496 2.69 18.96 -31.96
N SER D 497 2.65 20.09 -32.66
CA SER D 497 3.76 20.55 -33.47
C SER D 497 4.74 21.33 -32.62
N LYS D 498 5.80 21.84 -33.25
CA LYS D 498 6.81 22.61 -32.53
C LYS D 498 6.28 24.00 -32.21
N PRO D 499 6.76 24.61 -31.11
CA PRO D 499 6.41 26.01 -30.86
C PRO D 499 7.13 26.95 -31.81
N PHE D 500 6.49 28.08 -32.09
CA PHE D 500 7.09 29.13 -32.91
C PHE D 500 7.60 30.30 -32.09
N MET D 501 7.08 30.51 -30.89
CA MET D 501 7.58 31.54 -30.00
C MET D 501 7.33 31.10 -28.56
N THR D 502 8.07 31.71 -27.63
CA THR D 502 8.01 31.32 -26.24
C THR D 502 6.74 31.85 -25.58
N LEU D 503 6.50 31.38 -24.36
CA LEU D 503 5.31 31.77 -23.60
C LEU D 503 5.67 31.70 -22.13
N GLY D 504 5.12 32.62 -21.36
CA GLY D 504 5.35 32.64 -19.93
C GLY D 504 4.16 33.18 -19.19
N ILE D 505 3.98 32.71 -17.96
CA ILE D 505 2.91 33.18 -17.09
C ILE D 505 3.45 34.36 -16.30
N SER D 506 2.76 35.50 -16.38
CA SER D 506 3.15 36.70 -15.67
C SER D 506 1.93 37.33 -15.04
N ILE D 507 2.18 38.21 -14.07
CA ILE D 507 1.16 38.83 -13.25
C ILE D 507 1.03 40.29 -13.66
N LEU D 508 -0.21 40.73 -13.88
CA LEU D 508 -0.53 42.10 -14.23
C LEU D 508 -1.24 42.75 -13.05
N TYR D 509 -0.83 43.97 -12.71
CA TYR D 509 -1.38 44.71 -11.60
C TYR D 509 -1.62 46.14 -12.06
N ARG D 510 -2.34 46.90 -11.26
CA ARG D 510 -2.48 48.33 -11.52
C ARG D 510 -1.18 49.04 -11.20
N LYS D 511 -0.97 50.19 -11.82
CA LYS D 511 0.21 50.99 -11.55
C LYS D 511 -0.11 52.01 -10.46
N PRO D 512 0.53 51.92 -9.29
CA PRO D 512 0.19 52.84 -8.20
C PRO D 512 0.82 54.22 -8.43
N ASN D 513 0.23 55.21 -7.74
CA ASN D 513 0.72 56.58 -7.79
C ASN D 513 0.38 57.28 -6.49
N GLY D 514 1.28 58.14 -6.03
CA GLY D 514 1.06 58.89 -4.81
C GLY D 514 1.63 60.29 -4.86
N THR D 515 2.00 60.76 -6.04
CA THR D 515 2.68 62.05 -6.20
C THR D 515 1.66 63.17 -6.42
N ASN D 516 0.82 63.39 -5.41
CA ASN D 516 -0.14 64.49 -5.41
C ASN D 516 -0.01 65.23 -4.09
N PRO D 517 1.03 66.07 -3.92
CA PRO D 517 1.21 66.78 -2.66
C PRO D 517 0.25 67.96 -2.47
N GLY D 518 0.07 68.76 -3.52
CA GLY D 518 -0.70 69.98 -3.41
C GLY D 518 0.00 71.02 -2.55
N VAL D 519 -0.79 71.94 -2.01
CA VAL D 519 -0.30 72.91 -1.04
C VAL D 519 -0.54 72.46 0.39
N PHE D 520 -1.17 71.29 0.58
CA PHE D 520 -1.45 70.75 1.90
C PHE D 520 -0.40 69.74 2.36
N SER D 521 0.69 69.59 1.61
CA SER D 521 1.77 68.69 2.00
C SER D 521 2.51 69.18 3.24
N PHE D 522 2.49 70.48 3.49
CA PHE D 522 2.93 71.00 4.79
C PHE D 522 1.97 70.58 5.90
N LEU D 523 0.68 70.49 5.59
CA LEU D 523 -0.34 70.15 6.58
C LEU D 523 -0.56 68.65 6.70
N ASN D 524 0.24 67.84 6.04
CA ASN D 524 0.19 66.40 6.28
C ASN D 524 0.94 65.98 7.55
N PRO D 525 2.17 66.50 7.89
CA PRO D 525 2.71 66.17 9.22
C PRO D 525 2.06 66.98 10.34
N LEU D 526 1.64 68.20 10.04
CA LEU D 526 1.07 69.10 11.05
C LEU D 526 -0.45 69.06 10.94
N SER D 527 -1.10 68.53 11.96
CA SER D 527 -2.55 68.53 12.00
C SER D 527 -3.04 69.95 12.26
N PRO D 528 -4.07 70.44 11.51
CA PRO D 528 -4.46 71.85 11.57
C PRO D 528 -5.41 72.21 12.71
N ASP D 529 -5.12 71.70 13.89
CA ASP D 529 -5.80 72.08 15.12
C ASP D 529 -4.81 72.50 16.20
N ILE D 530 -3.64 71.86 16.25
CA ILE D 530 -2.57 72.29 17.14
C ILE D 530 -2.01 73.63 16.67
N TRP D 531 -1.97 73.83 15.35
CA TRP D 531 -1.44 75.07 14.75
C TRP D 531 -2.30 76.29 15.10
N MET D 532 -3.61 76.09 15.28
CA MET D 532 -4.48 77.17 15.74
C MET D 532 -4.16 77.56 17.18
N TYR D 533 -3.78 76.59 18.02
CA TYR D 533 -3.31 76.92 19.36
C TYR D 533 -2.00 77.67 19.34
N VAL D 534 -1.13 77.36 18.36
CA VAL D 534 0.11 78.10 18.17
C VAL D 534 -0.16 79.54 17.76
N LEU D 535 -1.15 79.74 16.88
CA LEU D 535 -1.56 81.08 16.48
C LEU D 535 -2.16 81.86 17.64
N LEU D 536 -2.96 81.19 18.48
CA LEU D 536 -3.52 81.84 19.66
C LEU D 536 -2.44 82.19 20.68
N ALA D 537 -1.44 81.32 20.84
CA ALA D 537 -0.33 81.59 21.75
C ALA D 537 0.52 82.75 21.27
N TYR D 538 0.76 82.82 19.95
CA TYR D 538 1.50 83.95 19.39
C TYR D 538 0.71 85.26 19.48
N LEU D 539 -0.62 85.17 19.36
CA LEU D 539 -1.47 86.34 19.58
C LEU D 539 -1.41 86.81 21.03
N GLY D 540 -1.39 85.87 21.97
CA GLY D 540 -1.23 86.25 23.37
C GLY D 540 0.13 86.83 23.68
N VAL D 541 1.18 86.33 23.02
CA VAL D 541 2.52 86.90 23.15
C VAL D 541 2.55 88.32 22.60
N SER D 542 1.89 88.55 21.46
CA SER D 542 1.81 89.89 20.88
C SER D 542 1.01 90.86 21.76
N VAL D 543 -0.05 90.36 22.39
CA VAL D 543 -0.84 91.20 23.31
C VAL D 543 -0.02 91.55 24.55
N VAL D 544 0.74 90.59 25.07
CA VAL D 544 1.63 90.84 26.21
C VAL D 544 2.74 91.83 25.84
N LEU D 545 3.26 91.71 24.62
CA LEU D 545 4.27 92.65 24.13
C LEU D 545 3.70 94.06 23.93
N PHE D 546 2.43 94.15 23.54
CA PHE D 546 1.79 95.47 23.48
C PHE D 546 1.52 96.03 24.87
N VAL D 547 1.27 95.14 25.84
CA VAL D 547 1.14 95.58 27.23
C VAL D 547 2.49 96.06 27.77
N ILE D 548 3.53 95.26 27.57
CA ILE D 548 4.87 95.60 28.05
C ILE D 548 5.81 95.82 26.88
N LEU D 598 14.37 92.11 33.82
CA LEU D 598 14.68 90.68 33.81
C LEU D 598 13.48 89.89 33.31
N SER D 599 12.28 90.50 33.40
CA SER D 599 11.06 89.86 32.93
C SER D 599 11.04 89.72 31.41
N THR D 600 11.73 90.62 30.71
CA THR D 600 11.93 90.49 29.27
C THR D 600 12.73 89.23 28.95
N ARG D 601 13.76 88.94 29.75
CA ARG D 601 14.53 87.72 29.58
C ARG D 601 13.72 86.47 29.91
N ILE D 602 12.80 86.58 30.88
CA ILE D 602 11.91 85.46 31.21
C ILE D 602 10.96 85.17 30.05
N VAL D 603 10.38 86.22 29.46
CA VAL D 603 9.48 86.07 28.32
C VAL D 603 10.22 85.50 27.10
N GLY D 604 11.44 86.00 26.85
CA GLY D 604 12.23 85.50 25.74
C GLY D 604 12.69 84.06 25.94
N GLY D 605 13.04 83.69 27.17
CA GLY D 605 13.44 82.31 27.45
C GLY D 605 12.30 81.33 27.33
N ILE D 606 11.11 81.70 27.83
CA ILE D 606 9.97 80.79 27.72
C ILE D 606 9.46 80.73 26.27
N TRP D 607 9.65 81.81 25.50
CA TRP D 607 9.31 81.77 24.08
C TRP D 607 10.28 80.89 23.31
N TRP D 608 11.57 80.95 23.67
CA TRP D 608 12.58 80.08 23.08
C TRP D 608 12.28 78.62 23.38
N PHE D 609 11.91 78.32 24.63
CA PHE D 609 11.59 76.96 25.04
C PHE D 609 10.36 76.43 24.31
N PHE D 610 9.31 77.25 24.21
CA PHE D 610 8.08 76.84 23.54
C PHE D 610 8.29 76.63 22.04
N THR D 611 9.02 77.54 21.39
CA THR D 611 9.27 77.42 19.95
C THR D 611 10.17 76.23 19.65
N LEU D 612 11.16 75.97 20.51
CA LEU D 612 12.06 74.84 20.28
C LEU D 612 11.34 73.51 20.49
N ILE D 613 10.42 73.44 21.46
CA ILE D 613 9.60 72.25 21.65
C ILE D 613 8.69 72.00 20.44
N ILE D 614 8.07 73.07 19.93
CA ILE D 614 7.18 72.96 18.78
C ILE D 614 7.94 72.53 17.53
N ILE D 615 9.12 73.11 17.31
CA ILE D 615 9.96 72.79 16.16
C ILE D 615 10.47 71.35 16.25
N SER D 616 10.88 70.91 17.44
CA SER D 616 11.35 69.55 17.63
C SER D 616 10.25 68.53 17.41
N SER D 617 9.03 68.82 17.88
CA SER D 617 7.91 67.91 17.67
C SER D 617 7.53 67.83 16.20
N TYR D 618 7.55 68.97 15.49
CA TYR D 618 7.25 68.97 14.06
C TYR D 618 8.30 68.20 13.27
N THR D 619 9.57 68.38 13.62
CA THR D 619 10.65 67.67 12.95
C THR D 619 10.58 66.17 13.20
N ALA D 620 10.21 65.78 14.43
CA ALA D 620 10.06 64.35 14.76
C ALA D 620 8.89 63.73 14.00
N ASN D 621 7.77 64.46 13.90
CA ASN D 621 6.62 63.97 13.14
C ASN D 621 6.95 63.80 11.67
N LEU D 622 7.63 64.78 11.08
CA LEU D 622 7.99 64.71 9.67
C LEU D 622 9.02 63.63 9.40
N ALA D 623 9.95 63.44 10.34
CA ALA D 623 10.96 62.40 10.18
C ALA D 623 10.36 61.00 10.28
N ALA D 624 9.42 60.80 11.21
CA ALA D 624 8.76 59.50 11.33
C ALA D 624 7.90 59.20 10.11
N PHE D 625 7.18 60.22 9.60
CA PHE D 625 6.36 60.03 8.41
C PHE D 625 7.21 59.72 7.18
N LEU D 626 8.34 60.42 7.03
CA LEU D 626 9.22 60.17 5.89
C LEU D 626 9.90 58.82 5.99
N THR D 627 10.24 58.39 7.22
CA THR D 627 10.86 57.09 7.41
C THR D 627 9.90 55.96 7.09
N VAL D 628 8.63 56.09 7.51
CA VAL D 628 7.62 55.08 7.19
C VAL D 628 7.32 55.06 5.70
N GLU D 629 7.29 56.25 5.07
CA GLU D 629 7.04 56.35 3.63
C GLU D 629 8.17 55.73 2.82
N ARG D 630 9.43 55.93 3.23
CA ARG D 630 10.54 55.30 2.53
C ARG D 630 10.62 53.81 2.84
N MET D 631 10.20 53.40 4.03
CA MET D 631 10.26 51.98 4.39
C MET D 631 9.18 51.18 3.68
N GLU D 632 8.07 51.82 3.31
CA GLU D 632 7.03 51.12 2.55
C GLU D 632 7.51 50.88 1.12
N SER D 633 7.35 49.65 0.66
CA SER D 633 7.89 49.23 -0.63
C SER D 633 6.84 48.48 -1.43
N PRO D 634 6.85 48.62 -2.75
CA PRO D 634 5.91 47.86 -3.58
C PRO D 634 6.32 46.39 -3.67
N ILE D 635 5.34 45.57 -4.02
CA ILE D 635 5.58 44.14 -4.18
C ILE D 635 6.16 43.88 -5.57
N ASP D 636 7.01 42.86 -5.66
CA ASP D 636 7.66 42.59 -6.94
C ASP D 636 7.76 41.12 -7.31
N SER D 637 7.46 40.19 -6.41
CA SER D 637 7.65 38.77 -6.68
C SER D 637 6.37 38.01 -6.40
N ALA D 638 6.34 36.76 -6.86
CA ALA D 638 5.20 35.88 -6.59
C ALA D 638 5.14 35.44 -5.14
N ASP D 639 6.27 35.49 -4.42
CA ASP D 639 6.28 35.20 -3.00
C ASP D 639 5.49 36.23 -2.20
N ASP D 640 5.45 37.48 -2.69
CA ASP D 640 4.64 38.52 -2.06
C ASP D 640 3.15 38.21 -2.15
N LEU D 641 2.71 37.69 -3.29
CA LEU D 641 1.31 37.29 -3.42
C LEU D 641 1.04 35.98 -2.67
N ALA D 642 2.05 35.11 -2.56
CA ALA D 642 1.88 33.87 -1.84
C ALA D 642 1.77 34.10 -0.34
N LYS D 643 2.60 35.00 0.19
CA LYS D 643 2.59 35.26 1.63
C LYS D 643 1.37 36.08 2.05
N GLN D 644 1.03 37.11 1.28
CA GLN D 644 -0.01 38.06 1.67
C GLN D 644 -1.34 37.64 1.08
N THR D 645 -2.36 37.57 1.93
CA THR D 645 -3.71 37.24 1.53
C THR D 645 -4.62 38.45 1.41
N LYS D 646 -4.09 39.66 1.63
CA LYS D 646 -4.91 40.86 1.53
C LYS D 646 -5.23 41.19 0.09
N ILE D 647 -4.25 41.08 -0.80
CA ILE D 647 -4.46 41.36 -2.21
C ILE D 647 -5.01 40.12 -2.89
N GLU D 648 -6.18 40.25 -3.52
CA GLU D 648 -6.74 39.14 -4.27
C GLU D 648 -5.96 38.91 -5.55
N TYR D 649 -5.98 37.67 -6.03
CA TYR D 649 -5.30 37.29 -7.25
C TYR D 649 -5.95 36.05 -7.81
N GLY D 650 -5.67 35.76 -9.07
CA GLY D 650 -6.19 34.56 -9.69
C GLY D 650 -5.91 34.56 -11.19
N ALA D 651 -6.71 33.78 -11.91
CA ALA D 651 -6.58 33.69 -13.35
C ALA D 651 -7.94 33.32 -13.94
N VAL D 652 -7.94 32.95 -15.22
CA VAL D 652 -9.14 32.44 -15.87
C VAL D 652 -9.45 31.06 -15.29
N GLU D 653 -10.73 30.74 -15.17
CA GLU D 653 -11.16 29.40 -14.82
C GLU D 653 -10.71 28.40 -15.88
N ASP D 654 -10.19 27.27 -15.42
CA ASP D 654 -9.46 26.19 -16.11
C ASP D 654 -8.36 26.79 -17.01
N GLY D 655 -8.00 26.11 -18.07
CA GLY D 655 -6.89 26.55 -18.89
C GLY D 655 -5.57 26.02 -18.37
N ALA D 656 -4.49 26.56 -18.97
CA ALA D 656 -3.16 26.08 -18.65
C ALA D 656 -2.65 26.56 -17.30
N THR D 657 -3.17 27.69 -16.81
CA THR D 657 -2.66 28.27 -15.57
C THR D 657 -3.09 27.46 -14.35
N MET D 658 -4.35 27.02 -14.33
CA MET D 658 -4.84 26.24 -13.19
C MET D 658 -4.23 24.85 -13.18
N THR D 659 -3.98 24.27 -14.36
CA THR D 659 -3.38 22.94 -14.42
C THR D 659 -1.91 22.97 -14.04
N PHE D 660 -1.20 24.04 -14.39
CA PHE D 660 0.20 24.18 -13.99
C PHE D 660 0.31 24.39 -12.48
N PHE D 661 -0.61 25.15 -11.91
CA PHE D 661 -0.60 25.36 -10.47
C PHE D 661 -1.07 24.12 -9.71
N LYS D 662 -1.91 23.30 -10.35
CA LYS D 662 -2.30 22.03 -9.74
C LYS D 662 -1.12 21.05 -9.70
N LYS D 663 -0.30 21.06 -10.74
CA LYS D 663 0.85 20.17 -10.85
C LYS D 663 2.12 20.76 -10.26
N SER D 664 2.06 21.95 -9.68
CA SER D 664 3.25 22.57 -9.10
C SER D 664 3.60 21.90 -7.78
N LYS D 665 4.88 21.53 -7.63
CA LYS D 665 5.37 20.92 -6.41
C LYS D 665 6.44 21.77 -5.74
N ILE D 666 6.50 23.06 -6.08
CA ILE D 666 7.49 23.97 -5.50
C ILE D 666 7.03 24.50 -4.15
N SER D 667 5.76 24.27 -3.80
CA SER D 667 5.09 24.68 -2.56
C SER D 667 5.08 26.19 -2.37
N THR D 668 5.15 26.95 -3.45
CA THR D 668 4.77 28.36 -3.48
C THR D 668 3.64 28.60 -4.46
N TYR D 669 3.83 28.16 -5.71
CA TYR D 669 2.72 28.12 -6.65
C TYR D 669 1.66 27.13 -6.21
N ASP D 670 2.07 26.05 -5.53
CA ASP D 670 1.11 25.15 -4.92
C ASP D 670 0.36 25.82 -3.77
N LYS D 671 1.03 26.70 -3.02
CA LYS D 671 0.38 27.43 -1.94
C LYS D 671 -0.66 28.41 -2.48
N MET D 672 -0.30 29.15 -3.53
CA MET D 672 -1.28 30.06 -4.12
C MET D 672 -2.35 29.30 -4.90
N TRP D 673 -2.04 28.09 -5.36
CA TRP D 673 -3.06 27.21 -5.92
C TRP D 673 -4.05 26.75 -4.86
N ALA D 674 -3.56 26.47 -3.65
CA ALA D 674 -4.45 26.12 -2.54
C ALA D 674 -5.31 27.31 -2.12
N PHE D 675 -4.73 28.52 -2.17
CA PHE D 675 -5.53 29.72 -1.90
C PHE D 675 -6.59 29.95 -2.97
N MET D 676 -6.26 29.67 -4.23
CA MET D 676 -7.24 29.80 -5.30
C MET D 676 -8.32 28.73 -5.20
N SER D 677 -7.94 27.52 -4.78
CA SER D 677 -8.90 26.43 -4.64
C SER D 677 -9.82 26.65 -3.45
N SER D 678 -9.34 27.39 -2.44
CA SER D 678 -10.21 27.74 -1.32
C SER D 678 -11.24 28.79 -1.71
N ARG D 679 -10.95 29.59 -2.73
CA ARG D 679 -11.78 30.72 -3.13
C ARG D 679 -12.08 30.68 -4.62
N ARG D 680 -12.55 29.53 -5.12
CA ARG D 680 -12.83 29.38 -6.53
C ARG D 680 -14.04 30.21 -6.97
N GLN D 681 -14.96 30.49 -6.06
CA GLN D 681 -16.17 31.22 -6.40
C GLN D 681 -16.00 32.73 -6.38
N SER D 682 -14.87 33.24 -5.88
CA SER D 682 -14.70 34.67 -5.71
C SER D 682 -13.62 35.27 -6.61
N VAL D 683 -12.40 34.75 -6.54
CA VAL D 683 -11.27 35.41 -7.21
C VAL D 683 -11.04 34.91 -8.62
N LEU D 684 -11.83 33.96 -9.10
CA LEU D 684 -11.66 33.40 -10.43
C LEU D 684 -12.60 34.06 -11.42
N VAL D 685 -12.09 34.29 -12.63
CA VAL D 685 -12.89 34.87 -13.71
C VAL D 685 -12.99 33.85 -14.83
N LYS D 686 -13.73 34.20 -15.88
CA LYS D 686 -13.96 33.30 -17.00
C LYS D 686 -13.39 33.79 -18.32
N SER D 687 -12.79 34.99 -18.33
CA SER D 687 -12.14 35.50 -19.53
C SER D 687 -11.04 36.47 -19.12
N ASN D 688 -10.24 36.86 -20.11
CA ASN D 688 -9.17 37.83 -19.86
C ASN D 688 -9.72 39.22 -19.60
N GLU D 689 -10.83 39.57 -20.26
CA GLU D 689 -11.43 40.89 -20.07
C GLU D 689 -12.08 41.03 -18.71
N GLU D 690 -12.61 39.93 -18.16
CA GLU D 690 -13.16 39.97 -16.81
C GLU D 690 -12.06 40.12 -15.77
N GLY D 691 -10.88 39.54 -16.04
CA GLY D 691 -9.76 39.69 -15.14
C GLY D 691 -9.23 41.11 -15.06
N ILE D 692 -9.10 41.77 -16.22
CA ILE D 692 -8.51 43.10 -16.24
C ILE D 692 -9.49 44.17 -15.75
N GLN D 693 -10.80 43.91 -15.79
CA GLN D 693 -11.73 44.81 -15.14
C GLN D 693 -11.65 44.69 -13.63
N ARG D 694 -11.36 43.49 -13.12
CA ARG D 694 -11.18 43.30 -11.69
C ARG D 694 -9.88 43.94 -11.20
N VAL D 695 -8.88 44.06 -12.08
CA VAL D 695 -7.64 44.74 -11.73
C VAL D 695 -7.88 46.23 -11.56
N LEU D 696 -8.60 46.84 -12.51
CA LEU D 696 -8.79 48.29 -12.49
C LEU D 696 -9.79 48.71 -11.42
N THR D 697 -10.71 47.83 -11.04
CA THR D 697 -11.73 48.17 -10.05
C THR D 697 -11.31 47.76 -8.64
N SER D 698 -11.07 46.47 -8.43
CA SER D 698 -10.78 45.94 -7.12
C SER D 698 -9.28 45.70 -6.97
N ASP D 699 -8.89 45.22 -5.79
CA ASP D 699 -7.50 44.90 -5.48
C ASP D 699 -7.20 43.48 -5.96
N TYR D 700 -7.07 43.37 -7.29
CA TYR D 700 -6.92 42.08 -7.94
C TYR D 700 -5.70 42.10 -8.85
N ALA D 701 -4.97 40.99 -8.89
CA ALA D 701 -3.84 40.81 -9.78
C ALA D 701 -4.15 39.64 -10.71
N PHE D 702 -3.95 39.85 -12.00
CA PHE D 702 -4.39 38.91 -13.02
C PHE D 702 -3.19 38.15 -13.58
N LEU D 703 -3.26 36.83 -13.54
CA LEU D 703 -2.17 35.97 -13.99
C LEU D 703 -2.51 35.41 -15.36
N MET D 704 -1.72 35.77 -16.37
CA MET D 704 -1.99 35.34 -17.73
C MET D 704 -0.68 35.37 -18.53
N GLU D 705 -0.79 35.13 -19.84
CA GLU D 705 0.37 35.14 -20.71
C GLU D 705 0.90 36.55 -20.89
N SER D 706 2.23 36.68 -20.81
CA SER D 706 2.88 37.98 -20.82
C SER D 706 2.79 38.68 -22.17
N THR D 707 2.54 37.95 -23.25
CA THR D 707 2.35 38.56 -24.56
C THR D 707 1.06 39.38 -24.60
N THR D 708 0.04 38.96 -23.88
CA THR D 708 -1.16 39.78 -23.71
C THR D 708 -0.87 41.01 -22.86
N ILE D 709 -0.13 40.81 -21.76
CA ILE D 709 0.17 41.88 -20.81
C ILE D 709 1.02 42.97 -21.43
N GLU D 710 1.85 42.60 -22.43
CA GLU D 710 2.71 43.56 -23.11
C GLU D 710 1.89 44.61 -23.86
N PHE D 711 0.95 44.19 -24.70
CA PHE D 711 0.19 45.19 -25.42
C PHE D 711 -0.99 45.75 -24.63
N VAL D 712 -1.40 45.11 -23.52
CA VAL D 712 -2.31 45.81 -22.61
C VAL D 712 -1.59 46.95 -21.90
N THR D 713 -0.36 46.72 -21.43
CA THR D 713 0.42 47.77 -20.79
C THR D 713 0.87 48.83 -21.78
N GLN D 714 1.04 48.47 -23.06
CA GLN D 714 1.23 49.49 -24.08
C GLN D 714 -0.06 50.27 -24.31
N ARG D 715 -1.21 49.60 -24.22
CA ARG D 715 -2.48 50.29 -24.40
C ARG D 715 -2.83 51.17 -23.21
N ASN D 716 -2.66 50.64 -21.99
CA ASN D 716 -3.07 51.34 -20.77
C ASN D 716 -1.85 51.65 -19.93
N CYS D 717 -1.70 52.92 -19.54
CA CYS D 717 -0.58 53.36 -18.72
C CYS D 717 -0.84 53.21 -17.22
N ASN D 718 -2.06 52.82 -16.83
CA ASN D 718 -2.38 52.58 -15.42
C ASN D 718 -2.09 51.16 -14.98
N LEU D 719 -1.55 50.32 -15.87
CA LEU D 719 -1.29 48.92 -15.58
C LEU D 719 0.18 48.61 -15.83
N THR D 720 0.70 47.68 -15.03
CA THR D 720 2.10 47.27 -15.16
C THR D 720 2.26 45.83 -14.70
N GLN D 721 3.33 45.20 -15.17
CA GLN D 721 3.61 43.82 -14.80
C GLN D 721 4.29 43.76 -13.45
N ILE D 722 4.28 42.56 -12.87
CA ILE D 722 4.99 42.26 -11.64
C ILE D 722 5.94 41.09 -11.94
N GLY D 723 7.24 41.35 -11.83
CA GLY D 723 8.24 40.32 -12.01
C GLY D 723 8.38 39.88 -13.45
N GLY D 724 9.10 38.77 -13.61
CA GLY D 724 9.26 38.11 -14.88
C GLY D 724 8.25 37.01 -15.08
N LEU D 725 8.62 36.06 -15.93
CA LEU D 725 7.76 34.90 -16.18
C LEU D 725 7.82 33.94 -14.99
N ILE D 726 6.65 33.40 -14.63
CA ILE D 726 6.61 32.34 -13.64
C ILE D 726 7.24 31.06 -14.19
N ASP D 727 6.85 30.69 -15.41
CA ASP D 727 7.38 29.50 -16.05
C ASP D 727 7.64 29.81 -17.51
N SER D 728 8.09 28.79 -18.25
CA SER D 728 8.33 28.88 -19.68
C SER D 728 7.44 27.87 -20.38
N LYS D 729 6.75 28.32 -21.44
CA LYS D 729 5.90 27.45 -22.23
C LYS D 729 6.05 27.82 -23.69
N GLY D 730 5.36 27.06 -24.54
CA GLY D 730 5.39 27.32 -25.97
C GLY D 730 4.03 27.01 -26.58
N TYR D 731 3.78 27.64 -27.71
CA TYR D 731 2.53 27.45 -28.42
C TYR D 731 2.53 26.10 -29.12
N GLY D 732 1.34 25.67 -29.56
CA GLY D 732 1.23 24.40 -30.26
C GLY D 732 0.04 24.39 -31.19
N VAL D 733 0.11 23.49 -32.17
CA VAL D 733 -0.96 23.29 -33.12
C VAL D 733 -1.60 21.95 -32.81
N GLY D 734 -2.90 21.98 -32.48
CA GLY D 734 -3.63 20.76 -32.19
C GLY D 734 -3.85 19.91 -33.42
N THR D 735 -3.18 18.77 -33.47
CA THR D 735 -3.26 17.86 -34.61
C THR D 735 -3.55 16.46 -34.11
N PRO D 736 -4.26 15.65 -34.91
CA PRO D 736 -4.51 14.26 -34.51
C PRO D 736 -3.24 13.42 -34.58
N MET D 737 -3.35 12.19 -34.08
CA MET D 737 -2.21 11.29 -34.02
C MET D 737 -1.88 10.77 -35.42
N GLY D 738 -0.61 10.91 -35.80
CA GLY D 738 -0.20 10.53 -37.14
C GLY D 738 -0.64 11.48 -38.23
N SER D 739 -0.98 12.72 -37.87
CA SER D 739 -1.44 13.68 -38.87
C SER D 739 -0.26 14.19 -39.69
N PRO D 740 -0.33 14.12 -41.02
CA PRO D 740 0.75 14.67 -41.85
C PRO D 740 0.77 16.18 -41.87
N TYR D 741 -0.33 16.84 -41.50
CA TYR D 741 -0.38 18.30 -41.47
C TYR D 741 0.50 18.86 -40.37
N ARG D 742 0.66 18.14 -39.27
CA ARG D 742 1.62 18.52 -38.24
C ARG D 742 3.04 18.47 -38.78
N ASP D 743 3.35 17.45 -39.58
CA ASP D 743 4.66 17.33 -40.21
C ASP D 743 4.90 18.44 -41.23
N LYS D 744 3.86 18.79 -42.01
CA LYS D 744 3.97 19.88 -42.97
C LYS D 744 4.14 21.23 -42.28
N ILE D 745 3.46 21.41 -41.14
CA ILE D 745 3.63 22.62 -40.34
C ILE D 745 5.05 22.69 -39.78
N THR D 746 5.54 21.57 -39.24
CA THR D 746 6.87 21.50 -38.63
C THR D 746 7.97 21.74 -39.66
N ILE D 747 7.77 21.27 -40.89
CA ILE D 747 8.63 21.66 -42.00
C ILE D 747 8.50 23.16 -42.27
N ALA D 748 7.28 23.68 -42.26
CA ALA D 748 7.06 25.08 -42.61
C ALA D 748 7.52 26.03 -41.50
N ILE D 749 7.24 25.69 -40.24
CA ILE D 749 7.62 26.57 -39.13
C ILE D 749 9.10 26.43 -38.83
N LEU D 750 9.60 27.34 -37.97
CA LEU D 750 11.03 27.55 -37.68
C LEU D 750 11.82 27.88 -38.95
N GLN D 751 11.17 28.55 -39.88
CA GLN D 751 11.73 29.15 -41.08
C GLN D 751 11.31 30.60 -41.24
N LEU D 752 10.07 30.92 -40.87
CA LEU D 752 9.65 32.32 -40.80
C LEU D 752 10.31 33.04 -39.64
N GLN D 753 10.65 32.30 -38.57
CA GLN D 753 11.38 32.87 -37.45
C GLN D 753 12.81 33.22 -37.84
N GLU D 754 13.40 32.46 -38.77
CA GLU D 754 14.70 32.84 -39.30
C GLU D 754 14.61 34.08 -40.19
N GLU D 755 13.44 34.33 -40.78
CA GLU D 755 13.21 35.55 -41.54
C GLU D 755 12.94 36.75 -40.65
N GLY D 756 12.68 36.54 -39.36
CA GLY D 756 12.33 37.64 -38.49
C GLY D 756 10.86 38.00 -38.48
N LYS D 757 9.97 37.07 -38.82
CA LYS D 757 8.54 37.34 -38.82
C LYS D 757 7.98 37.52 -37.42
N LEU D 758 8.67 36.99 -36.40
CA LEU D 758 8.32 37.28 -35.01
C LEU D 758 8.50 38.76 -34.71
N HIS D 759 9.58 39.36 -35.21
CA HIS D 759 9.74 40.81 -35.08
C HIS D 759 8.73 41.56 -35.93
N MET D 760 8.30 40.96 -37.05
CA MET D 760 7.28 41.59 -37.89
C MET D 760 5.94 41.67 -37.19
N MET D 761 5.52 40.59 -36.53
CA MET D 761 4.27 40.66 -35.77
C MET D 761 4.43 41.46 -34.48
N LYS D 762 5.64 41.50 -33.92
CA LYS D 762 5.88 42.35 -32.76
C LYS D 762 5.76 43.83 -33.12
N GLU D 763 6.21 44.21 -34.32
CA GLU D 763 5.96 45.58 -34.77
C GLU D 763 4.52 45.77 -35.20
N LYS D 764 3.86 44.72 -35.69
CA LYS D 764 2.52 44.86 -36.23
C LYS D 764 1.46 44.98 -35.14
N TRP D 765 1.62 44.29 -34.02
CA TRP D 765 0.60 44.29 -33.00
C TRP D 765 1.07 44.83 -31.65
N TRP D 766 2.33 44.66 -31.29
CA TRP D 766 2.85 45.19 -30.04
C TRP D 766 3.56 46.51 -30.31
N ARG D 767 2.76 47.48 -30.74
CA ARG D 767 3.27 48.80 -31.10
C ARG D 767 3.48 49.66 -29.85
N GLY D 768 4.18 50.77 -30.04
CA GLY D 768 4.48 51.68 -28.95
C GLY D 768 3.30 52.49 -28.47
N VAL D 784 5.69 70.02 -8.97
CA VAL D 784 5.80 70.90 -7.81
C VAL D 784 6.23 70.09 -6.59
N GLN D 785 7.25 70.58 -5.89
CA GLN D 785 7.78 69.95 -4.70
C GLN D 785 6.81 70.12 -3.54
N ASN D 786 6.93 69.25 -2.53
CA ASN D 786 6.03 69.22 -1.37
C ASN D 786 6.14 70.48 -0.51
N ILE D 787 7.21 71.24 -0.62
CA ILE D 787 7.37 72.48 0.13
C ILE D 787 7.05 73.70 -0.74
N GLY D 788 6.26 73.53 -1.80
CA GLY D 788 5.89 74.66 -2.62
C GLY D 788 4.81 75.52 -1.99
N GLY D 789 4.01 74.94 -1.10
CA GLY D 789 2.95 75.70 -0.45
C GLY D 789 3.46 76.75 0.51
N ILE D 790 4.52 76.42 1.26
CA ILE D 790 5.12 77.41 2.15
C ILE D 790 5.91 78.45 1.34
N PHE D 791 6.37 78.08 0.14
CA PHE D 791 6.96 79.05 -0.78
C PHE D 791 5.92 80.05 -1.28
N ILE D 792 4.72 79.56 -1.59
CA ILE D 792 3.62 80.42 -2.01
C ILE D 792 3.17 81.32 -0.86
N VAL D 793 3.16 80.78 0.36
CA VAL D 793 2.82 81.56 1.56
C VAL D 793 3.86 82.65 1.81
N LEU D 794 5.15 82.32 1.62
CA LEU D 794 6.22 83.31 1.75
C LEU D 794 6.11 84.41 0.70
N ALA D 795 5.79 84.04 -0.54
CA ALA D 795 5.61 85.02 -1.61
C ALA D 795 4.42 85.93 -1.35
N ALA D 796 3.31 85.37 -0.85
CA ALA D 796 2.13 86.16 -0.51
C ALA D 796 2.41 87.11 0.65
N GLY D 797 3.17 86.65 1.65
CA GLY D 797 3.53 87.52 2.76
C GLY D 797 4.47 88.64 2.36
N LEU D 798 5.42 88.34 1.47
CA LEU D 798 6.33 89.35 0.95
C LEU D 798 5.61 90.37 0.07
N VAL D 799 4.55 89.93 -0.62
CA VAL D 799 3.72 90.87 -1.38
C VAL D 799 2.91 91.75 -0.42
N LEU D 800 2.31 91.14 0.61
CA LEU D 800 1.36 91.85 1.46
C LEU D 800 2.05 92.81 2.42
N SER D 801 3.29 92.52 2.83
CA SER D 801 3.95 93.34 3.83
C SER D 801 4.37 94.70 3.27
N VAL D 802 4.58 94.80 1.96
CA VAL D 802 4.79 96.10 1.34
C VAL D 802 3.48 96.89 1.33
N PHE D 803 2.36 96.21 1.11
CA PHE D 803 1.05 96.85 1.03
C PHE D 803 0.42 97.09 2.39
N VAL D 804 1.07 96.66 3.49
CA VAL D 804 0.57 96.97 4.82
C VAL D 804 0.65 98.47 5.10
N ALA D 805 1.80 99.08 4.82
CA ALA D 805 2.00 100.50 5.08
C ALA D 805 2.64 101.16 3.87
N VAL D 806 2.22 102.41 3.62
CA VAL D 806 2.68 103.28 2.52
C VAL D 806 2.53 102.63 1.14
#